data_2G50
#
_entry.id   2G50
#
_cell.length_a   82.626
_cell.length_b   109.014
_cell.length_c   144.463
_cell.angle_alpha   95.15
_cell.angle_beta   93.45
_cell.angle_gamma   112.26
#
_symmetry.space_group_name_H-M   'P 1'
#
loop_
_entity.id
_entity.type
_entity.pdbx_description
1 polymer 'Pyruvate kinase isozymes M1/M2'
2 non-polymer 'MANGANESE (II) ION'
3 non-polymer 'POTASSIUM ION'
4 non-polymer 'SODIUM ION'
5 non-polymer ALANINE
6 non-polymer 'PYRUVIC ACID'
7 non-polymer 1,2-ETHANEDIOL
8 non-polymer GLYCEROL
9 non-polymer 2-{2-[2-2-(METHOXY-ETHOXY)-ETHOXY]-ETHOXY}-ETHANOL
10 water water
#
_entity_poly.entity_id   1
_entity_poly.type   'polypeptide(L)'
_entity_poly.pdbx_seq_one_letter_code
;SKSHSEAGSAFIQTQQLHAAMADTFLEHKCRLDIDSAPITARNTGIICTIGPASRSVETLKEMIKSGMNVARMNFSHGTH
EYHAETIKNVRTATESFASDPILYRPVAVALDTKGPEIRTGLIKGSGTAEVELKKGATLKITLDNAYMEKCDENILWLDY
KNICKVVDVGSKVYVDDGLISLQVKQKGPDFLVTEVENGGFLGSKKGVNLPGAAVDLPAVSEKDIQDLKFGVEQDVDMVF
ASFIRKAADVHEVRKILGEKGKNIKIISKIENHEGVRRFDEILEASDGIMVARGDLGIEIPAEKVFLAQKMIIGRCNRAG
KPVICATQMLESMIKKPRPTRAEGSDVANAVLDGADCIMLSGETAKGDYPLEAVRMQHLIAREAEAAMFHRKLFEELARA
SSQSTDLMEAMAMGSVEASYKCLAAALIVLTESGRSAHQVARYRPRAPIIAVTRNHQTARQAHLYRGIFPVVCKDPVQEA
WAEDVDLRVNLAMNVGKARGFFKKGDVVIVLTGWRPGSGFTNTMRVVPVP
;
_entity_poly.pdbx_strand_id   A,B,C,D,E,F,G,H
#
loop_
_chem_comp.id
_chem_comp.type
_chem_comp.name
_chem_comp.formula
EDO non-polymer 1,2-ETHANEDIOL 'C2 H6 O2'
ETE non-polymer 2-{2-[2-2-(METHOXY-ETHOXY)-ETHOXY]-ETHOXY}-ETHANOL 'C9 H20 O5'
GOL non-polymer GLYCEROL 'C3 H8 O3'
K non-polymer 'POTASSIUM ION' 'K 1'
MN non-polymer 'MANGANESE (II) ION' 'Mn 2'
NA non-polymer 'SODIUM ION' 'Na 1'
PYR non-polymer 'PYRUVIC ACID' 'C3 H4 O3'
#
# COMPACT_ATOMS: atom_id res chain seq x y z
N ILE A 12 -1.21 36.75 27.44
CA ILE A 12 -1.23 35.26 27.60
C ILE A 12 -1.40 34.86 29.07
N GLN A 13 -2.48 34.13 29.36
CA GLN A 13 -2.71 33.59 30.69
C GLN A 13 -1.62 32.58 31.03
N THR A 14 -1.06 32.72 32.22
CA THR A 14 -0.10 31.77 32.78
C THR A 14 -0.79 30.45 33.11
N GLN A 15 0.04 29.44 33.41
CA GLN A 15 -0.42 28.19 34.02
C GLN A 15 -1.52 27.46 33.20
N GLN A 16 -1.45 27.62 31.87
CA GLN A 16 -2.44 27.04 30.94
C GLN A 16 -3.87 27.34 31.38
N LEU A 17 -4.08 28.55 31.90
CA LEU A 17 -5.40 28.88 32.42
C LEU A 17 -6.42 29.07 31.30
N HIS A 18 -5.98 29.39 30.07
CA HIS A 18 -6.93 29.43 28.96
C HIS A 18 -7.44 28.01 28.67
N ALA A 19 -6.52 27.06 28.60
CA ALA A 19 -6.88 25.65 28.39
C ALA A 19 -7.78 25.15 29.52
N ALA A 20 -7.54 25.67 30.73
CA ALA A 20 -8.29 25.26 31.93
C ALA A 20 -9.79 25.50 31.77
N MET A 21 -10.13 26.50 30.96
CA MET A 21 -11.52 26.93 30.82
CA MET A 21 -11.51 26.98 30.78
CA MET A 21 -11.53 26.93 30.82
C MET A 21 -12.26 26.25 29.66
N ALA A 22 -11.58 25.30 29.00
CA ALA A 22 -12.18 24.54 27.91
C ALA A 22 -13.42 23.76 28.33
N ASP A 23 -14.33 23.56 27.38
CA ASP A 23 -15.53 22.76 27.61
C ASP A 23 -15.29 21.27 27.36
N THR A 24 -14.38 20.96 26.43
CA THR A 24 -14.11 19.57 26.06
C THR A 24 -12.62 19.22 26.16
N PHE A 25 -12.28 17.93 26.21
CA PHE A 25 -10.87 17.51 26.26
CA PHE A 25 -10.87 17.56 26.29
C PHE A 25 -10.13 17.96 25.01
N LEU A 26 -10.80 17.83 23.87
CA LEU A 26 -10.18 18.25 22.61
C LEU A 26 -9.86 19.75 22.64
N GLU A 27 -10.83 20.57 23.09
CA GLU A 27 -10.64 22.02 23.21
CA GLU A 27 -10.58 22.01 23.16
C GLU A 27 -9.47 22.32 24.17
N HIS A 28 -9.42 21.57 25.28
CA HIS A 28 -8.34 21.74 26.25
C HIS A 28 -6.98 21.56 25.55
N LYS A 29 -6.84 20.47 24.82
CA LYS A 29 -5.58 20.20 24.13
CA LYS A 29 -5.61 20.16 24.07
C LYS A 29 -5.26 21.29 23.11
N CYS A 30 -6.26 21.72 22.35
CA CYS A 30 -6.08 22.74 21.31
C CYS A 30 -5.63 24.07 21.87
N ARG A 31 -5.89 24.28 23.17
CA ARG A 31 -5.54 25.53 23.85
C ARG A 31 -4.18 25.52 24.56
N LEU A 32 -3.52 24.36 24.62
CA LEU A 32 -2.22 24.29 25.29
C LEU A 32 -1.23 25.22 24.59
N ASP A 33 -0.48 25.99 25.38
CA ASP A 33 0.24 27.13 24.88
C ASP A 33 1.66 27.12 25.45
N ILE A 34 2.66 26.97 24.59
CA ILE A 34 4.07 26.94 25.04
C ILE A 34 4.53 28.27 25.65
N ASP A 35 3.78 29.34 25.39
CA ASP A 35 4.08 30.66 25.94
C ASP A 35 3.31 30.98 27.23
N SER A 36 2.58 30.00 27.75
CA SER A 36 1.88 30.16 29.03
C SER A 36 2.75 29.58 30.13
N ALA A 37 3.33 30.47 30.93
CA ALA A 37 4.38 30.07 31.89
C ALA A 37 3.83 29.27 33.05
N PRO A 38 4.50 28.16 33.43
CA PRO A 38 4.02 27.43 34.61
C PRO A 38 4.29 28.22 35.90
N ILE A 39 3.75 27.74 37.01
CA ILE A 39 4.03 28.39 38.30
C ILE A 39 5.36 27.90 38.84
N THR A 40 5.83 28.55 39.90
CA THR A 40 7.10 28.18 40.50
C THR A 40 7.02 26.81 41.18
N ALA A 41 5.95 26.58 41.92
CA ALA A 41 5.77 25.33 42.65
C ALA A 41 5.71 24.11 41.71
N ARG A 42 6.31 23.01 42.15
CA ARG A 42 6.28 21.76 41.42
C ARG A 42 5.67 20.69 42.34
N ASN A 43 4.55 20.11 41.91
CA ASN A 43 3.75 19.22 42.75
C ASN A 43 4.12 17.74 42.74
N THR A 44 4.68 17.26 41.64
CA THR A 44 4.98 15.83 41.50
C THR A 44 6.25 15.48 42.26
N GLY A 45 6.16 14.51 43.18
CA GLY A 45 7.34 14.10 43.97
C GLY A 45 8.39 13.45 43.09
N ILE A 46 9.66 13.69 43.41
CA ILE A 46 10.76 13.10 42.65
C ILE A 46 11.54 12.14 43.56
N ILE A 47 11.59 10.89 43.13
CA ILE A 47 12.25 9.81 43.87
C ILE A 47 13.51 9.45 43.10
N CYS A 48 14.65 9.50 43.80
CA CYS A 48 15.94 9.24 43.15
C CYS A 48 16.62 8.04 43.75
N THR A 49 17.11 7.15 42.88
CA THR A 49 17.87 5.99 43.33
C THR A 49 19.29 6.43 43.57
N ILE A 50 19.80 6.16 44.76
CA ILE A 50 21.16 6.56 45.11
C ILE A 50 22.13 5.43 44.81
N GLY A 51 23.29 5.80 44.28
CA GLY A 51 24.31 4.83 43.91
C GLY A 51 25.64 5.53 43.82
N PRO A 52 26.62 4.89 43.16
CA PRO A 52 27.96 5.45 43.08
C PRO A 52 28.03 6.89 42.57
N ALA A 53 27.13 7.25 41.64
CA ALA A 53 27.13 8.58 41.06
C ALA A 53 26.56 9.66 41.97
N SER A 54 25.83 9.25 43.01
CA SER A 54 25.02 10.18 43.79
C SER A 54 25.14 10.06 45.30
N ARG A 55 25.98 9.17 45.81
CA ARG A 55 25.99 8.93 47.26
C ARG A 55 26.92 9.77 48.13
N SER A 56 27.77 10.59 47.51
CA SER A 56 28.58 11.55 48.29
C SER A 56 27.69 12.62 48.91
N VAL A 57 28.09 13.09 50.09
CA VAL A 57 27.33 14.14 50.77
C VAL A 57 27.21 15.39 49.88
N GLU A 58 28.31 15.78 49.22
CA GLU A 58 28.26 16.98 48.40
CA GLU A 58 28.34 16.95 48.33
C GLU A 58 27.32 16.83 47.20
N THR A 59 27.30 15.67 46.55
CA THR A 59 26.36 15.48 45.46
C THR A 59 24.91 15.45 45.95
N LEU A 60 24.69 14.84 47.11
CA LEU A 60 23.36 14.71 47.68
C LEU A 60 22.80 16.09 48.04
N LYS A 61 23.66 16.99 48.50
CA LYS A 61 23.20 18.37 48.76
C LYS A 61 22.67 18.98 47.47
N GLU A 62 23.38 18.77 46.36
CA GLU A 62 22.95 19.30 45.07
C GLU A 62 21.69 18.61 44.56
N MET A 63 21.54 17.32 44.85
CA MET A 63 20.34 16.61 44.45
CA MET A 63 20.34 16.54 44.51
C MET A 63 19.10 17.14 45.19
N ILE A 64 19.26 17.46 46.47
CA ILE A 64 18.17 18.07 47.24
C ILE A 64 17.84 19.45 46.65
N LYS A 65 18.87 20.25 46.40
CA LYS A 65 18.67 21.57 45.79
C LYS A 65 17.97 21.48 44.42
N SER A 66 18.26 20.41 43.69
CA SER A 66 17.70 20.21 42.35
C SER A 66 16.28 19.67 42.37
N GLY A 67 15.85 19.15 43.51
CA GLY A 67 14.45 18.72 43.67
C GLY A 67 14.18 17.32 44.22
N MET A 68 15.21 16.55 44.54
CA MET A 68 14.97 15.20 45.08
C MET A 68 14.17 15.26 46.38
N ASN A 69 13.12 14.45 46.46
CA ASN A 69 12.29 14.39 47.67
C ASN A 69 12.46 13.09 48.45
N VAL A 70 12.80 12.01 47.75
CA VAL A 70 12.90 10.68 48.34
C VAL A 70 14.14 10.04 47.77
N ALA A 71 14.98 9.49 48.67
CA ALA A 71 16.17 8.74 48.31
C ALA A 71 15.83 7.25 48.36
N ARG A 72 15.97 6.57 47.21
CA ARG A 72 15.66 5.14 47.12
C ARG A 72 16.92 4.30 47.20
N MET A 73 16.95 3.40 48.18
CA MET A 73 18.05 2.45 48.37
CA MET A 73 18.06 2.46 48.32
C MET A 73 17.64 1.12 47.77
N ASN A 74 18.36 0.66 46.76
CA ASN A 74 18.01 -0.57 46.08
C ASN A 74 18.74 -1.77 46.68
N PHE A 75 18.02 -2.55 47.47
CA PHE A 75 18.61 -3.70 48.16
C PHE A 75 18.79 -4.95 47.29
N SER A 76 18.56 -4.84 45.98
CA SER A 76 18.98 -5.91 45.05
C SER A 76 20.50 -6.09 45.03
N HIS A 77 21.20 -5.05 45.48
CA HIS A 77 22.67 -5.02 45.51
C HIS A 77 23.14 -4.36 46.79
N GLY A 78 24.38 -4.65 47.18
CA GLY A 78 25.01 -3.97 48.32
C GLY A 78 24.74 -4.60 49.68
N THR A 79 25.67 -4.37 50.59
CA THR A 79 25.59 -4.89 51.94
C THR A 79 24.85 -3.91 52.84
N HIS A 80 24.47 -4.37 54.03
CA HIS A 80 23.90 -3.48 55.03
C HIS A 80 24.87 -2.34 55.38
N GLU A 81 26.17 -2.66 55.45
CA GLU A 81 27.18 -1.64 55.70
C GLU A 81 27.08 -0.53 54.66
N TYR A 82 27.04 -0.94 53.39
CA TYR A 82 26.92 -0.01 52.26
C TYR A 82 25.70 0.90 52.36
N HIS A 83 24.54 0.29 52.58
CA HIS A 83 23.28 1.04 52.60
C HIS A 83 23.18 1.93 53.83
N ALA A 84 23.70 1.46 54.96
CA ALA A 84 23.73 2.30 56.16
C ALA A 84 24.56 3.56 55.90
N GLU A 85 25.69 3.40 55.20
CA GLU A 85 26.53 4.56 54.84
C GLU A 85 25.79 5.51 53.89
N THR A 86 25.10 4.95 52.90
CA THR A 86 24.31 5.80 52.00
C THR A 86 23.24 6.59 52.77
N ILE A 87 22.49 5.90 53.65
CA ILE A 87 21.47 6.55 54.48
C ILE A 87 22.06 7.66 55.35
N LYS A 88 23.23 7.39 55.94
CA LYS A 88 23.94 8.39 56.75
C LYS A 88 24.22 9.66 55.92
N ASN A 89 24.75 9.46 54.71
CA ASN A 89 25.06 10.56 53.81
C ASN A 89 23.82 11.35 53.40
N VAL A 90 22.72 10.64 53.11
CA VAL A 90 21.47 11.30 52.75
C VAL A 90 21.06 12.23 53.91
N ARG A 91 21.10 11.70 55.13
CA ARG A 91 20.74 12.48 56.32
C ARG A 91 21.68 13.64 56.61
N THR A 92 22.98 13.44 56.40
CA THR A 92 23.96 14.51 56.58
C THR A 92 23.67 15.66 55.61
N ALA A 93 23.44 15.32 54.34
CA ALA A 93 23.08 16.31 53.32
C ALA A 93 21.77 17.01 53.68
N THR A 94 20.75 16.24 54.04
CA THR A 94 19.44 16.79 54.41
C THR A 94 19.56 17.77 55.58
N GLU A 95 20.27 17.36 56.63
CA GLU A 95 20.37 18.18 57.84
C GLU A 95 21.29 19.39 57.71
N SER A 96 22.10 19.42 56.65
CA SER A 96 22.97 20.58 56.38
C SER A 96 22.16 21.85 56.11
N PHE A 97 20.87 21.66 55.78
CA PHE A 97 19.94 22.74 55.50
C PHE A 97 19.03 23.11 56.68
N ALA A 98 19.19 22.41 57.79
CA ALA A 98 18.27 22.50 58.93
C ALA A 98 18.35 23.80 59.72
N SER A 99 19.43 24.57 59.54
CA SER A 99 19.62 25.80 60.32
C SER A 99 18.61 26.87 59.96
N ASP A 100 17.98 26.72 58.78
CA ASP A 100 16.95 27.64 58.33
C ASP A 100 15.64 26.89 58.10
N PRO A 101 14.72 26.96 59.08
CA PRO A 101 13.45 26.23 59.04
C PRO A 101 12.53 26.70 57.91
N ILE A 102 12.78 27.91 57.40
CA ILE A 102 11.98 28.46 56.31
C ILE A 102 12.37 27.81 54.97
N LEU A 103 13.63 27.37 54.86
CA LEU A 103 14.11 26.76 53.61
C LEU A 103 14.32 25.25 53.68
N TYR A 104 14.43 24.71 54.89
CA TYR A 104 14.67 23.26 55.09
C TYR A 104 13.64 22.40 54.35
N ARG A 105 14.15 21.43 53.59
CA ARG A 105 13.32 20.45 52.90
C ARG A 105 13.48 19.05 53.51
N PRO A 106 12.37 18.51 54.04
CA PRO A 106 12.42 17.11 54.50
C PRO A 106 12.76 16.19 53.32
N VAL A 107 13.52 15.14 53.56
CA VAL A 107 13.86 14.14 52.54
C VAL A 107 13.59 12.75 53.09
N ALA A 108 12.79 11.96 52.36
CA ALA A 108 12.39 10.64 52.82
C ALA A 108 13.41 9.59 52.38
N VAL A 109 13.43 8.48 53.11
CA VAL A 109 14.31 7.35 52.81
C VAL A 109 13.46 6.13 52.52
N ALA A 110 13.67 5.53 51.35
CA ALA A 110 12.92 4.36 50.91
C ALA A 110 13.84 3.16 50.74
N LEU A 111 13.36 2.00 51.20
CA LEU A 111 14.04 0.73 51.03
C LEU A 111 13.29 -0.08 49.98
N ASP A 112 13.98 -0.44 48.89
CA ASP A 112 13.39 -1.18 47.80
C ASP A 112 13.94 -2.61 47.90
N THR A 113 13.06 -3.58 48.15
CA THR A 113 13.52 -4.95 48.46
C THR A 113 14.06 -5.69 47.24
N LYS A 114 14.91 -6.69 47.47
CA LYS A 114 15.33 -7.59 46.40
C LYS A 114 14.11 -8.37 45.91
N GLY A 115 13.43 -9.03 46.82
CA GLY A 115 12.27 -9.85 46.45
C GLY A 115 12.74 -11.09 45.70
N PRO A 116 11.79 -11.81 45.08
CA PRO A 116 12.09 -13.08 44.41
C PRO A 116 12.77 -12.94 43.06
N GLU A 117 13.96 -12.32 43.04
CA GLU A 117 14.76 -12.21 41.82
C GLU A 117 15.38 -13.51 41.41
N ILE A 118 15.54 -13.68 40.11
CA ILE A 118 16.38 -14.74 39.55
C ILE A 118 17.55 -14.04 38.86
N ARG A 119 18.77 -14.50 39.13
CA ARG A 119 19.96 -13.88 38.51
C ARG A 119 20.92 -14.95 38.03
N THR A 120 21.70 -14.59 37.02
CA THR A 120 22.73 -15.50 36.50
C THR A 120 23.99 -15.38 37.36
N GLY A 121 24.99 -16.22 37.07
CA GLY A 121 26.29 -16.17 37.78
C GLY A 121 27.30 -15.27 37.09
N LEU A 122 28.57 -15.43 37.44
CA LEU A 122 29.64 -14.67 36.82
C LEU A 122 30.16 -15.34 35.58
N ILE A 123 30.47 -14.55 34.55
CA ILE A 123 31.14 -15.04 33.36
C ILE A 123 32.51 -15.56 33.77
N LYS A 124 32.93 -16.67 33.16
CA LYS A 124 34.23 -17.26 33.46
C LYS A 124 35.37 -16.26 33.23
N GLY A 125 36.47 -16.45 33.95
CA GLY A 125 37.62 -15.56 33.85
C GLY A 125 38.24 -15.53 32.47
N SER A 126 38.35 -16.69 31.85
CA SER A 126 38.97 -16.81 30.52
C SER A 126 38.05 -16.29 29.42
N GLY A 127 38.63 -16.01 28.25
CA GLY A 127 37.88 -15.52 27.10
C GLY A 127 37.43 -14.09 27.25
N THR A 128 36.50 -13.67 26.40
CA THR A 128 35.99 -12.29 26.40
C THR A 128 35.18 -11.97 27.65
N ALA A 129 35.03 -10.68 27.94
CA ALA A 129 34.35 -10.20 29.16
C ALA A 129 32.87 -10.61 29.18
N GLU A 130 32.24 -10.50 28.02
CA GLU A 130 30.90 -11.00 27.80
C GLU A 130 30.98 -12.12 26.77
N VAL A 131 30.01 -13.03 26.82
CA VAL A 131 29.96 -14.09 25.84
C VAL A 131 28.81 -13.81 24.89
N GLU A 132 28.98 -14.15 23.61
CA GLU A 132 27.90 -13.97 22.66
C GLU A 132 27.00 -15.18 22.60
N LEU A 133 25.71 -14.95 22.88
CA LEU A 133 24.68 -15.97 22.72
C LEU A 133 24.06 -15.73 21.35
N LYS A 134 24.36 -16.63 20.42
CA LYS A 134 23.96 -16.47 19.02
C LYS A 134 22.63 -17.16 18.73
N LYS A 135 21.76 -16.49 17.98
CA LYS A 135 20.48 -17.09 17.57
C LYS A 135 20.69 -18.48 16.99
N GLY A 136 19.92 -19.45 17.51
CA GLY A 136 19.97 -20.82 17.03
C GLY A 136 20.97 -21.70 17.75
N ALA A 137 21.89 -21.09 18.49
CA ALA A 137 22.90 -21.83 19.24
C ALA A 137 22.28 -22.49 20.45
N THR A 138 22.91 -23.58 20.92
CA THR A 138 22.47 -24.22 22.13
CA THR A 138 22.52 -24.28 22.13
C THR A 138 23.11 -23.55 23.35
N LEU A 139 22.39 -23.61 24.48
CA LEU A 139 22.90 -23.13 25.76
C LEU A 139 22.28 -23.97 26.86
N LYS A 140 23.14 -24.53 27.70
CA LYS A 140 22.68 -25.34 28.83
CA LYS A 140 22.70 -25.34 28.83
C LYS A 140 22.59 -24.47 30.09
N ILE A 141 21.44 -24.54 30.74
CA ILE A 141 21.28 -23.86 32.03
C ILE A 141 21.56 -24.90 33.10
N THR A 142 22.45 -24.56 34.03
CA THR A 142 22.82 -25.46 35.10
C THR A 142 22.53 -24.84 36.45
N LEU A 143 22.34 -25.71 37.45
CA LEU A 143 22.17 -25.26 38.82
CA LEU A 143 22.15 -25.29 38.83
C LEU A 143 23.36 -25.71 39.67
N ASP A 144 24.29 -26.42 39.02
CA ASP A 144 25.52 -26.91 39.65
C ASP A 144 26.43 -25.72 40.01
N ASN A 145 26.61 -25.49 41.31
CA ASN A 145 27.36 -24.33 41.81
C ASN A 145 28.83 -24.29 41.40
N ALA A 146 29.34 -25.41 40.90
CA ALA A 146 30.70 -25.44 40.36
C ALA A 146 30.86 -24.45 39.19
N TYR A 147 29.72 -24.10 38.57
CA TYR A 147 29.70 -23.17 37.45
C TYR A 147 29.24 -21.77 37.80
N MET A 148 28.99 -21.49 39.08
CA MET A 148 28.40 -20.20 39.46
C MET A 148 29.25 -18.97 39.12
N GLU A 149 30.56 -19.18 38.96
CA GLU A 149 31.47 -18.13 38.52
C GLU A 149 32.20 -18.54 37.25
N LYS A 150 31.60 -19.48 36.52
CA LYS A 150 32.20 -19.99 35.28
C LYS A 150 31.21 -20.07 34.10
N CYS A 151 30.27 -19.11 34.06
CA CYS A 151 29.30 -19.01 32.98
C CYS A 151 29.99 -18.70 31.66
N ASP A 152 29.51 -19.31 30.58
CA ASP A 152 29.94 -18.97 29.23
C ASP A 152 28.86 -19.23 28.18
N GLU A 153 29.24 -19.25 26.91
CA GLU A 153 28.28 -19.44 25.82
C GLU A 153 27.75 -20.88 25.72
N ASN A 154 28.28 -21.77 26.54
CA ASN A 154 27.85 -23.17 26.55
C ASN A 154 27.05 -23.55 27.79
N ILE A 155 27.42 -22.97 28.92
CA ILE A 155 26.80 -23.29 30.20
C ILE A 155 26.52 -22.03 31.00
N LEU A 156 25.26 -21.88 31.41
CA LEU A 156 24.85 -20.71 32.17
C LEU A 156 24.28 -21.13 33.52
N TRP A 157 24.90 -20.66 34.60
CA TRP A 157 24.39 -20.94 35.92
C TRP A 157 23.41 -19.86 36.35
N LEU A 158 22.37 -20.26 37.07
CA LEU A 158 21.49 -19.29 37.71
C LEU A 158 21.10 -19.74 39.11
N ASP A 159 20.52 -18.82 39.88
CA ASP A 159 20.36 -19.03 41.32
C ASP A 159 18.97 -19.50 41.79
N TYR A 160 18.10 -19.83 40.84
CA TYR A 160 16.75 -20.30 41.18
C TYR A 160 16.75 -21.83 41.17
N LYS A 161 16.92 -22.39 42.36
CA LYS A 161 17.15 -23.83 42.52
C LYS A 161 15.98 -24.69 42.05
N ASN A 162 14.78 -24.14 42.06
CA ASN A 162 13.59 -24.90 41.69
C ASN A 162 13.09 -24.63 40.26
N ILE A 163 13.95 -24.04 39.43
CA ILE A 163 13.56 -23.64 38.07
C ILE A 163 12.93 -24.77 37.22
N CYS A 164 13.54 -25.95 37.26
CA CYS A 164 13.09 -27.09 36.44
C CYS A 164 11.66 -27.52 36.77
N LYS A 165 11.23 -27.26 38.00
CA LYS A 165 9.89 -27.59 38.45
C LYS A 165 8.79 -26.72 37.84
N VAL A 166 9.14 -25.48 37.47
CA VAL A 166 8.12 -24.51 37.01
C VAL A 166 8.17 -24.21 35.51
N VAL A 167 9.19 -24.73 34.84
CA VAL A 167 9.33 -24.52 33.40
CA VAL A 167 9.39 -24.53 33.41
C VAL A 167 9.14 -25.84 32.65
N ASP A 168 8.60 -25.75 31.44
CA ASP A 168 8.37 -26.91 30.58
C ASP A 168 9.16 -26.77 29.28
N VAL A 169 9.33 -27.88 28.56
CA VAL A 169 9.80 -27.82 27.18
C VAL A 169 8.91 -26.83 26.42
N GLY A 170 9.53 -25.89 25.72
CA GLY A 170 8.81 -24.84 25.02
C GLY A 170 8.77 -23.51 25.78
N SER A 171 9.01 -23.55 27.09
CA SER A 171 9.04 -22.32 27.91
C SER A 171 10.07 -21.34 27.40
N LYS A 172 9.76 -20.04 27.51
CA LYS A 172 10.72 -18.98 27.21
C LYS A 172 11.42 -18.50 28.47
N VAL A 173 12.73 -18.32 28.36
CA VAL A 173 13.55 -17.76 29.44
C VAL A 173 14.17 -16.46 28.93
N TYR A 174 13.94 -15.36 29.64
CA TYR A 174 14.51 -14.07 29.25
C TYR A 174 15.65 -13.68 30.17
N VAL A 175 16.69 -13.11 29.57
CA VAL A 175 17.92 -12.74 30.28
C VAL A 175 18.36 -11.31 29.95
N ASP A 176 18.82 -10.60 30.99
CA ASP A 176 19.36 -9.24 30.87
C ASP A 176 18.33 -8.23 30.39
N ASP A 177 17.42 -7.83 31.29
CA ASP A 177 16.40 -6.83 30.98
C ASP A 177 15.58 -7.26 29.77
N GLY A 178 15.38 -8.58 29.66
CA GLY A 178 14.56 -9.15 28.59
C GLY A 178 15.14 -9.04 27.20
N LEU A 179 16.44 -8.73 27.10
CA LEU A 179 17.09 -8.50 25.81
C LEU A 179 17.51 -9.78 25.09
N ILE A 180 17.80 -10.82 25.87
CA ILE A 180 18.15 -12.14 25.33
C ILE A 180 17.00 -13.09 25.66
N SER A 181 16.63 -13.98 24.73
CA SER A 181 15.60 -14.97 25.03
C SER A 181 16.03 -16.39 24.62
N LEU A 182 15.59 -17.36 25.41
CA LEU A 182 15.96 -18.76 25.22
C LEU A 182 14.69 -19.57 25.22
N GLN A 183 14.65 -20.66 24.45
CA GLN A 183 13.54 -21.60 24.54
C GLN A 183 14.01 -22.95 25.07
N VAL A 184 13.31 -23.46 26.08
CA VAL A 184 13.64 -24.76 26.67
C VAL A 184 13.35 -25.88 25.69
N LYS A 185 14.37 -26.69 25.40
CA LYS A 185 14.24 -27.79 24.45
C LYS A 185 14.21 -29.15 25.15
N GLN A 186 14.99 -29.29 26.22
CA GLN A 186 15.06 -30.53 26.98
C GLN A 186 15.16 -30.21 28.47
N LYS A 187 14.53 -31.04 29.29
CA LYS A 187 14.62 -30.91 30.74
C LYS A 187 15.36 -32.08 31.36
N GLY A 188 16.40 -31.77 32.14
CA GLY A 188 17.10 -32.76 32.95
C GLY A 188 16.74 -32.57 34.42
N PRO A 189 17.07 -33.55 35.28
CA PRO A 189 16.81 -33.46 36.72
C PRO A 189 17.21 -32.11 37.32
N ASP A 190 18.40 -31.63 36.98
CA ASP A 190 18.93 -30.38 37.51
C ASP A 190 19.45 -29.44 36.41
N PHE A 191 18.98 -29.67 35.18
CA PHE A 191 19.42 -28.82 34.06
C PHE A 191 18.38 -28.63 32.97
N LEU A 192 18.63 -27.63 32.13
CA LEU A 192 17.76 -27.31 31.00
C LEU A 192 18.63 -27.09 29.79
N VAL A 193 18.34 -27.81 28.71
CA VAL A 193 18.97 -27.52 27.43
C VAL A 193 18.05 -26.55 26.71
N THR A 194 18.61 -25.41 26.30
CA THR A 194 17.85 -24.37 25.63
C THR A 194 18.42 -24.05 24.25
N GLU A 195 17.61 -23.39 23.44
CA GLU A 195 18.07 -22.84 22.19
C GLU A 195 17.92 -21.34 22.27
N VAL A 196 18.95 -20.63 21.82
CA VAL A 196 18.90 -19.17 21.81
C VAL A 196 17.88 -18.71 20.74
N GLU A 197 16.91 -17.89 21.17
CA GLU A 197 15.89 -17.35 20.28
C GLU A 197 16.26 -15.93 19.87
N ASN A 198 16.38 -15.04 20.85
CA ASN A 198 16.90 -13.70 20.63
C ASN A 198 18.30 -13.60 21.22
N GLY A 199 19.29 -13.45 20.35
CA GLY A 199 20.68 -13.45 20.77
C GLY A 199 21.18 -12.12 21.28
N GLY A 200 22.34 -12.13 21.93
CA GLY A 200 22.98 -10.93 22.42
C GLY A 200 24.20 -11.27 23.23
N PHE A 201 24.88 -10.25 23.74
CA PHE A 201 26.05 -10.45 24.59
C PHE A 201 25.64 -10.49 26.05
N LEU A 202 26.17 -11.49 26.75
CA LEU A 202 25.80 -11.77 28.12
C LEU A 202 26.95 -11.47 29.08
N GLY A 203 26.68 -10.57 30.02
CA GLY A 203 27.61 -10.27 31.10
C GLY A 203 27.27 -11.05 32.35
N SER A 204 27.71 -10.56 33.51
CA SER A 204 27.55 -11.26 34.78
C SER A 204 26.37 -10.79 35.60
N LYS A 205 25.78 -11.72 36.35
CA LYS A 205 24.74 -11.39 37.33
C LYS A 205 23.59 -10.59 36.72
N LYS A 206 23.09 -11.10 35.59
CA LYS A 206 21.98 -10.47 34.90
C LYS A 206 20.63 -11.05 35.32
N GLY A 207 19.61 -10.22 35.25
CA GLY A 207 18.26 -10.62 35.66
C GLY A 207 17.63 -11.59 34.69
N VAL A 208 16.90 -12.56 35.23
CA VAL A 208 16.22 -13.57 34.44
C VAL A 208 14.73 -13.44 34.71
N ASN A 209 13.92 -13.50 33.66
CA ASN A 209 12.46 -13.54 33.79
C ASN A 209 11.89 -14.77 33.12
N LEU A 210 10.85 -15.34 33.75
CA LEU A 210 10.13 -16.52 33.25
C LEU A 210 8.64 -16.19 33.14
N PRO A 211 8.26 -15.41 32.11
CA PRO A 211 6.90 -14.88 32.02
C PRO A 211 5.80 -15.93 31.98
N GLY A 212 6.08 -17.10 31.41
CA GLY A 212 5.06 -18.15 31.35
C GLY A 212 4.84 -18.93 32.63
N ALA A 213 5.78 -18.80 33.57
CA ALA A 213 5.89 -19.70 34.73
C ALA A 213 5.29 -19.17 36.02
N ALA A 214 4.79 -20.10 36.83
CA ALA A 214 4.36 -19.79 38.19
C ALA A 214 5.57 -19.95 39.12
N VAL A 215 6.41 -18.91 39.14
CA VAL A 215 7.64 -18.90 39.93
C VAL A 215 7.31 -19.03 41.42
N ASP A 216 7.92 -20.01 42.09
CA ASP A 216 7.52 -20.37 43.46
C ASP A 216 8.45 -19.88 44.56
N LEU A 217 9.30 -18.92 44.23
CA LEU A 217 10.14 -18.24 45.21
C LEU A 217 9.26 -17.49 46.21
N PRO A 218 9.71 -17.39 47.48
CA PRO A 218 8.93 -16.68 48.50
C PRO A 218 8.79 -15.20 48.18
N ALA A 219 7.60 -14.65 48.43
CA ALA A 219 7.39 -13.22 48.30
C ALA A 219 8.40 -12.46 49.15
N VAL A 220 8.66 -12.99 50.35
CA VAL A 220 9.54 -12.38 51.32
C VAL A 220 10.54 -13.45 51.79
N SER A 221 11.74 -13.39 51.25
CA SER A 221 12.79 -14.38 51.51
C SER A 221 13.45 -14.13 52.85
N GLU A 222 14.32 -15.06 53.27
CA GLU A 222 15.12 -14.85 54.47
C GLU A 222 15.95 -13.57 54.35
N LYS A 223 16.55 -13.33 53.18
CA LYS A 223 17.28 -12.08 52.92
C LYS A 223 16.35 -10.86 53.05
N ASP A 224 15.17 -10.93 52.46
CA ASP A 224 14.23 -9.81 52.55
C ASP A 224 13.85 -9.51 54.01
N ILE A 225 13.68 -10.57 54.80
CA ILE A 225 13.34 -10.40 56.22
C ILE A 225 14.44 -9.62 56.94
N GLN A 226 15.70 -10.01 56.70
CA GLN A 226 16.85 -9.32 57.28
CA GLN A 226 16.82 -9.30 57.31
C GLN A 226 16.89 -7.86 56.86
N ASP A 227 16.58 -7.62 55.58
CA ASP A 227 16.62 -6.27 55.01
C ASP A 227 15.51 -5.39 55.60
N LEU A 228 14.31 -5.95 55.72
CA LEU A 228 13.19 -5.21 56.30
C LEU A 228 13.44 -4.85 57.76
N LYS A 229 13.94 -5.81 58.54
CA LYS A 229 14.29 -5.55 59.94
C LYS A 229 15.36 -4.47 60.03
N PHE A 230 16.33 -4.51 59.11
CA PHE A 230 17.35 -3.48 59.02
C PHE A 230 16.72 -2.10 58.73
N GLY A 231 15.76 -2.06 57.80
CA GLY A 231 15.01 -0.85 57.49
C GLY A 231 14.30 -0.27 58.70
N VAL A 232 13.69 -1.15 59.51
CA VAL A 232 13.07 -0.71 60.77
C VAL A 232 14.11 -0.05 61.69
N GLU A 233 15.24 -0.73 61.87
CA GLU A 233 16.30 -0.23 62.75
C GLU A 233 16.86 1.10 62.27
N GLN A 234 16.95 1.27 60.94
CA GLN A 234 17.47 2.49 60.33
C GLN A 234 16.42 3.59 60.17
N ASP A 235 15.20 3.35 60.64
CA ASP A 235 14.12 4.37 60.63
C ASP A 235 13.73 4.82 59.22
N VAL A 236 13.67 3.89 58.27
CA VAL A 236 13.21 4.24 56.91
C VAL A 236 11.74 4.67 56.91
N ASP A 237 11.35 5.45 55.90
CA ASP A 237 10.01 6.01 55.86
C ASP A 237 9.03 5.13 55.11
N MET A 238 9.57 4.32 54.20
CA MET A 238 8.72 3.54 53.32
C MET A 238 9.50 2.39 52.74
N VAL A 239 8.77 1.35 52.36
CA VAL A 239 9.37 0.18 51.72
C VAL A 239 8.72 0.04 50.34
N PHE A 240 9.55 -0.16 49.31
CA PHE A 240 9.03 -0.49 47.97
C PHE A 240 9.19 -2.01 47.84
N ALA A 241 8.09 -2.74 47.95
CA ALA A 241 8.10 -4.22 48.01
C ALA A 241 8.04 -4.82 46.62
N SER A 242 9.12 -5.50 46.22
CA SER A 242 9.26 -6.05 44.87
C SER A 242 8.40 -7.28 44.61
N PHE A 243 7.85 -7.34 43.39
CA PHE A 243 7.14 -8.52 42.85
C PHE A 243 5.91 -8.94 43.64
N ILE A 244 5.17 -7.96 44.15
CA ILE A 244 3.94 -8.27 44.88
C ILE A 244 2.91 -8.86 43.93
N ARG A 245 2.41 -10.06 44.24
CA ARG A 245 1.49 -10.79 43.36
CA ARG A 245 1.47 -10.78 43.36
C ARG A 245 0.06 -10.86 43.92
N LYS A 246 -0.08 -10.67 45.23
CA LYS A 246 -1.37 -10.82 45.87
C LYS A 246 -1.37 -10.13 47.24
N ALA A 247 -2.58 -9.91 47.75
CA ALA A 247 -2.74 -9.25 49.05
C ALA A 247 -1.94 -9.95 50.16
N ALA A 248 -1.90 -11.28 50.15
CA ALA A 248 -1.17 -12.02 51.18
C ALA A 248 0.32 -11.64 51.24
N ASP A 249 0.91 -11.31 50.10
CA ASP A 249 2.30 -10.86 50.06
C ASP A 249 2.49 -9.56 50.83
N VAL A 250 1.54 -8.62 50.63
CA VAL A 250 1.54 -7.36 51.35
C VAL A 250 1.43 -7.60 52.86
N HIS A 251 0.51 -8.48 53.24
CA HIS A 251 0.34 -8.85 54.66
C HIS A 251 1.62 -9.41 55.28
N GLU A 252 2.37 -10.19 54.49
CA GLU A 252 3.65 -10.75 54.94
CA GLU A 252 3.64 -10.75 54.96
C GLU A 252 4.66 -9.65 55.26
N VAL A 253 4.78 -8.69 54.35
CA VAL A 253 5.70 -7.57 54.57
C VAL A 253 5.26 -6.79 55.81
N ARG A 254 3.97 -6.53 55.93
CA ARG A 254 3.41 -5.80 57.08
C ARG A 254 3.75 -6.51 58.41
N LYS A 255 3.64 -7.84 58.41
CA LYS A 255 3.93 -8.65 59.60
C LYS A 255 5.40 -8.56 60.00
N ILE A 256 6.29 -8.60 59.01
CA ILE A 256 7.73 -8.48 59.26
C ILE A 256 8.08 -7.11 59.85
N LEU A 257 7.54 -6.04 59.26
CA LEU A 257 7.73 -4.69 59.79
C LEU A 257 7.21 -4.60 61.23
N GLY A 258 6.09 -5.27 61.47
CA GLY A 258 5.62 -5.54 62.83
C GLY A 258 5.15 -4.29 63.55
N GLU A 259 5.07 -4.38 64.88
CA GLU A 259 4.63 -3.25 65.68
C GLU A 259 5.62 -2.08 65.59
N LYS A 260 6.92 -2.36 65.70
CA LYS A 260 7.92 -1.29 65.60
C LYS A 260 7.85 -0.54 64.27
N GLY A 261 7.55 -1.27 63.21
CA GLY A 261 7.49 -0.68 61.87
C GLY A 261 6.09 -0.35 61.37
N LYS A 262 5.11 -0.30 62.26
CA LYS A 262 3.70 -0.15 61.86
C LYS A 262 3.40 1.15 61.11
N ASN A 263 4.23 2.17 61.32
CA ASN A 263 4.04 3.46 60.63
C ASN A 263 4.84 3.62 59.35
N ILE A 264 5.64 2.62 59.01
CA ILE A 264 6.35 2.59 57.74
C ILE A 264 5.36 2.26 56.62
N LYS A 265 5.37 3.06 55.56
CA LYS A 265 4.40 2.90 54.47
C LYS A 265 4.88 1.80 53.51
N ILE A 266 3.97 0.91 53.13
CA ILE A 266 4.30 -0.17 52.20
C ILE A 266 3.76 0.19 50.83
N ILE A 267 4.68 0.34 49.89
CA ILE A 267 4.36 0.61 48.49
C ILE A 267 4.58 -0.69 47.71
N SER A 268 3.51 -1.28 47.18
CA SER A 268 3.63 -2.54 46.45
C SER A 268 4.05 -2.29 45.02
N LYS A 269 5.08 -3.00 44.57
CA LYS A 269 5.55 -2.87 43.20
C LYS A 269 4.81 -3.86 42.33
N ILE A 270 4.11 -3.32 41.32
CA ILE A 270 3.41 -4.16 40.33
C ILE A 270 4.34 -4.37 39.15
N GLU A 271 4.78 -5.61 38.97
CA GLU A 271 5.73 -5.90 37.90
C GLU A 271 5.56 -7.27 37.28
N ASN A 272 4.39 -7.86 37.50
CA ASN A 272 4.08 -9.10 36.79
C ASN A 272 2.60 -9.21 36.48
N HIS A 273 2.27 -10.19 35.67
CA HIS A 273 0.91 -10.37 35.19
C HIS A 273 -0.05 -10.61 36.38
N GLU A 274 0.36 -11.45 37.34
CA GLU A 274 -0.49 -11.74 38.49
C GLU A 274 -0.79 -10.48 39.31
N GLY A 275 0.22 -9.63 39.46
CA GLY A 275 0.06 -8.35 40.16
C GLY A 275 -0.97 -7.44 39.51
N VAL A 276 -0.98 -7.41 38.18
CA VAL A 276 -2.00 -6.66 37.47
C VAL A 276 -3.38 -7.31 37.68
N ARG A 277 -3.45 -8.63 37.55
CA ARG A 277 -4.72 -9.35 37.67
C ARG A 277 -5.36 -9.18 39.06
N ARG A 278 -4.50 -9.18 40.08
CA ARG A 278 -4.93 -9.12 41.48
C ARG A 278 -4.74 -7.72 42.04
N PHE A 279 -4.71 -6.74 41.14
CA PHE A 279 -4.42 -5.38 41.54
C PHE A 279 -5.34 -4.82 42.63
N ASP A 280 -6.65 -4.99 42.48
CA ASP A 280 -7.55 -4.39 43.46
C ASP A 280 -7.28 -4.82 44.89
N GLU A 281 -7.06 -6.12 45.10
CA GLU A 281 -6.80 -6.59 46.48
C GLU A 281 -5.43 -6.13 46.97
N ILE A 282 -4.49 -5.96 46.04
CA ILE A 282 -3.16 -5.45 46.40
C ILE A 282 -3.27 -3.99 46.84
N LEU A 283 -3.98 -3.17 46.06
CA LEU A 283 -4.16 -1.77 46.40
C LEU A 283 -4.83 -1.63 47.77
N GLU A 284 -5.86 -2.44 48.02
CA GLU A 284 -6.58 -2.37 49.29
C GLU A 284 -5.64 -2.61 50.48
N ALA A 285 -4.70 -3.55 50.34
CA ALA A 285 -3.81 -3.95 51.42
C ALA A 285 -2.61 -3.01 51.60
N SER A 286 -2.33 -2.21 50.58
CA SER A 286 -1.08 -1.43 50.51
C SER A 286 -1.33 0.02 50.89
N ASP A 287 -0.25 0.74 51.19
CA ASP A 287 -0.34 2.17 51.40
C ASP A 287 -0.20 2.96 50.11
N GLY A 288 0.37 2.32 49.09
CA GLY A 288 0.53 2.96 47.78
C GLY A 288 1.09 1.95 46.81
N ILE A 289 1.34 2.40 45.58
CA ILE A 289 1.73 1.46 44.50
C ILE A 289 2.85 2.06 43.67
N MET A 290 3.75 1.20 43.19
CA MET A 290 4.70 1.60 42.15
C MET A 290 4.42 0.80 40.89
N VAL A 291 4.31 1.50 39.75
CA VAL A 291 4.26 0.84 38.45
C VAL A 291 5.73 0.55 38.09
N ALA A 292 6.15 -0.69 38.34
CA ALA A 292 7.55 -1.08 38.14
C ALA A 292 7.72 -1.54 36.69
N ARG A 293 7.91 -0.57 35.80
CA ARG A 293 7.76 -0.84 34.36
C ARG A 293 8.84 -1.70 33.73
N GLY A 294 10.02 -1.73 34.36
CA GLY A 294 11.14 -2.55 33.87
C GLY A 294 10.75 -4.02 33.80
N ASP A 295 10.51 -4.62 34.97
CA ASP A 295 10.12 -6.03 34.99
C ASP A 295 8.75 -6.23 34.35
N LEU A 296 7.83 -5.28 34.57
CA LEU A 296 6.47 -5.42 34.03
C LEU A 296 6.52 -5.64 32.50
N GLY A 297 7.38 -4.88 31.81
CA GLY A 297 7.48 -4.96 30.33
C GLY A 297 8.29 -6.11 29.77
N ILE A 298 8.80 -6.96 30.66
CA ILE A 298 9.37 -8.26 30.28
C ILE A 298 8.35 -9.35 30.58
N GLU A 299 7.65 -9.20 31.70
CA GLU A 299 6.65 -10.15 32.14
C GLU A 299 5.39 -10.15 31.26
N ILE A 300 5.02 -8.98 30.76
CA ILE A 300 3.92 -8.86 29.81
C ILE A 300 4.46 -8.18 28.55
N PRO A 301 3.77 -8.34 27.40
CA PRO A 301 4.23 -7.67 26.18
C PRO A 301 4.50 -6.18 26.40
N ALA A 302 5.67 -5.71 25.98
CA ALA A 302 6.07 -4.34 26.22
C ALA A 302 5.04 -3.35 25.70
N GLU A 303 4.37 -3.70 24.60
CA GLU A 303 3.39 -2.79 24.00
C GLU A 303 2.14 -2.59 24.85
N LYS A 304 1.98 -3.39 25.90
CA LYS A 304 0.81 -3.32 26.79
C LYS A 304 1.08 -2.56 28.10
N VAL A 305 2.34 -2.20 28.36
CA VAL A 305 2.68 -1.57 29.64
C VAL A 305 1.88 -0.28 29.88
N PHE A 306 1.69 0.56 28.85
CA PHE A 306 0.95 1.81 29.05
C PHE A 306 -0.48 1.57 29.53
N LEU A 307 -1.08 0.44 29.15
CA LEU A 307 -2.44 0.10 29.59
C LEU A 307 -2.42 -0.14 31.09
N ALA A 308 -1.47 -0.95 31.53
CA ALA A 308 -1.31 -1.20 32.98
C ALA A 308 -0.99 0.07 33.74
N GLN A 309 -0.09 0.90 33.19
CA GLN A 309 0.26 2.15 33.85
C GLN A 309 -0.96 3.04 34.06
N LYS A 310 -1.73 3.24 33.00
CA LYS A 310 -2.87 4.16 33.08
C LYS A 310 -3.96 3.59 33.99
N MET A 311 -4.19 2.27 33.92
CA MET A 311 -5.20 1.64 34.75
C MET A 311 -4.82 1.81 36.24
N ILE A 312 -3.55 1.54 36.53
CA ILE A 312 -3.07 1.57 37.92
C ILE A 312 -3.11 2.99 38.45
N ILE A 313 -2.60 3.95 37.69
CA ILE A 313 -2.64 5.34 38.15
C ILE A 313 -4.09 5.78 38.37
N GLY A 314 -4.98 5.51 37.41
CA GLY A 314 -6.40 5.83 37.58
C GLY A 314 -6.99 5.26 38.87
N ARG A 315 -6.74 3.97 39.10
CA ARG A 315 -7.36 3.32 40.26
C ARG A 315 -6.78 3.85 41.58
N CYS A 316 -5.49 4.16 41.58
CA CYS A 316 -4.86 4.74 42.78
C CYS A 316 -5.41 6.14 43.01
N ASN A 317 -5.54 6.92 41.94
CA ASN A 317 -6.15 8.26 42.07
C ASN A 317 -7.57 8.17 42.67
N ARG A 318 -8.37 7.23 42.17
CA ARG A 318 -9.74 7.02 42.65
C ARG A 318 -9.77 6.68 44.14
N ALA A 319 -8.76 5.92 44.58
CA ALA A 319 -8.63 5.51 45.99
C ALA A 319 -7.98 6.55 46.91
N GLY A 320 -7.33 7.54 46.31
CA GLY A 320 -6.53 8.52 47.05
C GLY A 320 -5.27 7.94 47.66
N LYS A 321 -4.75 6.87 47.06
CA LYS A 321 -3.48 6.24 47.51
C LYS A 321 -2.34 6.61 46.55
N PRO A 322 -1.15 6.91 47.11
CA PRO A 322 0.02 7.31 46.31
C PRO A 322 0.34 6.30 45.23
N VAL A 323 0.67 6.80 44.05
CA VAL A 323 1.19 5.96 42.98
C VAL A 323 2.44 6.58 42.34
N ILE A 324 3.43 5.73 42.11
CA ILE A 324 4.72 6.12 41.57
C ILE A 324 4.91 5.51 40.19
N CYS A 325 5.32 6.33 39.21
CA CYS A 325 5.69 5.79 37.90
C CYS A 325 7.22 5.66 37.88
N ALA A 326 7.72 4.48 37.46
CA ALA A 326 9.13 4.17 37.58
C ALA A 326 9.70 3.57 36.29
N THR A 327 11.00 3.78 36.11
CA THR A 327 11.88 3.00 35.25
C THR A 327 12.01 3.49 33.81
N GLN A 328 13.25 3.86 33.48
CA GLN A 328 13.66 4.33 32.13
C GLN A 328 13.00 5.63 31.69
N MET A 329 12.53 6.43 32.64
CA MET A 329 11.84 7.68 32.27
C MET A 329 12.76 8.64 31.50
N LEU A 330 14.03 8.71 31.92
CA LEU A 330 15.02 9.59 31.27
C LEU A 330 16.30 8.81 30.97
N GLU A 331 16.11 7.56 30.52
CA GLU A 331 17.21 6.61 30.45
C GLU A 331 18.44 7.09 29.71
N SER A 332 18.25 7.78 28.57
CA SER A 332 19.39 8.19 27.76
C SER A 332 20.29 9.17 28.53
N MET A 333 19.76 9.80 29.58
CA MET A 333 20.55 10.73 30.41
C MET A 333 21.59 10.06 31.32
N ILE A 334 21.63 8.73 31.31
CA ILE A 334 22.75 8.02 31.92
C ILE A 334 24.05 8.43 31.21
N LYS A 335 23.97 8.67 29.89
CA LYS A 335 25.16 9.02 29.10
CA LYS A 335 25.16 9.00 29.08
C LYS A 335 25.13 10.39 28.43
N LYS A 336 23.96 11.01 28.35
CA LYS A 336 23.80 12.29 27.65
C LYS A 336 23.21 13.36 28.55
N PRO A 337 23.59 14.63 28.34
CA PRO A 337 23.13 15.71 29.21
C PRO A 337 21.69 16.19 28.95
N ARG A 338 21.09 15.70 27.86
CA ARG A 338 19.75 16.07 27.40
CA ARG A 338 19.71 16.04 27.55
C ARG A 338 18.97 14.78 27.15
N PRO A 339 17.66 14.72 27.48
CA PRO A 339 16.89 13.50 27.21
C PRO A 339 16.40 13.42 25.75
N THR A 340 15.91 12.26 25.35
CA THR A 340 15.27 12.15 24.04
C THR A 340 13.87 12.73 24.08
N ARG A 341 13.28 12.96 22.90
CA ARG A 341 11.90 13.44 22.85
C ARG A 341 10.90 12.45 23.44
N ALA A 342 11.16 11.15 23.29
CA ALA A 342 10.27 10.15 23.88
C ALA A 342 10.30 10.24 25.41
N GLU A 343 11.50 10.50 25.95
CA GLU A 343 11.67 10.61 27.40
C GLU A 343 10.96 11.84 27.97
N GLY A 344 11.09 12.97 27.30
CA GLY A 344 10.33 14.17 27.70
C GLY A 344 8.83 13.87 27.73
N SER A 345 8.34 13.23 26.67
CA SER A 345 6.95 12.85 26.54
C SER A 345 6.50 11.90 27.66
N ASP A 346 7.31 10.87 27.91
CA ASP A 346 7.01 9.90 28.97
C ASP A 346 6.77 10.58 30.32
N VAL A 347 7.69 11.46 30.71
CA VAL A 347 7.56 12.13 32.00
C VAL A 347 6.29 12.97 32.04
N ALA A 348 6.09 13.79 30.99
CA ALA A 348 4.91 14.63 30.93
C ALA A 348 3.63 13.80 31.01
N ASN A 349 3.60 12.70 30.26
CA ASN A 349 2.38 11.86 30.23
C ASN A 349 2.11 11.13 31.55
N ALA A 350 3.17 10.78 32.28
CA ALA A 350 2.98 10.18 33.62
C ALA A 350 2.32 11.18 34.57
N VAL A 351 2.73 12.44 34.47
CA VAL A 351 2.15 13.50 35.30
C VAL A 351 0.68 13.74 34.88
N LEU A 352 0.43 13.82 33.58
CA LEU A 352 -0.94 13.98 33.09
C LEU A 352 -1.82 12.80 33.49
N ASP A 353 -1.25 11.60 33.48
CA ASP A 353 -1.99 10.39 33.88
C ASP A 353 -2.48 10.50 35.32
N GLY A 354 -1.64 11.13 36.16
CA GLY A 354 -1.96 11.34 37.57
C GLY A 354 -0.97 10.79 38.58
N ALA A 355 0.22 10.40 38.14
CA ALA A 355 1.23 9.87 39.06
C ALA A 355 1.54 10.86 40.18
N ASP A 356 1.54 10.40 41.43
CA ASP A 356 1.92 11.27 42.54
C ASP A 356 3.39 11.58 42.51
N CYS A 357 4.18 10.56 42.18
CA CYS A 357 5.64 10.66 42.09
C CYS A 357 6.14 10.03 40.81
N ILE A 358 7.29 10.52 40.36
CA ILE A 358 8.05 9.94 39.27
C ILE A 358 9.43 9.59 39.79
N MET A 359 10.10 8.64 39.13
CA MET A 359 11.32 8.05 39.68
C MET A 359 12.47 8.05 38.69
N LEU A 360 13.66 8.08 39.26
CA LEU A 360 14.90 7.93 38.50
C LEU A 360 15.66 6.76 39.11
N SER A 361 16.24 5.95 38.22
CA SER A 361 16.98 4.77 38.62
C SER A 361 18.46 4.90 38.23
N GLY A 362 18.89 4.27 37.14
CA GLY A 362 20.28 4.43 36.68
C GLY A 362 20.67 5.88 36.43
N GLU A 363 19.71 6.71 36.03
CA GLU A 363 19.95 8.14 35.76
C GLU A 363 20.60 8.85 36.93
N THR A 364 20.20 8.48 38.15
CA THR A 364 20.82 9.04 39.35
C THR A 364 21.78 8.10 40.06
N ALA A 365 21.56 6.78 39.94
CA ALA A 365 22.39 5.83 40.70
C ALA A 365 23.78 5.74 40.12
N LYS A 366 23.90 5.71 38.79
CA LYS A 366 25.20 5.39 38.18
C LYS A 366 25.59 6.29 36.99
N GLY A 367 24.66 7.10 36.54
CA GLY A 367 24.84 7.91 35.33
C GLY A 367 25.83 9.06 35.46
N ASP A 368 26.11 9.68 34.31
CA ASP A 368 27.08 10.76 34.23
C ASP A 368 26.46 12.12 34.52
N TYR A 369 25.14 12.17 34.57
CA TYR A 369 24.38 13.43 34.68
C TYR A 369 23.22 13.36 35.69
N PRO A 370 23.51 12.94 36.94
CA PRO A 370 22.43 12.76 37.91
C PRO A 370 21.68 14.07 38.24
N LEU A 371 22.42 15.16 38.38
CA LEU A 371 21.76 16.44 38.71
C LEU A 371 20.89 16.92 37.56
N GLU A 372 21.41 16.80 36.33
CA GLU A 372 20.65 17.17 35.13
CA GLU A 372 20.65 17.18 35.14
C GLU A 372 19.35 16.37 34.99
N ALA A 373 19.41 15.08 35.34
CA ALA A 373 18.22 14.22 35.30
C ALA A 373 17.13 14.69 36.29
N VAL A 374 17.53 14.96 37.54
CA VAL A 374 16.61 15.50 38.55
C VAL A 374 16.01 16.83 38.07
N ARG A 375 16.87 17.72 37.59
CA ARG A 375 16.44 19.05 37.13
C ARG A 375 15.44 18.95 35.98
N MET A 376 15.67 17.98 35.08
CA MET A 376 14.75 17.79 33.95
C MET A 376 13.40 17.26 34.40
N GLN A 377 13.38 16.31 35.36
CA GLN A 377 12.09 15.87 35.90
C GLN A 377 11.32 17.04 36.52
N HIS A 378 12.03 17.90 37.23
CA HIS A 378 11.44 19.08 37.85
C HIS A 378 10.79 19.97 36.78
N LEU A 379 11.55 20.29 35.73
CA LEU A 379 11.03 21.18 34.68
C LEU A 379 9.82 20.59 33.96
N ILE A 380 9.90 19.31 33.61
CA ILE A 380 8.80 18.70 32.85
C ILE A 380 7.58 18.60 33.75
N ALA A 381 7.78 18.20 35.01
CA ALA A 381 6.63 18.08 35.92
C ALA A 381 5.81 19.38 36.05
N ARG A 382 6.47 20.51 36.17
CA ARG A 382 5.75 21.77 36.36
C ARG A 382 4.91 22.10 35.14
N GLU A 383 5.48 21.86 33.96
CA GLU A 383 4.78 22.12 32.71
C GLU A 383 3.53 21.22 32.58
N ALA A 384 3.72 19.94 32.88
CA ALA A 384 2.62 18.96 32.75
C ALA A 384 1.55 19.19 33.80
N GLU A 385 1.96 19.61 35.01
CA GLU A 385 1.00 19.95 36.07
C GLU A 385 0.01 21.02 35.65
N ALA A 386 0.51 22.06 34.99
CA ALA A 386 -0.37 23.14 34.54
C ALA A 386 -1.32 22.66 33.45
N ALA A 387 -0.83 21.73 32.62
CA ALA A 387 -1.57 21.18 31.47
C ALA A 387 -2.65 20.14 31.82
N MET A 388 -2.74 19.74 33.09
CA MET A 388 -3.87 18.94 33.57
CA MET A 388 -3.86 18.91 33.50
C MET A 388 -5.18 19.65 33.30
N PHE A 389 -6.24 18.88 33.09
CA PHE A 389 -7.57 19.46 32.90
C PHE A 389 -8.28 19.39 34.24
N HIS A 390 -7.91 20.29 35.16
CA HIS A 390 -8.35 20.15 36.56
C HIS A 390 -9.85 20.11 36.71
N ARG A 391 -10.58 20.93 35.95
CA ARG A 391 -12.04 21.02 36.13
CA ARG A 391 -12.02 21.02 36.16
C ARG A 391 -12.66 19.65 35.93
N LYS A 392 -12.26 18.98 34.84
CA LYS A 392 -12.80 17.66 34.50
C LYS A 392 -12.30 16.61 35.49
N LEU A 393 -11.03 16.68 35.81
CA LEU A 393 -10.43 15.73 36.75
C LEU A 393 -11.19 15.75 38.10
N PHE A 394 -11.41 16.95 38.62
CA PHE A 394 -12.10 17.12 39.89
C PHE A 394 -13.51 16.55 39.83
N GLU A 395 -14.25 16.90 38.77
CA GLU A 395 -15.60 16.37 38.55
C GLU A 395 -15.61 14.85 38.56
N GLU A 396 -14.64 14.25 37.88
CA GLU A 396 -14.60 12.80 37.75
C GLU A 396 -14.19 12.09 39.04
N LEU A 397 -13.26 12.69 39.78
CA LEU A 397 -12.88 12.16 41.09
C LEU A 397 -14.04 12.26 42.07
N ALA A 398 -14.72 13.39 42.07
CA ALA A 398 -15.90 13.58 42.94
C ALA A 398 -16.99 12.54 42.61
N ARG A 399 -17.20 12.28 41.32
CA ARG A 399 -18.17 11.30 40.87
CA ARG A 399 -18.16 11.30 40.88
C ARG A 399 -17.80 9.92 41.42
N ALA A 400 -16.53 9.54 41.30
CA ALA A 400 -16.08 8.22 41.72
C ALA A 400 -16.23 7.99 43.22
N SER A 401 -16.08 9.05 44.00
CA SER A 401 -16.09 8.92 45.47
C SER A 401 -17.42 9.29 46.10
N SER A 402 -18.45 9.48 45.27
CA SER A 402 -19.69 10.11 45.73
C SER A 402 -20.50 9.25 46.72
N GLN A 403 -20.18 7.96 46.81
CA GLN A 403 -20.80 7.08 47.80
C GLN A 403 -20.33 7.43 49.23
N SER A 404 -19.16 8.08 49.32
CA SER A 404 -18.64 8.53 50.62
C SER A 404 -19.16 9.91 50.98
N THR A 405 -19.58 10.05 52.24
CA THR A 405 -20.02 11.34 52.77
C THR A 405 -19.07 11.83 53.88
N ASP A 406 -17.84 11.33 53.83
CA ASP A 406 -16.82 11.64 54.82
C ASP A 406 -16.61 13.15 55.00
N LEU A 407 -16.51 13.59 56.25
CA LEU A 407 -16.44 15.03 56.55
C LEU A 407 -15.15 15.69 56.11
N MET A 408 -14.01 15.02 56.31
CA MET A 408 -12.75 15.54 55.78
C MET A 408 -12.74 15.59 54.26
N GLU A 409 -13.33 14.59 53.61
CA GLU A 409 -13.46 14.64 52.16
C GLU A 409 -14.26 15.87 51.73
N ALA A 410 -15.33 16.16 52.47
CA ALA A 410 -16.14 17.33 52.20
C ALA A 410 -15.33 18.61 52.35
N MET A 411 -14.52 18.72 53.42
CA MET A 411 -13.66 19.89 53.60
C MET A 411 -12.62 20.01 52.49
N ALA A 412 -12.05 18.88 52.10
CA ALA A 412 -11.06 18.85 51.02
C ALA A 412 -11.65 19.30 49.69
N MET A 413 -12.81 18.76 49.34
CA MET A 413 -13.46 19.10 48.09
C MET A 413 -13.86 20.57 48.09
N GLY A 414 -14.40 21.04 49.22
CA GLY A 414 -14.80 22.44 49.32
C GLY A 414 -13.59 23.36 49.17
N SER A 415 -12.50 22.98 49.82
CA SER A 415 -11.26 23.78 49.79
C SER A 415 -10.65 23.80 48.41
N VAL A 416 -10.60 22.63 47.77
CA VAL A 416 -10.08 22.57 46.40
C VAL A 416 -10.95 23.40 45.45
N GLU A 417 -12.28 23.24 45.55
CA GLU A 417 -13.22 24.02 44.75
CA GLU A 417 -13.19 24.02 44.72
C GLU A 417 -12.96 25.53 44.93
N ALA A 418 -12.86 25.96 46.18
CA ALA A 418 -12.60 27.37 46.48
C ALA A 418 -11.27 27.82 45.86
N SER A 419 -10.27 26.94 45.94
CA SER A 419 -8.94 27.25 45.37
C SER A 419 -8.97 27.45 43.87
N TYR A 420 -9.79 26.66 43.17
CA TYR A 420 -9.97 26.86 41.73
C TYR A 420 -10.64 28.20 41.45
N LYS A 421 -11.71 28.49 42.19
CA LYS A 421 -12.53 29.67 41.90
C LYS A 421 -11.77 30.99 42.06
N CYS A 422 -11.04 31.13 43.16
CA CYS A 422 -10.31 32.38 43.40
C CYS A 422 -8.84 32.34 42.94
N LEU A 423 -8.44 31.26 42.26
CA LEU A 423 -7.05 31.09 41.81
C LEU A 423 -6.06 31.31 42.96
N ALA A 424 -6.36 30.63 44.06
CA ALA A 424 -5.50 30.71 45.26
C ALA A 424 -4.07 30.28 44.96
N ALA A 425 -3.11 30.90 45.64
CA ALA A 425 -1.71 30.59 45.40
C ALA A 425 -1.21 29.35 46.13
N ALA A 426 -1.96 28.91 47.14
CA ALA A 426 -1.61 27.72 47.90
C ALA A 426 -2.77 27.31 48.76
N LEU A 427 -2.73 26.07 49.24
CA LEU A 427 -3.60 25.65 50.36
C LEU A 427 -2.69 25.31 51.51
N ILE A 428 -2.85 26.00 52.62
CA ILE A 428 -2.04 25.77 53.82
C ILE A 428 -2.82 24.81 54.70
N VAL A 429 -2.21 23.69 55.07
CA VAL A 429 -2.93 22.67 55.87
C VAL A 429 -2.13 22.34 57.12
N LEU A 430 -2.75 22.49 58.29
CA LEU A 430 -2.12 22.14 59.55
C LEU A 430 -2.50 20.70 59.89
N THR A 431 -1.51 19.82 59.99
CA THR A 431 -1.79 18.39 60.15
C THR A 431 -0.69 17.68 60.92
N GLU A 432 -1.05 16.78 61.82
CA GLU A 432 -0.04 15.96 62.52
C GLU A 432 0.14 14.57 61.91
N SER A 433 -0.98 13.92 61.59
CA SER A 433 -0.94 12.60 60.98
C SER A 433 -0.74 12.68 59.47
N GLY A 434 -1.02 13.85 58.91
CA GLY A 434 -1.00 14.05 57.45
C GLY A 434 -2.37 13.87 56.81
N ARG A 435 -3.28 13.20 57.50
CA ARG A 435 -4.57 12.79 56.89
C ARG A 435 -5.31 13.91 56.16
N SER A 436 -5.45 15.07 56.81
CA SER A 436 -6.18 16.19 56.18
C SER A 436 -5.51 16.65 54.88
N ALA A 437 -4.19 16.71 54.88
CA ALA A 437 -3.45 17.10 53.70
C ALA A 437 -3.55 16.05 52.60
N HIS A 438 -3.53 14.77 52.98
CA HIS A 438 -3.69 13.68 52.00
C HIS A 438 -5.03 13.77 51.29
N GLN A 439 -6.08 14.15 52.02
CA GLN A 439 -7.41 14.26 51.40
C GLN A 439 -7.49 15.46 50.45
N VAL A 440 -6.81 16.55 50.80
CA VAL A 440 -6.75 17.68 49.87
C VAL A 440 -6.00 17.26 48.60
N ALA A 441 -4.87 16.59 48.77
CA ALA A 441 -4.06 16.16 47.61
C ALA A 441 -4.86 15.28 46.64
N ARG A 442 -5.66 14.39 47.21
CA ARG A 442 -6.47 13.47 46.44
C ARG A 442 -7.39 14.17 45.43
N TYR A 443 -7.88 15.36 45.80
CA TYR A 443 -8.78 16.11 44.92
C TYR A 443 -8.09 17.09 43.96
N ARG A 444 -6.77 17.01 43.91
CA ARG A 444 -5.98 17.59 42.82
C ARG A 444 -6.16 19.10 42.58
N PRO A 445 -5.82 19.93 43.59
CA PRO A 445 -5.79 21.36 43.31
C PRO A 445 -4.63 21.64 42.36
N ARG A 446 -4.67 22.78 41.66
CA ARG A 446 -3.48 23.18 40.90
C ARG A 446 -2.47 23.86 41.82
N ALA A 447 -2.95 24.52 42.87
CA ALA A 447 -2.04 25.23 43.79
C ALA A 447 -1.31 24.24 44.70
N PRO A 448 -0.07 24.60 45.13
CA PRO A 448 0.66 23.73 46.06
C PRO A 448 -0.03 23.67 47.42
N ILE A 449 0.12 22.52 48.08
CA ILE A 449 -0.43 22.29 49.40
C ILE A 449 0.71 22.36 50.44
N ILE A 450 0.75 23.45 51.21
CA ILE A 450 1.86 23.59 52.17
C ILE A 450 1.35 22.97 53.46
N ALA A 451 1.90 21.80 53.82
CA ALA A 451 1.41 21.07 54.99
C ALA A 451 2.38 21.30 56.12
N VAL A 452 1.92 21.99 57.16
CA VAL A 452 2.76 22.26 58.33
C VAL A 452 2.47 21.21 59.40
N THR A 453 3.53 20.57 59.85
CA THR A 453 3.42 19.46 60.80
C THR A 453 4.55 19.49 61.83
N ARG A 454 4.26 19.05 63.05
CA ARG A 454 5.32 18.84 64.05
C ARG A 454 5.86 17.41 64.03
N ASN A 455 5.21 16.54 63.26
CA ASN A 455 5.63 15.15 63.13
C ASN A 455 6.59 15.02 61.93
N HIS A 456 7.85 14.73 62.23
CA HIS A 456 8.90 14.71 61.18
C HIS A 456 8.66 13.58 60.19
N GLN A 457 8.20 12.43 60.67
CA GLN A 457 7.90 11.30 59.79
C GLN A 457 6.71 11.59 58.88
N THR A 458 5.68 12.26 59.41
CA THR A 458 4.59 12.74 58.57
C THR A 458 5.13 13.61 57.42
N ALA A 459 6.06 14.50 57.76
CA ALA A 459 6.64 15.41 56.75
C ALA A 459 7.37 14.62 55.65
N ARG A 460 8.18 13.65 56.05
CA ARG A 460 8.93 12.87 55.08
C ARG A 460 8.01 12.03 54.20
N GLN A 461 7.02 11.41 54.81
CA GLN A 461 6.09 10.56 54.08
C GLN A 461 5.12 11.32 53.17
N ALA A 462 4.95 12.63 53.44
CA ALA A 462 4.04 13.46 52.65
C ALA A 462 4.48 13.57 51.19
N HIS A 463 5.77 13.28 50.92
CA HIS A 463 6.28 13.34 49.55
C HIS A 463 5.62 12.33 48.62
N LEU A 464 4.97 11.32 49.20
CA LEU A 464 4.25 10.33 48.39
C LEU A 464 3.02 10.89 47.70
N TYR A 465 2.56 12.08 48.10
CA TYR A 465 1.28 12.62 47.62
C TYR A 465 1.48 13.84 46.72
N ARG A 466 0.81 13.84 45.57
CA ARG A 466 0.94 14.98 44.65
C ARG A 466 0.63 16.29 45.33
N GLY A 467 1.52 17.26 45.15
CA GLY A 467 1.27 18.64 45.58
C GLY A 467 1.54 18.94 47.05
N ILE A 468 1.81 17.94 47.87
CA ILE A 468 2.08 18.25 49.29
C ILE A 468 3.54 18.67 49.45
N PHE A 469 3.72 19.92 49.90
CA PHE A 469 5.01 20.51 50.19
C PHE A 469 5.14 20.55 51.73
N PRO A 470 5.74 19.50 52.32
CA PRO A 470 5.77 19.40 53.78
C PRO A 470 6.71 20.39 54.43
N VAL A 471 6.29 20.93 55.58
CA VAL A 471 7.09 21.89 56.32
C VAL A 471 7.09 21.46 57.77
N VAL A 472 8.27 21.25 58.32
CA VAL A 472 8.42 20.84 59.71
C VAL A 472 8.41 22.06 60.63
N CYS A 473 7.54 22.03 61.63
CA CYS A 473 7.50 23.07 62.66
C CYS A 473 8.22 22.53 63.88
N LYS A 474 9.28 23.22 64.30
CA LYS A 474 10.04 22.80 65.49
C LYS A 474 9.72 23.62 66.73
N ASP A 475 8.89 24.64 66.58
CA ASP A 475 8.48 25.48 67.71
C ASP A 475 7.71 24.67 68.76
N PRO A 476 7.94 24.96 70.05
CA PRO A 476 7.11 24.34 71.07
C PRO A 476 5.65 24.74 70.90
N VAL A 477 4.75 23.90 71.40
CA VAL A 477 3.32 24.19 71.38
C VAL A 477 3.02 25.40 72.27
N GLN A 478 2.33 26.38 71.70
CA GLN A 478 1.88 27.57 72.45
C GLN A 478 0.67 27.21 73.30
N GLU A 479 0.56 27.86 74.46
CA GLU A 479 -0.53 27.56 75.40
C GLU A 479 -1.91 27.84 74.81
N ALA A 480 -2.04 28.96 74.10
CA ALA A 480 -3.30 29.32 73.47
C ALA A 480 -3.39 28.71 72.08
N TRP A 481 -4.45 27.94 71.85
CA TRP A 481 -4.67 27.28 70.56
C TRP A 481 -4.63 28.25 69.39
N ALA A 482 -5.30 29.40 69.52
CA ALA A 482 -5.31 30.39 68.42
C ALA A 482 -3.91 30.88 68.09
N GLU A 483 -3.08 31.07 69.12
CA GLU A 483 -1.70 31.52 68.90
C GLU A 483 -0.86 30.41 68.26
N ASP A 484 -1.11 29.17 68.67
CA ASP A 484 -0.35 28.03 68.10
C ASP A 484 -0.71 27.82 66.64
N VAL A 485 -1.99 27.99 66.33
CA VAL A 485 -2.46 27.93 64.94
C VAL A 485 -1.83 29.05 64.12
N ASP A 486 -1.89 30.29 64.61
CA ASP A 486 -1.28 31.43 63.91
C ASP A 486 0.22 31.25 63.67
N LEU A 487 0.94 30.72 64.66
CA LEU A 487 2.38 30.48 64.54
C LEU A 487 2.66 29.57 63.33
N ARG A 488 1.88 28.50 63.22
CA ARG A 488 2.08 27.52 62.15
C ARG A 488 1.62 28.03 60.78
N VAL A 489 0.54 28.81 60.76
CA VAL A 489 0.11 29.46 59.51
C VAL A 489 1.19 30.46 59.04
N ASN A 490 1.73 31.23 59.98
CA ASN A 490 2.75 32.23 59.65
CA ASN A 490 2.77 32.23 59.68
C ASN A 490 4.01 31.58 59.09
N LEU A 491 4.38 30.43 59.64
CA LEU A 491 5.50 29.65 59.11
C LEU A 491 5.27 29.28 57.64
N ALA A 492 4.07 28.79 57.32
CA ALA A 492 3.72 28.47 55.94
C ALA A 492 3.77 29.70 55.04
N MET A 493 3.30 30.83 55.55
CA MET A 493 3.36 32.09 54.79
C MET A 493 4.79 32.46 54.48
N ASN A 494 5.67 32.32 55.48
CA ASN A 494 7.07 32.65 55.31
C ASN A 494 7.77 31.71 54.32
N VAL A 495 7.43 30.42 54.39
CA VAL A 495 7.95 29.43 53.46
C VAL A 495 7.51 29.75 52.03
N GLY A 496 6.21 29.99 51.85
CA GLY A 496 5.68 30.33 50.52
C GLY A 496 6.33 31.56 49.92
N LYS A 497 6.53 32.59 50.74
CA LYS A 497 7.16 33.80 50.24
CA LYS A 497 7.19 33.82 50.30
C LYS A 497 8.63 33.56 49.88
N ALA A 498 9.35 32.81 50.71
CA ALA A 498 10.78 32.53 50.47
C ALA A 498 11.00 31.70 49.22
N ARG A 499 10.04 30.80 48.94
CA ARG A 499 10.11 29.88 47.80
C ARG A 499 9.53 30.49 46.53
N GLY A 500 8.97 31.70 46.67
CA GLY A 500 8.37 32.38 45.52
C GLY A 500 7.05 31.79 45.04
N PHE A 501 6.34 31.09 45.94
CA PHE A 501 5.00 30.57 45.62
C PHE A 501 3.94 31.67 45.61
N PHE A 502 4.19 32.71 46.40
CA PHE A 502 3.28 33.84 46.50
C PHE A 502 3.97 35.02 47.14
N LYS A 503 3.31 36.17 47.11
CA LYS A 503 3.81 37.36 47.79
C LYS A 503 2.67 38.04 48.53
N LYS A 504 3.02 39.05 49.33
CA LYS A 504 2.03 39.86 50.05
C LYS A 504 0.90 40.24 49.11
N GLY A 505 -0.33 40.03 49.57
CA GLY A 505 -1.48 40.45 48.78
C GLY A 505 -2.14 39.37 47.94
N ASP A 506 -1.40 38.28 47.69
CA ASP A 506 -1.99 37.10 47.05
C ASP A 506 -2.97 36.46 48.02
N VAL A 507 -3.76 35.50 47.55
CA VAL A 507 -4.75 34.83 48.38
CA VAL A 507 -4.71 34.83 48.44
C VAL A 507 -4.40 33.34 48.52
N VAL A 508 -4.61 32.80 49.72
CA VAL A 508 -4.37 31.38 49.97
C VAL A 508 -5.57 30.81 50.72
N ILE A 509 -5.74 29.49 50.64
CA ILE A 509 -6.77 28.79 51.40
C ILE A 509 -6.07 28.19 52.60
N VAL A 510 -6.65 28.33 53.78
CA VAL A 510 -6.02 27.84 55.01
C VAL A 510 -6.96 26.87 55.72
N LEU A 511 -6.48 25.66 56.00
CA LEU A 511 -7.25 24.61 56.64
C LEU A 511 -6.67 24.28 58.00
N THR A 512 -7.51 24.39 59.03
CA THR A 512 -7.07 24.20 60.40
C THR A 512 -8.18 23.51 61.21
N GLY A 513 -7.86 23.10 62.43
CA GLY A 513 -8.87 22.63 63.37
C GLY A 513 -9.40 23.78 64.22
N TRP A 514 -10.70 23.81 64.44
CA TRP A 514 -11.33 24.87 65.24
C TRP A 514 -10.83 24.85 66.67
N ARG A 515 -10.62 23.66 67.20
CA ARG A 515 -10.05 23.51 68.55
C ARG A 515 -8.96 22.44 68.58
N PRO A 516 -8.18 22.38 69.69
CA PRO A 516 -7.14 21.35 69.78
C PRO A 516 -7.67 19.94 69.54
N GLY A 517 -8.91 19.70 69.95
CA GLY A 517 -9.51 18.37 69.88
C GLY A 517 -10.20 18.00 68.58
N SER A 518 -10.27 18.94 67.63
CA SER A 518 -10.84 18.65 66.33
C SER A 518 -10.00 17.52 65.71
N GLY A 519 -10.67 16.50 65.16
CA GLY A 519 -9.96 15.32 64.64
C GLY A 519 -9.43 15.47 63.23
N PHE A 520 -9.71 16.62 62.64
CA PHE A 520 -9.36 16.92 61.24
C PHE A 520 -9.46 18.43 61.05
N THR A 521 -9.03 18.90 59.89
CA THR A 521 -9.15 20.33 59.57
C THR A 521 -10.59 20.65 59.18
N ASN A 522 -11.39 21.06 60.17
CA ASN A 522 -12.80 21.35 59.98
C ASN A 522 -13.09 22.84 59.73
N THR A 523 -12.02 23.63 59.54
CA THR A 523 -12.11 25.07 59.37
C THR A 523 -11.32 25.50 58.14
N MET A 524 -12.00 26.14 57.18
CA MET A 524 -11.36 26.63 55.97
CA MET A 524 -11.40 26.62 55.94
C MET A 524 -11.53 28.13 55.89
N ARG A 525 -10.45 28.82 55.55
CA ARG A 525 -10.52 30.27 55.36
C ARG A 525 -9.83 30.70 54.08
N VAL A 526 -10.35 31.77 53.48
CA VAL A 526 -9.66 32.47 52.40
CA VAL A 526 -9.64 32.45 52.42
C VAL A 526 -8.95 33.66 53.06
N VAL A 527 -7.62 33.70 52.92
CA VAL A 527 -6.79 34.65 53.69
C VAL A 527 -5.85 35.38 52.74
N PRO A 528 -5.69 36.72 52.89
CA PRO A 528 -4.61 37.37 52.12
C PRO A 528 -3.24 37.09 52.73
N VAL A 529 -2.23 36.91 51.87
CA VAL A 529 -0.86 36.77 52.33
C VAL A 529 -0.39 38.11 52.92
N PRO A 530 0.11 38.09 54.18
CA PRO A 530 0.58 39.31 54.85
C PRO A 530 1.95 39.76 54.34
N PHE B 11 -35.53 -0.01 51.14
CA PHE B 11 -35.48 1.39 51.64
C PHE B 11 -35.42 2.37 50.47
N ILE B 12 -36.30 3.37 50.49
CA ILE B 12 -36.33 4.40 49.46
C ILE B 12 -35.64 5.66 49.98
N GLN B 13 -34.59 6.07 49.28
CA GLN B 13 -33.87 7.29 49.63
C GLN B 13 -34.80 8.49 49.55
N THR B 14 -34.75 9.32 50.58
CA THR B 14 -35.50 10.57 50.63
C THR B 14 -34.93 11.57 49.63
N GLN B 15 -35.65 12.66 49.41
CA GLN B 15 -35.12 13.84 48.73
C GLN B 15 -34.61 13.57 47.30
N GLN B 16 -35.23 12.58 46.63
CA GLN B 16 -34.83 12.16 45.28
C GLN B 16 -33.32 11.93 45.20
N LEU B 17 -32.73 11.38 46.25
CA LEU B 17 -31.28 11.23 46.24
C LEU B 17 -30.78 10.13 45.30
N HIS B 18 -31.64 9.18 44.97
CA HIS B 18 -31.30 8.21 43.93
C HIS B 18 -31.16 8.93 42.58
N ALA B 19 -32.17 9.73 42.24
CA ALA B 19 -32.12 10.51 41.02
C ALA B 19 -30.92 11.47 41.04
N ALA B 20 -30.54 11.94 42.23
CA ALA B 20 -29.43 12.87 42.36
C ALA B 20 -28.12 12.29 41.84
N MET B 21 -27.98 10.97 41.94
CA MET B 21 -26.75 10.26 41.59
C MET B 21 -26.66 9.85 40.12
N ALA B 22 -27.68 10.23 39.33
CA ALA B 22 -27.71 9.87 37.91
C ALA B 22 -26.55 10.50 37.16
N ASP B 23 -26.14 9.87 36.06
CA ASP B 23 -25.10 10.43 35.20
C ASP B 23 -25.66 11.39 34.15
N THR B 24 -26.87 11.13 33.67
CA THR B 24 -27.44 11.89 32.56
C THR B 24 -28.76 12.49 32.99
N PHE B 25 -29.21 13.54 32.30
CA PHE B 25 -30.51 14.12 32.59
CA PHE B 25 -30.50 14.12 32.63
C PHE B 25 -31.63 13.11 32.41
N LEU B 26 -31.52 12.31 31.34
CA LEU B 26 -32.51 11.27 31.07
C LEU B 26 -32.60 10.29 32.25
N GLU B 27 -31.45 9.82 32.74
CA GLU B 27 -31.39 8.90 33.88
CA GLU B 27 -31.46 8.89 33.86
C GLU B 27 -31.99 9.56 35.12
N HIS B 28 -31.65 10.84 35.31
CA HIS B 28 -32.21 11.59 36.47
C HIS B 28 -33.73 11.55 36.43
N LYS B 29 -34.31 11.86 35.26
CA LYS B 29 -35.76 11.82 35.12
CA LYS B 29 -35.77 11.80 35.03
C LYS B 29 -36.34 10.42 35.36
N CYS B 30 -35.72 9.39 34.80
CA CYS B 30 -36.20 8.02 34.97
C CYS B 30 -36.20 7.54 36.42
N ARG B 31 -35.41 8.21 37.25
CA ARG B 31 -35.26 7.80 38.65
C ARG B 31 -36.17 8.57 39.61
N LEU B 32 -36.90 9.56 39.10
CA LEU B 32 -37.79 10.35 39.98
C LEU B 32 -38.85 9.43 40.60
N ASP B 33 -39.06 9.57 41.91
CA ASP B 33 -39.77 8.56 42.67
C ASP B 33 -40.82 9.22 43.54
N ILE B 34 -42.10 8.94 43.27
CA ILE B 34 -43.18 9.55 44.06
C ILE B 34 -43.16 9.09 45.53
N ASP B 35 -42.40 8.03 45.81
CA ASP B 35 -42.31 7.54 47.19
C ASP B 35 -41.04 7.99 47.93
N SER B 36 -40.29 8.90 47.29
CA SER B 36 -39.12 9.52 47.92
C SER B 36 -39.55 10.83 48.59
N ALA B 37 -39.58 10.84 49.91
CA ALA B 37 -40.16 11.97 50.66
C ALA B 37 -39.25 13.20 50.60
N PRO B 38 -39.83 14.39 50.37
CA PRO B 38 -38.99 15.60 50.41
C PRO B 38 -38.59 15.97 51.83
N ILE B 39 -37.68 16.93 51.97
CA ILE B 39 -37.31 17.41 53.30
C ILE B 39 -38.38 18.38 53.81
N THR B 40 -38.28 18.74 55.09
CA THR B 40 -39.19 19.69 55.70
C THR B 40 -39.08 21.10 55.09
N ALA B 41 -37.84 21.58 54.95
CA ALA B 41 -37.60 22.94 54.46
C ALA B 41 -38.07 23.13 53.02
N ARG B 42 -38.74 24.25 52.77
CA ARG B 42 -39.17 24.64 51.43
C ARG B 42 -38.40 25.89 51.02
N ASN B 43 -37.61 25.80 49.95
CA ASN B 43 -36.65 26.85 49.56
C ASN B 43 -37.20 27.97 48.69
N THR B 44 -38.23 27.68 47.90
CA THR B 44 -38.76 28.66 46.93
C THR B 44 -39.63 29.69 47.63
N GLY B 45 -39.28 30.97 47.50
CA GLY B 45 -40.08 32.03 48.13
C GLY B 45 -41.51 32.08 47.59
N ILE B 46 -42.47 32.39 48.46
CA ILE B 46 -43.87 32.54 48.05
C ILE B 46 -44.31 33.99 48.27
N ILE B 47 -44.74 34.60 47.17
CA ILE B 47 -45.20 36.00 47.18
C ILE B 47 -46.69 35.98 46.96
N CYS B 48 -47.45 36.63 47.85
CA CYS B 48 -48.91 36.61 47.78
C CYS B 48 -49.46 38.01 47.60
N THR B 49 -50.35 38.18 46.63
CA THR B 49 -51.02 39.46 46.43
C THR B 49 -52.15 39.57 47.43
N ILE B 50 -52.15 40.68 48.16
CA ILE B 50 -53.16 40.90 49.19
C ILE B 50 -54.29 41.75 48.65
N GLY B 51 -55.52 41.35 48.98
CA GLY B 51 -56.73 42.08 48.58
C GLY B 51 -57.90 41.70 49.48
N PRO B 52 -59.14 41.89 48.98
CA PRO B 52 -60.30 41.70 49.87
C PRO B 52 -60.38 40.33 50.54
N ALA B 53 -59.88 39.29 49.88
CA ALA B 53 -59.95 37.94 50.43
C ALA B 53 -58.92 37.70 51.53
N SER B 54 -57.89 38.55 51.58
CA SER B 54 -56.71 38.23 52.37
C SER B 54 -56.19 39.36 53.26
N ARG B 55 -56.87 40.50 53.32
CA ARG B 55 -56.26 41.66 53.98
C ARG B 55 -56.57 41.82 55.47
N SER B 56 -57.45 40.98 56.00
CA SER B 56 -57.72 41.00 57.44
C SER B 56 -56.51 40.44 58.19
N VAL B 57 -56.30 40.97 59.40
CA VAL B 57 -55.21 40.51 60.25
C VAL B 57 -55.32 39.00 60.50
N GLU B 58 -56.54 38.51 60.76
CA GLU B 58 -56.70 37.10 61.03
CA GLU B 58 -56.80 37.10 60.99
C GLU B 58 -56.33 36.22 59.82
N THR B 59 -56.74 36.60 58.61
CA THR B 59 -56.36 35.83 57.43
C THR B 59 -54.85 35.92 57.18
N LEU B 60 -54.28 37.11 57.36
CA LEU B 60 -52.85 37.30 57.13
C LEU B 60 -52.01 36.43 58.06
N LYS B 61 -52.44 36.27 59.32
CA LYS B 61 -51.76 35.38 60.25
C LYS B 61 -51.70 33.96 59.68
N GLU B 62 -52.84 33.46 59.20
CA GLU B 62 -52.86 32.11 58.60
C GLU B 62 -52.07 32.02 57.28
N MET B 63 -52.01 33.12 56.52
CA MET B 63 -51.20 33.19 55.29
CA MET B 63 -51.20 33.11 55.31
C MET B 63 -49.73 32.98 55.65
N ILE B 64 -49.30 33.67 56.71
CA ILE B 64 -47.91 33.54 57.20
C ILE B 64 -47.65 32.09 57.62
N LYS B 65 -48.56 31.52 58.40
CA LYS B 65 -48.42 30.11 58.82
C LYS B 65 -48.36 29.15 57.63
N SER B 66 -49.10 29.47 56.57
CA SER B 66 -49.21 28.60 55.39
C SER B 66 -48.03 28.71 54.45
N GLY B 67 -47.24 29.78 54.61
CA GLY B 67 -45.97 29.93 53.91
C GLY B 67 -45.70 31.26 53.20
N MET B 68 -46.61 32.22 53.30
CA MET B 68 -46.36 33.51 52.65
C MET B 68 -45.08 34.15 53.16
N ASN B 69 -44.23 34.61 52.23
CA ASN B 69 -42.97 35.27 52.59
C ASN B 69 -42.98 36.75 52.25
N VAL B 70 -43.72 37.09 51.21
CA VAL B 70 -43.77 38.47 50.72
C VAL B 70 -45.23 38.82 50.45
N ALA B 71 -45.67 39.97 50.96
CA ALA B 71 -47.00 40.51 50.67
C ALA B 71 -46.89 41.54 49.55
N ARG B 72 -47.58 41.28 48.43
CA ARG B 72 -47.59 42.20 47.29
C ARG B 72 -48.81 43.07 47.29
N MET B 73 -48.60 44.38 47.26
CA MET B 73 -49.69 45.34 47.12
C MET B 73 -49.71 45.87 45.69
N ASN B 74 -50.81 45.66 45.01
CA ASN B 74 -50.89 46.01 43.59
C ASN B 74 -51.47 47.41 43.44
N PHE B 75 -50.63 48.35 43.01
CA PHE B 75 -51.05 49.76 42.92
C PHE B 75 -51.78 50.14 41.62
N SER B 76 -52.11 49.15 40.80
CA SER B 76 -53.01 49.39 39.64
C SER B 76 -54.39 49.82 40.14
N HIS B 77 -54.71 49.45 41.37
CA HIS B 77 -55.99 49.83 42.01
C HIS B 77 -55.78 50.25 43.45
N GLY B 78 -56.77 50.93 44.03
CA GLY B 78 -56.76 51.26 45.45
C GLY B 78 -56.09 52.59 45.77
N THR B 79 -56.59 53.23 46.82
CA THR B 79 -56.03 54.49 47.28
C THR B 79 -54.84 54.25 48.21
N HIS B 80 -54.06 55.31 48.44
CA HIS B 80 -53.00 55.26 49.45
C HIS B 80 -53.52 54.89 50.84
N GLU B 81 -54.66 55.46 51.23
CA GLU B 81 -55.30 55.10 52.48
C GLU B 81 -55.58 53.58 52.58
N TYR B 82 -56.12 53.02 51.49
CA TYR B 82 -56.42 51.59 51.42
CA TYR B 82 -56.41 51.59 51.40
C TYR B 82 -55.14 50.76 51.58
N HIS B 83 -54.10 51.11 50.83
CA HIS B 83 -52.84 50.36 50.84
C HIS B 83 -52.09 50.49 52.17
N ALA B 84 -52.14 51.68 52.76
CA ALA B 84 -51.56 51.92 54.07
C ALA B 84 -52.18 50.96 55.09
N GLU B 85 -53.50 50.79 55.02
CA GLU B 85 -54.21 49.93 55.96
C GLU B 85 -53.84 48.46 55.74
N THR B 86 -53.76 48.05 54.47
CA THR B 86 -53.31 46.69 54.15
C THR B 86 -51.92 46.45 54.75
N ILE B 87 -51.01 47.39 54.51
CA ILE B 87 -49.64 47.30 55.01
C ILE B 87 -49.60 47.21 56.53
N LYS B 88 -50.40 48.05 57.19
CA LYS B 88 -50.54 48.04 58.63
C LYS B 88 -50.98 46.65 59.11
N ASN B 89 -51.96 46.07 58.42
CA ASN B 89 -52.46 44.75 58.79
C ASN B 89 -51.41 43.64 58.58
N VAL B 90 -50.66 43.71 57.48
CA VAL B 90 -49.55 42.78 57.26
C VAL B 90 -48.58 42.83 58.45
N ARG B 91 -48.24 44.04 58.86
CA ARG B 91 -47.27 44.20 59.94
C ARG B 91 -47.83 43.73 61.30
N THR B 92 -49.11 43.97 61.53
CA THR B 92 -49.76 43.49 62.77
C THR B 92 -49.70 41.96 62.81
N ALA B 93 -50.02 41.33 61.70
CA ALA B 93 -50.03 39.87 61.61
C ALA B 93 -48.62 39.33 61.80
N THR B 94 -47.67 39.97 61.13
CA THR B 94 -46.26 39.54 61.17
C THR B 94 -45.72 39.64 62.60
N GLU B 95 -45.98 40.77 63.24
CA GLU B 95 -45.44 41.02 64.58
C GLU B 95 -46.13 40.20 65.67
N SER B 96 -47.26 39.60 65.34
CA SER B 96 -48.00 38.76 66.30
C SER B 96 -47.20 37.50 66.68
N PHE B 97 -46.20 37.17 65.86
CA PHE B 97 -45.31 36.04 66.05
C PHE B 97 -43.95 36.41 66.66
N ALA B 98 -43.75 37.70 66.94
CA ALA B 98 -42.43 38.21 67.33
C ALA B 98 -41.97 37.79 68.73
N SER B 99 -42.89 37.30 69.56
CA SER B 99 -42.58 36.93 70.95
C SER B 99 -41.66 35.71 71.05
N ASP B 100 -41.58 34.95 69.95
CA ASP B 100 -40.65 33.83 69.85
C ASP B 100 -39.65 34.06 68.70
N PRO B 101 -38.44 34.56 69.03
CA PRO B 101 -37.40 34.83 68.03
C PRO B 101 -36.92 33.61 67.26
N ILE B 102 -37.09 32.42 67.85
CA ILE B 102 -36.68 31.18 67.21
C ILE B 102 -37.68 30.77 66.12
N LEU B 103 -38.95 31.13 66.30
CA LEU B 103 -39.99 30.75 65.31
C LEU B 103 -40.47 31.89 64.42
N TYR B 104 -40.18 33.13 64.81
CA TYR B 104 -40.56 34.31 64.02
C TYR B 104 -40.07 34.25 62.58
N ARG B 105 -41.00 34.44 61.65
CA ARG B 105 -40.72 34.53 60.21
C ARG B 105 -40.86 35.99 59.74
N PRO B 106 -39.76 36.60 59.29
CA PRO B 106 -39.90 37.94 58.70
C PRO B 106 -40.80 37.87 57.47
N VAL B 107 -41.53 38.94 57.21
CA VAL B 107 -42.40 39.03 56.03
C VAL B 107 -42.12 40.36 55.33
N ALA B 108 -41.79 40.27 54.03
CA ALA B 108 -41.46 41.44 53.24
C ALA B 108 -42.72 42.10 52.67
N VAL B 109 -42.60 43.39 52.38
CA VAL B 109 -43.67 44.16 51.78
C VAL B 109 -43.21 44.69 50.42
N ALA B 110 -43.98 44.37 49.38
CA ALA B 110 -43.65 44.75 48.01
C ALA B 110 -44.73 45.66 47.41
N LEU B 111 -44.28 46.71 46.74
CA LEU B 111 -45.15 47.64 46.04
C LEU B 111 -45.04 47.36 44.54
N ASP B 112 -46.17 47.03 43.91
CA ASP B 112 -46.19 46.73 42.47
C ASP B 112 -46.85 47.90 41.77
N THR B 113 -46.07 48.59 40.93
CA THR B 113 -46.53 49.87 40.34
C THR B 113 -47.62 49.66 39.28
N LYS B 114 -48.47 50.68 39.12
CA LYS B 114 -49.38 50.72 37.98
C LYS B 114 -48.61 50.73 36.65
N GLY B 115 -47.68 51.67 36.50
CA GLY B 115 -46.91 51.81 35.26
C GLY B 115 -47.75 52.33 34.10
N PRO B 116 -47.20 52.28 32.87
CA PRO B 116 -47.93 52.76 31.69
C PRO B 116 -49.09 51.86 31.24
N GLU B 117 -50.09 51.70 32.11
CA GLU B 117 -51.30 50.95 31.78
C GLU B 117 -52.22 51.74 30.87
N ILE B 118 -52.92 51.02 29.99
CA ILE B 118 -54.03 51.58 29.22
C ILE B 118 -55.31 50.94 29.74
N ARG B 119 -56.31 51.75 30.08
CA ARG B 119 -57.57 51.21 30.62
C ARG B 119 -58.80 51.86 30.02
N THR B 120 -59.89 51.10 29.97
CA THR B 120 -61.18 51.58 29.48
C THR B 120 -61.91 52.34 30.59
N GLY B 121 -63.01 53.00 30.24
CA GLY B 121 -63.83 53.73 31.20
C GLY B 121 -64.89 52.88 31.86
N LEU B 122 -65.91 53.53 32.42
CA LEU B 122 -67.00 52.83 33.09
C LEU B 122 -68.06 52.35 32.09
N ALA B 129 -74.25 44.39 34.52
CA ALA B 129 -73.91 44.90 33.20
C ALA B 129 -72.66 45.80 33.26
N GLU B 130 -71.57 45.45 32.57
CA GLU B 130 -71.40 44.24 31.73
C GLU B 130 -72.05 44.34 30.34
N VAL B 131 -71.24 44.64 29.33
CA VAL B 131 -71.70 44.89 27.97
C VAL B 131 -71.17 43.83 26.99
N GLU B 132 -72.09 43.15 26.31
CA GLU B 132 -71.74 42.09 25.36
C GLU B 132 -71.22 42.66 24.03
N LEU B 133 -70.03 42.22 23.64
CA LEU B 133 -69.49 42.52 22.30
C LEU B 133 -69.58 41.27 21.43
N LYS B 134 -69.99 41.45 20.18
CA LYS B 134 -70.22 40.33 19.27
C LYS B 134 -69.30 40.34 18.06
N LYS B 135 -68.81 39.15 17.70
CA LYS B 135 -67.90 38.97 16.55
C LYS B 135 -68.47 39.61 15.28
N GLY B 136 -67.66 40.43 14.63
CA GLY B 136 -68.04 41.09 13.38
C GLY B 136 -68.64 42.47 13.56
N ALA B 137 -69.24 42.72 14.72
CA ALA B 137 -69.88 44.00 15.01
C ALA B 137 -68.87 45.13 15.17
N THR B 138 -69.31 46.35 14.89
CA THR B 138 -68.45 47.53 14.95
C THR B 138 -68.34 48.13 16.35
N LEU B 139 -67.18 48.69 16.66
CA LEU B 139 -66.93 49.37 17.93
C LEU B 139 -66.08 50.61 17.66
N LYS B 140 -66.58 51.76 18.08
CA LYS B 140 -65.81 53.00 17.98
C LYS B 140 -65.03 53.24 19.26
N ILE B 141 -63.70 53.23 19.13
CA ILE B 141 -62.81 53.61 20.22
C ILE B 141 -62.75 55.14 20.25
N THR B 142 -63.12 55.70 21.41
CA THR B 142 -63.02 57.15 21.58
C THR B 142 -62.03 57.49 22.70
N LEU B 143 -61.35 58.85 22.50
CA LEU B 143 -60.51 59.49 23.53
C LEU B 143 -61.23 60.62 24.23
N ASP B 144 -62.38 61.00 23.64
CA ASP B 144 -63.19 62.08 24.10
C ASP B 144 -63.79 61.71 25.49
N ASN B 145 -63.33 62.52 26.46
CA ASN B 145 -63.68 62.22 27.88
C ASN B 145 -65.19 62.37 28.21
N ALA B 146 -65.97 62.90 27.26
CA ALA B 146 -67.44 62.99 27.41
C ALA B 146 -68.10 61.60 27.55
N TYR B 147 -67.36 60.57 27.10
CA TYR B 147 -67.84 59.16 27.13
C TYR B 147 -67.10 58.31 28.17
N MET B 148 -66.29 58.95 29.02
CA MET B 148 -65.43 58.23 29.98
C MET B 148 -66.19 57.39 31.00
N GLU B 149 -67.47 57.71 31.21
CA GLU B 149 -68.32 56.95 32.12
C GLU B 149 -69.59 56.44 31.40
N LYS B 150 -69.55 56.44 30.08
CA LYS B 150 -70.69 56.01 29.26
C LYS B 150 -70.27 55.07 28.13
N CYS B 151 -69.49 54.04 28.47
CA CYS B 151 -69.01 53.06 27.49
C CYS B 151 -70.10 52.05 27.12
N ASP B 152 -70.28 51.85 25.81
CA ASP B 152 -71.37 51.03 25.28
C ASP B 152 -70.91 49.97 24.27
N GLU B 153 -71.88 49.41 23.54
CA GLU B 153 -71.63 48.43 22.49
C GLU B 153 -70.98 49.08 21.26
N ASN B 154 -71.25 50.37 21.09
CA ASN B 154 -70.83 51.10 19.88
C ASN B 154 -69.74 52.12 20.14
N ILE B 155 -69.65 52.60 21.38
CA ILE B 155 -68.65 53.60 21.77
C ILE B 155 -67.93 53.15 23.05
N LEU B 156 -66.61 53.03 22.95
CA LEU B 156 -65.78 52.68 24.11
C LEU B 156 -64.70 53.74 24.32
N TRP B 157 -64.65 54.28 25.52
CA TRP B 157 -63.61 55.25 25.89
C TRP B 157 -62.41 54.56 26.54
N LEU B 158 -61.21 55.08 26.26
CA LEU B 158 -60.00 54.66 26.99
C LEU B 158 -59.03 55.83 27.22
N ASP B 159 -58.10 55.63 28.14
CA ASP B 159 -57.31 56.73 28.73
C ASP B 159 -55.96 57.03 28.08
N TYR B 160 -55.63 56.33 26.99
CA TYR B 160 -54.38 56.57 26.29
C TYR B 160 -54.60 57.58 25.17
N LYS B 161 -54.17 58.81 25.41
CA LYS B 161 -54.47 59.95 24.54
C LYS B 161 -53.69 59.98 23.22
N ASN B 162 -52.59 59.23 23.15
CA ASN B 162 -51.78 59.17 21.94
C ASN B 162 -52.01 57.92 21.09
N ILE B 163 -53.11 57.20 21.38
CA ILE B 163 -53.39 55.91 20.74
C ILE B 163 -53.42 56.00 19.20
N CYS B 164 -54.04 57.04 18.67
CA CYS B 164 -54.17 57.21 17.22
C CYS B 164 -52.84 57.45 16.51
N LYS B 165 -51.89 58.05 17.24
CA LYS B 165 -50.55 58.31 16.72
C LYS B 165 -49.71 57.04 16.67
N VAL B 166 -50.10 56.03 17.46
CA VAL B 166 -49.29 54.83 17.65
C VAL B 166 -49.83 53.58 16.92
N VAL B 167 -51.15 53.54 16.68
CA VAL B 167 -51.76 52.41 15.96
C VAL B 167 -52.05 52.74 14.49
N ASP B 168 -52.02 51.72 13.64
CA ASP B 168 -52.32 51.87 12.22
C ASP B 168 -53.63 51.16 11.86
N VAL B 169 -54.01 51.24 10.60
CA VAL B 169 -55.16 50.51 10.08
C VAL B 169 -54.77 49.04 9.93
N GLY B 170 -55.56 48.15 10.52
CA GLY B 170 -55.28 46.71 10.51
C GLY B 170 -54.59 46.23 11.78
N SER B 171 -54.09 47.17 12.58
CA SER B 171 -53.43 46.84 13.84
C SER B 171 -54.46 46.38 14.88
N LYS B 172 -54.05 45.45 15.74
CA LYS B 172 -54.96 44.85 16.70
C LYS B 172 -54.91 45.49 18.09
N VAL B 173 -56.06 45.52 18.75
CA VAL B 173 -56.20 46.03 20.11
C VAL B 173 -56.91 44.99 20.97
N TYR B 174 -56.29 44.66 22.10
CA TYR B 174 -56.82 43.64 23.01
C TYR B 174 -57.40 44.26 24.27
N VAL B 175 -58.52 43.72 24.72
CA VAL B 175 -59.25 44.24 25.86
C VAL B 175 -59.58 43.11 26.84
N ASP B 176 -59.43 43.40 28.13
CA ASP B 176 -59.75 42.48 29.24
C ASP B 176 -58.94 41.18 29.21
N ASP B 177 -57.70 41.26 29.71
CA ASP B 177 -56.78 40.12 29.76
C ASP B 177 -56.60 39.42 28.39
N GLY B 178 -56.66 40.23 27.32
CA GLY B 178 -56.46 39.75 25.96
C GLY B 178 -57.53 38.80 25.44
N LEU B 179 -58.68 38.77 26.11
CA LEU B 179 -59.79 37.88 25.74
C LEU B 179 -60.67 38.45 24.63
N ILE B 180 -60.73 39.78 24.53
CA ILE B 180 -61.47 40.47 23.48
C ILE B 180 -60.47 41.10 22.51
N SER B 181 -60.66 40.86 21.20
CA SER B 181 -59.77 41.44 20.19
C SER B 181 -60.50 42.33 19.19
N LEU B 182 -59.85 43.42 18.79
CA LEU B 182 -60.42 44.37 17.83
C LEU B 182 -59.37 44.76 16.79
N GLN B 183 -59.83 45.06 15.58
CA GLN B 183 -58.96 45.48 14.49
C GLN B 183 -59.36 46.87 13.98
N VAL B 184 -58.40 47.78 13.92
CA VAL B 184 -58.63 49.17 13.51
C VAL B 184 -58.93 49.28 12.00
N LYS B 185 -60.01 50.00 11.69
CA LYS B 185 -60.45 50.17 10.30
C LYS B 185 -60.19 51.59 9.77
N GLN B 186 -60.38 52.59 10.64
CA GLN B 186 -60.14 54.00 10.29
C GLN B 186 -59.79 54.84 11.52
N LYS B 187 -59.28 56.05 11.28
CA LYS B 187 -58.92 56.99 12.34
C LYS B 187 -59.92 58.14 12.46
N PHE B 191 -60.42 59.61 17.34
CA PHE B 191 -61.14 58.35 17.55
C PHE B 191 -60.68 57.26 16.59
N LEU B 192 -61.08 56.02 16.88
CA LEU B 192 -60.76 54.86 16.05
C LEU B 192 -61.98 53.96 15.91
N VAL B 193 -62.40 53.70 14.67
CA VAL B 193 -63.51 52.76 14.43
C VAL B 193 -62.94 51.36 14.17
N THR B 194 -63.35 50.40 15.00
CA THR B 194 -62.81 49.05 14.95
C THR B 194 -63.89 47.99 14.71
N GLU B 195 -63.45 46.76 14.46
CA GLU B 195 -64.32 45.61 14.29
C GLU B 195 -64.01 44.57 15.36
N VAL B 196 -65.06 44.06 16.01
CA VAL B 196 -64.91 43.05 17.05
C VAL B 196 -64.56 41.68 16.44
N GLU B 197 -63.40 41.14 16.79
CA GLU B 197 -62.99 39.82 16.34
C GLU B 197 -63.40 38.76 17.36
N ASN B 198 -62.66 38.64 18.46
CA ASN B 198 -63.11 37.85 19.60
C ASN B 198 -63.96 38.71 20.52
N GLY B 199 -65.14 38.21 20.87
CA GLY B 199 -66.08 38.97 21.70
C GLY B 199 -66.29 38.38 23.08
N GLY B 200 -67.08 39.09 23.90
CA GLY B 200 -67.40 38.63 25.25
C GLY B 200 -68.00 39.71 26.14
N PHE B 201 -68.27 39.35 27.39
CA PHE B 201 -68.82 40.29 28.39
C PHE B 201 -67.78 41.32 28.84
N LEU B 202 -67.85 42.51 28.26
CA LEU B 202 -66.95 43.61 28.60
C LEU B 202 -67.46 44.37 29.82
N GLY B 203 -66.59 44.52 30.82
CA GLY B 203 -66.91 45.28 32.03
C GLY B 203 -66.30 46.67 32.03
N SER B 204 -66.15 47.24 33.22
CA SER B 204 -65.58 48.58 33.39
C SER B 204 -64.10 48.54 33.78
N LYS B 205 -63.35 49.55 33.32
CA LYS B 205 -61.94 49.74 33.66
C LYS B 205 -61.07 48.49 33.40
N LYS B 206 -61.21 47.95 32.19
CA LYS B 206 -60.46 46.76 31.78
C LYS B 206 -59.14 47.15 31.13
N GLY B 207 -58.17 46.23 31.19
CA GLY B 207 -56.85 46.46 30.64
C GLY B 207 -56.84 46.41 29.13
N VAL B 208 -56.02 47.27 28.52
CA VAL B 208 -55.91 47.31 27.06
C VAL B 208 -54.46 47.06 26.65
N ASN B 209 -54.26 46.14 25.71
CA ASN B 209 -52.94 45.90 25.15
C ASN B 209 -52.89 46.22 23.65
N LEU B 210 -51.79 46.83 23.23
CA LEU B 210 -51.53 47.12 21.83
C LEU B 210 -50.23 46.46 21.40
N PRO B 211 -50.25 45.14 21.15
CA PRO B 211 -49.03 44.44 20.75
C PRO B 211 -48.56 44.94 19.39
N GLY B 212 -47.25 45.14 19.25
CA GLY B 212 -46.69 45.64 17.99
C GLY B 212 -46.56 47.15 17.93
N ALA B 213 -47.45 47.85 18.63
CA ALA B 213 -47.43 49.32 18.72
C ALA B 213 -46.37 49.78 19.71
N ALA B 214 -45.69 50.88 19.38
CA ALA B 214 -44.68 51.46 20.26
C ALA B 214 -45.32 52.48 21.22
N VAL B 215 -45.98 51.96 22.25
CA VAL B 215 -46.71 52.78 23.23
C VAL B 215 -45.77 53.76 23.94
N ASP B 216 -46.09 55.05 23.84
CA ASP B 216 -45.17 56.11 24.26
C ASP B 216 -45.52 56.76 25.61
N LEU B 217 -46.28 56.04 26.43
CA LEU B 217 -46.55 56.45 27.82
C LEU B 217 -45.25 56.41 28.62
N PRO B 218 -45.14 57.27 29.67
CA PRO B 218 -43.89 57.30 30.42
C PRO B 218 -43.71 56.02 31.23
N ALA B 219 -42.46 55.60 31.42
CA ALA B 219 -42.19 54.42 32.23
C ALA B 219 -42.60 54.69 33.67
N VAL B 220 -42.44 55.94 34.09
CA VAL B 220 -42.78 56.35 35.44
C VAL B 220 -43.65 57.61 35.34
N SER B 221 -44.96 57.43 35.53
CA SER B 221 -45.93 58.51 35.43
C SER B 221 -45.97 59.34 36.71
N GLU B 222 -46.71 60.45 36.69
CA GLU B 222 -46.87 61.26 37.89
C GLU B 222 -47.53 60.44 39.01
N LYS B 223 -48.48 59.57 38.64
CA LYS B 223 -49.11 58.65 39.59
C LYS B 223 -48.09 57.67 40.18
N ASP B 224 -47.24 57.09 39.32
CA ASP B 224 -46.19 56.18 39.79
C ASP B 224 -45.25 56.92 40.75
N ILE B 225 -44.92 58.16 40.42
CA ILE B 225 -44.04 58.98 41.27
C ILE B 225 -44.64 59.15 42.68
N GLN B 226 -45.93 59.48 42.76
CA GLN B 226 -46.63 59.58 44.04
C GLN B 226 -46.63 58.25 44.79
N ASP B 227 -46.82 57.15 44.05
CA ASP B 227 -46.84 55.82 44.66
C ASP B 227 -45.49 55.39 45.19
N LEU B 228 -44.42 55.71 44.46
CA LEU B 228 -43.06 55.36 44.87
C LEU B 228 -42.64 56.14 46.11
N LYS B 229 -43.01 57.42 46.17
CA LYS B 229 -42.76 58.24 47.36
C LYS B 229 -43.50 57.68 48.57
N PHE B 230 -44.74 57.25 48.35
CA PHE B 230 -45.55 56.57 49.37
C PHE B 230 -44.85 55.30 49.88
N GLY B 231 -44.31 54.51 48.94
CA GLY B 231 -43.59 53.28 49.28
C GLY B 231 -42.39 53.57 50.18
N VAL B 232 -41.69 54.67 49.89
CA VAL B 232 -40.56 55.11 50.71
C VAL B 232 -41.03 55.47 52.13
N GLU B 233 -42.10 56.25 52.21
CA GLU B 233 -42.69 56.66 53.50
C GLU B 233 -43.16 55.44 54.30
N GLN B 234 -43.66 54.44 53.59
CA GLN B 234 -44.22 53.22 54.21
C GLN B 234 -43.17 52.15 54.49
N ASP B 235 -41.90 52.44 54.14
CA ASP B 235 -40.78 51.55 54.43
C ASP B 235 -40.90 50.19 53.73
N VAL B 236 -41.36 50.20 52.48
CA VAL B 236 -41.44 48.94 51.71
C VAL B 236 -40.05 48.37 51.43
N ASP B 237 -40.01 47.07 51.20
CA ASP B 237 -38.73 46.37 50.98
C ASP B 237 -38.30 46.32 49.54
N MET B 238 -39.28 46.35 48.64
CA MET B 238 -39.01 46.16 47.23
C MET B 238 -40.13 46.76 46.41
N VAL B 239 -39.77 47.16 45.20
CA VAL B 239 -40.72 47.66 44.22
C VAL B 239 -40.72 46.71 43.04
N PHE B 240 -41.90 46.31 42.58
CA PHE B 240 -42.03 45.56 41.34
C PHE B 240 -42.45 46.58 40.28
N ALA B 241 -41.51 46.97 39.41
CA ALA B 241 -41.77 48.02 38.43
C ALA B 241 -42.38 47.47 37.13
N SER B 242 -43.61 47.90 36.84
CA SER B 242 -44.35 47.39 35.68
C SER B 242 -43.85 47.94 34.33
N PHE B 243 -43.88 47.05 33.34
CA PHE B 243 -43.61 47.40 31.93
C PHE B 243 -42.24 48.01 31.67
N ILE B 244 -41.23 47.47 32.34
CA ILE B 244 -39.84 47.92 32.12
C ILE B 244 -39.39 47.50 30.71
N ARG B 245 -38.97 48.48 29.91
CA ARG B 245 -38.60 48.26 28.51
C ARG B 245 -37.09 48.36 28.21
N LYS B 246 -36.35 48.99 29.12
CA LYS B 246 -34.95 49.35 28.88
C LYS B 246 -34.28 49.77 30.18
N ALA B 247 -32.95 49.76 30.20
CA ALA B 247 -32.21 50.12 31.42
C ALA B 247 -32.60 51.52 31.91
N ALA B 248 -32.80 52.46 30.98
CA ALA B 248 -33.17 53.83 31.33
C ALA B 248 -34.43 53.92 32.21
N ASP B 249 -35.37 52.99 32.01
CA ASP B 249 -36.61 52.93 32.81
C ASP B 249 -36.30 52.56 34.27
N VAL B 250 -35.39 51.61 34.45
CA VAL B 250 -34.93 51.18 35.78
C VAL B 250 -34.24 52.35 36.47
N HIS B 251 -33.36 53.06 35.75
CA HIS B 251 -32.66 54.22 36.31
C HIS B 251 -33.64 55.31 36.78
N GLU B 252 -34.73 55.47 36.04
N GLU B 252 -34.74 55.48 36.06
CA GLU B 252 -35.79 56.43 36.39
CA GLU B 252 -35.75 56.47 36.43
C GLU B 252 -36.39 56.08 37.75
C GLU B 252 -36.42 56.09 37.76
N VAL B 253 -36.77 54.81 37.92
CA VAL B 253 -37.35 54.33 39.17
C VAL B 253 -36.35 54.51 40.32
N ARG B 254 -35.09 54.17 40.08
CA ARG B 254 -34.02 54.33 41.07
C ARG B 254 -33.88 55.80 41.50
N LYS B 255 -33.97 56.71 40.53
CA LYS B 255 -33.83 58.14 40.81
C LYS B 255 -34.98 58.67 41.66
N ILE B 256 -36.20 58.20 41.38
CA ILE B 256 -37.38 58.60 42.15
C ILE B 256 -37.29 58.10 43.60
N LEU B 257 -36.89 56.83 43.77
CA LEU B 257 -36.65 56.29 45.11
C LEU B 257 -35.56 57.09 45.83
N GLY B 258 -34.56 57.52 45.07
CA GLY B 258 -33.55 58.47 45.54
C GLY B 258 -32.73 57.99 46.72
N GLU B 259 -32.19 58.95 47.46
CA GLU B 259 -31.32 58.65 48.59
C GLU B 259 -32.05 57.92 49.72
N LYS B 260 -33.21 58.42 50.12
CA LYS B 260 -33.98 57.80 51.19
CA LYS B 260 -33.99 57.81 51.19
C LYS B 260 -34.39 56.37 50.84
N GLY B 261 -34.66 56.13 49.55
CA GLY B 261 -35.08 54.80 49.10
C GLY B 261 -33.98 53.94 48.48
N LYS B 262 -32.73 54.29 48.73
CA LYS B 262 -31.60 53.63 48.04
C LYS B 262 -31.44 52.14 48.34
N ASN B 263 -31.97 51.69 49.48
CA ASN B 263 -31.85 50.27 49.85
C ASN B 263 -33.08 49.45 49.50
N ILE B 264 -34.06 50.09 48.88
CA ILE B 264 -35.26 49.39 48.40
C ILE B 264 -34.88 48.66 47.12
N LYS B 265 -35.18 47.36 47.04
CA LYS B 265 -34.79 46.58 45.86
C LYS B 265 -35.75 46.82 44.70
N ILE B 266 -35.21 47.02 43.50
CA ILE B 266 -36.04 47.23 42.31
C ILE B 266 -36.08 45.96 41.48
N ILE B 267 -37.28 45.41 41.36
CA ILE B 267 -37.51 44.20 40.57
C ILE B 267 -38.21 44.62 39.30
N SER B 268 -37.55 44.42 38.16
CA SER B 268 -38.13 44.87 36.90
C SER B 268 -39.05 43.80 36.35
N LYS B 269 -40.26 44.22 36.00
CA LYS B 269 -41.23 43.30 35.42
C LYS B 269 -41.06 43.30 33.92
N ILE B 270 -40.78 42.11 33.38
CA ILE B 270 -40.71 41.92 31.94
C ILE B 270 -42.08 41.47 31.44
N GLU B 271 -42.75 42.32 30.67
CA GLU B 271 -44.08 41.96 30.18
C GLU B 271 -44.40 42.45 28.77
N ASN B 272 -43.35 42.76 28.00
CA ASN B 272 -43.54 43.09 26.59
C ASN B 272 -42.36 42.69 25.74
N HIS B 273 -42.52 42.82 24.42
CA HIS B 273 -41.50 42.37 23.50
C HIS B 273 -40.19 43.13 23.72
N GLU B 274 -40.28 44.45 23.92
CA GLU B 274 -39.06 45.25 24.12
C GLU B 274 -38.27 44.85 25.37
N GLY B 275 -38.98 44.54 26.46
CA GLY B 275 -38.32 44.10 27.70
C GLY B 275 -37.54 42.80 27.52
N VAL B 276 -38.10 41.89 26.72
CA VAL B 276 -37.41 40.64 26.38
C VAL B 276 -36.19 40.92 25.50
N ARG B 277 -36.37 41.74 24.47
CA ARG B 277 -35.31 42.10 23.52
CA ARG B 277 -35.30 42.06 23.55
C ARG B 277 -34.15 42.81 24.23
N ARG B 278 -34.49 43.67 25.19
CA ARG B 278 -33.49 44.48 25.90
C ARG B 278 -33.19 43.89 27.28
N PHE B 279 -33.45 42.60 27.44
CA PHE B 279 -33.37 42.00 28.76
C PHE B 279 -32.01 42.14 29.44
N ASP B 280 -30.92 41.94 28.70
CA ASP B 280 -29.60 41.96 29.36
C ASP B 280 -29.31 43.28 30.06
N GLU B 281 -29.61 44.41 29.40
CA GLU B 281 -29.35 45.72 30.00
CA GLU B 281 -29.33 45.70 30.02
C GLU B 281 -30.28 45.99 31.19
N ILE B 282 -31.49 45.45 31.12
CA ILE B 282 -32.47 45.59 32.20
C ILE B 282 -31.97 44.82 33.41
N LEU B 283 -31.53 43.57 33.20
CA LEU B 283 -31.00 42.78 34.29
C LEU B 283 -29.82 43.46 34.98
N GLU B 284 -28.90 44.01 34.19
CA GLU B 284 -27.71 44.66 34.76
CA GLU B 284 -27.71 44.67 34.74
C GLU B 284 -28.10 45.84 35.65
N ALA B 285 -29.13 46.58 35.25
CA ALA B 285 -29.58 47.76 36.00
C ALA B 285 -30.42 47.41 37.23
N SER B 286 -31.04 46.23 37.21
CA SER B 286 -32.06 45.86 38.22
C SER B 286 -31.50 45.05 39.38
N ASP B 287 -32.24 45.01 40.48
CA ASP B 287 -31.87 44.14 41.60
C ASP B 287 -32.40 42.71 41.41
N GLY B 288 -33.43 42.58 40.57
CA GLY B 288 -34.04 41.29 40.27
C GLY B 288 -35.08 41.47 39.20
N ILE B 289 -35.75 40.37 38.83
CA ILE B 289 -36.66 40.37 37.69
C ILE B 289 -37.93 39.61 38.04
N MET B 290 -39.05 40.06 37.50
CA MET B 290 -40.27 39.26 37.50
C MET B 290 -40.65 38.91 36.06
N VAL B 291 -40.96 37.65 35.82
CA VAL B 291 -41.56 37.22 34.55
C VAL B 291 -43.06 37.44 34.69
N ALA B 292 -43.53 38.56 34.14
CA ALA B 292 -44.91 39.00 34.35
C ALA B 292 -45.75 38.41 33.22
N ARG B 293 -46.13 37.14 33.40
CA ARG B 293 -46.60 36.33 32.27
C ARG B 293 -47.96 36.76 31.72
N GLY B 294 -48.75 37.45 32.54
CA GLY B 294 -50.10 37.88 32.16
C GLY B 294 -50.02 38.81 30.97
N ASP B 295 -49.44 39.98 31.18
CA ASP B 295 -49.24 40.92 30.06
C ASP B 295 -48.28 40.38 29.00
N LEU B 296 -47.27 39.60 29.40
CA LEU B 296 -46.31 39.09 28.41
C LEU B 296 -47.03 38.24 27.37
N GLY B 297 -47.96 37.41 27.84
CA GLY B 297 -48.72 36.48 26.98
C GLY B 297 -49.80 37.10 26.12
N ILE B 298 -50.03 38.41 26.31
CA ILE B 298 -50.90 39.20 25.40
C ILE B 298 -50.02 39.97 24.42
N GLU B 299 -48.90 40.51 24.90
CA GLU B 299 -47.95 41.30 24.10
C GLU B 299 -47.21 40.48 23.05
N ILE B 300 -46.87 39.25 23.42
CA ILE B 300 -46.27 38.30 22.51
C ILE B 300 -47.18 37.06 22.40
N PRO B 301 -47.02 36.26 21.33
CA PRO B 301 -47.82 35.03 21.19
C PRO B 301 -47.76 34.17 22.45
N ALA B 302 -48.92 33.75 22.93
CA ALA B 302 -48.99 33.01 24.20
C ALA B 302 -48.11 31.76 24.19
N GLU B 303 -48.02 31.12 23.02
CA GLU B 303 -47.23 29.89 22.87
C GLU B 303 -45.73 30.14 23.02
N LYS B 304 -45.31 31.40 23.06
CA LYS B 304 -43.88 31.73 23.20
C LYS B 304 -43.48 32.09 24.63
N VAL B 305 -44.47 32.23 25.52
CA VAL B 305 -44.15 32.69 26.89
C VAL B 305 -43.14 31.79 27.62
N PHE B 306 -43.27 30.48 27.48
CA PHE B 306 -42.34 29.56 28.16
C PHE B 306 -40.89 29.77 27.74
N LEU B 307 -40.67 30.25 26.51
CA LEU B 307 -39.33 30.51 26.01
C LEU B 307 -38.74 31.69 26.75
N ALA B 308 -39.54 32.75 26.88
CA ALA B 308 -39.10 33.91 27.62
C ALA B 308 -38.88 33.57 29.10
N GLN B 309 -39.79 32.78 29.66
CA GLN B 309 -39.67 32.42 31.07
C GLN B 309 -38.36 31.66 31.34
N LYS B 310 -38.09 30.65 30.51
CA LYS B 310 -36.90 29.82 30.71
C LYS B 310 -35.62 30.62 30.45
N MET B 311 -35.63 31.46 29.41
CA MET B 311 -34.47 32.32 29.12
C MET B 311 -34.17 33.27 30.28
N ILE B 312 -35.22 33.92 30.79
CA ILE B 312 -35.07 34.92 31.83
C ILE B 312 -34.60 34.28 33.14
N ILE B 313 -35.22 33.18 33.53
CA ILE B 313 -34.81 32.47 34.75
C ILE B 313 -33.36 32.02 34.63
N GLY B 314 -33.00 31.46 33.47
CA GLY B 314 -31.64 31.01 33.21
C GLY B 314 -30.62 32.13 33.36
N ARG B 315 -30.91 33.27 32.74
CA ARG B 315 -29.98 34.39 32.78
C ARG B 315 -29.90 35.01 34.17
N CYS B 316 -31.03 35.04 34.90
CA CYS B 316 -31.00 35.53 36.27
C CYS B 316 -30.18 34.61 37.17
N ASN B 317 -30.37 33.30 37.01
CA ASN B 317 -29.60 32.32 37.77
C ASN B 317 -28.10 32.51 37.53
N ARG B 318 -27.72 32.73 36.27
CA ARG B 318 -26.32 32.90 35.88
C ARG B 318 -25.71 34.14 36.54
N ALA B 319 -26.53 35.18 36.70
CA ALA B 319 -26.10 36.44 37.32
C ALA B 319 -26.18 36.44 38.85
N GLY B 320 -26.90 35.46 39.40
CA GLY B 320 -27.17 35.42 40.83
C GLY B 320 -28.15 36.51 41.25
N LYS B 321 -29.02 36.93 40.35
CA LYS B 321 -30.05 37.91 40.69
C LYS B 321 -31.42 37.26 40.83
N PRO B 322 -32.21 37.66 41.84
CA PRO B 322 -33.54 37.07 42.07
C PRO B 322 -34.44 37.14 40.84
N VAL B 323 -35.17 36.05 40.61
CA VAL B 323 -36.18 36.01 39.56
C VAL B 323 -37.48 35.39 40.10
N ILE B 324 -38.59 36.08 39.81
CA ILE B 324 -39.93 35.68 40.25
C ILE B 324 -40.74 35.17 39.06
N CYS B 325 -41.34 33.99 39.18
CA CYS B 325 -42.33 33.53 38.19
C CYS B 325 -43.72 33.94 38.66
N ALA B 326 -44.45 34.65 37.80
CA ALA B 326 -45.75 35.19 38.17
C ALA B 326 -46.88 34.86 37.22
N THR B 327 -48.10 34.84 37.79
CA THR B 327 -49.37 34.99 37.07
C THR B 327 -50.01 33.70 36.54
N GLN B 328 -51.22 33.45 37.07
CA GLN B 328 -52.07 32.32 36.72
CA GLN B 328 -52.07 32.31 36.71
C GLN B 328 -51.48 30.94 37.05
N MET B 329 -50.55 30.90 38.01
CA MET B 329 -49.92 29.63 38.37
C MET B 329 -50.91 28.62 38.92
N LEU B 330 -51.85 29.09 39.75
CA LEU B 330 -52.88 28.23 40.33
C LEU B 330 -54.26 28.85 40.09
N GLU B 331 -54.44 29.42 38.90
CA GLU B 331 -55.61 30.25 38.61
C GLU B 331 -56.97 29.64 38.95
N SER B 332 -57.15 28.35 38.68
CA SER B 332 -58.46 27.73 38.91
C SER B 332 -58.84 27.74 40.40
N MET B 333 -57.84 27.88 41.28
CA MET B 333 -58.08 27.91 42.71
C MET B 333 -58.75 29.19 43.20
N ILE B 334 -58.95 30.17 42.32
CA ILE B 334 -59.81 31.32 42.65
C ILE B 334 -61.21 30.81 43.01
N LYS B 335 -61.68 29.77 42.32
CA LYS B 335 -63.04 29.26 42.52
CA LYS B 335 -63.05 29.26 42.51
C LYS B 335 -63.11 27.82 43.04
N LYS B 336 -62.02 27.06 42.88
CA LYS B 336 -61.96 25.64 43.28
C LYS B 336 -60.90 25.36 44.35
N PRO B 337 -61.15 24.38 45.24
CA PRO B 337 -60.23 24.08 46.35
C PRO B 337 -58.99 23.28 45.99
N ARG B 338 -58.96 22.77 44.76
CA ARG B 338 -57.84 21.97 44.24
CA ARG B 338 -57.82 22.01 44.26
C ARG B 338 -57.47 22.52 42.87
N PRO B 339 -56.16 22.54 42.53
CA PRO B 339 -55.72 23.06 41.22
C PRO B 339 -55.89 22.04 40.09
N THR B 340 -55.77 22.50 38.84
CA THR B 340 -55.78 21.57 37.71
C THR B 340 -54.41 20.91 37.59
N ARG B 341 -54.34 19.87 36.76
CA ARG B 341 -53.08 19.16 36.56
C ARG B 341 -52.07 20.08 35.88
N ALA B 342 -52.54 20.96 34.98
CA ALA B 342 -51.65 21.94 34.34
C ALA B 342 -51.04 22.92 35.34
N GLU B 343 -51.83 23.32 36.33
CA GLU B 343 -51.36 24.25 37.35
C GLU B 343 -50.31 23.58 38.25
N GLY B 344 -50.53 22.33 38.65
CA GLY B 344 -49.53 21.58 39.42
C GLY B 344 -48.20 21.51 38.66
N SER B 345 -48.29 21.18 37.38
CA SER B 345 -47.14 21.11 36.49
CA SER B 345 -47.10 21.10 36.52
C SER B 345 -46.42 22.47 36.37
N ASP B 346 -47.20 23.52 36.18
CA ASP B 346 -46.62 24.85 36.01
C ASP B 346 -45.76 25.25 37.22
N VAL B 347 -46.30 25.08 38.43
CA VAL B 347 -45.55 25.45 39.62
C VAL B 347 -44.26 24.60 39.71
N ALA B 348 -44.38 23.28 39.53
CA ALA B 348 -43.21 22.41 39.61
C ALA B 348 -42.17 22.81 38.60
N ASN B 349 -42.59 23.06 37.37
CA ASN B 349 -41.61 23.41 36.34
C ASN B 349 -40.96 24.77 36.53
N ALA B 350 -41.65 25.74 37.14
CA ALA B 350 -41.04 27.02 37.47
C ALA B 350 -39.92 26.82 38.49
N VAL B 351 -40.16 25.95 39.46
CA VAL B 351 -39.14 25.64 40.46
C VAL B 351 -37.96 24.92 39.79
N LEU B 352 -38.27 23.94 38.96
CA LEU B 352 -37.22 23.22 38.22
C LEU B 352 -36.41 24.14 37.31
N ASP B 353 -37.09 25.13 36.69
CA ASP B 353 -36.45 26.10 35.80
C ASP B 353 -35.41 26.90 36.58
N GLY B 354 -35.70 27.15 37.86
CA GLY B 354 -34.77 27.87 38.75
C GLY B 354 -35.34 29.15 39.37
N ALA B 355 -36.65 29.36 39.32
CA ALA B 355 -37.25 30.59 39.89
C ALA B 355 -36.93 30.69 41.37
N ASP B 356 -36.47 31.84 41.83
CA ASP B 356 -36.23 32.04 43.27
C ASP B 356 -37.53 32.10 44.05
N CYS B 357 -38.51 32.80 43.47
CA CYS B 357 -39.85 32.96 44.05
C CYS B 357 -40.93 32.60 43.04
N ILE B 358 -42.08 32.15 43.56
CA ILE B 358 -43.30 31.98 42.78
C ILE B 358 -44.38 32.87 43.38
N MET B 359 -45.39 33.21 42.58
CA MET B 359 -46.32 34.24 43.00
C MET B 359 -47.77 33.80 42.86
N LEU B 360 -48.61 34.42 43.69
CA LEU B 360 -50.05 34.26 43.58
C LEU B 360 -50.66 35.65 43.46
N SER B 361 -51.65 35.77 42.58
CA SER B 361 -52.35 37.04 42.33
C SER B 361 -53.81 36.92 42.78
N GLY B 362 -54.74 36.71 41.85
CA GLY B 362 -56.16 36.59 42.23
C GLY B 362 -56.41 35.46 43.21
N GLU B 363 -55.57 34.43 43.15
CA GLU B 363 -55.69 33.27 44.04
C GLU B 363 -55.69 33.67 45.51
N THR B 364 -54.89 34.67 45.87
CA THR B 364 -54.86 35.16 47.25
C THR B 364 -55.56 36.51 47.42
N ALA B 365 -55.59 37.31 46.37
CA ALA B 365 -56.19 38.65 46.48
C ALA B 365 -57.71 38.64 46.59
N LYS B 366 -58.36 37.80 45.80
CA LYS B 366 -59.83 37.82 45.70
C LYS B 366 -60.53 36.46 45.76
N GLY B 367 -59.77 35.39 45.66
CA GLY B 367 -60.32 34.04 45.55
C GLY B 367 -61.02 33.53 46.80
N ASP B 368 -61.67 32.38 46.64
CA ASP B 368 -62.41 31.72 47.71
C ASP B 368 -61.54 30.80 48.54
N TYR B 369 -60.31 30.56 48.07
CA TYR B 369 -59.40 29.61 48.71
C TYR B 369 -57.95 30.13 48.84
N PRO B 370 -57.77 31.34 49.42
CA PRO B 370 -56.40 31.88 49.49
C PRO B 370 -55.41 30.99 50.26
N LEU B 371 -55.83 30.43 51.39
CA LEU B 371 -54.90 29.62 52.20
C LEU B 371 -54.54 28.34 51.48
N GLU B 372 -55.52 27.69 50.86
CA GLU B 372 -55.27 26.48 50.08
C GLU B 372 -54.27 26.72 48.95
N ALA B 373 -54.40 27.88 48.31
CA ALA B 373 -53.48 28.24 47.22
C ALA B 373 -52.04 28.37 47.74
N VAL B 374 -51.87 29.05 48.88
CA VAL B 374 -50.52 29.21 49.45
C VAL B 374 -49.97 27.82 49.84
N ARG B 375 -50.81 27.03 50.50
CA ARG B 375 -50.40 25.69 50.94
C ARG B 375 -49.99 24.78 49.78
N MET B 376 -50.72 24.89 48.66
CA MET B 376 -50.40 24.10 47.48
C MET B 376 -49.06 24.53 46.86
N GLN B 377 -48.80 25.82 46.76
CA GLN B 377 -47.48 26.27 46.28
C GLN B 377 -46.35 25.72 47.16
N HIS B 378 -46.57 25.72 48.47
CA HIS B 378 -45.60 25.18 49.41
C HIS B 378 -45.34 23.69 49.13
N LEU B 379 -46.41 22.91 49.02
CA LEU B 379 -46.25 21.45 48.78
C LEU B 379 -45.55 21.15 47.46
N ILE B 380 -45.97 21.83 46.40
CA ILE B 380 -45.37 21.57 45.08
C ILE B 380 -43.90 21.99 45.06
N ALA B 381 -43.61 23.17 45.62
CA ALA B 381 -42.22 23.67 45.60
C ALA B 381 -41.30 22.68 46.31
N ARG B 382 -41.71 22.14 47.45
CA ARG B 382 -40.84 21.20 48.17
C ARG B 382 -40.51 19.96 47.36
N GLU B 383 -41.52 19.44 46.67
CA GLU B 383 -41.33 18.24 45.84
C GLU B 383 -40.41 18.55 44.66
N ALA B 384 -40.65 19.68 44.01
CA ALA B 384 -39.85 20.06 42.85
C ALA B 384 -38.40 20.38 43.22
N GLU B 385 -38.20 20.96 44.40
CA GLU B 385 -36.84 21.30 44.86
C GLU B 385 -35.95 20.07 44.97
N ALA B 386 -36.52 18.98 45.48
CA ALA B 386 -35.78 17.72 45.60
C ALA B 386 -35.42 17.15 44.23
N ALA B 387 -36.33 17.36 43.28
CA ALA B 387 -36.22 16.84 41.92
C ALA B 387 -35.26 17.61 41.00
N MET B 388 -34.70 18.73 41.48
CA MET B 388 -33.65 19.42 40.71
C MET B 388 -32.46 18.49 40.56
N PHE B 389 -31.66 18.69 39.50
CA PHE B 389 -30.48 17.87 39.28
C PHE B 389 -29.28 18.68 39.78
N HIS B 390 -29.11 18.73 41.11
CA HIS B 390 -28.17 19.67 41.71
C HIS B 390 -26.75 19.55 41.19
N ARG B 391 -26.24 18.33 41.02
CA ARG B 391 -24.86 18.14 40.56
CA ARG B 391 -24.87 18.14 40.57
C ARG B 391 -24.63 18.84 39.23
N LYS B 392 -25.54 18.64 38.28
CA LYS B 392 -25.39 19.23 36.96
C LYS B 392 -25.58 20.73 37.02
N LEU B 393 -26.59 21.18 37.77
CA LEU B 393 -26.85 22.59 37.93
C LEU B 393 -25.63 23.34 38.48
N PHE B 394 -25.05 22.79 39.55
CA PHE B 394 -23.88 23.40 40.15
C PHE B 394 -22.72 23.50 39.15
N GLU B 395 -22.48 22.41 38.43
CA GLU B 395 -21.40 22.38 37.44
C GLU B 395 -21.62 23.48 36.40
N GLU B 396 -22.86 23.60 35.96
CA GLU B 396 -23.20 24.55 34.90
C GLU B 396 -23.15 26.01 35.35
N LEU B 397 -23.55 26.26 36.59
CA LEU B 397 -23.43 27.61 37.19
C LEU B 397 -21.97 28.00 37.37
N ALA B 398 -21.17 27.05 37.85
CA ALA B 398 -19.72 27.27 38.02
C ALA B 398 -19.09 27.64 36.69
N ARG B 399 -19.43 26.90 35.63
CA ARG B 399 -18.86 27.18 34.33
CA ARG B 399 -18.91 27.15 34.29
C ARG B 399 -19.27 28.57 33.83
N ALA B 400 -20.52 28.95 34.04
CA ALA B 400 -20.98 30.25 33.55
C ALA B 400 -20.31 31.45 34.23
N SER B 401 -19.91 31.29 35.50
CA SER B 401 -19.33 32.38 36.27
CA SER B 401 -19.33 32.40 36.24
C SER B 401 -17.81 32.30 36.37
N SER B 402 -17.21 31.39 35.60
CA SER B 402 -15.78 31.10 35.68
C SER B 402 -14.83 32.30 35.43
N GLN B 403 -15.32 33.33 34.74
CA GLN B 403 -14.53 34.56 34.55
C GLN B 403 -14.29 35.32 35.86
N SER B 404 -15.19 35.11 36.82
CA SER B 404 -15.10 35.78 38.11
C SER B 404 -14.23 34.96 39.07
N THR B 405 -13.32 35.65 39.76
CA THR B 405 -12.50 35.03 40.80
C THR B 405 -12.85 35.60 42.19
N ASP B 406 -14.07 36.12 42.32
CA ASP B 406 -14.53 36.79 43.54
C ASP B 406 -14.37 35.89 44.77
N LEU B 407 -13.87 36.46 45.86
CA LEU B 407 -13.56 35.63 47.05
C LEU B 407 -14.79 35.06 47.73
N MET B 408 -15.85 35.87 47.85
CA MET B 408 -17.09 35.36 48.40
C MET B 408 -17.69 34.26 47.52
N GLU B 409 -17.62 34.41 46.19
CA GLU B 409 -18.10 33.34 45.30
C GLU B 409 -17.33 32.07 45.56
N ALA B 410 -16.03 32.20 45.82
CA ALA B 410 -15.19 31.02 46.10
C ALA B 410 -15.62 30.35 47.41
N MET B 411 -15.87 31.13 48.45
CA MET B 411 -16.40 30.60 49.72
C MET B 411 -17.75 29.93 49.52
N ALA B 412 -18.61 30.55 48.71
CA ALA B 412 -19.94 30.03 48.48
C ALA B 412 -19.88 28.69 47.74
N MET B 413 -19.06 28.64 46.68
CA MET B 413 -18.92 27.42 45.89
C MET B 413 -18.33 26.31 46.74
N GLY B 414 -17.30 26.64 47.52
CA GLY B 414 -16.68 25.63 48.41
C GLY B 414 -17.68 25.06 49.40
N SER B 415 -18.49 25.96 49.98
CA SER B 415 -19.46 25.61 51.00
C SER B 415 -20.58 24.76 50.43
N VAL B 416 -21.08 25.15 49.25
CA VAL B 416 -22.12 24.38 48.60
C VAL B 416 -21.58 22.99 48.22
N GLU B 417 -20.39 22.94 47.63
CA GLU B 417 -19.72 21.68 47.33
CA GLU B 417 -19.75 21.67 47.31
C GLU B 417 -19.62 20.78 48.56
N ALA B 418 -19.15 21.34 49.66
CA ALA B 418 -19.01 20.58 50.90
C ALA B 418 -20.39 20.09 51.34
N SER B 419 -21.40 20.96 51.22
CA SER B 419 -22.76 20.57 51.62
C SER B 419 -23.31 19.38 50.82
N TYR B 420 -22.97 19.30 49.53
CA TYR B 420 -23.36 18.15 48.72
C TYR B 420 -22.64 16.90 49.18
N LYS B 421 -21.33 17.03 49.45
CA LYS B 421 -20.49 15.86 49.74
C LYS B 421 -20.90 15.16 51.03
N CYS B 422 -21.14 15.94 52.08
CA CYS B 422 -21.50 15.34 53.38
C CYS B 422 -23.00 15.32 53.67
N LEU B 423 -23.80 15.69 52.66
CA LEU B 423 -25.27 15.74 52.77
C LEU B 423 -25.63 16.52 54.03
N ALA B 424 -25.06 17.72 54.12
CA ALA B 424 -25.29 18.63 55.25
C ALA B 424 -26.76 18.99 55.34
N ALA B 425 -27.25 19.18 56.57
CA ALA B 425 -28.68 19.46 56.75
C ALA B 425 -29.03 20.92 56.54
N ALA B 426 -28.02 21.79 56.55
CA ALA B 426 -28.23 23.22 56.35
C ALA B 426 -26.89 23.91 56.17
N LEU B 427 -26.94 25.12 55.64
CA LEU B 427 -25.82 26.05 55.67
C LEU B 427 -26.23 27.23 56.52
N ILE B 428 -25.42 27.57 57.51
CA ILE B 428 -25.71 28.70 58.39
C ILE B 428 -24.78 29.83 57.96
N VAL B 429 -25.34 31.00 57.72
CA VAL B 429 -24.56 32.12 57.20
C VAL B 429 -24.84 33.36 58.04
N LEU B 430 -23.78 33.95 58.60
CA LEU B 430 -23.90 35.19 59.36
C LEU B 430 -23.67 36.38 58.42
N THR B 431 -24.65 37.28 58.32
CA THR B 431 -24.58 38.32 57.28
C THR B 431 -25.33 39.58 57.70
N GLU B 432 -24.77 40.75 57.41
CA GLU B 432 -25.45 41.99 57.75
CA GLU B 432 -25.40 42.04 57.75
C GLU B 432 -26.12 42.61 56.53
N SER B 433 -25.44 42.62 55.38
CA SER B 433 -26.01 43.14 54.14
C SER B 433 -26.82 42.09 53.39
N GLY B 434 -26.59 40.82 53.72
CA GLY B 434 -27.20 39.70 53.01
C GLY B 434 -26.30 39.13 51.94
N ARG B 435 -25.27 39.89 51.52
CA ARG B 435 -24.44 39.52 50.37
C ARG B 435 -23.85 38.12 50.44
N SER B 436 -23.28 37.75 51.59
CA SER B 436 -22.68 36.42 51.72
C SER B 436 -23.72 35.32 51.51
N ALA B 437 -24.90 35.49 52.11
CA ALA B 437 -25.96 34.51 51.93
C ALA B 437 -26.49 34.47 50.50
N HIS B 438 -26.57 35.63 49.84
CA HIS B 438 -27.02 35.66 48.45
C HIS B 438 -26.09 34.84 47.54
N GLN B 439 -24.78 34.93 47.81
CA GLN B 439 -23.82 34.19 46.98
CA GLN B 439 -23.79 34.19 47.00
C GLN B 439 -23.93 32.68 47.20
N VAL B 440 -24.27 32.27 48.42
CA VAL B 440 -24.49 30.85 48.67
C VAL B 440 -25.75 30.38 47.91
N ALA B 441 -26.84 31.13 48.03
CA ALA B 441 -28.09 30.82 47.34
C ALA B 441 -27.91 30.65 45.83
N ARG B 442 -27.07 31.50 45.26
CA ARG B 442 -26.82 31.51 43.83
C ARG B 442 -26.30 30.17 43.33
N TYR B 443 -25.52 29.48 44.16
CA TYR B 443 -24.94 28.19 43.77
C TYR B 443 -25.80 26.96 44.12
N ARG B 444 -27.02 27.21 44.60
CA ARG B 444 -28.09 26.21 44.64
C ARG B 444 -27.79 24.94 45.45
N PRO B 445 -27.52 25.11 46.75
CA PRO B 445 -27.42 23.92 47.59
C PRO B 445 -28.81 23.26 47.67
N ARG B 446 -28.89 21.98 48.02
CA ARG B 446 -30.20 21.42 48.29
C ARG B 446 -30.67 21.74 49.73
N ALA B 447 -29.71 21.90 50.63
CA ALA B 447 -30.03 22.20 52.02
C ALA B 447 -30.43 23.65 52.21
N PRO B 448 -31.32 23.91 53.18
CA PRO B 448 -31.73 25.29 53.47
C PRO B 448 -30.55 26.13 53.97
N ILE B 449 -30.62 27.43 53.69
CA ILE B 449 -29.62 28.38 54.14
C ILE B 449 -30.25 29.20 55.27
N ILE B 450 -29.75 29.04 56.48
CA ILE B 450 -30.25 29.86 57.60
C ILE B 450 -29.34 31.10 57.71
N ALA B 451 -29.90 32.27 57.35
CA ALA B 451 -29.13 33.51 57.32
C ALA B 451 -29.47 34.32 58.57
N VAL B 452 -28.49 34.45 59.47
CA VAL B 452 -28.73 35.19 60.71
C VAL B 452 -28.21 36.62 60.50
N THR B 453 -29.10 37.59 60.73
CA THR B 453 -28.78 38.99 60.53
C THR B 453 -29.35 39.85 61.65
N ARG B 454 -28.67 40.95 61.95
CA ARG B 454 -29.20 41.97 62.87
C ARG B 454 -29.93 43.07 62.12
N ASN B 455 -29.87 43.03 60.80
CA ASN B 455 -30.51 44.01 59.95
C ASN B 455 -31.90 43.52 59.51
N HIS B 456 -32.95 44.17 60.02
CA HIS B 456 -34.33 43.69 59.78
C HIS B 456 -34.71 43.75 58.30
N GLN B 457 -34.23 44.78 57.60
CA GLN B 457 -34.50 44.91 56.17
C GLN B 457 -33.79 43.84 55.35
N THR B 458 -32.54 43.57 55.68
CA THR B 458 -31.83 42.43 55.06
C THR B 458 -32.64 41.16 55.21
N ALA B 459 -33.17 40.92 56.41
CA ALA B 459 -33.97 39.72 56.65
C ALA B 459 -35.19 39.65 55.72
N ARG B 460 -35.96 40.72 55.63
CA ARG B 460 -37.14 40.75 54.76
C ARG B 460 -36.80 40.59 53.28
N GLN B 461 -35.73 41.26 52.84
CA GLN B 461 -35.31 41.19 51.44
C GLN B 461 -34.70 39.85 51.03
N ALA B 462 -34.24 39.08 52.03
CA ALA B 462 -33.62 37.78 51.77
C ALA B 462 -34.60 36.80 51.11
N HIS B 463 -35.91 37.04 51.29
CA HIS B 463 -36.94 36.20 50.66
C HIS B 463 -36.92 36.18 49.14
N LEU B 464 -36.24 37.15 48.54
CA LEU B 464 -36.08 37.17 47.08
C LEU B 464 -35.19 36.04 46.55
N TYR B 465 -34.46 35.38 47.45
CA TYR B 465 -33.42 34.42 47.04
C TYR B 465 -33.79 33.00 47.40
N ARG B 466 -33.64 32.08 46.45
CA ARG B 466 -33.95 30.68 46.71
C ARG B 466 -33.21 30.15 47.95
N GLY B 467 -33.97 29.57 48.86
CA GLY B 467 -33.36 28.78 49.94
C GLY B 467 -32.90 29.55 51.15
N ILE B 468 -33.02 30.88 51.14
CA ILE B 468 -32.60 31.65 52.31
C ILE B 468 -33.74 31.78 53.29
N PHE B 469 -33.48 31.27 54.50
CA PHE B 469 -34.42 31.36 55.61
CA PHE B 469 -34.38 31.31 55.61
C PHE B 469 -33.85 32.39 56.55
N PRO B 470 -34.38 33.63 56.45
CA PRO B 470 -33.82 34.71 57.27
C PRO B 470 -34.20 34.64 58.74
N VAL B 471 -33.22 34.90 59.60
CA VAL B 471 -33.45 34.92 61.05
C VAL B 471 -32.94 36.24 61.61
N VAL B 472 -33.80 36.96 62.34
CA VAL B 472 -33.38 38.22 62.94
C VAL B 472 -32.80 37.98 64.32
N CYS B 473 -31.57 38.44 64.52
CA CYS B 473 -30.95 38.42 65.84
C CYS B 473 -31.20 39.78 66.49
N LYS B 474 -31.87 39.78 67.64
CA LYS B 474 -32.22 41.03 68.34
CA LYS B 474 -32.21 41.03 68.32
C LYS B 474 -31.35 41.29 69.56
N ASP B 475 -30.41 40.38 69.83
CA ASP B 475 -29.48 40.55 70.94
C ASP B 475 -28.46 41.61 70.59
N PRO B 476 -27.99 42.39 71.59
CA PRO B 476 -26.95 43.36 71.29
C PRO B 476 -25.66 42.68 70.85
N VAL B 477 -24.80 43.42 70.16
CA VAL B 477 -23.48 42.94 69.75
C VAL B 477 -22.62 42.69 70.99
N GLN B 478 -22.04 41.50 71.08
CA GLN B 478 -21.19 41.13 72.21
C GLN B 478 -19.80 41.73 72.05
N GLU B 479 -19.15 42.02 73.17
CA GLU B 479 -17.86 42.68 73.15
C GLU B 479 -16.79 41.85 72.46
N ALA B 480 -16.73 40.55 72.79
CA ALA B 480 -15.77 39.63 72.20
C ALA B 480 -16.35 39.05 70.92
N TRP B 481 -15.63 39.23 69.82
CA TRP B 481 -16.10 38.78 68.50
C TRP B 481 -16.47 37.30 68.49
N ALA B 482 -15.62 36.47 69.09
CA ALA B 482 -15.84 35.03 69.11
C ALA B 482 -17.15 34.66 69.81
N GLU B 483 -17.46 35.37 70.89
CA GLU B 483 -18.74 35.18 71.59
C GLU B 483 -19.94 35.70 70.78
N ASP B 484 -19.75 36.81 70.06
CA ASP B 484 -20.81 37.32 69.21
C ASP B 484 -21.15 36.35 68.07
N VAL B 485 -20.10 35.79 67.46
CA VAL B 485 -20.29 34.80 66.41
C VAL B 485 -21.00 33.56 66.96
N ASP B 486 -20.50 33.04 68.09
CA ASP B 486 -21.10 31.86 68.71
C ASP B 486 -22.59 32.06 69.05
N LEU B 487 -22.92 33.25 69.57
CA LEU B 487 -24.31 33.59 69.90
C LEU B 487 -25.23 33.43 68.68
N ARG B 488 -24.78 33.98 67.56
CA ARG B 488 -25.55 33.93 66.32
C ARG B 488 -25.61 32.54 65.68
N VAL B 489 -24.51 31.79 65.73
CA VAL B 489 -24.53 30.40 65.26
C VAL B 489 -25.48 29.56 66.12
N ASN B 490 -25.45 29.77 67.43
CA ASN B 490 -26.33 29.08 68.36
CA ASN B 490 -26.35 29.07 68.34
C ASN B 490 -27.81 29.36 68.07
N LEU B 491 -28.11 30.63 67.77
CA LEU B 491 -29.46 31.00 67.37
C LEU B 491 -29.89 30.21 66.14
N ALA B 492 -29.03 30.15 65.11
CA ALA B 492 -29.32 29.34 63.91
C ALA B 492 -29.56 27.86 64.25
N MET B 493 -28.74 27.30 65.13
CA MET B 493 -28.92 25.91 65.56
C MET B 493 -30.28 25.70 66.21
N ASN B 494 -30.66 26.62 67.09
CA ASN B 494 -31.96 26.54 67.74
C ASN B 494 -33.13 26.65 66.75
N VAL B 495 -32.98 27.52 65.76
CA VAL B 495 -33.99 27.69 64.72
C VAL B 495 -34.14 26.39 63.91
N GLY B 496 -33.03 25.82 63.46
CA GLY B 496 -33.08 24.60 62.65
C GLY B 496 -33.69 23.45 63.41
N LYS B 497 -33.36 23.33 64.69
CA LYS B 497 -33.92 22.27 65.52
C LYS B 497 -35.41 22.50 65.74
N ALA B 498 -35.78 23.73 66.08
CA ALA B 498 -37.19 24.06 66.36
C ALA B 498 -38.12 23.86 65.16
N ARG B 499 -37.60 24.14 63.96
CA ARG B 499 -38.36 24.08 62.71
C ARG B 499 -38.26 22.71 62.01
N GLY B 500 -37.51 21.81 62.62
CA GLY B 500 -37.38 20.45 62.12
C GLY B 500 -36.47 20.29 60.91
N PHE B 501 -35.55 21.23 60.71
CA PHE B 501 -34.59 21.13 59.60
C PHE B 501 -33.47 20.14 59.93
N PHE B 502 -33.17 20.03 61.22
CA PHE B 502 -32.13 19.11 61.66
C PHE B 502 -32.27 18.80 63.14
N LYS B 503 -31.50 17.82 63.59
CA LYS B 503 -31.47 17.44 65.00
C LYS B 503 -30.04 17.20 65.46
N LYS B 504 -29.87 17.06 66.79
CA LYS B 504 -28.56 16.82 67.37
C LYS B 504 -27.85 15.70 66.63
N GLY B 505 -26.59 15.93 66.26
CA GLY B 505 -25.82 14.90 65.57
C GLY B 505 -25.73 15.06 64.06
N ASP B 506 -26.70 15.74 63.46
CA ASP B 506 -26.63 16.07 62.02
C ASP B 506 -25.43 17.01 61.81
N VAL B 507 -25.04 17.23 60.57
CA VAL B 507 -23.94 18.11 60.24
CA VAL B 507 -23.96 18.16 60.30
C VAL B 507 -24.45 19.33 59.46
N VAL B 508 -23.85 20.49 59.72
CA VAL B 508 -24.21 21.70 59.00
C VAL B 508 -22.92 22.39 58.56
N ILE B 509 -23.02 23.21 57.52
CA ILE B 509 -21.89 24.03 57.06
C ILE B 509 -22.12 25.41 57.65
N VAL B 510 -21.09 26.03 58.23
CA VAL B 510 -21.26 27.31 58.93
C VAL B 510 -20.31 28.33 58.35
N LEU B 511 -20.87 29.46 57.88
CA LEU B 511 -20.09 30.51 57.23
C LEU B 511 -20.09 31.77 58.09
N THR B 512 -18.90 32.21 58.48
CA THR B 512 -18.76 33.36 59.38
C THR B 512 -17.57 34.19 58.97
N GLY B 513 -17.45 35.39 59.55
CA GLY B 513 -16.24 36.21 59.37
C GLY B 513 -15.23 35.91 60.45
N TRP B 514 -13.95 35.82 60.07
CA TRP B 514 -12.89 35.53 61.04
C TRP B 514 -12.75 36.63 62.09
N ARG B 515 -12.90 37.88 61.65
CA ARG B 515 -12.73 39.05 62.49
C ARG B 515 -13.88 40.02 62.24
N PRO B 516 -14.13 40.97 63.17
CA PRO B 516 -15.21 41.93 62.91
C PRO B 516 -15.05 42.68 61.58
N GLY B 517 -13.79 42.91 61.18
CA GLY B 517 -13.48 43.65 59.95
C GLY B 517 -13.61 42.88 58.65
N SER B 518 -13.78 41.55 58.75
CA SER B 518 -13.96 40.73 57.56
C SER B 518 -15.17 41.26 56.79
N GLY B 519 -14.98 41.54 55.50
CA GLY B 519 -16.03 42.12 54.67
C GLY B 519 -16.99 41.11 54.04
N PHE B 520 -16.78 39.83 54.34
CA PHE B 520 -17.61 38.73 53.85
C PHE B 520 -17.37 37.54 54.76
N THR B 521 -18.11 36.45 54.56
CA THR B 521 -17.90 35.24 55.37
C THR B 521 -16.70 34.48 54.80
N ASN B 522 -15.51 34.77 55.33
CA ASN B 522 -14.27 34.16 54.84
C ASN B 522 -13.90 32.88 55.57
N THR B 523 -14.78 32.40 56.44
CA THR B 523 -14.52 31.22 57.27
C THR B 523 -15.64 30.19 57.11
N MET B 524 -15.28 28.96 56.75
CA MET B 524 -16.25 27.89 56.59
CA MET B 524 -16.22 27.86 56.54
C MET B 524 -15.88 26.72 57.50
N ARG B 525 -16.89 26.18 58.17
CA ARG B 525 -16.67 25.00 59.00
C ARG B 525 -17.74 23.95 58.76
N VAL B 526 -17.36 22.69 58.93
N VAL B 526 -17.37 22.68 58.91
CA VAL B 526 -18.31 21.58 59.07
CA VAL B 526 -18.37 21.62 59.04
C VAL B 526 -18.47 21.38 60.57
C VAL B 526 -18.49 21.30 60.53
N VAL B 527 -19.72 21.41 61.04
CA VAL B 527 -20.00 21.40 62.48
C VAL B 527 -21.16 20.45 62.77
N PRO B 528 -21.00 19.57 63.80
CA PRO B 528 -22.16 18.80 64.26
C PRO B 528 -23.16 19.69 65.00
N VAL B 529 -24.45 19.42 64.81
CA VAL B 529 -25.49 20.13 65.53
C VAL B 529 -25.43 19.67 66.99
N PRO B 530 -25.33 20.63 67.93
CA PRO B 530 -25.26 20.26 69.36
C PRO B 530 -26.61 19.85 69.93
N ILE C 12 -13.86 -11.49 29.12
CA ILE C 12 -13.14 -10.22 28.80
C ILE C 12 -13.38 -9.76 27.35
N GLN C 13 -14.03 -8.60 27.22
CA GLN C 13 -14.30 -8.02 25.92
C GLN C 13 -12.99 -7.62 25.27
N THR C 14 -12.87 -7.91 23.98
CA THR C 14 -11.73 -7.51 23.18
C THR C 14 -11.77 -6.00 22.97
N GLN C 15 -10.69 -5.46 22.42
CA GLN C 15 -10.67 -4.10 21.88
C GLN C 15 -11.02 -3.01 22.91
N GLN C 16 -10.71 -3.28 24.19
CA GLN C 16 -11.00 -2.35 25.29
C GLN C 16 -12.45 -1.88 25.27
N LEU C 17 -13.35 -2.79 24.90
CA LEU C 17 -14.76 -2.41 24.80
C LEU C 17 -15.41 -2.16 26.16
N HIS C 18 -14.89 -2.78 27.22
CA HIS C 18 -15.38 -2.43 28.56
C HIS C 18 -15.04 -0.96 28.87
N ALA C 19 -13.78 -0.57 28.64
CA ALA C 19 -13.40 0.84 28.82
C ALA C 19 -14.19 1.78 27.91
N ALA C 20 -14.54 1.31 26.72
CA ALA C 20 -15.30 2.11 25.75
C ALA C 20 -16.64 2.59 26.30
N MET C 21 -17.21 1.81 27.22
CA MET C 21 -18.53 2.04 27.81
CA MET C 21 -18.53 2.10 27.76
C MET C 21 -18.52 2.93 29.05
N ALA C 22 -17.34 3.41 29.43
CA ALA C 22 -17.21 4.26 30.61
C ALA C 22 -17.93 5.59 30.44
N ASP C 23 -18.38 6.15 31.56
CA ASP C 23 -19.03 7.47 31.57
C ASP C 23 -18.02 8.62 31.63
N THR C 24 -16.92 8.42 32.34
CA THR C 24 -15.94 9.48 32.52
C THR C 24 -14.56 9.05 32.00
N PHE C 25 -13.68 10.01 31.75
CA PHE C 25 -12.29 9.72 31.34
CA PHE C 25 -12.30 9.70 31.34
C PHE C 25 -11.56 8.89 32.41
N LEU C 26 -11.76 9.24 33.67
CA LEU C 26 -11.16 8.49 34.78
C LEU C 26 -11.61 7.03 34.77
N GLU C 27 -12.92 6.80 34.64
CA GLU C 27 -13.42 5.41 34.59
CA GLU C 27 -13.52 5.45 34.53
C GLU C 27 -12.89 4.68 33.37
N HIS C 28 -12.78 5.38 32.23
CA HIS C 28 -12.17 4.80 31.02
C HIS C 28 -10.76 4.27 31.33
N LYS C 29 -9.93 5.10 31.95
CA LYS C 29 -8.56 4.71 32.28
CA LYS C 29 -8.57 4.74 32.32
C LYS C 29 -8.57 3.52 33.24
N CYS C 30 -9.43 3.58 34.26
CA CYS C 30 -9.51 2.51 35.27
C CYS C 30 -9.91 1.16 34.69
N ARG C 31 -10.58 1.19 33.54
CA ARG C 31 -11.04 -0.04 32.90
C ARG C 31 -10.07 -0.61 31.87
N LEU C 32 -8.96 0.08 31.60
CA LEU C 32 -8.03 -0.42 30.57
C LEU C 32 -7.46 -1.77 31.02
N ASP C 33 -7.44 -2.73 30.10
CA ASP C 33 -7.23 -4.14 30.48
C ASP C 33 -6.19 -4.79 29.57
N ILE C 34 -5.07 -5.19 30.15
CA ILE C 34 -3.98 -5.82 29.37
C ILE C 34 -4.39 -7.17 28.78
N ASP C 35 -5.53 -7.69 29.23
CA ASP C 35 -6.01 -8.99 28.73
C ASP C 35 -7.11 -8.84 27.69
N SER C 36 -7.44 -7.59 27.35
CA SER C 36 -8.40 -7.32 26.27
C SER C 36 -7.62 -7.18 24.96
N ALA C 37 -7.78 -8.17 24.08
CA ALA C 37 -6.94 -8.23 22.86
C ALA C 37 -7.34 -7.17 21.83
N PRO C 38 -6.35 -6.52 21.20
CA PRO C 38 -6.68 -5.57 20.14
C PRO C 38 -7.21 -6.29 18.89
N ILE C 39 -7.76 -5.52 17.96
CA ILE C 39 -8.18 -6.13 16.70
C ILE C 39 -6.96 -6.30 15.80
N THR C 40 -7.14 -7.03 14.71
CA THR C 40 -6.04 -7.29 13.80
C THR C 40 -5.62 -6.01 13.05
N ALA C 41 -6.61 -5.22 12.65
CA ALA C 41 -6.34 -3.99 11.87
C ALA C 41 -5.54 -2.98 12.70
N ARG C 42 -4.62 -2.30 12.02
CA ARG C 42 -3.80 -1.28 12.63
C ARG C 42 -4.00 0.02 11.85
N ASN C 43 -4.50 1.03 12.53
CA ASN C 43 -5.00 2.24 11.87
C ASN C 43 -3.98 3.37 11.68
N THR C 44 -2.97 3.43 12.53
CA THR C 44 -2.00 4.51 12.49
C THR C 44 -0.96 4.27 11.41
N GLY C 45 -0.80 5.23 10.51
CA GLY C 45 0.20 5.10 9.44
C GLY C 45 1.61 5.08 9.99
N ILE C 46 2.47 4.28 9.35
CA ILE C 46 3.88 4.19 9.76
C ILE C 46 4.76 4.71 8.63
N ILE C 47 5.52 5.76 8.95
CA ILE C 47 6.42 6.38 8.00
C ILE C 47 7.86 6.02 8.39
N CYS C 48 8.62 5.50 7.42
CA CYS C 48 9.99 5.02 7.69
C CYS C 48 11.00 5.78 6.86
N THR C 49 12.06 6.25 7.52
CA THR C 49 13.14 6.94 6.81
C THR C 49 14.05 5.88 6.24
N ILE C 50 14.36 6.01 4.95
CA ILE C 50 15.21 5.03 4.27
C ILE C 50 16.66 5.53 4.23
N GLY C 51 17.57 4.62 4.51
CA GLY C 51 19.01 4.92 4.54
C GLY C 51 19.80 3.64 4.35
N PRO C 52 21.08 3.65 4.70
CA PRO C 52 21.94 2.48 4.49
C PRO C 52 21.39 1.18 5.07
N ALA C 53 20.64 1.24 6.18
CA ALA C 53 20.17 0.03 6.84
C ALA C 53 18.96 -0.58 6.15
N SER C 54 18.32 0.21 5.27
CA SER C 54 17.00 -0.15 4.78
C SER C 54 16.77 0.05 3.28
N ARG C 55 17.83 0.38 2.54
CA ARG C 55 17.76 0.82 1.13
CA ARG C 55 17.63 0.80 1.15
C ARG C 55 17.70 -0.33 0.12
N SER C 56 18.12 -1.52 0.54
CA SER C 56 18.12 -2.65 -0.41
C SER C 56 16.69 -3.08 -0.69
N VAL C 57 16.47 -3.60 -1.90
CA VAL C 57 15.17 -4.14 -2.30
C VAL C 57 14.73 -5.24 -1.33
N GLU C 58 15.67 -6.11 -0.96
CA GLU C 58 15.39 -7.20 -0.02
C GLU C 58 14.85 -6.68 1.33
N THR C 59 15.54 -5.71 1.92
CA THR C 59 15.10 -5.13 3.19
C THR C 59 13.77 -4.38 3.04
N LEU C 60 13.64 -3.63 1.94
CA LEU C 60 12.41 -2.87 1.70
C LEU C 60 11.19 -3.78 1.59
N LYS C 61 11.35 -4.96 0.97
CA LYS C 61 10.23 -5.91 0.93
C LYS C 61 9.80 -6.31 2.34
N GLU C 62 10.78 -6.55 3.22
CA GLU C 62 10.49 -6.93 4.61
C GLU C 62 9.89 -5.76 5.38
N MET C 63 10.33 -4.54 5.06
CA MET C 63 9.77 -3.32 5.65
CA MET C 63 9.74 -3.37 5.71
C MET C 63 8.27 -3.19 5.34
N ILE C 64 7.93 -3.42 4.07
CA ILE C 64 6.53 -3.40 3.65
C ILE C 64 5.74 -4.46 4.40
N LYS C 65 6.26 -5.68 4.45
CA LYS C 65 5.56 -6.76 5.14
C LYS C 65 5.38 -6.46 6.63
N SER C 66 6.35 -5.75 7.21
CA SER C 66 6.32 -5.41 8.66
C SER C 66 5.39 -4.22 8.97
N GLY C 67 5.01 -3.46 7.95
CA GLY C 67 3.97 -2.44 8.11
C GLY C 67 4.29 -1.07 7.59
N MET C 68 5.47 -0.90 6.98
CA MET C 68 5.80 0.43 6.41
C MET C 68 4.77 0.90 5.39
N ASN C 69 4.28 2.14 5.54
CA ASN C 69 3.29 2.71 4.61
C ASN C 69 3.84 3.81 3.73
N VAL C 70 4.82 4.54 4.26
CA VAL C 70 5.42 5.67 3.56
C VAL C 70 6.94 5.58 3.73
N ALA C 71 7.67 5.73 2.62
CA ALA C 71 9.13 5.77 2.63
C ALA C 71 9.55 7.23 2.57
N ARG C 72 10.30 7.68 3.58
CA ARG C 72 10.76 9.08 3.65
C ARG C 72 12.22 9.18 3.20
N MET C 73 12.46 10.05 2.23
CA MET C 73 13.82 10.33 1.74
C MET C 73 14.23 11.65 2.34
N ASN C 74 15.31 11.65 3.12
CA ASN C 74 15.76 12.86 3.80
C ASN C 74 16.82 13.60 2.99
N PHE C 75 16.43 14.73 2.41
CA PHE C 75 17.33 15.48 1.51
C PHE C 75 18.33 16.41 2.21
N SER C 76 18.41 16.35 3.54
CA SER C 76 19.51 16.99 4.26
C SER C 76 20.86 16.40 3.84
N HIS C 77 20.83 15.15 3.38
CA HIS C 77 22.04 14.46 2.90
C HIS C 77 21.75 13.75 1.59
N GLY C 78 22.80 13.38 0.87
CA GLY C 78 22.65 12.55 -0.33
C GLY C 78 22.44 13.31 -1.62
N THR C 79 22.98 12.76 -2.71
CA THR C 79 22.84 13.36 -4.04
C THR C 79 21.51 12.97 -4.67
N HIS C 80 21.14 13.66 -5.75
CA HIS C 80 19.95 13.26 -6.52
C HIS C 80 20.08 11.83 -7.04
N GLU C 81 21.27 11.46 -7.51
CA GLU C 81 21.51 10.07 -7.97
C GLU C 81 21.23 9.05 -6.87
N TYR C 82 21.70 9.35 -5.66
CA TYR C 82 21.51 8.51 -4.50
CA TYR C 82 21.52 8.48 -4.51
C TYR C 82 20.03 8.30 -4.21
N HIS C 83 19.29 9.41 -4.16
CA HIS C 83 17.86 9.35 -3.84
C HIS C 83 17.02 8.74 -4.96
N ALA C 84 17.41 8.99 -6.20
CA ALA C 84 16.74 8.38 -7.34
C ALA C 84 16.84 6.87 -7.22
N GLU C 85 18.02 6.38 -6.84
CA GLU C 85 18.20 4.93 -6.65
C GLU C 85 17.38 4.40 -5.48
N THR C 86 17.32 5.15 -4.37
CA THR C 86 16.52 4.71 -3.23
C THR C 86 15.05 4.59 -3.67
N ILE C 87 14.57 5.62 -4.36
CA ILE C 87 13.19 5.64 -4.85
C ILE C 87 12.91 4.46 -5.79
N LYS C 88 13.82 4.21 -6.73
CA LYS C 88 13.70 3.05 -7.58
C LYS C 88 13.56 1.76 -6.79
N ASN C 89 14.40 1.58 -5.77
CA ASN C 89 14.36 0.38 -4.94
C ASN C 89 13.06 0.24 -4.17
N VAL C 90 12.54 1.36 -3.67
CA VAL C 90 11.25 1.35 -2.96
C VAL C 90 10.19 0.86 -3.93
N ARG C 91 10.18 1.40 -5.14
CA ARG C 91 9.17 1.00 -6.13
C ARG C 91 9.34 -0.45 -6.61
N THR C 92 10.58 -0.90 -6.75
CA THR C 92 10.83 -2.30 -7.10
C THR C 92 10.25 -3.22 -6.02
N ALA C 93 10.54 -2.90 -4.77
CA ALA C 93 10.03 -3.69 -3.64
C ALA C 93 8.50 -3.66 -3.60
N THR C 94 7.94 -2.47 -3.76
CA THR C 94 6.49 -2.29 -3.67
C THR C 94 5.78 -3.07 -4.78
N GLU C 95 6.30 -2.93 -6.00
CA GLU C 95 5.68 -3.57 -7.17
C GLU C 95 5.89 -5.07 -7.25
N SER C 96 6.83 -5.60 -6.44
CA SER C 96 7.04 -7.05 -6.37
C SER C 96 5.80 -7.80 -5.87
N PHE C 97 4.89 -7.06 -5.23
CA PHE C 97 3.65 -7.58 -4.68
C PHE C 97 2.42 -7.26 -5.55
N ALA C 98 2.64 -6.57 -6.67
CA ALA C 98 1.54 -5.95 -7.43
C ALA C 98 0.60 -6.93 -8.14
N SER C 99 1.06 -8.15 -8.38
CA SER C 99 0.26 -9.11 -9.14
C SER C 99 -0.93 -9.67 -8.36
N ASP C 100 -0.93 -9.50 -7.03
CA ASP C 100 -2.02 -10.02 -6.18
C ASP C 100 -2.84 -8.82 -5.73
N PRO C 101 -4.02 -8.64 -6.32
CA PRO C 101 -4.81 -7.45 -5.96
C PRO C 101 -5.36 -7.50 -4.53
N ILE C 102 -5.43 -8.69 -3.95
CA ILE C 102 -6.02 -8.83 -2.62
C ILE C 102 -5.02 -8.42 -1.54
N LEU C 103 -3.72 -8.65 -1.78
CA LEU C 103 -2.71 -8.35 -0.76
C LEU C 103 -1.83 -7.15 -1.06
N TYR C 104 -1.84 -6.64 -2.29
CA TYR C 104 -0.95 -5.54 -2.65
C TYR C 104 -1.16 -4.37 -1.73
N ARG C 105 -0.08 -3.84 -1.18
CA ARG C 105 -0.13 -2.59 -0.38
C ARG C 105 0.52 -1.44 -1.10
N PRO C 106 -0.25 -0.36 -1.35
CA PRO C 106 0.37 0.84 -1.91
C PRO C 106 1.39 1.38 -0.92
N VAL C 107 2.47 1.96 -1.42
CA VAL C 107 3.51 2.54 -0.55
C VAL C 107 3.81 3.93 -1.10
N ALA C 108 3.70 4.94 -0.23
CA ALA C 108 3.93 6.32 -0.64
C ALA C 108 5.41 6.70 -0.54
N VAL C 109 5.80 7.68 -1.36
CA VAL C 109 7.16 8.19 -1.37
C VAL C 109 7.10 9.66 -0.94
N ALA C 110 7.89 10.00 0.08
CA ALA C 110 7.91 11.36 0.64
C ALA C 110 9.31 11.95 0.56
N LEU C 111 9.37 13.22 0.16
CA LEU C 111 10.61 13.95 0.08
C LEU C 111 10.65 14.96 1.25
N ASP C 112 11.63 14.80 2.13
CA ASP C 112 11.79 15.71 3.27
C ASP C 112 12.92 16.70 2.91
N THR C 113 12.61 17.99 2.82
CA THR C 113 13.57 18.98 2.33
C THR C 113 14.68 19.26 3.34
N LYS C 114 15.82 19.71 2.84
CA LYS C 114 16.84 20.24 3.72
C LYS C 114 16.34 21.49 4.44
N GLY C 115 15.86 22.47 3.68
CA GLY C 115 15.37 23.71 4.28
C GLY C 115 16.51 24.57 4.82
N PRO C 116 16.17 25.63 5.57
CA PRO C 116 17.16 26.56 6.10
C PRO C 116 17.99 26.00 7.26
N GLU C 117 18.73 24.92 7.00
CA GLU C 117 19.64 24.36 7.99
C GLU C 117 20.90 25.19 8.13
N ILE C 118 21.42 25.23 9.36
CA ILE C 118 22.79 25.67 9.62
C ILE C 118 23.61 24.42 9.91
N ARG C 119 24.79 24.32 9.29
CA ARG C 119 25.66 23.17 9.54
C ARG C 119 27.12 23.58 9.67
N THR C 120 27.87 22.77 10.42
CA THR C 120 29.30 23.01 10.61
C THR C 120 30.10 22.45 9.42
N GLY C 121 31.42 22.66 9.45
CA GLY C 121 32.30 22.16 8.40
C GLY C 121 32.86 20.79 8.69
N LEU C 122 33.98 20.47 8.03
CA LEU C 122 34.69 19.21 8.27
C LEU C 122 35.78 19.37 9.32
N ILE C 123 35.86 18.38 10.21
CA ILE C 123 36.89 18.36 11.27
C ILE C 123 38.27 18.13 10.67
N ALA C 129 36.89 11.98 11.46
CA ALA C 129 37.65 12.51 12.58
C ALA C 129 36.78 13.34 13.51
N GLU C 130 37.09 13.28 14.82
CA GLU C 130 36.32 13.99 15.83
C GLU C 130 37.21 14.88 16.71
N VAL C 131 36.57 15.85 17.37
CA VAL C 131 37.24 16.82 18.23
C VAL C 131 36.49 16.94 19.55
N GLU C 132 37.22 16.92 20.66
CA GLU C 132 36.60 17.09 21.97
C GLU C 132 36.53 18.55 22.38
N LEU C 133 35.31 19.04 22.59
CA LEU C 133 35.10 20.35 23.21
C LEU C 133 34.80 20.14 24.69
N LYS C 134 35.63 20.75 25.54
CA LYS C 134 35.50 20.58 27.00
C LYS C 134 34.90 21.82 27.65
N LYS C 135 34.20 21.56 28.88
CA LYS C 135 33.52 22.68 29.56
C LYS C 135 34.51 23.82 29.92
N GLY C 136 34.12 25.05 29.54
CA GLY C 136 34.94 26.26 29.84
C GLY C 136 35.88 26.66 28.71
N ALA C 137 36.27 25.67 27.89
CA ALA C 137 37.17 25.91 26.75
C ALA C 137 36.59 26.94 25.78
N THR C 138 37.47 27.77 25.22
CA THR C 138 37.09 28.79 24.26
C THR C 138 36.96 28.18 22.86
N LEU C 139 35.97 28.63 22.11
CA LEU C 139 35.76 28.18 20.74
C LEU C 139 35.44 29.38 19.86
N LYS C 140 36.21 29.57 18.81
CA LYS C 140 35.94 30.62 17.84
C LYS C 140 35.09 30.09 16.70
N ILE C 141 34.00 30.78 16.41
CA ILE C 141 33.16 30.47 15.24
C ILE C 141 33.52 31.43 14.12
N THR C 142 33.94 30.87 12.98
CA THR C 142 34.34 31.65 11.81
C THR C 142 33.46 31.40 10.59
N LEU C 143 33.46 32.37 9.66
CA LEU C 143 32.71 32.26 8.41
C LEU C 143 33.65 32.26 7.18
N ASP C 144 34.95 32.30 7.46
CA ASP C 144 36.00 32.32 6.44
C ASP C 144 36.11 30.94 5.76
N ASN C 145 35.79 30.92 4.45
CA ASN C 145 35.72 29.66 3.69
C ASN C 145 37.02 28.85 3.64
N ALA C 146 38.13 29.48 4.04
CA ALA C 146 39.43 28.82 4.13
C ALA C 146 39.46 27.77 5.25
N TYR C 147 38.43 27.77 6.10
CA TYR C 147 38.34 26.87 7.26
C TYR C 147 37.19 25.86 7.16
N MET C 148 36.55 25.79 6.00
CA MET C 148 35.46 24.84 5.71
C MET C 148 35.79 23.41 6.11
N GLU C 149 36.99 22.96 5.77
CA GLU C 149 37.44 21.61 6.07
C GLU C 149 38.59 21.58 7.09
N LYS C 150 38.74 22.68 7.82
CA LYS C 150 39.81 22.83 8.81
C LYS C 150 39.27 23.17 10.20
N CYS C 151 38.12 22.58 10.55
CA CYS C 151 37.53 22.79 11.87
C CYS C 151 38.27 21.99 12.95
N ASP C 152 38.55 22.64 14.08
CA ASP C 152 39.14 21.95 15.23
C ASP C 152 38.60 22.43 16.58
N GLU C 153 39.34 22.14 17.66
CA GLU C 153 38.95 22.49 19.04
C GLU C 153 38.86 24.00 19.25
N ASN C 154 39.62 24.75 18.48
CA ASN C 154 39.73 26.20 18.66
C ASN C 154 38.94 27.00 17.64
N ILE C 155 38.73 26.42 16.46
CA ILE C 155 38.11 27.12 15.34
C ILE C 155 37.03 26.25 14.69
N LEU C 156 35.81 26.77 14.65
CA LEU C 156 34.70 26.07 14.02
C LEU C 156 34.07 26.91 12.92
N TRP C 157 33.98 26.34 11.72
CA TRP C 157 33.32 27.00 10.60
C TRP C 157 31.88 26.52 10.48
N LEU C 158 30.98 27.44 10.20
CA LEU C 158 29.60 27.09 9.82
C LEU C 158 29.14 27.89 8.60
N ASP C 159 28.05 27.41 7.97
CA ASP C 159 27.65 27.90 6.64
C ASP C 159 26.62 29.03 6.60
N TYR C 160 26.26 29.54 7.78
CA TYR C 160 25.30 30.64 7.89
C TYR C 160 26.03 32.00 7.91
N LYS C 161 26.18 32.60 6.74
CA LYS C 161 26.97 33.82 6.54
C LYS C 161 26.51 35.03 7.36
N ASN C 162 25.22 35.08 7.68
CA ASN C 162 24.64 36.21 8.41
C ASN C 162 24.52 36.02 9.91
N ILE C 163 25.18 35.00 10.44
CA ILE C 163 25.05 34.63 11.86
C ILE C 163 25.29 35.82 12.82
N CYS C 164 26.27 36.66 12.50
CA CYS C 164 26.62 37.79 13.36
C CYS C 164 25.54 38.87 13.42
N LYS C 165 24.78 39.02 12.33
CA LYS C 165 23.74 40.06 12.26
C LYS C 165 22.52 39.65 13.10
N VAL C 166 22.56 38.43 13.61
CA VAL C 166 21.38 37.77 14.15
C VAL C 166 21.53 37.30 15.62
N VAL C 167 22.77 37.07 16.05
CA VAL C 167 23.04 36.72 17.44
C VAL C 167 23.57 37.93 18.22
N ASP C 168 23.46 37.87 19.54
CA ASP C 168 23.98 38.91 20.43
C ASP C 168 24.99 38.32 21.39
N VAL C 169 25.60 39.16 22.21
CA VAL C 169 26.45 38.69 23.31
C VAL C 169 25.56 38.02 24.35
N GLY C 170 25.93 36.81 24.76
CA GLY C 170 25.13 36.05 25.71
C GLY C 170 24.24 35.01 25.04
N SER C 171 24.07 35.14 23.73
CA SER C 171 23.28 34.18 22.95
C SER C 171 23.88 32.78 23.02
N LYS C 172 23.02 31.77 23.02
CA LYS C 172 23.47 30.39 23.05
C LYS C 172 23.42 29.76 21.66
N VAL C 173 24.44 28.95 21.37
CA VAL C 173 24.58 28.23 20.11
C VAL C 173 24.63 26.74 20.43
N TYR C 174 23.71 25.98 19.83
CA TYR C 174 23.66 24.54 20.04
C TYR C 174 24.20 23.80 18.83
N VAL C 175 24.98 22.77 19.09
CA VAL C 175 25.61 21.99 18.03
C VAL C 175 25.37 20.51 18.26
N ASP C 176 25.14 19.79 17.18
CA ASP C 176 24.95 18.34 17.18
C ASP C 176 23.74 17.90 18.00
N ASP C 177 22.55 18.16 17.46
CA ASP C 177 21.29 17.74 18.07
C ASP C 177 21.08 18.35 19.47
N GLY C 178 21.62 19.56 19.66
CA GLY C 178 21.46 20.31 20.90
C GLY C 178 22.26 19.77 22.08
N LEU C 179 23.16 18.83 21.80
CA LEU C 179 23.97 18.19 22.85
C LEU C 179 25.16 19.04 23.29
N ILE C 180 25.74 19.78 22.35
CA ILE C 180 26.82 20.73 22.66
C ILE C 180 26.23 22.12 22.69
N SER C 181 26.55 22.88 23.75
CA SER C 181 26.10 24.26 23.84
C SER C 181 27.26 25.24 24.03
N LEU C 182 27.14 26.39 23.39
CA LEU C 182 28.16 27.44 23.44
C LEU C 182 27.48 28.77 23.76
N GLN C 183 28.14 29.60 24.57
CA GLN C 183 27.63 30.96 24.82
C GLN C 183 28.54 32.01 24.20
N VAL C 184 27.94 32.88 23.38
CA VAL C 184 28.65 33.96 22.69
C VAL C 184 29.17 34.99 23.68
N LYS C 185 30.49 35.20 23.66
CA LYS C 185 31.15 36.13 24.57
C LYS C 185 31.46 37.48 23.90
N GLN C 186 31.91 37.42 22.66
CA GLN C 186 32.08 38.63 21.83
C GLN C 186 31.78 38.31 20.37
N LYS C 187 31.32 39.32 19.64
CA LYS C 187 30.92 39.16 18.24
C LYS C 187 32.03 39.57 17.27
N ASP C 190 32.87 39.20 11.19
CA ASP C 190 32.62 37.90 10.57
C ASP C 190 33.07 36.72 11.44
N PHE C 191 33.08 36.93 12.76
CA PHE C 191 33.42 35.88 13.71
C PHE C 191 32.64 35.95 15.02
N LEU C 192 32.65 34.85 15.77
CA LEU C 192 32.08 34.80 17.12
C LEU C 192 33.03 34.05 18.04
N VAL C 193 33.40 34.68 19.15
CA VAL C 193 34.15 33.96 20.18
C VAL C 193 33.19 33.46 21.26
N THR C 194 33.21 32.14 21.49
CA THR C 194 32.26 31.49 22.39
C THR C 194 32.97 30.68 23.47
N GLU C 195 32.21 30.30 24.50
CA GLU C 195 32.69 29.42 25.55
C GLU C 195 31.85 28.14 25.57
N VAL C 196 32.54 27.00 25.59
CA VAL C 196 31.88 25.70 25.65
C VAL C 196 31.21 25.49 27.01
N GLU C 197 29.89 25.28 26.98
CA GLU C 197 29.13 25.03 28.20
C GLU C 197 28.90 23.53 28.39
N ASN C 198 28.06 22.94 27.55
CA ASN C 198 27.92 21.48 27.50
C ASN C 198 28.89 20.94 26.46
N GLY C 199 29.94 20.27 26.95
CA GLY C 199 30.98 19.75 26.08
C GLY C 199 30.64 18.42 25.45
N GLY C 200 31.52 17.94 24.58
CA GLY C 200 31.37 16.64 23.93
C GLY C 200 32.19 16.51 22.67
N PHE C 201 32.21 15.29 22.11
CA PHE C 201 32.89 15.01 20.85
C PHE C 201 32.11 15.53 19.66
N LEU C 202 32.76 16.38 18.85
CA LEU C 202 32.14 16.98 17.68
C LEU C 202 32.69 16.38 16.38
N GLY C 203 31.77 15.89 15.55
CA GLY C 203 32.10 15.38 14.22
C GLY C 203 31.88 16.43 13.14
N SER C 204 31.84 15.98 11.89
CA SER C 204 31.73 16.87 10.73
C SER C 204 30.27 17.13 10.32
N LYS C 205 30.02 18.35 9.84
CA LYS C 205 28.73 18.75 9.26
C LYS C 205 27.55 18.43 10.18
N LYS C 206 27.66 18.87 11.44
CA LYS C 206 26.63 18.68 12.43
C LYS C 206 25.68 19.86 12.41
N GLY C 207 24.44 19.62 12.83
CA GLY C 207 23.39 20.65 12.83
C GLY C 207 23.59 21.70 13.92
N VAL C 208 23.29 22.95 13.58
CA VAL C 208 23.43 24.06 14.52
C VAL C 208 22.07 24.72 14.72
N ASN C 209 21.75 25.05 15.97
CA ASN C 209 20.52 25.77 16.29
C ASN C 209 20.83 27.04 17.06
N LEU C 210 20.08 28.09 16.75
CA LEU C 210 20.18 29.38 17.43
C LEU C 210 18.82 29.76 18.01
N PRO C 211 18.46 29.15 19.16
CA PRO C 211 17.13 29.39 19.72
C PRO C 211 17.02 30.86 20.10
N GLY C 212 15.87 31.47 19.81
CA GLY C 212 15.65 32.87 20.17
C GLY C 212 16.34 33.89 19.28
N ALA C 213 17.03 33.42 18.23
CA ALA C 213 17.55 34.29 17.17
C ALA C 213 16.57 34.28 16.00
N ALA C 214 16.46 35.42 15.31
CA ALA C 214 15.59 35.51 14.13
C ALA C 214 16.39 35.13 12.88
N VAL C 215 16.57 33.83 12.66
CA VAL C 215 17.35 33.33 11.52
C VAL C 215 16.68 33.75 10.21
N ASP C 216 17.47 34.31 9.30
CA ASP C 216 16.97 34.93 8.08
C ASP C 216 17.37 34.19 6.79
N LEU C 217 17.59 32.89 6.91
CA LEU C 217 17.84 32.07 5.73
C LEU C 217 16.53 31.90 4.96
N PRO C 218 16.61 31.70 3.63
CA PRO C 218 15.38 31.57 2.85
C PRO C 218 14.56 30.34 3.24
N ALA C 219 13.23 30.47 3.25
CA ALA C 219 12.35 29.34 3.45
C ALA C 219 12.64 28.25 2.43
N VAL C 220 12.93 28.67 1.20
CA VAL C 220 13.24 27.77 0.09
C VAL C 220 14.51 28.26 -0.61
N SER C 221 15.60 27.52 -0.40
CA SER C 221 16.91 27.85 -0.98
C SER C 221 17.02 27.36 -2.41
N GLU C 222 18.11 27.76 -3.09
CA GLU C 222 18.41 27.24 -4.42
C GLU C 222 18.48 25.71 -4.41
N LYS C 223 19.09 25.15 -3.38
CA LYS C 223 19.15 23.69 -3.24
C LYS C 223 17.75 23.11 -3.11
N ASP C 224 16.93 23.70 -2.24
CA ASP C 224 15.56 23.19 -2.04
C ASP C 224 14.78 23.26 -3.35
N ILE C 225 14.95 24.33 -4.13
CA ILE C 225 14.30 24.46 -5.43
C ILE C 225 14.64 23.26 -6.35
N GLN C 226 15.94 22.96 -6.43
N GLN C 226 15.92 22.93 -6.44
CA GLN C 226 16.43 21.83 -7.20
CA GLN C 226 16.35 21.82 -7.27
C GLN C 226 15.75 20.55 -6.72
C GLN C 226 15.88 20.46 -6.72
N ASP C 227 15.76 20.37 -5.40
CA ASP C 227 15.24 19.16 -4.75
C ASP C 227 13.73 19.00 -5.00
N LEU C 228 12.97 20.09 -4.89
CA LEU C 228 11.52 20.04 -5.12
C LEU C 228 11.19 19.73 -6.58
N LYS C 229 11.93 20.34 -7.51
CA LYS C 229 11.79 20.02 -8.93
C LYS C 229 12.11 18.54 -9.20
N PHE C 230 13.14 18.03 -8.53
CA PHE C 230 13.47 16.58 -8.60
C PHE C 230 12.29 15.76 -8.11
N GLY C 231 11.67 16.19 -7.01
CA GLY C 231 10.50 15.49 -6.47
C GLY C 231 9.36 15.40 -7.47
N VAL C 232 9.13 16.49 -8.21
CA VAL C 232 8.09 16.51 -9.24
C VAL C 232 8.44 15.48 -10.33
N GLU C 233 9.69 15.54 -10.80
N GLU C 233 9.69 15.51 -10.79
CA GLU C 233 10.21 14.63 -11.82
CA GLU C 233 10.14 14.61 -11.86
C GLU C 233 10.03 13.16 -11.41
C GLU C 233 10.15 13.14 -11.44
N GLN C 234 10.29 12.89 -10.14
CA GLN C 234 10.25 11.52 -9.58
C GLN C 234 8.86 11.09 -9.17
N ASP C 235 7.87 11.98 -9.32
CA ASP C 235 6.47 11.65 -9.04
C ASP C 235 6.28 11.29 -7.55
N VAL C 236 6.92 12.04 -6.67
CA VAL C 236 6.73 11.80 -5.22
C VAL C 236 5.28 12.11 -4.81
N ASP C 237 4.83 11.50 -3.72
CA ASP C 237 3.45 11.70 -3.27
C ASP C 237 3.23 12.89 -2.36
N MET C 238 4.30 13.27 -1.66
CA MET C 238 4.23 14.31 -0.65
C MET C 238 5.60 14.85 -0.35
N VAL C 239 5.61 16.11 0.10
CA VAL C 239 6.81 16.80 0.54
C VAL C 239 6.64 17.13 2.01
N PHE C 240 7.69 16.85 2.79
CA PHE C 240 7.75 17.26 4.19
C PHE C 240 8.68 18.50 4.20
N ALA C 241 8.10 19.67 4.37
CA ALA C 241 8.82 20.93 4.20
C ALA C 241 9.41 21.39 5.54
N SER C 242 10.73 21.45 5.61
CA SER C 242 11.42 21.72 6.86
C SER C 242 11.36 23.20 7.26
N PHE C 243 11.24 23.43 8.57
CA PHE C 243 11.34 24.75 9.18
C PHE C 243 10.30 25.76 8.71
N ILE C 244 9.08 25.30 8.48
CA ILE C 244 8.02 26.22 8.06
C ILE C 244 7.66 27.15 9.20
N ARG C 245 7.72 28.46 8.93
CA ARG C 245 7.50 29.49 9.96
C ARG C 245 6.19 30.27 9.82
N LYS C 246 5.59 30.20 8.63
CA LYS C 246 4.42 31.01 8.29
CA LYS C 246 4.42 31.01 8.29
C LYS C 246 3.80 30.51 7.00
N ALA C 247 2.58 30.97 6.73
CA ALA C 247 1.84 30.56 5.52
C ALA C 247 2.61 30.88 4.25
N ALA C 248 3.26 32.05 4.20
CA ALA C 248 4.04 32.42 3.01
C ALA C 248 5.10 31.38 2.65
N ASP C 249 5.71 30.76 3.66
CA ASP C 249 6.71 29.70 3.41
C ASP C 249 6.09 28.51 2.69
N VAL C 250 4.88 28.14 3.11
CA VAL C 250 4.14 27.02 2.47
C VAL C 250 3.86 27.38 1.02
N HIS C 251 3.41 28.61 0.79
CA HIS C 251 3.09 29.03 -0.57
C HIS C 251 4.33 29.09 -1.47
N GLU C 252 5.49 29.34 -0.89
CA GLU C 252 6.73 29.33 -1.68
C GLU C 252 7.00 27.91 -2.16
N VAL C 253 6.80 26.92 -1.29
CA VAL C 253 6.98 25.52 -1.68
C VAL C 253 5.96 25.15 -2.77
N ARG C 254 4.71 25.55 -2.55
CA ARG C 254 3.62 25.23 -3.48
C ARG C 254 3.90 25.77 -4.87
N LYS C 255 4.43 27.00 -4.93
CA LYS C 255 4.73 27.64 -6.21
C LYS C 255 5.83 26.92 -6.99
N ILE C 256 6.84 26.42 -6.28
CA ILE C 256 7.90 25.64 -6.96
CA ILE C 256 7.91 25.62 -6.92
C ILE C 256 7.35 24.32 -7.50
N LEU C 257 6.53 23.64 -6.69
CA LEU C 257 5.90 22.40 -7.16
C LEU C 257 5.05 22.69 -8.40
N GLY C 258 4.39 23.84 -8.38
CA GLY C 258 3.74 24.39 -9.57
C GLY C 258 2.58 23.58 -10.08
N GLU C 259 2.22 23.82 -11.34
CA GLU C 259 1.11 23.11 -11.95
C GLU C 259 1.36 21.61 -12.06
N LYS C 260 2.55 21.23 -12.51
CA LYS C 260 2.87 19.80 -12.66
C LYS C 260 2.81 19.05 -11.33
N GLY C 261 3.17 19.75 -10.25
CA GLY C 261 3.18 19.16 -8.91
C GLY C 261 1.98 19.50 -8.04
N LYS C 262 0.90 19.97 -8.67
CA LYS C 262 -0.26 20.49 -7.94
C LYS C 262 -0.93 19.47 -7.04
N ASN C 263 -0.78 18.19 -7.37
CA ASN C 263 -1.42 17.14 -6.57
C ASN C 263 -0.51 16.55 -5.50
N ILE C 264 0.73 17.02 -5.43
CA ILE C 264 1.65 16.59 -4.38
C ILE C 264 1.24 17.25 -3.06
N LYS C 265 1.12 16.45 -2.00
CA LYS C 265 0.71 16.96 -0.69
CA LYS C 265 0.70 16.99 -0.71
C LYS C 265 1.87 17.66 0.01
N ILE C 266 1.61 18.84 0.56
CA ILE C 266 2.63 19.56 1.30
C ILE C 266 2.34 19.43 2.78
N ILE C 267 3.28 18.80 3.48
CA ILE C 267 3.16 18.58 4.93
C ILE C 267 4.17 19.53 5.57
N SER C 268 3.68 20.53 6.31
CA SER C 268 4.60 21.49 6.91
C SER C 268 5.18 20.97 8.21
N LYS C 269 6.50 21.06 8.35
CA LYS C 269 7.18 20.66 9.58
C LYS C 269 7.26 21.82 10.55
N ILE C 270 6.68 21.61 11.74
CA ILE C 270 6.74 22.61 12.80
C ILE C 270 7.91 22.25 13.70
N GLU C 271 8.93 23.10 13.68
CA GLU C 271 10.17 22.83 14.44
C GLU C 271 10.86 24.07 14.98
N ASN C 272 10.13 25.18 15.10
CA ASN C 272 10.68 26.34 15.77
C ASN C 272 9.56 27.13 16.41
N HIS C 273 9.94 28.13 17.19
N HIS C 273 9.92 28.12 17.21
CA HIS C 273 8.99 28.91 17.96
CA HIS C 273 8.94 28.88 17.98
C HIS C 273 7.95 29.59 17.06
C HIS C 273 7.94 29.64 17.08
N GLU C 274 8.43 30.23 16.00
CA GLU C 274 7.55 30.94 15.07
C GLU C 274 6.50 30.02 14.41
N GLY C 275 6.90 28.81 14.04
CA GLY C 275 5.96 27.83 13.49
C GLY C 275 4.85 27.50 14.46
N VAL C 276 5.19 27.40 15.75
CA VAL C 276 4.15 27.15 16.77
C VAL C 276 3.23 28.38 16.92
N ARG C 277 3.84 29.56 17.00
CA ARG C 277 3.09 30.80 17.16
C ARG C 277 2.13 31.05 16.01
N ARG C 278 2.58 30.77 14.80
CA ARG C 278 1.81 31.03 13.58
C ARG C 278 1.16 29.77 13.07
N PHE C 279 0.91 28.81 13.96
CA PHE C 279 0.40 27.51 13.55
C PHE C 279 -0.89 27.56 12.73
N ASP C 280 -1.87 28.34 13.16
CA ASP C 280 -3.16 28.31 12.48
C ASP C 280 -3.06 28.69 11.01
N GLU C 281 -2.25 29.70 10.68
CA GLU C 281 -2.10 30.06 9.25
C GLU C 281 -1.35 28.99 8.45
N ILE C 282 -0.39 28.35 9.11
CA ILE C 282 0.37 27.25 8.49
C ILE C 282 -0.55 26.07 8.21
N LEU C 283 -1.37 25.70 9.20
CA LEU C 283 -2.33 24.63 9.00
C LEU C 283 -3.27 24.94 7.83
N GLU C 284 -3.80 26.16 7.78
CA GLU C 284 -4.70 26.51 6.68
C GLU C 284 -4.04 26.34 5.31
N ALA C 285 -2.78 26.73 5.22
CA ALA C 285 -2.07 26.74 3.95
C ALA C 285 -1.56 25.38 3.52
N SER C 286 -1.48 24.44 4.46
CA SER C 286 -0.82 23.15 4.22
C SER C 286 -1.82 22.04 4.01
N ASP C 287 -1.34 20.90 3.49
CA ASP C 287 -2.18 19.73 3.37
C ASP C 287 -2.18 18.90 4.65
N GLY C 288 -1.13 19.05 5.46
CA GLY C 288 -1.02 18.36 6.74
C GLY C 288 0.19 18.89 7.47
N ILE C 289 0.53 18.28 8.60
CA ILE C 289 1.56 18.82 9.48
C ILE C 289 2.40 17.70 10.05
N MET C 290 3.70 17.97 10.26
CA MET C 290 4.54 17.07 11.07
C MET C 290 5.01 17.81 12.32
N VAL C 291 4.87 17.18 13.49
CA VAL C 291 5.48 17.71 14.72
C VAL C 291 6.91 17.22 14.66
N ALA C 292 7.81 18.11 14.28
CA ALA C 292 9.21 17.76 14.02
C ALA C 292 9.97 17.93 15.32
N ARG C 293 9.86 16.92 16.19
CA ARG C 293 10.24 17.12 17.60
C ARG C 293 11.72 17.32 17.87
N GLY C 294 12.56 16.85 16.95
CA GLY C 294 14.02 16.94 17.12
C GLY C 294 14.45 18.39 17.19
N ASP C 295 14.28 19.11 16.09
CA ASP C 295 14.61 20.53 16.10
C ASP C 295 13.71 21.32 17.05
N LEU C 296 12.42 20.97 17.14
CA LEU C 296 11.52 21.71 18.02
C LEU C 296 12.04 21.76 19.46
N GLY C 297 12.51 20.62 19.96
CA GLY C 297 13.04 20.47 21.34
C GLY C 297 14.40 21.10 21.61
N ILE C 298 15.02 21.65 20.55
CA ILE C 298 16.25 22.45 20.69
C ILE C 298 15.87 23.93 20.61
N GLU C 299 14.94 24.26 19.71
CA GLU C 299 14.48 25.62 19.47
C GLU C 299 13.67 26.19 20.64
N ILE C 300 12.86 25.33 21.24
CA ILE C 300 12.13 25.66 22.45
C ILE C 300 12.58 24.72 23.57
N PRO C 301 12.36 25.11 24.84
CA PRO C 301 12.71 24.23 25.97
C PRO C 301 12.14 22.84 25.79
N ALA C 302 12.98 21.82 25.97
CA ALA C 302 12.57 20.45 25.71
C ALA C 302 11.33 20.07 26.52
N GLU C 303 11.23 20.61 27.73
CA GLU C 303 10.08 20.33 28.62
C GLU C 303 8.74 20.87 28.10
N LYS C 304 8.77 21.71 27.06
CA LYS C 304 7.54 22.26 26.48
C LYS C 304 7.07 21.51 25.22
N VAL C 305 7.89 20.59 24.71
CA VAL C 305 7.54 19.95 23.43
C VAL C 305 6.18 19.24 23.47
N PHE C 306 5.87 18.54 24.57
CA PHE C 306 4.59 17.82 24.67
C PHE C 306 3.37 18.76 24.53
N LEU C 307 3.53 20.02 24.93
CA LEU C 307 2.44 21.00 24.85
C LEU C 307 2.19 21.29 23.39
N ALA C 308 3.27 21.54 22.66
CA ALA C 308 3.18 21.80 21.22
C ALA C 308 2.63 20.59 20.50
N GLN C 309 3.12 19.41 20.85
CA GLN C 309 2.63 18.18 20.24
C GLN C 309 1.11 18.01 20.39
N LYS C 310 0.62 18.14 21.62
CA LYS C 310 -0.80 17.93 21.90
C LYS C 310 -1.67 19.00 21.25
N MET C 311 -1.21 20.26 21.28
CA MET C 311 -1.92 21.38 20.67
C MET C 311 -2.03 21.15 19.16
N ILE C 312 -0.91 20.81 18.53
CA ILE C 312 -0.89 20.60 17.08
C ILE C 312 -1.75 19.40 16.65
N ILE C 313 -1.60 18.28 17.34
CA ILE C 313 -2.41 17.11 16.99
C ILE C 313 -3.90 17.43 17.16
N GLY C 314 -4.25 18.08 18.27
CA GLY C 314 -5.64 18.46 18.51
C GLY C 314 -6.19 19.35 17.40
N ARG C 315 -5.42 20.37 17.04
CA ARG C 315 -5.92 21.31 16.03
C ARG C 315 -6.00 20.67 14.65
N CYS C 316 -5.05 19.79 14.33
CA CYS C 316 -5.12 19.01 13.07
C CYS C 316 -6.35 18.08 13.05
N ASN C 317 -6.58 17.37 14.15
CA ASN C 317 -7.77 16.52 14.28
C ASN C 317 -9.04 17.34 14.05
N ARG C 318 -9.09 18.53 14.64
CA ARG C 318 -10.24 19.40 14.56
C ARG C 318 -10.52 19.80 13.10
N ALA C 319 -9.45 20.00 12.36
CA ALA C 319 -9.53 20.44 10.97
C ALA C 319 -9.70 19.30 9.97
N GLY C 320 -9.46 18.08 10.43
CA GLY C 320 -9.43 16.89 9.56
C GLY C 320 -8.23 16.83 8.62
N LYS C 321 -7.14 17.46 9.03
CA LYS C 321 -5.90 17.42 8.24
C LYS C 321 -4.89 16.48 8.88
N PRO C 322 -4.19 15.67 8.07
CA PRO C 322 -3.21 14.71 8.60
C PRO C 322 -2.16 15.35 9.48
N VAL C 323 -1.81 14.67 10.57
CA VAL C 323 -0.70 15.10 11.42
C VAL C 323 0.19 13.90 11.73
N ILE C 324 1.50 14.14 11.66
CA ILE C 324 2.53 13.11 11.85
C ILE C 324 3.33 13.45 13.11
N CYS C 325 3.47 12.48 14.00
CA CYS C 325 4.38 12.64 15.14
C CYS C 325 5.72 12.03 14.76
N ALA C 326 6.80 12.79 14.95
CA ALA C 326 8.12 12.35 14.52
C ALA C 326 9.21 12.54 15.55
N THR C 327 10.22 11.68 15.44
CA THR C 327 11.57 11.86 15.97
C THR C 327 11.83 11.28 17.36
N GLN C 328 12.76 10.31 17.39
CA GLN C 328 13.22 9.65 18.61
CA GLN C 328 13.22 9.65 18.61
C GLN C 328 12.14 8.82 19.32
N MET C 329 11.11 8.41 18.57
CA MET C 329 10.02 7.64 19.18
C MET C 329 10.50 6.30 19.73
N LEU C 330 11.44 5.67 19.01
CA LEU C 330 12.00 4.38 19.43
C LEU C 330 13.51 4.42 19.36
N GLU C 331 14.08 5.57 19.74
CA GLU C 331 15.49 5.87 19.48
C GLU C 331 16.48 4.80 19.92
N SER C 332 16.25 4.23 21.10
CA SER C 332 17.19 3.22 21.60
C SER C 332 17.31 1.98 20.73
N MET C 333 16.29 1.73 19.89
CA MET C 333 16.31 0.62 18.95
C MET C 333 17.28 0.80 17.80
N ILE C 334 17.95 1.95 17.71
CA ILE C 334 19.08 2.06 16.78
C ILE C 334 20.14 1.02 17.15
N LYS C 335 20.28 0.74 18.45
CA LYS C 335 21.34 -0.17 18.92
C LYS C 335 20.85 -1.42 19.66
N LYS C 336 19.60 -1.40 20.13
CA LYS C 336 19.03 -2.49 20.93
C LYS C 336 17.77 -3.09 20.27
N PRO C 337 17.54 -4.41 20.43
CA PRO C 337 16.39 -5.04 19.78
C PRO C 337 15.03 -4.78 20.42
N ARG C 338 15.03 -4.14 21.60
CA ARG C 338 13.80 -3.82 22.33
CA ARG C 338 13.79 -3.80 22.28
C ARG C 338 13.86 -2.36 22.76
N PRO C 339 12.70 -1.65 22.76
CA PRO C 339 12.74 -0.24 23.14
C PRO C 339 12.69 -0.03 24.66
N THR C 340 12.94 1.20 25.10
CA THR C 340 12.82 1.52 26.53
C THR C 340 11.35 1.68 26.90
N ARG C 341 11.05 1.71 28.20
CA ARG C 341 9.67 1.92 28.63
C ARG C 341 9.15 3.30 28.24
N ALA C 342 10.03 4.31 28.22
CA ALA C 342 9.63 5.65 27.81
C ALA C 342 9.24 5.68 26.33
N GLU C 343 9.96 4.90 25.52
CA GLU C 343 9.68 4.81 24.09
C GLU C 343 8.36 4.13 23.80
N GLY C 344 8.08 3.02 24.50
CA GLY C 344 6.77 2.38 24.39
C GLY C 344 5.63 3.36 24.72
N SER C 345 5.82 4.11 25.80
CA SER C 345 4.84 5.09 26.26
C SER C 345 4.66 6.22 25.24
N ASP C 346 5.76 6.72 24.70
CA ASP C 346 5.71 7.81 23.73
C ASP C 346 4.88 7.43 22.51
N VAL C 347 5.10 6.23 21.99
CA VAL C 347 4.36 5.81 20.80
C VAL C 347 2.87 5.71 21.15
N ALA C 348 2.56 5.03 22.26
CA ALA C 348 1.16 4.86 22.69
C ALA C 348 0.48 6.21 22.85
N ASN C 349 1.18 7.11 23.53
CA ASN C 349 0.59 8.40 23.81
C ASN C 349 0.40 9.28 22.57
N ALA C 350 1.28 9.13 21.57
CA ALA C 350 1.08 9.84 20.30
C ALA C 350 -0.20 9.37 19.59
N VAL C 351 -0.44 8.05 19.62
CA VAL C 351 -1.67 7.48 19.06
C VAL C 351 -2.90 7.93 19.86
N LEU C 352 -2.79 7.90 21.18
CA LEU C 352 -3.89 8.41 22.03
C LEU C 352 -4.17 9.90 21.78
N ASP C 353 -3.11 10.68 21.54
CA ASP C 353 -3.24 12.13 21.29
C ASP C 353 -4.06 12.37 20.03
N GLY C 354 -3.88 11.47 19.06
CA GLY C 354 -4.61 11.47 17.78
C GLY C 354 -3.77 11.57 16.53
N ALA C 355 -2.47 11.28 16.62
CA ALA C 355 -1.61 11.37 15.43
C ALA C 355 -2.12 10.42 14.33
N ASP C 356 -2.18 10.91 13.10
CA ASP C 356 -2.57 10.04 11.99
C ASP C 356 -1.49 9.05 11.66
N CYS C 357 -0.24 9.53 11.72
CA CYS C 357 0.94 8.73 11.41
C CYS C 357 1.99 8.94 12.48
N ILE C 358 2.81 7.92 12.66
CA ILE C 358 4.00 7.98 13.52
C ILE C 358 5.21 7.64 12.63
N MET C 359 6.38 8.11 13.04
CA MET C 359 7.54 8.05 12.14
C MET C 359 8.75 7.43 12.80
N LEU C 360 9.62 6.85 11.95
CA LEU C 360 10.93 6.37 12.37
C LEU C 360 11.97 7.07 11.52
N SER C 361 13.09 7.43 12.17
CA SER C 361 14.17 8.15 11.48
C SER C 361 15.41 7.26 11.53
N GLY C 362 16.36 7.53 12.45
CA GLY C 362 17.55 6.67 12.55
C GLY C 362 17.24 5.19 12.76
N GLU C 363 16.12 4.92 13.45
CA GLU C 363 15.71 3.55 13.76
C GLU C 363 15.60 2.69 12.51
N THR C 364 15.15 3.29 11.40
CA THR C 364 15.09 2.55 10.14
C THR C 364 16.17 2.95 9.14
N ALA C 365 16.65 4.19 9.21
CA ALA C 365 17.63 4.67 8.21
C ALA C 365 19.00 4.07 8.41
N LYS C 366 19.44 3.93 9.67
CA LYS C 366 20.84 3.53 9.93
C LYS C 366 21.04 2.50 11.03
N GLY C 367 19.97 2.20 11.75
CA GLY C 367 20.04 1.33 12.92
C GLY C 367 20.26 -0.15 12.62
N ASP C 368 20.54 -0.89 13.69
CA ASP C 368 20.79 -2.31 13.61
C ASP C 368 19.53 -3.18 13.59
N TYR C 369 18.39 -2.56 13.86
CA TYR C 369 17.12 -3.29 14.02
C TYR C 369 15.95 -2.61 13.31
N PRO C 370 16.10 -2.30 12.02
CA PRO C 370 15.01 -1.54 11.35
C PRO C 370 13.68 -2.30 11.33
N LEU C 371 13.70 -3.61 11.05
CA LEU C 371 12.43 -4.33 10.98
C LEU C 371 11.78 -4.44 12.34
N GLU C 372 12.60 -4.63 13.37
CA GLU C 372 12.07 -4.69 14.73
C GLU C 372 11.41 -3.39 15.13
N ALA C 373 12.00 -2.27 14.69
CA ALA C 373 11.42 -0.95 15.00
C ALA C 373 10.04 -0.77 14.35
N VAL C 374 9.94 -1.09 13.06
CA VAL C 374 8.64 -1.04 12.36
C VAL C 374 7.62 -1.95 13.05
N ARG C 375 8.04 -3.18 13.37
CA ARG C 375 7.14 -4.14 14.00
C ARG C 375 6.63 -3.65 15.35
N MET C 376 7.50 -2.97 16.09
CA MET C 376 7.11 -2.46 17.42
C MET C 376 6.13 -1.29 17.30
N GLN C 377 6.35 -0.40 16.33
CA GLN C 377 5.35 0.65 16.09
C GLN C 377 3.99 0.06 15.76
N HIS C 378 3.97 -0.97 14.92
CA HIS C 378 2.73 -1.66 14.60
C HIS C 378 2.02 -2.21 15.84
N LEU C 379 2.75 -2.94 16.67
CA LEU C 379 2.14 -3.56 17.87
C LEU C 379 1.61 -2.51 18.84
N ILE C 380 2.40 -1.47 19.10
CA ILE C 380 1.98 -0.44 20.03
C ILE C 380 0.74 0.31 19.50
N ALA C 381 0.77 0.64 18.20
CA ALA C 381 -0.34 1.38 17.60
C ALA C 381 -1.64 0.62 17.79
N ARG C 382 -1.68 -0.69 17.56
CA ARG C 382 -2.95 -1.41 17.69
C ARG C 382 -3.48 -1.37 19.11
N GLU C 383 -2.58 -1.49 20.08
CA GLU C 383 -2.99 -1.48 21.47
C GLU C 383 -3.57 -0.11 21.84
N ALA C 384 -2.87 0.95 21.42
CA ALA C 384 -3.28 2.31 21.77
C ALA C 384 -4.58 2.72 21.06
N GLU C 385 -4.73 2.28 19.80
CA GLU C 385 -5.97 2.55 19.05
C GLU C 385 -7.19 2.02 19.77
N ALA C 386 -7.11 0.81 20.33
CA ALA C 386 -8.25 0.27 21.08
C ALA C 386 -8.55 1.09 22.34
N ALA C 387 -7.48 1.63 22.94
CA ALA C 387 -7.55 2.36 24.20
C ALA C 387 -8.04 3.81 24.09
N MET C 388 -8.24 4.29 22.86
N MET C 388 -8.28 4.26 22.85
CA MET C 388 -8.87 5.60 22.70
CA MET C 388 -8.92 5.56 22.58
C MET C 388 -10.27 5.58 23.31
C MET C 388 -10.35 5.60 23.14
N PHE C 389 -10.77 6.75 23.65
CA PHE C 389 -12.13 6.87 24.20
C PHE C 389 -13.03 7.39 23.09
N HIS C 390 -13.37 6.48 22.17
CA HIS C 390 -14.02 6.91 20.90
C HIS C 390 -15.30 7.68 21.12
N ARG C 391 -16.11 7.26 22.08
CA ARG C 391 -17.42 7.91 22.27
C ARG C 391 -17.22 9.38 22.56
N LYS C 392 -16.30 9.68 23.48
CA LYS C 392 -16.03 11.07 23.85
C LYS C 392 -15.35 11.83 22.72
N LEU C 393 -14.40 11.17 22.04
CA LEU C 393 -13.65 11.80 20.97
C LEU C 393 -14.62 12.24 19.86
N PHE C 394 -15.51 11.33 19.47
CA PHE C 394 -16.51 11.64 18.43
C PHE C 394 -17.38 12.82 18.81
N GLU C 395 -17.89 12.79 20.05
CA GLU C 395 -18.71 13.90 20.56
C GLU C 395 -17.98 15.22 20.45
N GLU C 396 -16.70 15.22 20.82
CA GLU C 396 -15.93 16.45 20.87
C GLU C 396 -15.56 16.94 19.47
N LEU C 397 -15.27 16.02 18.56
CA LEU C 397 -15.01 16.36 17.15
C LEU C 397 -16.25 16.94 16.50
N ALA C 398 -17.40 16.31 16.78
CA ALA C 398 -18.69 16.80 16.28
C ALA C 398 -18.96 18.22 16.76
N ARG C 399 -18.73 18.47 18.05
CA ARG C 399 -18.91 19.80 18.61
CA ARG C 399 -18.92 19.79 18.60
C ARG C 399 -18.02 20.82 17.89
N ALA C 400 -16.75 20.45 17.69
CA ALA C 400 -15.79 21.39 17.12
C ALA C 400 -16.16 21.81 15.69
N SER C 401 -16.73 20.88 14.93
CA SER C 401 -17.06 21.12 13.53
C SER C 401 -18.53 21.51 13.29
N SER C 402 -19.28 21.77 14.38
CA SER C 402 -20.73 21.98 14.28
C SER C 402 -21.17 23.17 13.40
N GLN C 403 -20.25 24.11 13.16
CA GLN C 403 -20.50 25.26 12.27
CA GLN C 403 -20.49 25.26 12.27
C GLN C 403 -20.69 24.82 10.81
N SER C 404 -20.12 23.66 10.48
CA SER C 404 -20.19 23.11 9.13
C SER C 404 -21.41 22.23 8.96
N THR C 405 -22.12 22.42 7.84
CA THR C 405 -23.28 21.60 7.49
C THR C 405 -22.97 20.72 6.27
N ASP C 406 -21.69 20.51 6.00
CA ASP C 406 -21.26 19.77 4.80
C ASP C 406 -21.89 18.38 4.67
N LEU C 407 -22.36 18.06 3.46
CA LEU C 407 -23.11 16.83 3.24
C LEU C 407 -22.26 15.60 3.40
N MET C 408 -21.02 15.65 2.91
CA MET C 408 -20.13 14.52 3.12
C MET C 408 -19.78 14.34 4.60
N GLU C 409 -19.59 15.44 5.33
CA GLU C 409 -19.36 15.36 6.77
C GLU C 409 -20.55 14.70 7.45
N ALA C 410 -21.75 15.05 6.99
CA ALA C 410 -22.96 14.42 7.53
C ALA C 410 -22.97 12.91 7.27
N MET C 411 -22.65 12.51 6.04
CA MET C 411 -22.55 11.08 5.69
C MET C 411 -21.50 10.38 6.55
N ALA C 412 -20.37 11.04 6.73
CA ALA C 412 -19.26 10.49 7.52
C ALA C 412 -19.65 10.28 8.98
N MET C 413 -20.27 11.29 9.56
CA MET C 413 -20.69 11.23 10.97
C MET C 413 -21.75 10.18 11.15
N GLY C 414 -22.70 10.11 10.21
CA GLY C 414 -23.77 9.09 10.30
C GLY C 414 -23.17 7.70 10.22
N SER C 415 -22.20 7.54 9.32
CA SER C 415 -21.57 6.24 9.10
C SER C 415 -20.74 5.79 10.30
N VAL C 416 -19.97 6.72 10.87
CA VAL C 416 -19.15 6.42 12.03
C VAL C 416 -20.07 6.09 13.21
N GLU C 417 -21.10 6.90 13.42
N GLU C 417 -21.11 6.89 13.40
CA GLU C 417 -22.09 6.62 14.46
CA GLU C 417 -22.10 6.63 14.46
C GLU C 417 -22.67 5.20 14.31
C GLU C 417 -22.74 5.24 14.33
N ALA C 418 -23.14 4.88 13.11
CA ALA C 418 -23.68 3.55 12.84
C ALA C 418 -22.64 2.47 13.16
N SER C 419 -21.37 2.72 12.80
CA SER C 419 -20.30 1.73 13.02
C SER C 419 -20.08 1.47 14.51
N TYR C 420 -20.22 2.53 15.32
CA TYR C 420 -20.11 2.37 16.78
C TYR C 420 -21.27 1.54 17.30
N LYS C 421 -22.48 1.86 16.83
CA LYS C 421 -23.68 1.25 17.37
C LYS C 421 -23.74 -0.26 17.13
N CYS C 422 -23.43 -0.68 15.90
CA CYS C 422 -23.50 -2.10 15.58
C CYS C 422 -22.15 -2.82 15.66
N LEU C 423 -21.14 -2.12 16.16
CA LEU C 423 -19.77 -2.68 16.26
C LEU C 423 -19.34 -3.30 14.93
N ALA C 424 -19.53 -2.52 13.87
CA ALA C 424 -19.17 -2.92 12.52
C ALA C 424 -17.68 -3.24 12.43
N ALA C 425 -17.36 -4.23 11.59
CA ALA C 425 -15.96 -4.68 11.44
C ALA C 425 -15.10 -3.79 10.55
N ALA C 426 -15.75 -2.96 9.74
CA ALA C 426 -15.05 -2.06 8.82
C ALA C 426 -16.05 -1.08 8.23
N LEU C 427 -15.52 0.01 7.69
CA LEU C 427 -16.27 0.87 6.78
C LEU C 427 -15.60 0.76 5.43
N ILE C 428 -16.38 0.43 4.41
CA ILE C 428 -15.86 0.33 3.06
C ILE C 428 -16.25 1.62 2.35
N VAL C 429 -15.28 2.30 1.74
CA VAL C 429 -15.56 3.58 1.06
C VAL C 429 -15.03 3.54 -0.38
N LEU C 430 -15.91 3.77 -1.35
CA LEU C 430 -15.49 3.88 -2.75
C LEU C 430 -15.18 5.35 -3.04
N THR C 431 -13.97 5.63 -3.51
CA THR C 431 -13.55 7.03 -3.67
C THR C 431 -12.49 7.20 -4.74
N GLU C 432 -12.59 8.25 -5.55
CA GLU C 432 -11.55 8.49 -6.53
CA GLU C 432 -11.59 8.55 -6.59
C GLU C 432 -10.55 9.54 -6.06
N SER C 433 -11.04 10.63 -5.47
CA SER C 433 -10.17 11.68 -4.98
C SER C 433 -9.63 11.40 -3.57
N GLY C 434 -10.27 10.46 -2.88
CA GLY C 434 -9.99 10.20 -1.48
C GLY C 434 -10.90 10.94 -0.51
N ARG C 435 -11.55 12.00 -1.00
CA ARG C 435 -12.20 12.97 -0.08
C ARG C 435 -13.24 12.33 0.83
N SER C 436 -14.05 11.42 0.28
CA SER C 436 -15.08 10.77 1.10
C SER C 436 -14.44 9.94 2.22
N ALA C 437 -13.35 9.25 1.91
CA ALA C 437 -12.67 8.45 2.92
C ALA C 437 -11.97 9.34 3.95
N HIS C 438 -11.42 10.47 3.50
CA HIS C 438 -10.77 11.41 4.43
C HIS C 438 -11.75 11.94 5.47
N GLN C 439 -13.00 12.17 5.04
N GLN C 439 -12.99 12.18 5.04
CA GLN C 439 -14.03 12.69 5.93
CA GLN C 439 -14.02 12.70 5.95
C GLN C 439 -14.50 11.66 6.95
C GLN C 439 -14.42 11.64 6.98
N VAL C 440 -14.51 10.38 6.55
CA VAL C 440 -14.79 9.27 7.49
C VAL C 440 -13.65 9.18 8.53
N ALA C 441 -12.40 9.22 8.06
CA ALA C 441 -11.24 9.13 8.95
C ALA C 441 -11.24 10.21 10.02
N ARG C 442 -11.64 11.42 9.64
CA ARG C 442 -11.56 12.53 10.58
C ARG C 442 -12.48 12.31 11.78
N TYR C 443 -13.53 11.51 11.61
CA TYR C 443 -14.46 11.27 12.74
C TYR C 443 -14.12 9.99 13.54
N ARG C 444 -12.98 9.38 13.22
CA ARG C 444 -12.32 8.42 14.13
C ARG C 444 -13.18 7.20 14.52
N PRO C 445 -13.62 6.41 13.52
CA PRO C 445 -14.19 5.11 13.87
C PRO C 445 -13.13 4.21 14.49
N ARG C 446 -13.55 3.20 15.25
CA ARG C 446 -12.56 2.23 15.73
C ARG C 446 -12.27 1.22 14.64
N ALA C 447 -13.24 0.97 13.76
CA ALA C 447 -13.07 -0.03 12.71
C ALA C 447 -12.22 0.55 11.57
N PRO C 448 -11.47 -0.31 10.85
CA PRO C 448 -10.66 0.13 9.71
C PRO C 448 -11.55 0.62 8.57
N ILE C 449 -11.02 1.58 7.81
CA ILE C 449 -11.71 2.16 6.66
C ILE C 449 -11.04 1.60 5.40
N ILE C 450 -11.71 0.68 4.72
CA ILE C 450 -11.11 0.11 3.50
C ILE C 450 -11.55 1.01 2.35
N ALA C 451 -10.61 1.78 1.79
CA ALA C 451 -10.92 2.75 0.75
C ALA C 451 -10.50 2.19 -0.59
N VAL C 452 -11.47 1.88 -1.45
CA VAL C 452 -11.18 1.29 -2.76
C VAL C 452 -11.16 2.42 -3.78
N THR C 453 -10.06 2.50 -4.52
CA THR C 453 -9.88 3.57 -5.50
C THR C 453 -9.23 3.06 -6.79
N ARG C 454 -9.59 3.66 -7.93
CA ARG C 454 -8.84 3.41 -9.16
C ARG C 454 -7.70 4.39 -9.37
N ASN C 455 -7.62 5.39 -8.49
CA ASN C 455 -6.56 6.39 -8.58
C ASN C 455 -5.37 5.97 -7.71
N HIS C 456 -4.27 5.58 -8.34
CA HIS C 456 -3.11 5.04 -7.60
C HIS C 456 -2.49 6.07 -6.65
N GLN C 457 -2.46 7.33 -7.08
CA GLN C 457 -1.92 8.38 -6.22
C GLN C 457 -2.82 8.63 -5.01
N THR C 458 -4.13 8.60 -5.22
CA THR C 458 -5.07 8.65 -4.09
C THR C 458 -4.77 7.56 -3.07
N ALA C 459 -4.50 6.35 -3.57
CA ALA C 459 -4.22 5.23 -2.69
C ALA C 459 -2.97 5.48 -1.87
N ARG C 460 -1.89 5.92 -2.52
CA ARG C 460 -0.64 6.20 -1.81
C ARG C 460 -0.78 7.32 -0.77
N GLN C 461 -1.46 8.39 -1.16
CA GLN C 461 -1.64 9.53 -0.26
C GLN C 461 -2.58 9.27 0.91
N ALA C 462 -3.45 8.27 0.75
CA ALA C 462 -4.42 7.89 1.77
C ALA C 462 -3.75 7.49 3.09
N HIS C 463 -2.50 7.05 3.02
CA HIS C 463 -1.75 6.66 4.21
C HIS C 463 -1.54 7.78 5.23
N LEU C 464 -1.74 9.02 4.80
CA LEU C 464 -1.64 10.16 5.70
C LEU C 464 -2.76 10.22 6.74
N TYR C 465 -3.82 9.43 6.55
CA TYR C 465 -5.05 9.53 7.36
C TYR C 465 -5.21 8.33 8.27
N ARG C 466 -5.48 8.57 9.55
CA ARG C 466 -5.73 7.47 10.49
C ARG C 466 -6.82 6.54 9.96
N GLY C 467 -6.53 5.24 9.96
CA GLY C 467 -7.58 4.26 9.69
C GLY C 467 -7.82 3.93 8.24
N ILE C 468 -7.30 4.73 7.29
CA ILE C 468 -7.59 4.39 5.90
C ILE C 468 -6.62 3.32 5.40
N PHE C 469 -7.20 2.19 5.01
CA PHE C 469 -6.47 1.08 4.43
C PHE C 469 -6.75 1.10 2.91
N PRO C 470 -5.88 1.76 2.13
CA PRO C 470 -6.18 1.94 0.70
C PRO C 470 -6.04 0.67 -0.09
N VAL C 471 -6.94 0.49 -1.06
CA VAL C 471 -6.91 -0.66 -1.94
C VAL C 471 -7.05 -0.17 -3.37
N VAL C 472 -6.07 -0.48 -4.22
CA VAL C 472 -6.15 -0.13 -5.63
C VAL C 472 -6.99 -1.13 -6.39
N CYS C 473 -7.94 -0.62 -7.15
CA CYS C 473 -8.73 -1.42 -8.08
C CYS C 473 -8.17 -1.21 -9.50
N LYS C 474 -7.73 -2.29 -10.12
CA LYS C 474 -7.20 -2.22 -11.48
C LYS C 474 -8.18 -2.72 -12.54
N ASP C 475 -9.34 -3.16 -12.08
CA ASP C 475 -10.37 -3.72 -12.99
C ASP C 475 -10.90 -2.66 -13.95
N PRO C 476 -11.20 -3.06 -15.20
CA PRO C 476 -11.87 -2.12 -16.08
C PRO C 476 -13.19 -1.65 -15.47
N VAL C 477 -13.63 -0.45 -15.84
CA VAL C 477 -14.90 0.10 -15.38
C VAL C 477 -16.06 -0.66 -16.04
N GLN C 478 -16.96 -1.19 -15.21
CA GLN C 478 -18.10 -1.93 -15.73
C GLN C 478 -19.14 -0.96 -16.28
N GLU C 479 -19.80 -1.36 -17.36
CA GLU C 479 -20.78 -0.50 -18.04
C GLU C 479 -21.96 -0.12 -17.16
N ALA C 480 -22.45 -1.08 -16.37
CA ALA C 480 -23.56 -0.83 -15.47
C ALA C 480 -23.01 -0.33 -14.13
N TRP C 481 -23.48 0.83 -13.67
CA TRP C 481 -22.98 1.41 -12.42
C TRP C 481 -23.09 0.44 -11.24
N ALA C 482 -24.26 -0.19 -11.09
CA ALA C 482 -24.51 -1.07 -9.95
C ALA C 482 -23.49 -2.21 -9.93
N GLU C 483 -23.14 -2.69 -11.13
CA GLU C 483 -22.16 -3.77 -11.26
C GLU C 483 -20.75 -3.29 -10.94
N ASP C 484 -20.42 -2.07 -11.36
CA ASP C 484 -19.11 -1.54 -11.06
C ASP C 484 -18.95 -1.29 -9.58
N VAL C 485 -20.02 -0.82 -8.95
CA VAL C 485 -20.01 -0.61 -7.50
C VAL C 485 -19.83 -1.95 -6.79
N ASP C 486 -20.63 -2.93 -7.17
CA ASP C 486 -20.53 -4.26 -6.53
C ASP C 486 -19.13 -4.84 -6.67
N LEU C 487 -18.52 -4.66 -7.84
CA LEU C 487 -17.17 -5.17 -8.10
C LEU C 487 -16.19 -4.63 -7.07
N ARG C 488 -16.26 -3.33 -6.82
CA ARG C 488 -15.35 -2.67 -5.89
C ARG C 488 -15.65 -3.02 -4.44
N VAL C 489 -16.93 -3.14 -4.10
CA VAL C 489 -17.30 -3.54 -2.74
C VAL C 489 -16.82 -4.97 -2.47
N ASN C 490 -17.01 -5.86 -3.46
N ASN C 490 -16.99 -5.87 -3.45
CA ASN C 490 -16.54 -7.25 -3.41
CA ASN C 490 -16.53 -7.25 -3.30
C ASN C 490 -15.03 -7.33 -3.16
C ASN C 490 -15.01 -7.37 -3.18
N LEU C 491 -14.29 -6.46 -3.85
CA LEU C 491 -12.83 -6.40 -3.71
C LEU C 491 -12.48 -6.08 -2.25
N ALA C 492 -13.14 -5.07 -1.69
CA ALA C 492 -12.94 -4.72 -0.29
C ALA C 492 -13.27 -5.87 0.66
N MET C 493 -14.37 -6.58 0.37
CA MET C 493 -14.76 -7.76 1.16
C MET C 493 -13.65 -8.81 1.15
N ASN C 494 -13.12 -9.08 -0.04
CA ASN C 494 -12.03 -10.04 -0.21
C ASN C 494 -10.76 -9.61 0.53
N VAL C 495 -10.43 -8.34 0.44
CA VAL C 495 -9.26 -7.79 1.14
C VAL C 495 -9.42 -7.92 2.66
N GLY C 496 -10.58 -7.51 3.17
CA GLY C 496 -10.84 -7.55 4.61
C GLY C 496 -10.78 -8.98 5.14
N LYS C 497 -11.32 -9.92 4.37
CA LYS C 497 -11.30 -11.32 4.78
C LYS C 497 -9.86 -11.82 4.81
N ALA C 498 -9.12 -11.53 3.74
CA ALA C 498 -7.74 -12.04 3.62
C ALA C 498 -6.82 -11.48 4.69
N ARG C 499 -7.06 -10.21 5.06
CA ARG C 499 -6.25 -9.52 6.04
C ARG C 499 -6.68 -9.82 7.48
N GLY C 500 -7.74 -10.60 7.63
CA GLY C 500 -8.24 -10.99 8.97
C GLY C 500 -9.01 -9.88 9.68
N PHE C 501 -9.57 -8.95 8.92
CA PHE C 501 -10.35 -7.86 9.52
C PHE C 501 -11.77 -8.32 9.86
N PHE C 502 -12.28 -9.27 9.09
CA PHE C 502 -13.64 -9.77 9.28
C PHE C 502 -13.84 -11.11 8.58
N LYS C 503 -14.99 -11.73 8.85
CA LYS C 503 -15.34 -13.01 8.27
CA LYS C 503 -15.35 -13.04 8.31
C LYS C 503 -16.80 -13.00 7.85
N LYS C 504 -17.21 -14.02 7.10
CA LYS C 504 -18.59 -14.15 6.66
C LYS C 504 -19.50 -13.98 7.86
N GLY C 505 -20.53 -13.14 7.70
CA GLY C 505 -21.51 -12.95 8.76
C GLY C 505 -21.29 -11.71 9.61
N ASP C 506 -20.07 -11.17 9.61
CA ASP C 506 -19.81 -9.90 10.29
C ASP C 506 -20.56 -8.82 9.53
N VAL C 507 -20.70 -7.66 10.15
CA VAL C 507 -21.38 -6.52 9.54
CA VAL C 507 -21.33 -6.55 9.44
C VAL C 507 -20.36 -5.43 9.18
N VAL C 508 -20.53 -4.80 8.02
CA VAL C 508 -19.70 -3.65 7.64
C VAL C 508 -20.58 -2.50 7.19
N ILE C 509 -20.06 -1.29 7.29
CA ILE C 509 -20.75 -0.11 6.76
C ILE C 509 -20.16 0.16 5.38
N VAL C 510 -21.01 0.40 4.38
CA VAL C 510 -20.53 0.59 3.01
C VAL C 510 -21.01 1.93 2.46
N LEU C 511 -20.06 2.74 2.00
CA LEU C 511 -20.32 4.09 1.49
C LEU C 511 -20.00 4.15 0.00
N THR C 512 -21.02 4.50 -0.77
CA THR C 512 -20.91 4.53 -2.22
C THR C 512 -21.67 5.74 -2.77
N GLY C 513 -21.45 6.04 -4.05
CA GLY C 513 -22.29 7.02 -4.76
C GLY C 513 -23.53 6.36 -5.32
N TRP C 514 -24.69 7.00 -5.18
CA TRP C 514 -25.94 6.46 -5.75
C TRP C 514 -25.87 6.29 -7.28
N ARG C 515 -25.26 7.28 -7.93
CA ARG C 515 -25.12 7.33 -9.37
C ARG C 515 -23.66 7.62 -9.73
N PRO C 516 -23.24 7.30 -10.97
CA PRO C 516 -21.86 7.60 -11.37
C PRO C 516 -21.54 9.07 -11.20
N GLY C 517 -22.56 9.92 -11.31
CA GLY C 517 -22.38 11.38 -11.20
C GLY C 517 -22.33 11.96 -9.80
N SER C 518 -22.61 11.15 -8.78
CA SER C 518 -22.59 11.64 -7.40
C SER C 518 -21.17 12.12 -7.06
N GLY C 519 -21.07 13.28 -6.40
CA GLY C 519 -19.78 13.91 -6.15
C GLY C 519 -19.16 13.59 -4.81
N PHE C 520 -19.81 12.70 -4.07
CA PHE C 520 -19.33 12.19 -2.78
C PHE C 520 -20.11 10.89 -2.53
N THR C 521 -19.74 10.15 -1.49
CA THR C 521 -20.46 8.94 -1.18
C THR C 521 -21.73 9.33 -0.43
N ASN C 522 -22.82 9.46 -1.18
CA ASN C 522 -24.10 9.90 -0.60
C ASN C 522 -25.00 8.75 -0.18
N THR C 523 -24.47 7.52 -0.23
CA THR C 523 -25.25 6.33 0.06
C THR C 523 -24.52 5.48 1.11
N MET C 524 -25.20 5.21 2.23
CA MET C 524 -24.66 4.38 3.32
CA MET C 524 -24.64 4.35 3.27
C MET C 524 -25.52 3.12 3.48
N ARG C 525 -24.88 1.95 3.59
CA ARG C 525 -25.63 0.73 3.89
C ARG C 525 -24.94 -0.04 5.01
N VAL C 526 -25.74 -0.74 5.80
CA VAL C 526 -25.23 -1.81 6.67
CA VAL C 526 -25.20 -1.79 6.65
C VAL C 526 -25.36 -3.11 5.89
N VAL C 527 -24.24 -3.81 5.73
CA VAL C 527 -24.14 -4.99 4.85
C VAL C 527 -23.48 -6.16 5.58
N PRO C 528 -24.08 -7.37 5.51
CA PRO C 528 -23.33 -8.53 6.03
C PRO C 528 -22.19 -8.94 5.07
N VAL C 529 -21.07 -9.34 5.64
CA VAL C 529 -19.95 -9.84 4.85
C VAL C 529 -20.37 -11.18 4.24
N PRO C 530 -20.24 -11.32 2.90
CA PRO C 530 -20.59 -12.59 2.23
C PRO C 530 -19.53 -13.65 2.45
N ALA D 10 -27.44 40.67 12.98
CA ALA D 10 -27.09 39.47 12.17
C ALA D 10 -28.35 38.71 11.74
N PHE D 11 -28.30 37.37 11.82
CA PHE D 11 -29.42 36.51 11.46
C PHE D 11 -29.85 35.69 12.66
N ILE D 12 -31.13 35.74 13.02
CA ILE D 12 -31.66 34.89 14.09
C ILE D 12 -32.08 33.55 13.49
N GLN D 13 -31.32 32.52 13.82
CA GLN D 13 -31.56 31.20 13.26
C GLN D 13 -32.94 30.70 13.67
N THR D 14 -33.62 30.05 12.74
CA THR D 14 -34.88 29.37 13.03
C THR D 14 -34.67 28.22 14.01
N GLN D 15 -35.79 27.74 14.54
CA GLN D 15 -35.87 26.47 15.27
C GLN D 15 -34.89 26.41 16.45
N GLN D 16 -34.70 27.53 17.15
CA GLN D 16 -33.80 27.62 18.31
C GLN D 16 -32.42 27.00 18.04
N LEU D 17 -31.91 27.21 16.83
CA LEU D 17 -30.66 26.55 16.45
C LEU D 17 -29.43 27.16 17.17
N HIS D 18 -29.55 28.42 17.61
CA HIS D 18 -28.47 28.97 18.45
C HIS D 18 -28.40 28.24 19.78
N ALA D 19 -29.57 28.07 20.42
CA ALA D 19 -29.69 27.30 21.66
C ALA D 19 -29.22 25.85 21.48
N ALA D 20 -29.46 25.30 20.29
CA ALA D 20 -29.05 23.93 19.96
C ALA D 20 -27.57 23.68 20.15
N MET D 21 -26.76 24.73 19.95
CA MET D 21 -25.30 24.61 19.98
C MET D 21 -24.68 24.83 21.36
N ALA D 22 -25.52 25.03 22.36
CA ALA D 22 -25.02 25.27 23.72
C ALA D 22 -24.22 24.07 24.23
N ASP D 23 -23.29 24.34 25.13
CA ASP D 23 -22.51 23.30 25.77
C ASP D 23 -23.20 22.74 27.02
N THR D 24 -24.00 23.55 27.68
CA THR D 24 -24.65 23.12 28.93
C THR D 24 -26.15 23.35 28.85
N PHE D 25 -26.91 22.69 29.72
CA PHE D 25 -28.36 22.89 29.72
CA PHE D 25 -28.36 22.90 29.73
C PHE D 25 -28.70 24.33 30.13
N LEU D 26 -27.96 24.87 31.09
CA LEU D 26 -28.16 26.26 31.50
C LEU D 26 -27.97 27.22 30.30
N GLU D 27 -26.88 27.05 29.55
N GLU D 27 -26.87 27.02 29.58
CA GLU D 27 -26.67 27.93 28.40
CA GLU D 27 -26.56 27.81 28.37
C GLU D 27 -27.74 27.72 27.32
C GLU D 27 -27.69 27.70 27.34
N HIS D 28 -28.18 26.48 27.16
CA HIS D 28 -29.28 26.17 26.23
C HIS D 28 -30.52 27.01 26.58
N LYS D 29 -30.88 26.99 27.88
CA LYS D 29 -32.02 27.79 28.33
CA LYS D 29 -31.99 27.81 28.41
C LYS D 29 -31.80 29.28 28.12
N CYS D 30 -30.58 29.78 28.41
CA CYS D 30 -30.26 31.20 28.31
C CYS D 30 -30.34 31.70 26.87
N ARG D 31 -30.19 30.78 25.93
CA ARG D 31 -30.20 31.11 24.51
C ARG D 31 -31.57 31.01 23.87
N LEU D 32 -32.58 30.56 24.62
CA LEU D 32 -33.91 30.43 24.01
C LEU D 32 -34.41 31.81 23.57
N ASP D 33 -34.93 31.89 22.35
CA ASP D 33 -35.20 33.18 21.71
C ASP D 33 -36.63 33.23 21.14
N ILE D 34 -37.44 34.14 21.66
CA ILE D 34 -38.83 34.27 21.20
C ILE D 34 -38.92 34.72 19.73
N ASP D 35 -37.81 35.24 19.21
CA ASP D 35 -37.78 35.70 17.81
C ASP D 35 -37.22 34.64 16.84
N SER D 36 -36.88 33.46 17.37
CA SER D 36 -36.47 32.32 16.54
C SER D 36 -37.73 31.57 16.06
N ALA D 37 -38.05 31.67 14.77
CA ALA D 37 -39.29 31.06 14.26
C ALA D 37 -39.19 29.54 14.26
N PRO D 38 -40.25 28.85 14.71
CA PRO D 38 -40.26 27.39 14.64
C PRO D 38 -40.39 26.95 13.18
N ILE D 39 -40.17 25.66 12.90
CA ILE D 39 -40.42 25.19 11.54
C ILE D 39 -41.91 24.96 11.31
N THR D 40 -42.29 24.71 10.07
CA THR D 40 -43.71 24.47 9.75
C THR D 40 -44.24 23.15 10.33
N ALA D 41 -43.45 22.10 10.19
CA ALA D 41 -43.84 20.79 10.70
C ALA D 41 -44.01 20.77 12.21
N ARG D 42 -44.99 20.01 12.67
CA ARG D 42 -45.27 19.84 14.09
C ARG D 42 -45.21 18.35 14.38
N ASN D 43 -44.31 17.95 15.28
CA ASN D 43 -43.96 16.54 15.50
C ASN D 43 -44.81 15.82 16.56
N THR D 44 -45.35 16.57 17.52
CA THR D 44 -46.06 15.96 18.65
C THR D 44 -47.49 15.62 18.22
N GLY D 45 -47.86 14.34 18.34
CA GLY D 45 -49.22 13.92 17.98
C GLY D 45 -50.27 14.56 18.87
N ILE D 46 -51.42 14.84 18.29
CA ILE D 46 -52.52 15.48 19.02
C ILE D 46 -53.70 14.52 19.02
N ILE D 47 -54.12 14.12 20.22
CA ILE D 47 -55.24 13.19 20.42
C ILE D 47 -56.41 13.98 20.96
N CYS D 48 -57.56 13.90 20.29
CA CYS D 48 -58.75 14.68 20.69
C CYS D 48 -59.89 13.77 21.08
N THR D 49 -60.46 14.04 22.25
CA THR D 49 -61.66 13.33 22.69
C THR D 49 -62.87 13.89 21.96
N ILE D 50 -63.63 13.00 21.34
CA ILE D 50 -64.82 13.43 20.60
C ILE D 50 -66.06 13.33 21.48
N GLY D 51 -66.94 14.31 21.35
CA GLY D 51 -68.17 14.37 22.11
C GLY D 51 -69.14 15.33 21.46
N PRO D 52 -70.18 15.77 22.19
CA PRO D 52 -71.20 16.63 21.60
C PRO D 52 -70.64 17.84 20.86
N ALA D 53 -69.52 18.39 21.33
CA ALA D 53 -68.97 19.61 20.76
C ALA D 53 -68.21 19.41 19.46
N SER D 54 -67.86 18.15 19.16
CA SER D 54 -66.90 17.87 18.10
C SER D 54 -67.33 16.70 17.21
N ARG D 55 -68.58 16.28 17.38
CA ARG D 55 -69.13 15.04 16.86
C ARG D 55 -69.56 15.12 15.39
N SER D 56 -69.93 16.31 14.93
CA SER D 56 -70.44 16.43 13.57
C SER D 56 -69.34 16.29 12.54
N VAL D 57 -69.73 15.83 11.36
CA VAL D 57 -68.79 15.68 10.26
C VAL D 57 -68.14 17.03 9.94
N GLU D 58 -68.93 18.10 9.92
CA GLU D 58 -68.37 19.41 9.57
C GLU D 58 -67.35 19.91 10.59
N THR D 59 -67.63 19.73 11.89
CA THR D 59 -66.62 20.06 12.91
C THR D 59 -65.38 19.15 12.81
N LEU D 60 -65.59 17.87 12.56
CA LEU D 60 -64.47 16.93 12.46
C LEU D 60 -63.52 17.26 11.31
N LYS D 61 -64.08 17.75 10.20
CA LYS D 61 -63.22 18.18 9.10
C LYS D 61 -62.32 19.33 9.55
N GLU D 62 -62.90 20.28 10.30
CA GLU D 62 -62.11 21.40 10.80
C GLU D 62 -61.10 20.97 11.88
N MET D 63 -61.44 19.96 12.67
CA MET D 63 -60.48 19.45 13.65
CA MET D 63 -60.53 19.37 13.66
C MET D 63 -59.29 18.78 12.98
N ILE D 64 -59.54 18.06 11.89
CA ILE D 64 -58.44 17.45 11.11
C ILE D 64 -57.56 18.56 10.52
N LYS D 65 -58.19 19.57 9.95
CA LYS D 65 -57.46 20.69 9.38
C LYS D 65 -56.63 21.41 10.44
N SER D 66 -57.16 21.48 11.66
CA SER D 66 -56.51 22.18 12.78
C SER D 66 -55.37 21.37 13.41
N GLY D 67 -55.33 20.06 13.14
CA GLY D 67 -54.21 19.25 13.61
C GLY D 67 -54.51 17.94 14.31
N MET D 68 -55.79 17.61 14.49
CA MET D 68 -56.13 16.36 15.16
C MET D 68 -55.56 15.16 14.42
N ASN D 69 -54.88 14.28 15.14
CA ASN D 69 -54.31 13.05 14.55
C ASN D 69 -55.02 11.78 14.98
N VAL D 70 -55.56 11.79 16.21
CA VAL D 70 -56.22 10.62 16.77
C VAL D 70 -57.52 11.08 17.42
N ALA D 71 -58.61 10.36 17.10
CA ALA D 71 -59.91 10.60 17.70
C ALA D 71 -60.14 9.59 18.85
N ARG D 72 -60.32 10.10 20.06
CA ARG D 72 -60.53 9.27 21.24
C ARG D 72 -62.01 9.16 21.57
N MET D 73 -62.49 7.92 21.63
CA MET D 73 -63.87 7.61 22.01
C MET D 73 -63.85 7.13 23.46
N ASN D 74 -64.48 7.89 24.34
CA ASN D 74 -64.45 7.57 25.77
C ASN D 74 -65.64 6.68 26.18
N PHE D 75 -65.37 5.39 26.39
CA PHE D 75 -66.44 4.41 26.69
C PHE D 75 -66.92 4.41 28.16
N SER D 76 -66.44 5.35 28.96
CA SER D 76 -67.04 5.58 30.28
C SER D 76 -68.48 6.04 30.15
N HIS D 77 -68.83 6.58 28.98
CA HIS D 77 -70.19 7.03 28.70
C HIS D 77 -70.61 6.59 27.30
N GLY D 78 -71.92 6.56 27.06
CA GLY D 78 -72.45 6.37 25.72
C GLY D 78 -72.68 4.91 25.36
N THR D 79 -73.62 4.69 24.46
CA THR D 79 -73.93 3.36 23.95
C THR D 79 -73.04 2.97 22.77
N HIS D 80 -73.04 1.68 22.43
CA HIS D 80 -72.38 1.24 21.20
C HIS D 80 -72.94 1.95 19.96
N GLU D 81 -74.25 2.18 19.92
CA GLU D 81 -74.86 2.93 18.81
C GLU D 81 -74.21 4.32 18.69
N TYR D 82 -74.10 5.00 19.82
CA TYR D 82 -73.51 6.34 19.90
CA TYR D 82 -73.53 6.34 19.86
C TYR D 82 -72.08 6.34 19.36
N HIS D 83 -71.27 5.43 19.88
CA HIS D 83 -69.86 5.38 19.50
C HIS D 83 -69.66 4.96 18.04
N ALA D 84 -70.50 4.04 17.56
CA ALA D 84 -70.43 3.66 16.15
C ALA D 84 -70.72 4.85 15.25
N GLU D 85 -71.68 5.70 15.65
CA GLU D 85 -72.01 6.90 14.88
C GLU D 85 -70.86 7.91 14.90
N THR D 86 -70.24 8.10 16.07
CA THR D 86 -69.08 8.98 16.17
C THR D 86 -67.97 8.49 15.25
N ILE D 87 -67.69 7.18 15.30
CA ILE D 87 -66.63 6.59 14.49
C ILE D 87 -66.91 6.79 13.00
N LYS D 88 -68.18 6.58 12.63
CA LYS D 88 -68.61 6.79 11.25
C LYS D 88 -68.31 8.21 10.81
N ASN D 89 -68.66 9.18 11.65
CA ASN D 89 -68.45 10.60 11.33
C ASN D 89 -66.97 10.96 11.22
N VAL D 90 -66.15 10.39 12.10
CA VAL D 90 -64.70 10.59 12.03
C VAL D 90 -64.18 10.10 10.69
N ARG D 91 -64.63 8.93 10.27
CA ARG D 91 -64.18 8.35 9.00
C ARG D 91 -64.73 9.11 7.78
N THR D 92 -65.96 9.59 7.87
CA THR D 92 -66.52 10.43 6.80
C THR D 92 -65.69 11.71 6.63
N ALA D 93 -65.37 12.37 7.75
CA ALA D 93 -64.55 13.59 7.73
C ALA D 93 -63.14 13.29 7.17
N THR D 94 -62.55 12.20 7.63
CA THR D 94 -61.19 11.84 7.21
C THR D 94 -61.15 11.59 5.71
N GLU D 95 -62.10 10.80 5.22
CA GLU D 95 -62.10 10.39 3.81
C GLU D 95 -62.52 11.50 2.85
N SER D 96 -63.14 12.55 3.38
CA SER D 96 -63.48 13.72 2.57
C SER D 96 -62.26 14.39 1.94
N PHE D 97 -61.07 14.08 2.47
CA PHE D 97 -59.80 14.61 1.98
C PHE D 97 -59.05 13.62 1.09
N ALA D 98 -59.62 12.45 0.87
CA ALA D 98 -58.90 11.33 0.24
C ALA D 98 -58.66 11.53 -1.26
N SER D 99 -59.38 12.46 -1.87
CA SER D 99 -59.26 12.70 -3.32
C SER D 99 -57.89 13.28 -3.70
N ASP D 100 -57.19 13.85 -2.72
CA ASP D 100 -55.83 14.33 -2.92
C ASP D 100 -54.85 13.59 -2.02
N PRO D 101 -54.24 12.50 -2.54
CA PRO D 101 -53.27 11.70 -1.80
C PRO D 101 -52.03 12.48 -1.32
N ILE D 102 -51.79 13.65 -1.92
CA ILE D 102 -50.67 14.50 -1.50
C ILE D 102 -51.00 15.24 -0.20
N LEU D 103 -52.27 15.54 0.02
CA LEU D 103 -52.67 16.28 1.21
C LEU D 103 -53.42 15.45 2.23
N TYR D 104 -53.89 14.26 1.84
CA TYR D 104 -54.66 13.41 2.75
C TYR D 104 -53.88 13.12 4.04
N ARG D 105 -54.55 13.27 5.17
CA ARG D 105 -53.97 12.93 6.47
C ARG D 105 -54.70 11.74 7.06
N PRO D 106 -53.98 10.64 7.33
CA PRO D 106 -54.57 9.52 8.06
C PRO D 106 -55.03 9.98 9.45
N VAL D 107 -56.13 9.43 9.94
CA VAL D 107 -56.63 9.75 11.28
C VAL D 107 -56.93 8.46 12.02
N ALA D 108 -56.35 8.29 13.21
CA ALA D 108 -56.53 7.09 14.00
C ALA D 108 -57.77 7.17 14.89
N VAL D 109 -58.30 6.01 15.25
CA VAL D 109 -59.44 5.89 16.15
C VAL D 109 -59.00 5.09 17.38
N ALA D 110 -59.21 5.69 18.57
CA ALA D 110 -58.84 5.06 19.83
C ALA D 110 -60.05 4.80 20.70
N LEU D 111 -60.10 3.63 21.33
CA LEU D 111 -61.15 3.29 22.27
C LEU D 111 -60.59 3.35 23.69
N ASP D 112 -61.14 4.24 24.52
CA ASP D 112 -60.68 4.41 25.91
C ASP D 112 -61.70 3.71 26.81
N THR D 113 -61.28 2.64 27.47
CA THR D 113 -62.20 1.80 28.26
C THR D 113 -62.75 2.48 29.50
N LYS D 114 -63.94 2.07 29.93
CA LYS D 114 -64.46 2.46 31.22
C LYS D 114 -63.52 1.97 32.32
N GLY D 115 -63.23 0.67 32.32
CA GLY D 115 -62.44 0.09 33.40
C GLY D 115 -63.14 0.08 34.75
N PRO D 116 -62.38 -0.18 35.82
CA PRO D 116 -62.96 -0.31 37.16
C PRO D 116 -63.33 1.01 37.83
N GLU D 117 -64.21 1.78 37.21
CA GLU D 117 -64.71 3.04 37.78
C GLU D 117 -65.71 2.82 38.90
N ILE D 118 -65.69 3.73 39.86
CA ILE D 118 -66.75 3.84 40.86
C ILE D 118 -67.48 5.16 40.59
N ARG D 119 -68.82 5.11 40.55
CA ARG D 119 -69.62 6.31 40.28
C ARG D 119 -70.81 6.39 41.23
N THR D 120 -71.21 7.62 41.53
CA THR D 120 -72.42 7.87 42.34
C THR D 120 -73.69 7.72 41.48
N GLY D 121 -74.85 7.82 42.12
CA GLY D 121 -76.12 7.71 41.40
C GLY D 121 -76.64 9.08 41.01
N LEU D 122 -77.93 9.15 40.69
CA LEU D 122 -78.57 10.41 40.33
C LEU D 122 -79.10 11.13 41.56
N ILE D 123 -78.89 12.44 41.59
CA ILE D 123 -79.52 13.30 42.61
C ILE D 123 -81.03 13.20 42.47
N LYS D 124 -81.71 13.08 43.61
CA LYS D 124 -83.17 12.95 43.65
C LYS D 124 -83.85 14.09 42.89
N GLY D 125 -85.04 13.82 42.36
CA GLY D 125 -85.78 14.82 41.60
C GLY D 125 -86.13 16.06 42.40
N SER D 126 -86.55 15.85 43.65
CA SER D 126 -86.94 16.92 44.58
C SER D 126 -85.77 17.82 44.97
N GLY D 127 -86.06 19.09 45.26
CA GLY D 127 -85.05 20.04 45.74
C GLY D 127 -84.07 20.51 44.67
N THR D 128 -83.01 21.19 45.10
CA THR D 128 -81.99 21.74 44.20
C THR D 128 -81.32 20.68 43.31
N ALA D 129 -80.80 21.12 42.16
CA ALA D 129 -80.23 20.23 41.16
C ALA D 129 -79.02 19.47 41.69
N GLU D 130 -78.20 20.18 42.45
CA GLU D 130 -77.09 19.59 43.18
C GLU D 130 -77.36 19.77 44.66
N VAL D 131 -76.85 18.84 45.47
CA VAL D 131 -77.01 18.98 46.90
C VAL D 131 -75.72 19.49 47.50
N GLU D 132 -75.83 20.35 48.51
CA GLU D 132 -74.64 20.83 49.20
C GLU D 132 -74.22 19.86 50.28
N LEU D 133 -72.98 19.38 50.15
CA LEU D 133 -72.33 18.60 51.19
C LEU D 133 -71.48 19.58 52.01
N LYS D 134 -71.95 19.88 53.21
CA LYS D 134 -71.33 20.92 54.03
C LYS D 134 -70.27 20.33 54.93
N LYS D 135 -69.15 21.05 55.07
CA LYS D 135 -68.08 20.62 55.95
C LYS D 135 -68.63 20.29 57.33
N GLY D 136 -68.31 19.09 57.80
CA GLY D 136 -68.71 18.64 59.14
C GLY D 136 -70.01 17.88 59.18
N ALA D 137 -70.76 17.90 58.09
CA ALA D 137 -72.04 17.20 58.05
C ALA D 137 -71.86 15.70 57.91
N THR D 138 -72.88 14.96 58.33
CA THR D 138 -72.93 13.52 58.15
CA THR D 138 -72.94 13.51 58.15
C THR D 138 -73.47 13.18 56.76
N LEU D 139 -72.90 12.16 56.15
CA LEU D 139 -73.38 11.67 54.86
C LEU D 139 -73.32 10.15 54.90
N LYS D 140 -74.45 9.50 54.67
CA LYS D 140 -74.49 8.04 54.64
C LYS D 140 -74.28 7.54 53.22
N ILE D 141 -73.32 6.64 53.03
CA ILE D 141 -73.14 5.96 51.76
C ILE D 141 -73.90 4.64 51.78
N THR D 142 -74.80 4.47 50.82
CA THR D 142 -75.61 3.26 50.71
C THR D 142 -75.36 2.49 49.41
N LEU D 143 -75.63 1.19 49.46
CA LEU D 143 -75.57 0.34 48.27
C LEU D 143 -76.98 -0.13 47.87
N ASP D 144 -77.97 0.28 48.67
CA ASP D 144 -79.37 -0.04 48.44
C ASP D 144 -79.88 0.65 47.17
N ASN D 145 -80.16 -0.15 46.15
CA ASN D 145 -80.59 0.35 44.83
C ASN D 145 -81.86 1.22 44.82
N ALA D 146 -82.64 1.17 45.90
CA ALA D 146 -83.80 2.05 46.04
C ALA D 146 -83.41 3.53 45.99
N TYR D 147 -82.14 3.79 46.26
CA TYR D 147 -81.60 5.16 46.31
C TYR D 147 -80.76 5.53 45.08
N MET D 148 -80.64 4.61 44.12
CA MET D 148 -79.73 4.85 43.00
C MET D 148 -80.06 6.09 42.17
N GLU D 149 -81.32 6.52 42.20
CA GLU D 149 -81.71 7.76 41.54
C GLU D 149 -82.36 8.71 42.54
N LYS D 150 -82.00 8.54 43.82
CA LYS D 150 -82.52 9.37 44.90
C LYS D 150 -81.42 9.83 45.87
N CYS D 151 -80.26 10.16 45.32
CA CYS D 151 -79.15 10.68 46.13
C CYS D 151 -79.45 12.10 46.63
N ASP D 152 -79.04 12.39 47.86
CA ASP D 152 -79.17 13.76 48.40
C ASP D 152 -78.09 14.05 49.46
N GLU D 153 -78.25 15.14 50.20
CA GLU D 153 -77.26 15.55 51.20
C GLU D 153 -77.23 14.63 52.42
N ASN D 154 -78.15 13.68 52.47
CA ASN D 154 -78.21 12.73 53.59
C ASN D 154 -77.76 11.31 53.24
N ILE D 155 -78.03 10.90 52.00
CA ILE D 155 -77.77 9.53 51.57
C ILE D 155 -77.24 9.52 50.15
N LEU D 156 -76.09 8.89 49.96
CA LEU D 156 -75.42 8.82 48.68
C LEU D 156 -75.28 7.37 48.24
N TRP D 157 -75.83 7.04 47.07
CA TRP D 157 -75.69 5.71 46.51
C TRP D 157 -74.46 5.69 45.61
N LEU D 158 -73.71 4.60 45.65
CA LEU D 158 -72.71 4.36 44.63
C LEU D 158 -72.72 2.92 44.12
N ASP D 159 -72.00 2.66 43.03
CA ASP D 159 -72.18 1.43 42.26
C ASP D 159 -71.13 0.35 42.55
N TYR D 160 -70.24 0.61 43.52
CA TYR D 160 -69.23 -0.35 43.92
C TYR D 160 -69.74 -1.21 45.08
N LYS D 161 -70.24 -2.40 44.74
CA LYS D 161 -70.96 -3.26 45.71
C LYS D 161 -70.10 -3.79 46.85
N ASN D 162 -68.80 -3.92 46.62
CA ASN D 162 -67.89 -4.47 47.62
CA ASN D 162 -67.88 -4.47 47.62
C ASN D 162 -67.13 -3.39 48.40
N ILE D 163 -67.59 -2.14 48.29
CA ILE D 163 -66.89 -1.02 48.93
C ILE D 163 -66.60 -1.22 50.43
N CYS D 164 -67.55 -1.78 51.17
CA CYS D 164 -67.38 -1.98 52.61
C CYS D 164 -66.27 -2.98 52.96
N LYS D 165 -65.93 -3.86 52.02
CA LYS D 165 -64.89 -4.86 52.27
C LYS D 165 -63.48 -4.28 52.14
N VAL D 166 -63.34 -3.15 51.44
CA VAL D 166 -62.01 -2.59 51.16
C VAL D 166 -61.68 -1.28 51.88
N VAL D 167 -62.67 -0.66 52.51
CA VAL D 167 -62.43 0.55 53.28
C VAL D 167 -62.52 0.29 54.78
N ASP D 168 -61.95 1.20 55.56
CA ASP D 168 -61.93 1.07 57.01
C ASP D 168 -62.44 2.37 57.62
N VAL D 169 -62.78 2.33 58.91
CA VAL D 169 -63.00 3.56 59.66
C VAL D 169 -61.74 4.41 59.53
N GLY D 170 -61.93 5.69 59.18
CA GLY D 170 -60.81 6.59 58.96
C GLY D 170 -60.44 6.78 57.50
N SER D 171 -60.90 5.85 56.65
CA SER D 171 -60.65 5.92 55.20
C SER D 171 -61.19 7.22 54.61
N LYS D 172 -60.50 7.75 53.61
CA LYS D 172 -60.99 8.88 52.84
C LYS D 172 -61.70 8.43 51.57
N VAL D 173 -62.82 9.06 51.26
CA VAL D 173 -63.56 8.83 50.03
C VAL D 173 -63.62 10.15 49.27
N TYR D 174 -63.12 10.17 48.04
CA TYR D 174 -63.18 11.38 47.24
C TYR D 174 -64.28 11.28 46.21
N VAL D 175 -64.95 12.40 45.99
CA VAL D 175 -66.06 12.44 45.02
C VAL D 175 -65.90 13.65 44.10
N ASP D 176 -66.22 13.44 42.83
CA ASP D 176 -66.23 14.50 41.79
C ASP D 176 -64.83 15.07 41.53
N ASP D 177 -64.02 14.35 40.77
CA ASP D 177 -62.65 14.77 40.46
CA ASP D 177 -62.64 14.78 40.45
C ASP D 177 -61.87 15.16 41.72
N GLY D 178 -62.12 14.44 42.81
CA GLY D 178 -61.41 14.64 44.08
C GLY D 178 -61.68 15.96 44.79
N LEU D 179 -62.75 16.65 44.38
CA LEU D 179 -63.08 17.99 44.90
C LEU D 179 -63.80 17.96 46.24
N ILE D 180 -64.60 16.92 46.44
CA ILE D 180 -65.26 16.65 47.73
C ILE D 180 -64.58 15.47 48.39
N SER D 181 -64.39 15.57 49.71
CA SER D 181 -63.79 14.47 50.45
CA SER D 181 -63.75 14.52 50.48
C SER D 181 -64.60 14.14 51.70
N LEU D 182 -64.68 12.85 51.97
CA LEU D 182 -65.42 12.33 53.11
C LEU D 182 -64.49 11.42 53.91
N GLN D 183 -64.73 11.35 55.21
CA GLN D 183 -64.00 10.43 56.06
CA GLN D 183 -64.00 10.43 56.06
C GLN D 183 -64.98 9.41 56.64
N VAL D 184 -64.67 8.13 56.47
CA VAL D 184 -65.51 7.07 57.04
C VAL D 184 -65.47 7.13 58.57
N LYS D 185 -66.64 7.19 59.18
CA LYS D 185 -66.77 7.24 60.65
C LYS D 185 -67.27 5.92 61.23
N GLN D 186 -68.22 5.30 60.55
CA GLN D 186 -68.77 4.00 60.95
C GLN D 186 -68.99 3.12 59.74
N LYS D 187 -68.75 1.82 59.93
CA LYS D 187 -69.08 0.80 58.93
C LYS D 187 -70.30 -0.01 59.35
N GLY D 188 -71.27 -0.12 58.45
CA GLY D 188 -72.35 -1.09 58.59
C GLY D 188 -72.02 -2.27 57.70
N PRO D 189 -72.89 -3.31 57.72
CA PRO D 189 -72.68 -4.46 56.81
C PRO D 189 -72.66 -4.06 55.33
N ASP D 190 -73.51 -3.11 54.96
CA ASP D 190 -73.68 -2.69 53.57
C ASP D 190 -73.86 -1.18 53.45
N PHE D 191 -73.37 -0.43 54.43
CA PHE D 191 -73.39 1.03 54.36
C PHE D 191 -72.18 1.64 55.06
N LEU D 192 -71.96 2.93 54.81
CA LEU D 192 -70.87 3.67 55.42
C LEU D 192 -71.39 5.02 55.92
N VAL D 193 -71.18 5.30 57.19
CA VAL D 193 -71.48 6.62 57.74
C VAL D 193 -70.21 7.45 57.66
N THR D 194 -70.29 8.60 56.99
CA THR D 194 -69.12 9.44 56.78
C THR D 194 -69.35 10.85 57.32
N GLU D 195 -68.26 11.58 57.48
CA GLU D 195 -68.31 13.02 57.74
C GLU D 195 -67.70 13.74 56.56
N VAL D 196 -68.36 14.82 56.13
CA VAL D 196 -67.82 15.67 55.07
C VAL D 196 -66.59 16.41 55.58
N GLU D 197 -65.45 16.12 54.96
CA GLU D 197 -64.17 16.73 55.29
C GLU D 197 -63.98 17.99 54.45
N ASN D 198 -63.98 17.84 53.13
CA ASN D 198 -63.97 18.97 52.20
C ASN D 198 -65.31 19.04 51.49
N GLY D 199 -66.06 20.10 51.76
CA GLY D 199 -67.41 20.21 51.23
C GLY D 199 -67.51 20.74 49.81
N GLY D 200 -68.73 20.73 49.28
CA GLY D 200 -68.99 21.22 47.94
C GLY D 200 -70.35 20.77 47.43
N PHE D 201 -70.70 21.21 46.23
CA PHE D 201 -71.97 20.85 45.62
C PHE D 201 -71.82 19.58 44.79
N LEU D 202 -72.76 18.67 44.97
CA LEU D 202 -72.68 17.35 44.37
C LEU D 202 -73.78 17.13 43.35
N GLY D 203 -73.37 16.80 42.12
CA GLY D 203 -74.29 16.47 41.05
C GLY D 203 -74.41 14.97 40.87
N SER D 204 -74.83 14.54 39.68
CA SER D 204 -75.14 13.12 39.45
C SER D 204 -74.02 12.37 38.78
N LYS D 205 -73.89 11.07 39.11
CA LYS D 205 -72.98 10.16 38.41
C LYS D 205 -71.54 10.69 38.40
N LYS D 206 -71.07 11.06 39.58
CA LYS D 206 -69.74 11.61 39.73
C LYS D 206 -68.74 10.53 40.10
N GLY D 207 -67.49 10.74 39.71
CA GLY D 207 -66.42 9.77 39.93
C GLY D 207 -66.02 9.73 41.39
N VAL D 208 -65.80 8.52 41.88
CA VAL D 208 -65.37 8.28 43.26
C VAL D 208 -63.98 7.63 43.27
N ASN D 209 -63.10 8.15 44.11
CA ASN D 209 -61.78 7.55 44.33
C ASN D 209 -61.58 7.11 45.76
N LEU D 210 -60.92 5.96 45.93
CA LEU D 210 -60.59 5.45 47.25
C LEU D 210 -59.07 5.25 47.34
N PRO D 211 -58.32 6.35 47.48
CA PRO D 211 -56.86 6.26 47.39
C PRO D 211 -56.19 5.32 48.40
N GLY D 212 -56.76 5.19 49.58
CA GLY D 212 -56.20 4.29 50.59
C GLY D 212 -56.47 2.80 50.38
N ALA D 213 -57.31 2.47 49.39
CA ALA D 213 -57.89 1.12 49.32
C ALA D 213 -57.40 0.26 48.15
N ALA D 214 -57.33 -1.04 48.39
CA ALA D 214 -57.07 -2.00 47.32
C ALA D 214 -58.41 -2.38 46.70
N VAL D 215 -58.86 -1.54 45.76
CA VAL D 215 -60.14 -1.73 45.09
C VAL D 215 -60.11 -3.04 44.31
N ASP D 216 -61.13 -3.86 44.49
CA ASP D 216 -61.11 -5.22 43.98
C ASP D 216 -62.01 -5.48 42.77
N LEU D 217 -62.40 -4.40 42.08
CA LEU D 217 -63.12 -4.53 40.81
C LEU D 217 -62.20 -5.16 39.77
N PRO D 218 -62.78 -5.86 38.78
CA PRO D 218 -61.95 -6.48 37.75
C PRO D 218 -61.25 -5.45 36.90
N ALA D 219 -60.02 -5.77 36.47
CA ALA D 219 -59.30 -4.92 35.54
C ALA D 219 -60.08 -4.80 34.24
N VAL D 220 -60.70 -5.92 33.85
CA VAL D 220 -61.51 -5.99 32.64
C VAL D 220 -62.86 -6.60 33.01
N SER D 221 -63.88 -5.74 33.10
CA SER D 221 -65.24 -6.15 33.45
C SER D 221 -65.96 -6.75 32.27
N GLU D 222 -67.13 -7.33 32.51
CA GLU D 222 -67.98 -7.81 31.42
C GLU D 222 -68.29 -6.69 30.42
N LYS D 223 -68.56 -5.49 30.93
CA LYS D 223 -68.79 -4.33 30.07
C LYS D 223 -67.55 -4.03 29.22
N ASP D 224 -66.37 -4.04 29.84
CA ASP D 224 -65.16 -3.78 29.09
C ASP D 224 -64.95 -4.84 27.99
N ILE D 225 -65.26 -6.10 28.28
CA ILE D 225 -65.13 -7.18 27.28
C ILE D 225 -66.03 -6.91 26.08
N GLN D 226 -67.29 -6.57 26.34
CA GLN D 226 -68.21 -6.17 25.27
C GLN D 226 -67.66 -5.00 24.46
N ASP D 227 -67.13 -3.99 25.16
CA ASP D 227 -66.59 -2.80 24.51
C ASP D 227 -65.36 -3.12 23.65
N LEU D 228 -64.47 -3.96 24.17
CA LEU D 228 -63.26 -4.35 23.44
C LEU D 228 -63.59 -5.15 22.18
N LYS D 229 -64.54 -6.06 22.30
CA LYS D 229 -65.01 -6.85 21.16
CA LYS D 229 -64.99 -6.85 21.17
C LYS D 229 -65.61 -5.95 20.08
N PHE D 230 -66.39 -4.97 20.51
CA PHE D 230 -66.97 -3.97 19.60
C PHE D 230 -65.86 -3.19 18.90
N GLY D 231 -64.83 -2.80 19.66
CA GLY D 231 -63.65 -2.12 19.10
C GLY D 231 -63.00 -2.93 17.99
N VAL D 232 -62.85 -4.22 18.20
CA VAL D 232 -62.29 -5.09 17.16
C VAL D 232 -63.20 -5.07 15.93
N GLU D 233 -64.50 -5.21 16.15
CA GLU D 233 -65.47 -5.19 15.04
C GLU D 233 -65.45 -3.88 14.26
N GLN D 234 -65.26 -2.78 14.98
CA GLN D 234 -65.24 -1.45 14.36
C GLN D 234 -63.85 -1.05 13.84
N ASP D 235 -62.88 -1.97 13.93
CA ASP D 235 -61.54 -1.76 13.35
C ASP D 235 -60.79 -0.57 13.97
N VAL D 236 -60.89 -0.40 15.28
CA VAL D 236 -60.14 0.66 15.97
C VAL D 236 -58.64 0.38 15.88
N ASP D 237 -57.84 1.43 16.00
CA ASP D 237 -56.39 1.31 15.82
C ASP D 237 -55.69 1.01 17.12
N MET D 238 -56.31 1.41 18.23
CA MET D 238 -55.66 1.33 19.54
C MET D 238 -56.70 1.41 20.64
N VAL D 239 -56.33 0.85 21.80
CA VAL D 239 -57.14 0.86 23.00
C VAL D 239 -56.36 1.60 24.07
N PHE D 240 -57.01 2.54 24.76
CA PHE D 240 -56.43 3.15 25.96
C PHE D 240 -57.09 2.43 27.14
N ALA D 241 -56.33 1.58 27.81
CA ALA D 241 -56.88 0.71 28.86
C ALA D 241 -56.79 1.37 30.24
N SER D 242 -57.96 1.64 30.84
CA SER D 242 -58.03 2.40 32.10
C SER D 242 -57.60 1.59 33.32
N PHE D 243 -56.96 2.28 34.27
CA PHE D 243 -56.60 1.77 35.60
C PHE D 243 -55.73 0.51 35.57
N ILE D 244 -54.77 0.46 34.67
CA ILE D 244 -53.86 -0.69 34.61
C ILE D 244 -52.94 -0.69 35.84
N ARG D 245 -52.94 -1.80 36.59
CA ARG D 245 -52.19 -1.90 37.86
C ARG D 245 -50.99 -2.83 37.80
N LYS D 246 -50.97 -3.73 36.81
CA LYS D 246 -49.96 -4.78 36.70
CA LYS D 246 -49.94 -4.75 36.68
C LYS D 246 -49.91 -5.34 35.28
N ALA D 247 -48.83 -6.07 34.96
CA ALA D 247 -48.69 -6.67 33.64
C ALA D 247 -49.86 -7.60 33.32
N ALA D 248 -50.34 -8.34 34.33
CA ALA D 248 -51.44 -9.28 34.14
C ALA D 248 -52.70 -8.61 33.58
N ASP D 249 -52.92 -7.34 33.92
CA ASP D 249 -54.08 -6.58 33.43
C ASP D 249 -53.95 -6.35 31.93
N VAL D 250 -52.73 -6.04 31.49
CA VAL D 250 -52.44 -5.81 30.08
C VAL D 250 -52.66 -7.12 29.32
N HIS D 251 -52.16 -8.22 29.88
CA HIS D 251 -52.33 -9.53 29.26
C HIS D 251 -53.80 -9.91 29.07
N GLU D 252 -54.63 -9.51 30.04
N GLU D 252 -54.66 -9.55 30.03
CA GLU D 252 -56.08 -9.71 29.99
CA GLU D 252 -56.08 -9.82 29.87
C GLU D 252 -56.70 -8.99 28.79
C GLU D 252 -56.70 -9.00 28.72
N VAL D 253 -56.35 -7.71 28.63
CA VAL D 253 -56.81 -6.89 27.50
C VAL D 253 -56.36 -7.54 26.17
N ARG D 254 -55.08 -7.91 26.10
CA ARG D 254 -54.53 -8.58 24.91
C ARG D 254 -55.30 -9.86 24.56
N LYS D 255 -55.65 -10.64 25.58
CA LYS D 255 -56.37 -11.90 25.37
CA LYS D 255 -56.38 -11.90 25.38
C LYS D 255 -57.78 -11.66 24.81
N ILE D 256 -58.46 -10.63 25.33
CA ILE D 256 -59.80 -10.28 24.84
C ILE D 256 -59.75 -9.83 23.38
N LEU D 257 -58.77 -8.96 23.06
CA LEU D 257 -58.60 -8.51 21.67
C LEU D 257 -58.33 -9.72 20.77
N GLY D 258 -57.64 -10.72 21.32
CA GLY D 258 -57.44 -12.02 20.66
C GLY D 258 -56.69 -11.98 19.34
N GLU D 259 -56.86 -13.03 18.55
CA GLU D 259 -56.19 -13.12 17.24
C GLU D 259 -56.69 -12.06 16.28
N LYS D 260 -58.00 -11.86 16.23
CA LYS D 260 -58.57 -10.85 15.34
C LYS D 260 -58.04 -9.44 15.64
N GLY D 261 -57.81 -9.15 16.93
CA GLY D 261 -57.35 -7.82 17.35
C GLY D 261 -55.86 -7.74 17.62
N LYS D 262 -55.09 -8.71 17.11
CA LYS D 262 -53.67 -8.82 17.47
C LYS D 262 -52.82 -7.60 17.09
N ASN D 263 -53.25 -6.85 16.07
CA ASN D 263 -52.49 -5.68 15.62
C ASN D 263 -52.96 -4.36 16.20
N ILE D 264 -54.01 -4.43 17.03
CA ILE D 264 -54.48 -3.26 17.78
C ILE D 264 -53.50 -2.97 18.90
N LYS D 265 -53.06 -1.71 19.00
CA LYS D 265 -52.05 -1.35 20.01
C LYS D 265 -52.72 -1.12 21.35
N ILE D 266 -52.12 -1.65 22.41
CA ILE D 266 -52.63 -1.44 23.78
C ILE D 266 -51.80 -0.37 24.48
N ILE D 267 -52.45 0.73 24.82
CA ILE D 267 -51.83 1.81 25.58
C ILE D 267 -52.36 1.70 27.01
N SER D 268 -51.48 1.36 27.95
CA SER D 268 -51.89 1.26 29.35
C SER D 268 -51.96 2.63 30.01
N LYS D 269 -53.08 2.91 30.65
CA LYS D 269 -53.23 4.18 31.37
C LYS D 269 -52.75 4.00 32.80
N ILE D 270 -51.80 4.84 33.20
CA ILE D 270 -51.27 4.83 34.56
C ILE D 270 -52.00 5.90 35.35
N GLU D 271 -52.80 5.46 36.31
CA GLU D 271 -53.63 6.42 37.06
C GLU D 271 -53.83 6.07 38.50
N ASN D 272 -52.99 5.18 39.03
CA ASN D 272 -53.00 4.93 40.46
C ASN D 272 -51.62 4.58 40.98
N HIS D 273 -51.51 4.51 42.30
CA HIS D 273 -50.22 4.27 42.92
CA HIS D 273 -50.21 4.28 42.91
C HIS D 273 -49.60 2.94 42.48
N GLU D 274 -50.44 1.90 42.43
N GLU D 274 -50.41 1.89 42.44
CA GLU D 274 -49.99 0.57 42.04
CA GLU D 274 -49.92 0.57 42.05
C GLU D 274 -49.42 0.56 40.63
C GLU D 274 -49.38 0.58 40.62
N GLY D 275 -50.08 1.27 39.71
CA GLY D 275 -49.60 1.43 38.33
C GLY D 275 -48.23 2.10 38.25
N VAL D 276 -47.98 3.10 39.08
CA VAL D 276 -46.65 3.71 39.19
C VAL D 276 -45.61 2.72 39.77
N ARG D 277 -45.95 2.06 40.87
CA ARG D 277 -45.03 1.09 41.49
C ARG D 277 -44.66 -0.04 40.54
N ARG D 278 -45.65 -0.55 39.80
CA ARG D 278 -45.46 -1.68 38.90
C ARG D 278 -45.23 -1.24 37.45
N PHE D 279 -44.76 0.00 37.30
CA PHE D 279 -44.64 0.61 35.97
C PHE D 279 -43.78 -0.20 34.99
N ASP D 280 -42.62 -0.67 35.45
CA ASP D 280 -41.69 -1.33 34.52
C ASP D 280 -42.33 -2.56 33.86
N GLU D 281 -43.00 -3.40 34.65
CA GLU D 281 -43.64 -4.59 34.09
C GLU D 281 -44.82 -4.22 33.20
N ILE D 282 -45.50 -3.12 33.52
CA ILE D 282 -46.61 -2.64 32.69
C ILE D 282 -46.08 -2.19 31.34
N LEU D 283 -45.02 -1.37 31.36
CA LEU D 283 -44.41 -0.90 30.13
C LEU D 283 -43.96 -2.06 29.24
N GLU D 284 -43.34 -3.07 29.84
CA GLU D 284 -42.85 -4.22 29.09
C GLU D 284 -43.97 -4.92 28.32
N ALA D 285 -45.14 -5.02 28.94
CA ALA D 285 -46.28 -5.76 28.37
C ALA D 285 -47.09 -4.93 27.36
N SER D 286 -46.95 -3.60 27.44
CA SER D 286 -47.80 -2.69 26.67
C SER D 286 -47.14 -2.22 25.38
N ASP D 287 -47.95 -1.72 24.45
CA ASP D 287 -47.45 -1.06 23.26
C ASP D 287 -47.08 0.40 23.50
N GLY D 288 -47.61 0.98 24.57
CA GLY D 288 -47.33 2.36 24.94
C GLY D 288 -48.05 2.68 26.23
N ILE D 289 -47.95 3.94 26.66
CA ILE D 289 -48.45 4.37 27.97
C ILE D 289 -49.16 5.71 27.89
N MET D 290 -50.22 5.90 28.68
CA MET D 290 -50.77 7.24 28.88
C MET D 290 -50.56 7.62 30.35
N VAL D 291 -50.05 8.84 30.58
CA VAL D 291 -50.00 9.39 31.93
C VAL D 291 -51.39 10.00 32.15
N ALA D 292 -52.24 9.26 32.85
CA ALA D 292 -53.65 9.64 33.02
C ALA D 292 -53.77 10.52 34.27
N ARG D 293 -53.49 11.81 34.08
CA ARG D 293 -53.21 12.65 35.24
C ARG D 293 -54.42 12.98 36.10
N GLY D 294 -55.62 12.87 35.53
CA GLY D 294 -56.87 13.19 36.25
C GLY D 294 -56.99 12.29 37.46
N ASP D 295 -57.16 10.99 37.21
CA ASP D 295 -57.25 10.05 38.32
C ASP D 295 -55.94 9.96 39.10
N LEU D 296 -54.81 10.05 38.40
CA LEU D 296 -53.52 9.91 39.08
C LEU D 296 -53.38 10.95 40.21
N GLY D 297 -53.79 12.18 39.93
CA GLY D 297 -53.65 13.28 40.89
C GLY D 297 -54.68 13.29 42.00
N ILE D 298 -55.58 12.32 42.00
CA ILE D 298 -56.50 12.06 43.12
C ILE D 298 -55.98 10.85 43.91
N GLU D 299 -55.49 9.84 43.19
CA GLU D 299 -54.97 8.61 43.82
C GLU D 299 -53.67 8.84 44.58
N ILE D 300 -52.85 9.75 44.07
CA ILE D 300 -51.63 10.16 44.77
C ILE D 300 -51.70 11.67 45.00
N PRO D 301 -50.92 12.19 45.96
CA PRO D 301 -50.97 13.64 46.17
C PRO D 301 -50.71 14.42 44.87
N ALA D 302 -51.54 15.42 44.62
CA ALA D 302 -51.46 16.18 43.38
C ALA D 302 -50.07 16.77 43.14
N GLU D 303 -49.39 17.14 44.22
CA GLU D 303 -48.08 17.76 44.12
C GLU D 303 -46.98 16.80 43.66
N LYS D 304 -47.32 15.50 43.60
CA LYS D 304 -46.38 14.48 43.14
C LYS D 304 -46.57 14.07 41.69
N VAL D 305 -47.66 14.51 41.07
CA VAL D 305 -47.94 14.06 39.69
C VAL D 305 -46.79 14.35 38.73
N PHE D 306 -46.18 15.53 38.81
CA PHE D 306 -45.10 15.87 37.85
C PHE D 306 -43.93 14.86 37.92
N LEU D 307 -43.68 14.29 39.10
CA LEU D 307 -42.62 13.27 39.28
C LEU D 307 -42.96 12.03 38.48
N ALA D 308 -44.19 11.52 38.66
CA ALA D 308 -44.63 10.37 37.89
C ALA D 308 -44.62 10.66 36.40
N GLN D 309 -45.08 11.86 36.01
CA GLN D 309 -45.12 12.22 34.59
C GLN D 309 -43.72 12.16 33.97
N LYS D 310 -42.76 12.81 34.63
CA LYS D 310 -41.41 12.86 34.09
C LYS D 310 -40.73 11.50 34.12
N MET D 311 -40.93 10.74 35.19
CA MET D 311 -40.40 9.38 35.27
C MET D 311 -40.94 8.52 34.12
N ILE D 312 -42.26 8.55 33.91
CA ILE D 312 -42.89 7.69 32.94
C ILE D 312 -42.46 8.09 31.52
N ILE D 313 -42.47 9.39 31.25
CA ILE D 313 -42.05 9.84 29.92
C ILE D 313 -40.59 9.45 29.67
N GLY D 314 -39.72 9.63 30.66
CA GLY D 314 -38.32 9.26 30.50
C GLY D 314 -38.14 7.79 30.20
N ARG D 315 -38.84 6.95 30.96
CA ARG D 315 -38.70 5.51 30.80
C ARG D 315 -39.28 5.00 29.48
N CYS D 316 -40.36 5.63 29.02
CA CYS D 316 -40.92 5.29 27.70
C CYS D 316 -39.96 5.71 26.59
N ASN D 317 -39.40 6.92 26.69
CA ASN D 317 -38.40 7.40 25.71
C ASN D 317 -37.23 6.43 25.61
N ARG D 318 -36.76 5.97 26.77
CA ARG D 318 -35.63 5.05 26.86
C ARG D 318 -35.95 3.73 26.16
N ALA D 319 -37.21 3.32 26.26
CA ALA D 319 -37.65 2.05 25.67
C ALA D 319 -38.08 2.17 24.20
N GLY D 320 -38.26 3.42 23.73
CA GLY D 320 -38.76 3.66 22.39
C GLY D 320 -40.24 3.33 22.23
N LYS D 321 -40.99 3.39 23.32
CA LYS D 321 -42.43 3.10 23.29
C LYS D 321 -43.23 4.39 23.47
N PRO D 322 -44.32 4.56 22.68
CA PRO D 322 -45.14 5.77 22.75
C PRO D 322 -45.63 6.11 24.14
N VAL D 323 -45.60 7.40 24.46
CA VAL D 323 -46.18 7.90 25.69
C VAL D 323 -47.01 9.15 25.43
N ILE D 324 -48.20 9.17 26.05
CA ILE D 324 -49.16 10.24 25.88
C ILE D 324 -49.29 10.99 27.21
N CYS D 325 -49.23 12.33 27.18
CA CYS D 325 -49.56 13.13 28.35
C CYS D 325 -51.02 13.56 28.21
N ALA D 326 -51.81 13.35 29.26
CA ALA D 326 -53.26 13.61 29.19
C ALA D 326 -53.78 14.39 30.38
N THR D 327 -54.86 15.13 30.12
CA THR D 327 -55.82 15.62 31.13
C THR D 327 -55.54 17.02 31.68
N GLN D 328 -56.52 17.90 31.44
CA GLN D 328 -56.53 19.30 31.90
C GLN D 328 -55.38 20.15 31.34
N MET D 329 -54.84 19.74 30.19
CA MET D 329 -53.72 20.47 29.59
C MET D 329 -54.11 21.90 29.20
N LEU D 330 -55.33 22.07 28.66
CA LEU D 330 -55.85 23.40 28.30
C LEU D 330 -57.26 23.61 28.88
N GLU D 331 -57.44 23.18 30.13
CA GLU D 331 -58.78 23.04 30.73
C GLU D 331 -59.62 24.31 30.68
N SER D 332 -59.00 25.47 30.91
CA SER D 332 -59.78 26.71 30.90
C SER D 332 -60.43 27.00 29.54
N MET D 333 -59.88 26.42 28.47
CA MET D 333 -60.43 26.59 27.12
C MET D 333 -61.77 25.90 26.87
N ILE D 334 -62.26 25.14 27.86
CA ILE D 334 -63.64 24.64 27.79
C ILE D 334 -64.60 25.85 27.74
N LYS D 335 -64.22 26.93 28.42
CA LYS D 335 -65.09 28.12 28.48
C LYS D 335 -64.49 29.41 27.91
N LYS D 336 -63.17 29.43 27.70
CA LYS D 336 -62.47 30.63 27.26
C LYS D 336 -61.71 30.39 25.95
N PRO D 337 -61.61 31.41 25.08
CA PRO D 337 -60.99 31.22 23.77
C PRO D 337 -59.46 31.22 23.80
N ARG D 338 -58.89 31.49 24.97
CA ARG D 338 -57.45 31.59 25.18
CA ARG D 338 -57.45 31.52 25.15
C ARG D 338 -57.12 30.82 26.44
N PRO D 339 -55.98 30.09 26.48
CA PRO D 339 -55.60 29.34 27.69
C PRO D 339 -54.93 30.21 28.76
N THR D 340 -54.81 29.67 29.97
CA THR D 340 -54.05 30.36 31.02
C THR D 340 -52.56 30.19 30.79
N ARG D 341 -51.75 30.96 31.52
CA ARG D 341 -50.28 30.86 31.38
C ARG D 341 -49.78 29.51 31.87
N ALA D 342 -50.41 28.98 32.92
CA ALA D 342 -50.07 27.64 33.42
C ALA D 342 -50.33 26.56 32.37
N GLU D 343 -51.40 26.72 31.61
CA GLU D 343 -51.76 25.75 30.58
C GLU D 343 -50.79 25.76 29.41
N GLY D 344 -50.42 26.97 28.98
CA GLY D 344 -49.37 27.10 27.95
C GLY D 344 -48.09 26.42 28.39
N SER D 345 -47.70 26.69 29.64
CA SER D 345 -46.50 26.09 30.22
C SER D 345 -46.60 24.57 30.29
N ASP D 346 -47.75 24.07 30.74
CA ASP D 346 -47.96 22.61 30.86
C ASP D 346 -47.76 21.89 29.52
N VAL D 347 -48.36 22.41 28.45
CA VAL D 347 -48.21 21.78 27.14
C VAL D 347 -46.74 21.82 26.69
N ALA D 348 -46.11 22.98 26.80
CA ALA D 348 -44.70 23.09 26.41
C ALA D 348 -43.83 22.11 27.19
N ASN D 349 -44.06 22.03 28.49
CA ASN D 349 -43.20 21.20 29.31
C ASN D 349 -43.42 19.72 29.05
N ALA D 350 -44.64 19.33 28.69
CA ALA D 350 -44.88 17.91 28.31
C ALA D 350 -44.09 17.54 27.06
N VAL D 351 -44.03 18.48 26.12
CA VAL D 351 -43.28 18.25 24.89
C VAL D 351 -41.76 18.19 25.19
N LEU D 352 -41.28 19.13 26.00
CA LEU D 352 -39.88 19.13 26.44
C LEU D 352 -39.51 17.85 27.21
N ASP D 353 -40.45 17.35 28.02
CA ASP D 353 -40.28 16.11 28.78
C ASP D 353 -40.02 14.94 27.84
N GLY D 354 -40.69 14.95 26.67
CA GLY D 354 -40.53 13.93 25.65
C GLY D 354 -41.79 13.20 25.25
N ALA D 355 -42.96 13.74 25.60
CA ALA D 355 -44.22 13.07 25.27
C ALA D 355 -44.36 12.91 23.76
N ASP D 356 -44.70 11.71 23.31
CA ASP D 356 -44.95 11.50 21.88
C ASP D 356 -46.23 12.19 21.42
N CYS D 357 -47.26 12.13 22.27
CA CYS D 357 -48.56 12.75 21.99
C CYS D 357 -49.03 13.54 23.21
N ILE D 358 -49.86 14.53 22.95
CA ILE D 358 -50.55 15.29 23.99
C ILE D 358 -52.05 15.16 23.71
N MET D 359 -52.87 15.37 24.72
CA MET D 359 -54.28 15.02 24.59
C MET D 359 -55.20 16.15 25.06
N LEU D 360 -56.39 16.17 24.48
CA LEU D 360 -57.48 17.04 24.89
C LEU D 360 -58.68 16.16 25.24
N SER D 361 -59.37 16.55 26.30
CA SER D 361 -60.53 15.81 26.81
C SER D 361 -61.76 16.70 26.72
N GLY D 362 -62.20 17.29 27.83
CA GLY D 362 -63.34 18.25 27.79
C GLY D 362 -63.18 19.38 26.78
N GLU D 363 -61.95 19.83 26.59
CA GLU D 363 -61.65 20.94 25.66
C GLU D 363 -62.19 20.67 24.27
N THR D 364 -62.14 19.41 23.83
CA THR D 364 -62.71 19.05 22.53
C THR D 364 -64.02 18.29 22.61
N ALA D 365 -64.23 17.54 23.69
CA ALA D 365 -65.47 16.75 23.80
C ALA D 365 -66.71 17.59 24.03
N LYS D 366 -66.63 18.63 24.86
CA LYS D 366 -67.84 19.33 25.31
C LYS D 366 -67.71 20.84 25.34
N GLY D 367 -66.49 21.34 25.19
CA GLY D 367 -66.20 22.77 25.33
C GLY D 367 -66.71 23.68 24.23
N ASP D 368 -66.63 24.99 24.50
CA ASP D 368 -67.09 26.03 23.60
C ASP D 368 -66.10 26.38 22.49
N TYR D 369 -64.87 25.89 22.63
CA TYR D 369 -63.77 26.26 21.72
C TYR D 369 -62.91 25.05 21.32
N PRO D 370 -63.53 23.97 20.79
CA PRO D 370 -62.74 22.80 20.42
C PRO D 370 -61.66 23.09 19.38
N LEU D 371 -61.98 23.87 18.34
CA LEU D 371 -60.98 24.12 17.29
C LEU D 371 -59.83 24.97 17.81
N GLU D 372 -60.15 25.99 18.62
CA GLU D 372 -59.11 26.83 19.23
C GLU D 372 -58.17 26.01 20.13
N ALA D 373 -58.72 25.04 20.86
CA ALA D 373 -57.91 24.15 21.73
C ALA D 373 -56.92 23.32 20.90
N VAL D 374 -57.41 22.72 19.82
CA VAL D 374 -56.54 21.96 18.91
C VAL D 374 -55.44 22.85 18.34
N ARG D 375 -55.84 24.03 17.85
CA ARG D 375 -54.92 24.96 17.24
C ARG D 375 -53.83 25.43 18.21
N MET D 376 -54.21 25.62 19.48
CA MET D 376 -53.26 26.06 20.48
C MET D 376 -52.25 24.94 20.83
N GLN D 377 -52.71 23.70 20.93
CA GLN D 377 -51.75 22.59 21.11
C GLN D 377 -50.76 22.52 19.96
N HIS D 378 -51.24 22.70 18.73
CA HIS D 378 -50.38 22.75 17.57
C HIS D 378 -49.31 23.83 17.68
N LEU D 379 -49.73 25.07 17.99
CA LEU D 379 -48.76 26.17 18.10
C LEU D 379 -47.71 25.96 19.20
N ILE D 380 -48.16 25.57 20.39
CA ILE D 380 -47.24 25.38 21.51
C ILE D 380 -46.28 24.24 21.19
N ALA D 381 -46.81 23.16 20.62
CA ALA D 381 -45.96 21.99 20.34
C ALA D 381 -44.79 22.35 19.42
N ARG D 382 -45.03 23.14 18.37
CA ARG D 382 -43.94 23.49 17.47
C ARG D 382 -42.87 24.30 18.17
N GLU D 383 -43.28 25.24 19.02
CA GLU D 383 -42.32 26.06 19.76
C GLU D 383 -41.48 25.20 20.70
N ALA D 384 -42.14 24.30 21.41
CA ALA D 384 -41.44 23.46 22.39
C ALA D 384 -40.52 22.43 21.72
N GLU D 385 -40.96 21.92 20.57
CA GLU D 385 -40.15 20.99 19.79
C GLU D 385 -38.82 21.58 19.40
N ALA D 386 -38.83 22.85 18.99
CA ALA D 386 -37.57 23.50 18.61
C ALA D 386 -36.66 23.68 19.83
N ALA D 387 -37.29 23.91 20.98
CA ALA D 387 -36.61 24.23 22.23
C ALA D 387 -36.01 23.03 22.97
N MET D 388 -36.24 21.83 22.44
CA MET D 388 -35.59 20.64 22.98
C MET D 388 -34.07 20.78 22.80
N PHE D 389 -33.32 20.09 23.66
CA PHE D 389 -31.86 20.12 23.54
C PHE D 389 -31.41 18.84 22.86
N HIS D 390 -31.62 18.79 21.54
CA HIS D 390 -31.47 17.56 20.76
C HIS D 390 -30.13 16.90 20.93
N ARG D 391 -29.05 17.70 20.90
CA ARG D 391 -27.69 17.13 20.98
C ARG D 391 -27.53 16.30 22.25
N LYS D 392 -27.97 16.85 23.37
CA LYS D 392 -27.85 16.16 24.64
C LYS D 392 -28.82 14.98 24.75
N LEU D 393 -30.05 15.19 24.27
CA LEU D 393 -31.06 14.15 24.32
C LEU D 393 -30.59 12.92 23.53
N PHE D 394 -30.07 13.16 22.32
CA PHE D 394 -29.55 12.08 21.48
C PHE D 394 -28.41 11.32 22.18
N GLU D 395 -27.47 12.05 22.76
CA GLU D 395 -26.33 11.41 23.48
C GLU D 395 -26.84 10.52 24.61
N GLU D 396 -27.83 11.03 25.34
CA GLU D 396 -28.34 10.31 26.50
C GLU D 396 -29.19 9.09 26.12
N LEU D 397 -29.97 9.21 25.05
CA LEU D 397 -30.69 8.05 24.52
C LEU D 397 -29.74 6.97 24.01
N ALA D 398 -28.71 7.39 23.28
CA ALA D 398 -27.64 6.51 22.81
C ALA D 398 -26.98 5.76 23.97
N ARG D 399 -26.65 6.49 25.04
N ARG D 399 -26.68 6.51 25.03
CA ARG D 399 -26.03 5.88 26.21
CA ARG D 399 -26.05 5.94 26.21
C ARG D 399 -26.94 4.81 26.78
C ARG D 399 -26.92 4.86 26.83
N ALA D 400 -28.22 5.15 26.95
CA ALA D 400 -29.15 4.24 27.59
C ALA D 400 -29.34 2.95 26.79
N SER D 401 -29.24 3.04 25.46
CA SER D 401 -29.46 1.87 24.61
C SER D 401 -28.18 1.18 24.16
N SER D 402 -27.04 1.58 24.72
CA SER D 402 -25.76 1.14 24.18
C SER D 402 -25.47 -0.35 24.29
N GLN D 403 -26.21 -1.06 25.14
CA GLN D 403 -26.08 -2.52 25.23
C GLN D 403 -26.62 -3.22 23.97
N SER D 404 -27.52 -2.55 23.24
CA SER D 404 -28.07 -3.08 21.99
C SER D 404 -27.16 -2.75 20.81
N THR D 405 -26.92 -3.74 19.96
CA THR D 405 -26.17 -3.52 18.72
C THR D 405 -27.06 -3.71 17.50
N ASP D 406 -28.37 -3.57 17.70
CA ASP D 406 -29.37 -3.80 16.64
C ASP D 406 -29.07 -3.01 15.36
N LEU D 407 -29.16 -3.66 14.21
CA LEU D 407 -28.82 -2.98 12.93
C LEU D 407 -29.76 -1.84 12.57
N MET D 408 -31.07 -2.02 12.77
CA MET D 408 -31.98 -0.90 12.51
C MET D 408 -31.71 0.28 13.45
N GLU D 409 -31.44 0.01 14.73
CA GLU D 409 -31.05 1.09 15.63
C GLU D 409 -29.82 1.82 15.09
N ALA D 410 -28.86 1.07 14.55
CA ALA D 410 -27.65 1.68 13.98
C ALA D 410 -27.99 2.59 12.79
N MET D 411 -28.87 2.10 11.91
CA MET D 411 -29.32 2.92 10.78
C MET D 411 -30.06 4.15 11.27
N ALA D 412 -30.90 3.98 12.29
CA ALA D 412 -31.69 5.10 12.83
C ALA D 412 -30.79 6.16 13.44
N MET D 413 -29.85 5.73 14.27
CA MET D 413 -28.89 6.64 14.90
C MET D 413 -28.01 7.34 13.87
N GLY D 414 -27.53 6.59 12.88
CA GLY D 414 -26.73 7.18 11.81
C GLY D 414 -27.52 8.23 11.03
N SER D 415 -28.78 7.92 10.75
CA SER D 415 -29.65 8.83 9.98
C SER D 415 -29.97 10.09 10.76
N VAL D 416 -30.28 9.93 12.05
CA VAL D 416 -30.59 11.09 12.88
C VAL D 416 -29.35 11.98 13.01
N GLU D 417 -28.19 11.35 13.28
CA GLU D 417 -26.93 12.10 13.36
CA GLU D 417 -26.93 12.09 13.35
C GLU D 417 -26.69 12.89 12.07
N ALA D 418 -26.84 12.23 10.93
CA ALA D 418 -26.65 12.91 9.65
C ALA D 418 -27.65 14.06 9.48
N SER D 419 -28.88 13.85 9.92
CA SER D 419 -29.92 14.89 9.86
C SER D 419 -29.58 16.13 10.70
N TYR D 420 -28.98 15.92 11.88
CA TYR D 420 -28.51 17.03 12.67
C TYR D 420 -27.39 17.78 11.95
N LYS D 421 -26.42 17.04 11.41
CA LYS D 421 -25.23 17.66 10.85
C LYS D 421 -25.51 18.57 9.64
N CYS D 422 -26.35 18.10 8.73
CA CYS D 422 -26.62 18.86 7.51
C CYS D 422 -27.91 19.67 7.58
N LEU D 423 -28.52 19.71 8.78
CA LEU D 423 -29.79 20.42 9.01
C LEU D 423 -30.81 20.00 7.96
N ALA D 424 -30.95 18.68 7.80
CA ALA D 424 -31.90 18.12 6.82
C ALA D 424 -33.31 18.58 7.10
N ALA D 425 -34.07 18.79 6.04
CA ALA D 425 -35.44 19.27 6.19
C ALA D 425 -36.43 18.17 6.59
N ALA D 426 -36.05 16.90 6.39
CA ALA D 426 -36.90 15.77 6.73
C ALA D 426 -36.09 14.49 6.64
N LEU D 427 -36.61 13.45 7.26
CA LEU D 427 -36.14 12.07 7.01
C LEU D 427 -37.30 11.33 6.37
N ILE D 428 -37.07 10.79 5.18
CA ILE D 428 -38.08 10.02 4.47
C ILE D 428 -37.82 8.54 4.73
N VAL D 429 -38.84 7.83 5.19
CA VAL D 429 -38.68 6.41 5.56
C VAL D 429 -39.73 5.57 4.88
N LEU D 430 -39.30 4.57 4.11
CA LEU D 430 -40.23 3.66 3.46
C LEU D 430 -40.43 2.47 4.39
N THR D 431 -41.67 2.20 4.77
CA THR D 431 -41.91 1.18 5.79
C THR D 431 -43.28 0.54 5.64
N GLU D 432 -43.36 -0.77 5.79
CA GLU D 432 -44.66 -1.44 5.77
C GLU D 432 -45.23 -1.69 7.17
N SER D 433 -44.37 -2.15 8.08
CA SER D 433 -44.82 -2.40 9.46
C SER D 433 -44.73 -1.14 10.33
N GLY D 434 -43.98 -0.14 9.88
CA GLY D 434 -43.71 1.03 10.67
C GLY D 434 -42.42 0.95 11.46
N ARG D 435 -41.89 -0.27 11.65
CA ARG D 435 -40.79 -0.48 12.58
CA ARG D 435 -40.77 -0.53 12.55
C ARG D 435 -39.57 0.38 12.30
N SER D 436 -39.17 0.53 11.04
CA SER D 436 -37.99 1.34 10.73
C SER D 436 -38.24 2.82 11.11
N ALA D 437 -39.43 3.31 10.82
CA ALA D 437 -39.78 4.70 11.20
C ALA D 437 -39.85 4.85 12.71
N HIS D 438 -40.37 3.84 13.41
CA HIS D 438 -40.46 3.90 14.88
C HIS D 438 -39.06 4.05 15.49
N GLN D 439 -38.08 3.36 14.89
CA GLN D 439 -36.71 3.44 15.41
C GLN D 439 -36.07 4.81 15.17
N VAL D 440 -36.36 5.42 14.03
CA VAL D 440 -35.90 6.77 13.76
C VAL D 440 -36.53 7.75 14.78
N ALA D 441 -37.84 7.61 14.99
CA ALA D 441 -38.55 8.50 15.94
C ALA D 441 -37.96 8.45 17.35
N ARG D 442 -37.60 7.25 17.79
CA ARG D 442 -37.03 7.02 19.12
C ARG D 442 -35.78 7.87 19.38
N TYR D 443 -34.99 8.10 18.34
CA TYR D 443 -33.76 8.88 18.47
C TYR D 443 -33.91 10.40 18.24
N ARG D 444 -35.16 10.83 18.08
CA ARG D 444 -35.53 12.24 18.24
C ARG D 444 -34.80 13.24 17.32
N PRO D 445 -34.96 13.06 16.01
CA PRO D 445 -34.47 14.11 15.11
C PRO D 445 -35.34 15.35 15.33
N ARG D 446 -34.84 16.53 14.95
CA ARG D 446 -35.68 17.72 14.99
C ARG D 446 -36.53 17.83 13.71
N ALA D 447 -36.00 17.28 12.61
CA ALA D 447 -36.73 17.28 11.33
C ALA D 447 -37.88 16.25 11.35
N PRO D 448 -38.98 16.55 10.62
CA PRO D 448 -40.10 15.61 10.53
C PRO D 448 -39.68 14.34 9.82
N ILE D 449 -40.31 13.24 10.22
CA ILE D 449 -40.10 11.92 9.61
C ILE D 449 -41.31 11.61 8.71
N ILE D 450 -41.11 11.66 7.40
CA ILE D 450 -42.22 11.35 6.49
C ILE D 450 -42.18 9.85 6.21
N ALA D 451 -43.13 9.12 6.78
CA ALA D 451 -43.14 7.66 6.64
C ALA D 451 -44.14 7.24 5.59
N VAL D 452 -43.64 6.77 4.44
CA VAL D 452 -44.50 6.31 3.34
C VAL D 452 -44.77 4.83 3.52
N THR D 453 -46.05 4.46 3.53
CA THR D 453 -46.46 3.08 3.74
C THR D 453 -47.68 2.72 2.87
N ARG D 454 -47.74 1.47 2.41
CA ARG D 454 -48.94 0.95 1.76
C ARG D 454 -49.92 0.32 2.77
N ASN D 455 -49.48 0.21 4.03
CA ASN D 455 -50.32 -0.37 5.07
C ASN D 455 -51.08 0.74 5.78
N HIS D 456 -52.40 0.79 5.54
CA HIS D 456 -53.22 1.89 6.07
C HIS D 456 -53.23 1.93 7.60
N GLN D 457 -53.21 0.76 8.24
CA GLN D 457 -53.22 0.72 9.71
C GLN D 457 -51.88 1.17 10.29
N THR D 458 -50.80 0.79 9.62
CA THR D 458 -49.47 1.31 9.96
C THR D 458 -49.51 2.83 9.97
N ALA D 459 -50.13 3.41 8.93
CA ALA D 459 -50.21 4.88 8.81
C ALA D 459 -50.96 5.50 9.98
N ARG D 460 -52.12 4.95 10.31
CA ARG D 460 -52.93 5.49 11.41
C ARG D 460 -52.23 5.34 12.76
N GLN D 461 -51.62 4.19 13.00
CA GLN D 461 -50.93 3.95 14.26
C GLN D 461 -49.62 4.74 14.43
N ALA D 462 -49.05 5.20 13.32
CA ALA D 462 -47.78 5.94 13.36
C ALA D 462 -47.91 7.25 14.14
N HIS D 463 -49.14 7.72 14.30
CA HIS D 463 -49.40 8.93 15.09
C HIS D 463 -49.00 8.82 16.56
N LEU D 464 -48.83 7.59 17.05
CA LEU D 464 -48.37 7.41 18.42
C LEU D 464 -46.93 7.82 18.66
N TYR D 465 -46.17 8.06 17.58
CA TYR D 465 -44.72 8.28 17.68
C TYR D 465 -44.34 9.72 17.35
N ARG D 466 -43.54 10.35 18.20
CA ARG D 466 -43.11 11.73 17.95
C ARG D 466 -42.51 11.88 16.57
N GLY D 467 -43.01 12.85 15.81
CA GLY D 467 -42.35 13.23 14.56
C GLY D 467 -42.70 12.42 13.32
N ILE D 468 -43.42 11.31 13.47
CA ILE D 468 -43.80 10.55 12.26
C ILE D 468 -45.02 11.15 11.61
N PHE D 469 -44.85 11.58 10.37
CA PHE D 469 -45.91 12.13 9.53
C PHE D 469 -46.22 11.04 8.51
N PRO D 470 -47.26 10.21 8.79
CA PRO D 470 -47.53 9.08 7.90
C PRO D 470 -48.15 9.50 6.58
N VAL D 471 -47.75 8.84 5.52
CA VAL D 471 -48.28 9.07 4.18
C VAL D 471 -48.68 7.71 3.59
N VAL D 472 -49.94 7.59 3.21
CA VAL D 472 -50.43 6.36 2.58
C VAL D 472 -50.13 6.38 1.09
N CYS D 473 -49.46 5.34 0.62
CA CYS D 473 -49.24 5.13 -0.81
C CYS D 473 -50.29 4.17 -1.33
N LYS D 474 -51.07 4.62 -2.30
CA LYS D 474 -52.13 3.82 -2.88
C LYS D 474 -51.78 3.24 -4.26
N ASP D 475 -50.61 3.61 -4.77
CA ASP D 475 -50.10 3.10 -6.05
C ASP D 475 -49.85 1.59 -6.00
N PRO D 476 -50.13 0.86 -7.11
CA PRO D 476 -49.76 -0.55 -7.12
C PRO D 476 -48.25 -0.73 -7.05
N VAL D 477 -47.80 -1.92 -6.63
CA VAL D 477 -46.38 -2.21 -6.56
C VAL D 477 -45.78 -2.30 -7.97
N GLN D 478 -44.70 -1.55 -8.20
CA GLN D 478 -44.00 -1.58 -9.49
C GLN D 478 -43.14 -2.83 -9.55
N GLU D 479 -43.07 -3.43 -10.73
CA GLU D 479 -42.31 -4.66 -10.95
C GLU D 479 -40.82 -4.51 -10.63
N ALA D 480 -40.24 -3.37 -11.01
CA ALA D 480 -38.84 -3.10 -10.72
C ALA D 480 -38.72 -2.42 -9.36
N TRP D 481 -37.98 -3.04 -8.46
CA TRP D 481 -37.78 -2.51 -7.10
C TRP D 481 -37.29 -1.07 -7.09
N ALA D 482 -36.29 -0.75 -7.91
CA ALA D 482 -35.76 0.62 -7.95
C ALA D 482 -36.84 1.63 -8.31
N GLU D 483 -37.74 1.27 -9.23
CA GLU D 483 -38.85 2.15 -9.60
C GLU D 483 -39.92 2.24 -8.50
N ASP D 484 -40.16 1.15 -7.78
CA ASP D 484 -41.16 1.17 -6.71
C ASP D 484 -40.68 2.02 -5.53
N VAL D 485 -39.38 1.94 -5.25
CA VAL D 485 -38.77 2.80 -4.24
C VAL D 485 -38.83 4.27 -4.64
N ASP D 486 -38.42 4.58 -5.88
CA ASP D 486 -38.44 5.95 -6.37
C ASP D 486 -39.84 6.56 -6.35
N LEU D 487 -40.84 5.75 -6.71
CA LEU D 487 -42.24 6.18 -6.69
C LEU D 487 -42.62 6.68 -5.31
N ARG D 488 -42.28 5.89 -4.29
CA ARG D 488 -42.65 6.21 -2.90
C ARG D 488 -41.84 7.38 -2.36
N VAL D 489 -40.57 7.45 -2.73
CA VAL D 489 -39.75 8.59 -2.31
C VAL D 489 -40.30 9.88 -2.93
N ASN D 490 -40.68 9.82 -4.21
CA ASN D 490 -41.22 10.99 -4.89
CA ASN D 490 -41.23 10.99 -4.91
C ASN D 490 -42.53 11.45 -4.27
N LEU D 491 -43.33 10.50 -3.82
CA LEU D 491 -44.57 10.80 -3.10
C LEU D 491 -44.26 11.63 -1.85
N ALA D 492 -43.28 11.19 -1.06
CA ALA D 492 -42.86 11.96 0.11
C ALA D 492 -42.35 13.36 -0.25
N MET D 493 -41.61 13.46 -1.36
CA MET D 493 -41.09 14.75 -1.82
C MET D 493 -42.23 15.68 -2.15
N ASN D 494 -43.24 15.16 -2.84
CA ASN D 494 -44.43 15.95 -3.18
C ASN D 494 -45.25 16.37 -1.96
N VAL D 495 -45.41 15.45 -1.02
CA VAL D 495 -46.10 15.74 0.25
C VAL D 495 -45.35 16.86 1.00
N GLY D 496 -44.05 16.70 1.16
CA GLY D 496 -43.25 17.70 1.87
C GLY D 496 -43.32 19.07 1.25
N LYS D 497 -43.22 19.14 -0.08
CA LYS D 497 -43.36 20.41 -0.78
C LYS D 497 -44.75 21.04 -0.58
N ALA D 498 -45.80 20.21 -0.68
CA ALA D 498 -47.17 20.69 -0.58
C ALA D 498 -47.47 21.26 0.80
N ARG D 499 -46.86 20.63 1.81
CA ARG D 499 -47.09 20.97 3.21
C ARG D 499 -46.17 22.08 3.70
N GLY D 500 -45.25 22.48 2.83
CA GLY D 500 -44.27 23.53 3.17
C GLY D 500 -43.17 23.09 4.12
N PHE D 501 -42.89 21.79 4.19
CA PHE D 501 -41.78 21.28 5.01
C PHE D 501 -40.43 21.56 4.35
N PHE D 502 -40.44 21.60 3.02
CA PHE D 502 -39.23 21.86 2.27
C PHE D 502 -39.56 22.30 0.86
N LYS D 503 -38.53 22.70 0.13
CA LYS D 503 -38.67 23.12 -1.26
C LYS D 503 -37.45 22.64 -2.03
N LYS D 504 -37.54 22.73 -3.37
CA LYS D 504 -36.44 22.38 -4.26
C LYS D 504 -35.12 22.91 -3.72
N GLY D 505 -34.11 22.05 -3.66
CA GLY D 505 -32.78 22.47 -3.24
C GLY D 505 -32.45 22.26 -1.77
N ASP D 506 -33.47 22.07 -0.93
CA ASP D 506 -33.24 21.62 0.45
C ASP D 506 -32.70 20.18 0.40
N VAL D 507 -32.20 19.70 1.53
CA VAL D 507 -31.73 18.32 1.59
CA VAL D 507 -31.68 18.33 1.64
C VAL D 507 -32.55 17.49 2.58
N VAL D 508 -32.73 16.22 2.25
CA VAL D 508 -33.44 15.29 3.10
C VAL D 508 -32.62 14.02 3.26
N ILE D 509 -32.84 13.30 4.35
CA ILE D 509 -32.26 11.97 4.55
C ILE D 509 -33.31 10.96 4.11
N VAL D 510 -32.90 9.95 3.33
CA VAL D 510 -33.85 8.97 2.80
C VAL D 510 -33.44 7.55 3.21
N LEU D 511 -34.37 6.86 3.88
CA LEU D 511 -34.15 5.49 4.37
C LEU D 511 -35.00 4.51 3.59
N THR D 512 -34.33 3.52 2.99
CA THR D 512 -35.01 2.55 2.14
C THR D 512 -34.36 1.19 2.33
N GLY D 513 -35.02 0.16 1.80
CA GLY D 513 -34.43 -1.18 1.74
C GLY D 513 -33.72 -1.35 0.42
N TRP D 514 -32.51 -1.94 0.46
CA TRP D 514 -31.70 -2.11 -0.75
C TRP D 514 -32.36 -3.03 -1.76
N ARG D 515 -33.01 -4.08 -1.24
N ARG D 515 -32.98 -4.11 -1.25
CA ARG D 515 -33.70 -5.08 -2.05
CA ARG D 515 -33.71 -5.06 -2.08
C ARG D 515 -35.11 -5.30 -1.47
C ARG D 515 -35.10 -5.30 -1.49
N PRO D 516 -36.04 -5.86 -2.28
CA PRO D 516 -37.40 -6.11 -1.78
C PRO D 516 -37.42 -6.98 -0.51
N GLY D 517 -36.44 -7.87 -0.38
CA GLY D 517 -36.35 -8.78 0.77
C GLY D 517 -35.63 -8.24 2.01
N SER D 518 -35.06 -7.04 1.91
CA SER D 518 -34.42 -6.38 3.08
C SER D 518 -35.45 -6.25 4.20
N GLY D 519 -35.06 -6.65 5.41
CA GLY D 519 -36.01 -6.73 6.54
C GLY D 519 -36.22 -5.44 7.31
N PHE D 520 -35.48 -4.40 6.92
CA PHE D 520 -35.51 -3.07 7.53
C PHE D 520 -34.91 -2.09 6.53
N THR D 521 -34.89 -0.80 6.85
CA THR D 521 -34.30 0.18 5.94
C THR D 521 -32.79 0.16 6.15
N ASN D 522 -32.08 -0.62 5.33
CA ASN D 522 -30.63 -0.77 5.47
C ASN D 522 -29.83 0.20 4.61
N THR D 523 -30.53 1.15 3.97
CA THR D 523 -29.90 2.08 3.03
C THR D 523 -30.28 3.51 3.39
N MET D 524 -29.27 4.36 3.63
N MET D 524 -29.28 4.35 3.64
CA MET D 524 -29.45 5.78 3.99
CA MET D 524 -29.50 5.75 3.93
C MET D 524 -28.78 6.69 2.95
C MET D 524 -28.84 6.59 2.84
N ARG D 525 -29.52 7.64 2.41
CA ARG D 525 -28.98 8.60 1.46
C ARG D 525 -29.24 10.03 1.88
N VAL D 526 -28.30 10.91 1.54
CA VAL D 526 -28.55 12.36 1.59
CA VAL D 526 -28.58 12.34 1.60
C VAL D 526 -28.95 12.77 0.17
N VAL D 527 -30.16 13.33 0.02
CA VAL D 527 -30.76 13.59 -1.29
C VAL D 527 -31.23 15.05 -1.38
N PRO D 528 -30.91 15.74 -2.50
CA PRO D 528 -31.52 17.07 -2.66
C PRO D 528 -32.99 16.95 -3.05
N VAL D 529 -33.82 17.87 -2.56
CA VAL D 529 -35.21 17.93 -2.96
C VAL D 529 -35.27 18.42 -4.42
N PRO D 530 -35.95 17.67 -5.30
CA PRO D 530 -36.04 18.03 -6.73
C PRO D 530 -37.09 19.11 -6.97
N ALA E 10 13.16 8.71 -14.25
CA ALA E 10 13.41 7.82 -13.09
C ALA E 10 14.90 7.81 -12.69
N PHE E 11 15.59 6.72 -13.01
CA PHE E 11 16.98 6.53 -12.62
C PHE E 11 17.76 5.98 -13.81
N ILE E 12 18.83 6.67 -14.19
CA ILE E 12 19.74 6.16 -15.22
C ILE E 12 20.77 5.26 -14.54
N GLN E 13 20.71 3.97 -14.84
N GLN E 13 20.73 3.98 -14.87
CA GLN E 13 21.64 3.02 -14.25
CA GLN E 13 21.64 3.00 -14.29
C GLN E 13 23.06 3.33 -14.69
C GLN E 13 23.06 3.35 -14.70
N THR E 14 24.00 3.13 -13.77
CA THR E 14 25.41 3.29 -14.05
C THR E 14 25.85 2.19 -15.01
N GLN E 15 27.07 2.36 -15.55
CA GLN E 15 27.81 1.27 -16.18
C GLN E 15 27.03 0.64 -17.34
N GLN E 16 26.28 1.47 -18.07
CA GLN E 16 25.51 1.02 -19.26
C GLN E 16 24.65 -0.21 -18.96
N LEU E 17 24.09 -0.26 -17.74
CA LEU E 17 23.34 -1.43 -17.34
C LEU E 17 22.01 -1.57 -18.08
N HIS E 18 21.45 -0.47 -18.60
CA HIS E 18 20.29 -0.61 -19.48
C HIS E 18 20.65 -1.34 -20.78
N ALA E 19 21.73 -0.88 -21.42
CA ALA E 19 22.27 -1.53 -22.61
C ALA E 19 22.63 -3.00 -22.33
N ALA E 20 23.10 -3.29 -21.12
CA ALA E 20 23.44 -4.68 -20.71
C ALA E 20 22.31 -5.67 -20.89
N MET E 21 21.08 -5.18 -20.78
CA MET E 21 19.88 -6.02 -20.77
C MET E 21 19.26 -6.22 -22.15
N ALA E 22 19.91 -5.67 -23.17
CA ALA E 22 19.44 -5.81 -24.54
C ALA E 22 19.41 -7.26 -25.01
N ASP E 23 18.48 -7.55 -25.92
CA ASP E 23 18.38 -8.87 -26.50
C ASP E 23 19.28 -9.09 -27.72
N THR E 24 19.57 -8.01 -28.44
CA THR E 24 20.37 -8.07 -29.67
C THR E 24 21.53 -7.08 -29.61
N PHE E 25 22.56 -7.29 -30.43
CA PHE E 25 23.67 -6.35 -30.45
CA PHE E 25 23.69 -6.37 -30.51
C PHE E 25 23.23 -4.96 -30.93
N LEU E 26 22.33 -4.91 -31.91
CA LEU E 26 21.78 -3.65 -32.38
C LEU E 26 21.09 -2.89 -31.24
N GLU E 27 20.23 -3.59 -30.49
CA GLU E 27 19.53 -3.02 -29.33
CA GLU E 27 19.54 -2.95 -29.37
C GLU E 27 20.53 -2.50 -28.30
N HIS E 28 21.56 -3.32 -28.04
CA HIS E 28 22.64 -2.92 -27.13
C HIS E 28 23.26 -1.58 -27.54
N LYS E 29 23.61 -1.45 -28.82
CA LYS E 29 24.18 -0.20 -29.30
CA LYS E 29 24.16 -0.21 -29.38
C LYS E 29 23.18 0.95 -29.19
N CYS E 30 21.93 0.71 -29.55
CA CYS E 30 20.90 1.76 -29.47
C CYS E 30 20.66 2.26 -28.04
N ARG E 31 21.04 1.46 -27.06
CA ARG E 31 20.81 1.80 -25.65
C ARG E 31 21.99 2.51 -24.98
N LEU E 32 23.13 2.61 -25.69
CA LEU E 32 24.31 3.25 -25.09
C LEU E 32 23.99 4.70 -24.74
N ASP E 33 24.37 5.09 -23.54
CA ASP E 33 23.87 6.34 -22.95
C ASP E 33 25.04 7.14 -22.41
N ILE E 34 25.27 8.34 -22.97
CA ILE E 34 26.37 9.19 -22.50
C ILE E 34 26.16 9.69 -21.05
N ASP E 35 24.93 9.56 -20.56
CA ASP E 35 24.62 9.97 -19.19
C ASP E 35 24.67 8.83 -18.17
N SER E 36 25.00 7.63 -18.64
CA SER E 36 25.23 6.49 -17.75
C SER E 36 26.69 6.52 -17.28
N ALA E 37 26.88 6.79 -15.99
CA ALA E 37 28.24 6.99 -15.46
C ALA E 37 28.98 5.66 -15.34
N PRO E 38 30.26 5.62 -15.76
CA PRO E 38 31.00 4.37 -15.59
C PRO E 38 31.34 4.14 -14.12
N ILE E 39 31.82 2.95 -13.79
CA ILE E 39 32.27 2.71 -12.41
C ILE E 39 33.65 3.33 -12.18
N THR E 40 34.08 3.35 -10.92
CA THR E 40 35.40 3.90 -10.59
C THR E 40 36.55 3.03 -11.13
N ALA E 41 36.42 1.72 -10.98
CA ALA E 41 37.45 0.79 -11.41
C ALA E 41 37.66 0.83 -12.92
N ARG E 42 38.92 0.69 -13.33
CA ARG E 42 39.28 0.63 -14.75
C ARG E 42 40.03 -0.68 -14.97
N ASN E 43 39.47 -1.54 -15.83
CA ASN E 43 39.93 -2.92 -16.01
C ASN E 43 41.07 -3.13 -17.02
N THR E 44 41.16 -2.27 -18.02
CA THR E 44 42.12 -2.46 -19.12
C THR E 44 43.50 -1.98 -18.67
N GLY E 45 44.49 -2.86 -18.74
CA GLY E 45 45.86 -2.48 -18.36
C GLY E 45 46.43 -1.41 -19.27
N ILE E 46 47.24 -0.53 -18.71
CA ILE E 46 47.88 0.55 -19.47
C ILE E 46 49.38 0.35 -19.43
N ILE E 47 49.96 0.17 -20.62
CA ILE E 47 51.39 -0.02 -20.78
C ILE E 47 51.99 1.25 -21.36
N CYS E 48 53.00 1.79 -20.70
CA CYS E 48 53.60 3.04 -21.12
C CYS E 48 55.07 2.88 -21.48
N THR E 49 55.44 3.35 -22.66
CA THR E 49 56.84 3.37 -23.06
C THR E 49 57.56 4.52 -22.38
N ILE E 50 58.67 4.20 -21.73
CA ILE E 50 59.42 5.22 -21.02
C ILE E 50 60.56 5.74 -21.88
N GLY E 51 60.78 7.04 -21.82
CA GLY E 51 61.82 7.71 -22.61
C GLY E 51 62.09 9.05 -21.98
N PRO E 52 62.71 9.97 -22.73
CA PRO E 52 63.12 11.29 -22.18
C PRO E 52 61.97 12.04 -21.50
N ALA E 53 60.74 11.91 -22.01
CA ALA E 53 59.59 12.63 -21.46
C ALA E 53 59.09 12.10 -20.10
N SER E 54 59.47 10.87 -19.76
CA SER E 54 58.80 10.14 -18.68
C SER E 54 59.74 9.39 -17.74
N ARG E 55 61.04 9.64 -17.91
CA ARG E 55 62.12 8.89 -17.30
C ARG E 55 62.42 9.30 -15.85
N SER E 56 62.14 10.55 -15.51
CA SER E 56 62.45 11.03 -14.16
C SER E 56 61.59 10.34 -13.09
N VAL E 57 62.13 10.20 -11.89
CA VAL E 57 61.38 9.65 -10.77
C VAL E 57 60.10 10.45 -10.50
N GLU E 58 60.19 11.78 -10.53
CA GLU E 58 59.02 12.59 -10.25
CA GLU E 58 59.05 12.68 -10.31
C GLU E 58 57.92 12.42 -11.31
N THR E 59 58.29 12.34 -12.59
CA THR E 59 57.28 12.08 -13.62
C THR E 59 56.69 10.67 -13.50
N LEU E 60 57.54 9.69 -13.24
CA LEU E 60 57.09 8.32 -13.04
C LEU E 60 56.09 8.17 -11.89
N LYS E 61 56.31 8.90 -10.79
CA LYS E 61 55.33 8.89 -9.70
C LYS E 61 53.98 9.34 -10.23
N GLU E 62 53.97 10.42 -11.01
CA GLU E 62 52.71 10.93 -11.59
C GLU E 62 52.09 9.99 -12.60
N MET E 63 52.94 9.30 -13.37
N MET E 63 52.91 9.27 -13.37
CA MET E 63 52.53 8.28 -14.33
CA MET E 63 52.38 8.31 -14.32
C MET E 63 51.75 7.17 -13.60
C MET E 63 51.74 7.13 -13.61
N ILE E 64 52.31 6.72 -12.48
CA ILE E 64 51.68 5.68 -11.64
C ILE E 64 50.33 6.15 -11.12
N LYS E 65 50.30 7.37 -10.58
CA LYS E 65 49.07 7.94 -10.08
C LYS E 65 48.01 8.09 -11.19
N SER E 66 48.47 8.35 -12.41
CA SER E 66 47.59 8.55 -13.58
C SER E 66 47.07 7.25 -14.17
N GLY E 67 47.72 6.13 -13.86
CA GLY E 67 47.20 4.82 -14.24
C GLY E 67 48.15 3.83 -14.89
N MET E 68 49.42 4.22 -15.05
CA MET E 68 50.40 3.31 -15.66
C MET E 68 50.53 2.01 -14.86
N ASN E 69 50.42 0.88 -15.54
CA ASN E 69 50.56 -0.42 -14.89
C ASN E 69 51.84 -1.13 -15.26
N VAL E 70 52.32 -0.88 -16.48
CA VAL E 70 53.51 -1.55 -17.01
C VAL E 70 54.40 -0.52 -17.68
N ALA E 71 55.68 -0.52 -17.33
CA ALA E 71 56.67 0.36 -17.96
C ALA E 71 57.43 -0.44 -19.03
N ARG E 72 57.33 0.03 -20.27
CA ARG E 72 57.97 -0.63 -21.41
C ARG E 72 59.28 0.04 -21.75
N MET E 73 60.34 -0.76 -21.79
CA MET E 73 61.70 -0.33 -22.14
C MET E 73 61.95 -0.80 -23.56
N ASN E 74 62.12 0.14 -24.48
CA ASN E 74 62.30 -0.21 -25.88
C ASN E 74 63.79 -0.36 -26.22
N PHE E 75 64.23 -1.60 -26.40
CA PHE E 75 65.64 -1.88 -26.64
C PHE E 75 66.09 -1.70 -28.09
N SER E 76 65.19 -1.20 -28.96
CA SER E 76 65.64 -0.72 -30.27
C SER E 76 66.63 0.43 -30.15
N HIS E 77 66.61 1.13 -29.02
CA HIS E 77 67.51 2.26 -28.77
C HIS E 77 68.05 2.17 -27.36
N GLY E 78 69.18 2.85 -27.13
CA GLY E 78 69.73 2.96 -25.75
C GLY E 78 70.66 1.86 -25.32
N THR E 79 71.58 2.19 -24.41
CA THR E 79 72.55 1.25 -23.87
C THR E 79 71.98 0.50 -22.66
N HIS E 80 72.64 -0.58 -22.26
CA HIS E 80 72.30 -1.23 -21.01
C HIS E 80 72.36 -0.27 -19.82
N GLU E 81 73.37 0.62 -19.80
CA GLU E 81 73.47 1.62 -18.74
C GLU E 81 72.17 2.44 -18.67
N TYR E 82 71.73 2.92 -19.84
CA TYR E 82 70.52 3.72 -19.97
CA TYR E 82 70.53 3.74 -19.94
C TYR E 82 69.31 3.01 -19.40
N HIS E 83 69.11 1.77 -19.85
CA HIS E 83 67.92 1.03 -19.47
C HIS E 83 67.95 0.63 -18.00
N ALA E 84 69.13 0.32 -17.49
CA ALA E 84 69.28 0.03 -16.07
C ALA E 84 68.83 1.22 -15.23
N GLU E 85 69.18 2.42 -15.67
CA GLU E 85 68.80 3.64 -14.93
C GLU E 85 67.30 3.88 -15.03
N THR E 86 66.73 3.70 -16.21
CA THR E 86 65.28 3.81 -16.34
C THR E 86 64.56 2.85 -15.40
N ILE E 87 65.00 1.58 -15.39
CA ILE E 87 64.40 0.56 -14.54
C ILE E 87 64.52 0.95 -13.06
N LYS E 88 65.70 1.44 -12.68
CA LYS E 88 65.92 1.92 -11.32
C LYS E 88 64.90 3.00 -10.96
N ASN E 89 64.70 3.95 -11.88
CA ASN E 89 63.78 5.05 -11.63
C ASN E 89 62.35 4.57 -11.50
N VAL E 90 61.96 3.62 -12.35
CA VAL E 90 60.62 3.04 -12.27
C VAL E 90 60.42 2.44 -10.88
N ARG E 91 61.42 1.70 -10.42
CA ARG E 91 61.34 1.03 -9.11
C ARG E 91 61.36 2.01 -7.95
N THR E 92 62.16 3.07 -8.07
CA THR E 92 62.14 4.12 -7.05
C THR E 92 60.75 4.75 -6.93
N ALA E 93 60.18 5.11 -8.08
CA ALA E 93 58.85 5.73 -8.10
C ALA E 93 57.80 4.78 -7.53
N THR E 94 57.87 3.51 -7.94
CA THR E 94 56.90 2.50 -7.50
C THR E 94 56.95 2.33 -5.98
N GLU E 95 58.16 2.18 -5.46
CA GLU E 95 58.36 1.92 -4.02
C GLU E 95 58.09 3.12 -3.12
N SER E 96 58.02 4.31 -3.71
CA SER E 96 57.72 5.52 -2.93
C SER E 96 56.31 5.44 -2.33
N PHE E 97 55.48 4.54 -2.89
CA PHE E 97 54.11 4.32 -2.43
C PHE E 97 53.97 3.09 -1.52
N ALA E 98 55.07 2.41 -1.25
CA ALA E 98 55.03 1.14 -0.51
C ALA E 98 54.70 1.25 0.99
N SER E 99 54.78 2.46 1.54
CA SER E 99 54.53 2.65 2.98
C SER E 99 53.07 2.38 3.36
N ASP E 100 52.17 2.51 2.38
CA ASP E 100 50.75 2.22 2.57
C ASP E 100 50.37 1.01 1.73
N PRO E 101 50.32 -0.18 2.34
CA PRO E 101 49.97 -1.42 1.65
C PRO E 101 48.58 -1.40 1.01
N ILE E 102 47.69 -0.57 1.54
CA ILE E 102 46.32 -0.50 1.04
CA ILE E 102 46.32 -0.47 1.05
C ILE E 102 46.25 0.30 -0.26
N LEU E 103 47.16 1.24 -0.45
CA LEU E 103 47.16 2.04 -1.68
C LEU E 103 48.24 1.67 -2.70
N TYR E 104 49.30 1.00 -2.25
CA TYR E 104 50.43 0.58 -3.11
C TYR E 104 49.96 -0.14 -4.39
N ARG E 105 50.45 0.32 -5.53
CA ARG E 105 50.16 -0.34 -6.82
C ARG E 105 51.42 -0.98 -7.37
N PRO E 106 51.40 -2.32 -7.57
CA PRO E 106 52.52 -3.00 -8.25
C PRO E 106 52.68 -2.42 -9.66
N VAL E 107 53.91 -2.31 -10.14
CA VAL E 107 54.19 -1.84 -11.50
C VAL E 107 55.16 -2.82 -12.16
N ALA E 108 54.79 -3.31 -13.35
CA ALA E 108 55.60 -4.29 -14.06
C ALA E 108 56.64 -3.62 -14.97
N VAL E 109 57.70 -4.36 -15.23
CA VAL E 109 58.77 -3.89 -16.13
C VAL E 109 58.83 -4.81 -17.33
N ALA E 110 58.69 -4.25 -18.53
CA ALA E 110 58.73 -5.02 -19.76
C ALA E 110 59.93 -4.66 -20.61
N LEU E 111 60.58 -5.68 -21.17
CA LEU E 111 61.69 -5.46 -22.12
C LEU E 111 61.17 -5.75 -23.54
N ASP E 112 61.23 -4.74 -24.41
CA ASP E 112 60.78 -4.89 -25.79
C ASP E 112 62.03 -4.99 -26.67
N THR E 113 62.22 -6.15 -27.30
CA THR E 113 63.47 -6.41 -28.02
C THR E 113 63.63 -5.58 -29.29
N LYS E 114 64.88 -5.36 -29.71
CA LYS E 114 65.13 -4.80 -31.02
C LYS E 114 64.67 -5.76 -32.12
N GLY E 115 65.13 -7.00 -32.06
CA GLY E 115 64.75 -7.96 -33.10
C GLY E 115 65.40 -7.63 -34.44
N PRO E 116 64.94 -8.29 -35.51
CA PRO E 116 65.54 -8.15 -36.86
C PRO E 116 65.17 -6.86 -37.59
N GLU E 117 65.50 -5.73 -36.98
CA GLU E 117 65.25 -4.41 -37.55
C GLU E 117 66.22 -4.09 -38.66
N ILE E 118 65.73 -3.34 -39.64
CA ILE E 118 66.57 -2.70 -40.66
C ILE E 118 66.46 -1.19 -40.46
N ARG E 119 67.60 -0.50 -40.37
CA ARG E 119 67.60 0.97 -40.19
C ARG E 119 68.58 1.65 -41.11
N THR E 120 68.24 2.88 -41.49
CA THR E 120 69.15 3.73 -42.28
C THR E 120 70.27 4.30 -41.42
N GLY E 121 71.21 5.01 -42.04
CA GLY E 121 72.29 5.69 -41.32
C GLY E 121 71.98 7.14 -40.99
N LEU E 122 73.02 7.91 -40.70
CA LEU E 122 72.82 9.33 -40.37
C LEU E 122 72.89 10.21 -41.60
N ILE E 123 71.98 11.17 -41.68
CA ILE E 123 72.04 12.23 -42.69
C ILE E 123 73.35 12.99 -42.54
N LYS E 124 73.95 13.36 -43.67
CA LYS E 124 75.23 14.11 -43.72
C LYS E 124 75.15 15.45 -42.97
N GLY E 125 76.30 15.97 -42.57
CA GLY E 125 76.37 17.25 -41.85
C GLY E 125 75.93 18.44 -42.68
N SER E 126 76.32 18.47 -43.95
CA SER E 126 76.03 19.61 -44.83
C SER E 126 74.56 19.66 -45.27
N GLY E 127 74.10 20.84 -45.69
CA GLY E 127 72.72 21.01 -46.17
C GLY E 127 71.69 20.94 -45.07
N THR E 128 70.42 20.78 -45.46
CA THR E 128 69.32 20.76 -44.50
C THR E 128 69.37 19.53 -43.60
N ALA E 129 68.69 19.61 -42.46
CA ALA E 129 68.71 18.53 -41.45
C ALA E 129 68.12 17.23 -41.98
N GLU E 130 67.05 17.37 -42.76
CA GLU E 130 66.46 16.24 -43.45
C GLU E 130 66.60 16.52 -44.93
N VAL E 131 66.71 15.45 -45.70
CA VAL E 131 66.80 15.60 -47.13
C VAL E 131 65.46 15.31 -47.76
N GLU E 132 65.14 16.01 -48.85
CA GLU E 132 63.91 15.72 -49.55
C GLU E 132 64.10 14.73 -50.68
N LEU E 133 63.37 13.62 -50.59
CA LEU E 133 63.29 12.64 -51.65
C LEU E 133 62.08 13.02 -52.51
N LYS E 134 62.32 13.28 -53.80
CA LYS E 134 61.24 13.69 -54.69
C LYS E 134 60.78 12.54 -55.56
N LYS E 135 59.46 12.40 -55.68
CA LYS E 135 58.85 11.39 -56.53
C LYS E 135 59.50 11.41 -57.90
N GLY E 136 59.94 10.24 -58.36
CA GLY E 136 60.53 10.11 -59.68
C GLY E 136 62.03 10.24 -59.72
N ALA E 137 62.60 10.81 -58.66
CA ALA E 137 64.06 10.93 -58.57
C ALA E 137 64.65 9.56 -58.31
N THR E 138 65.94 9.41 -58.63
CA THR E 138 66.63 8.17 -58.28
C THR E 138 67.39 8.30 -56.95
N LEU E 139 67.61 7.14 -56.33
CA LEU E 139 68.31 7.07 -55.05
CA LEU E 139 68.32 7.07 -55.06
C LEU E 139 69.07 5.75 -55.00
N LYS E 140 70.37 5.81 -54.66
CA LYS E 140 71.17 4.59 -54.52
CA LYS E 140 71.18 4.60 -54.52
C LYS E 140 71.21 4.14 -53.06
N ILE E 141 70.90 2.87 -52.83
CA ILE E 141 71.06 2.29 -51.50
C ILE E 141 72.42 1.61 -51.47
N THR E 142 73.26 1.99 -50.51
CA THR E 142 74.60 1.42 -50.39
C THR E 142 74.79 0.69 -49.07
N LEU E 143 75.69 -0.30 -49.08
CA LEU E 143 76.09 -0.99 -47.86
C LEU E 143 77.50 -0.58 -47.43
N ASP E 144 78.12 0.28 -48.24
CA ASP E 144 79.48 0.76 -47.97
C ASP E 144 79.49 1.66 -46.72
N ASN E 145 80.18 1.22 -45.67
CA ASN E 145 80.18 1.96 -44.40
C ASN E 145 80.76 3.37 -44.47
N ALA E 146 81.44 3.68 -45.57
CA ALA E 146 81.94 5.03 -45.82
C ALA E 146 80.82 6.06 -45.79
N TYR E 147 79.61 5.59 -46.10
CA TYR E 147 78.43 6.46 -46.20
C TYR E 147 77.48 6.34 -45.01
N MET E 148 77.88 5.58 -43.99
CA MET E 148 76.95 5.31 -42.90
CA MET E 148 77.02 5.30 -42.83
C MET E 148 76.52 6.57 -42.13
N GLU E 149 77.35 7.61 -42.17
CA GLU E 149 77.01 8.89 -41.53
C GLU E 149 77.04 10.05 -42.55
N LYS E 150 76.80 9.69 -43.81
CA LYS E 150 76.79 10.66 -44.91
C LYS E 150 75.60 10.46 -45.83
N CYS E 151 74.47 10.00 -45.28
CA CYS E 151 73.28 9.76 -46.08
C CYS E 151 72.70 11.07 -46.62
N ASP E 152 72.11 11.04 -47.81
CA ASP E 152 71.39 12.20 -48.35
C ASP E 152 70.41 11.76 -49.42
N GLU E 153 69.90 12.69 -50.21
CA GLU E 153 68.88 12.40 -51.22
C GLU E 153 69.38 11.55 -52.38
N ASN E 154 70.71 11.45 -52.50
CA ASN E 154 71.33 10.70 -53.59
C ASN E 154 71.83 9.32 -53.21
N ILE E 155 72.32 9.20 -51.98
CA ILE E 155 72.93 7.98 -51.48
CA ILE E 155 72.88 7.96 -51.49
C ILE E 155 72.43 7.70 -50.06
N LEU E 156 71.86 6.52 -49.86
CA LEU E 156 71.32 6.11 -48.57
C LEU E 156 71.98 4.82 -48.10
N TRP E 157 72.61 4.86 -46.93
CA TRP E 157 73.17 3.67 -46.32
C TRP E 157 72.15 3.02 -45.39
N LEU E 158 72.16 1.69 -45.34
CA LEU E 158 71.38 0.97 -44.35
C LEU E 158 72.18 -0.23 -43.82
N ASP E 159 71.70 -0.81 -42.72
CA ASP E 159 72.52 -1.72 -41.92
C ASP E 159 72.28 -3.21 -42.19
N TYR E 160 71.47 -3.53 -43.21
CA TYR E 160 71.17 -4.93 -43.51
C TYR E 160 72.11 -5.43 -44.61
N LYS E 161 73.16 -6.13 -44.18
CA LYS E 161 74.28 -6.44 -45.08
C LYS E 161 73.92 -7.43 -46.18
N ASN E 162 72.86 -8.22 -45.95
CA ASN E 162 72.43 -9.22 -46.91
C ASN E 162 71.23 -8.77 -47.78
N ILE E 163 70.92 -7.47 -47.78
CA ILE E 163 69.72 -6.97 -48.46
C ILE E 163 69.66 -7.34 -49.96
N CYS E 164 70.80 -7.32 -50.63
CA CYS E 164 70.82 -7.64 -52.07
C CYS E 164 70.45 -9.08 -52.37
N LYS E 165 70.61 -9.96 -51.39
CA LYS E 165 70.27 -11.37 -51.55
C LYS E 165 68.75 -11.63 -51.53
N VAL E 166 67.99 -10.76 -50.87
CA VAL E 166 66.57 -11.01 -50.64
C VAL E 166 65.61 -10.06 -51.38
N VAL E 167 66.15 -9.00 -51.98
CA VAL E 167 65.35 -8.12 -52.84
C VAL E 167 65.68 -8.35 -54.32
N ASP E 168 64.71 -8.05 -55.16
CA ASP E 168 64.80 -8.25 -56.60
C ASP E 168 64.52 -6.93 -57.28
N VAL E 169 64.91 -6.80 -58.55
CA VAL E 169 64.43 -5.66 -59.34
C VAL E 169 62.91 -5.69 -59.28
N GLY E 170 62.30 -4.54 -59.01
CA GLY E 170 60.86 -4.45 -58.87
C GLY E 170 60.37 -4.45 -57.43
N SER E 171 61.22 -4.91 -56.51
CA SER E 171 60.91 -4.91 -55.07
C SER E 171 60.63 -3.51 -54.55
N LYS E 172 59.70 -3.40 -53.60
CA LYS E 172 59.46 -2.12 -52.92
C LYS E 172 60.22 -2.03 -51.61
N VAL E 173 60.78 -0.85 -51.36
CA VAL E 173 61.49 -0.56 -50.10
C VAL E 173 60.77 0.60 -49.41
N TYR E 174 60.36 0.38 -48.16
CA TYR E 174 59.68 1.42 -47.38
C TYR E 174 60.62 1.98 -46.32
N VAL E 175 60.57 3.30 -46.13
CA VAL E 175 61.43 3.98 -45.17
C VAL E 175 60.61 4.94 -44.32
N ASP E 176 60.91 5.00 -43.02
CA ASP E 176 60.30 5.92 -42.07
C ASP E 176 58.80 5.68 -41.87
N ASP E 177 58.45 4.65 -41.08
CA ASP E 177 57.04 4.30 -40.80
C ASP E 177 56.25 4.14 -42.10
N GLY E 178 56.92 3.60 -43.12
CA GLY E 178 56.29 3.31 -44.42
C GLY E 178 55.84 4.54 -45.19
N LEU E 179 56.36 5.72 -44.82
CA LEU E 179 55.93 6.97 -45.44
C LEU E 179 56.64 7.26 -46.76
N ILE E 180 57.90 6.86 -46.85
CA ILE E 180 58.67 6.94 -48.08
C ILE E 180 58.69 5.56 -48.74
N SER E 181 58.52 5.52 -50.06
CA SER E 181 58.65 4.25 -50.76
C SER E 181 59.53 4.36 -51.99
N LEU E 182 60.33 3.32 -52.20
CA LEU E 182 61.28 3.23 -53.30
C LEU E 182 60.99 1.93 -54.06
N GLN E 183 61.27 1.94 -55.36
CA GLN E 183 61.23 0.69 -56.13
C GLN E 183 62.61 0.38 -56.69
N VAL E 184 63.06 -0.86 -56.49
CA VAL E 184 64.38 -1.28 -56.98
C VAL E 184 64.35 -1.34 -58.50
N LYS E 185 65.31 -0.66 -59.14
CA LYS E 185 65.44 -0.64 -60.59
C LYS E 185 66.63 -1.45 -61.07
N GLN E 186 67.66 -1.52 -60.24
CA GLN E 186 68.90 -2.20 -60.58
C GLN E 186 69.61 -2.73 -59.33
N LYS E 187 70.20 -3.92 -59.45
CA LYS E 187 70.94 -4.57 -58.37
C LYS E 187 72.43 -4.59 -58.66
N GLY E 188 73.23 -4.32 -57.64
CA GLY E 188 74.68 -4.44 -57.75
C GLY E 188 75.22 -5.40 -56.70
N PRO E 189 76.55 -5.56 -56.64
CA PRO E 189 77.15 -6.42 -55.63
C PRO E 189 76.75 -6.03 -54.21
N ASP E 190 76.92 -4.75 -53.86
CA ASP E 190 76.55 -4.24 -52.53
C ASP E 190 75.81 -2.91 -52.65
N PHE E 191 74.94 -2.82 -53.65
CA PHE E 191 74.10 -1.65 -53.80
C PHE E 191 72.81 -1.94 -54.56
N LEU E 192 71.85 -1.04 -54.41
CA LEU E 192 70.62 -1.06 -55.17
C LEU E 192 70.40 0.34 -55.71
N VAL E 193 70.01 0.46 -56.97
CA VAL E 193 69.58 1.74 -57.52
CA VAL E 193 69.57 1.75 -57.47
C VAL E 193 68.05 1.73 -57.54
N THR E 194 67.45 2.75 -56.94
CA THR E 194 66.01 2.81 -56.80
C THR E 194 65.41 4.08 -57.40
N GLU E 195 64.11 4.04 -57.65
CA GLU E 195 63.33 5.22 -58.00
C GLU E 195 62.40 5.55 -56.84
N VAL E 196 62.34 6.83 -56.46
CA VAL E 196 61.43 7.27 -55.43
C VAL E 196 59.99 7.21 -55.95
N GLU E 197 59.16 6.40 -55.27
CA GLU E 197 57.75 6.30 -55.63
CA GLU E 197 57.74 6.26 -55.60
C GLU E 197 56.92 7.26 -54.79
N ASN E 198 57.00 7.14 -53.47
CA ASN E 198 56.38 8.09 -52.57
C ASN E 198 57.49 8.88 -51.88
N GLY E 199 57.55 10.17 -52.18
CA GLY E 199 58.62 11.00 -51.67
C GLY E 199 58.33 11.57 -50.30
N GLY E 200 59.33 12.23 -49.73
CA GLY E 200 59.16 12.90 -48.45
C GLY E 200 60.50 13.32 -47.87
N PHE E 201 60.45 13.90 -46.68
CA PHE E 201 61.67 14.34 -46.01
C PHE E 201 62.23 13.19 -45.20
N LEU E 202 63.53 12.96 -45.32
CA LEU E 202 64.16 11.84 -44.66
C LEU E 202 65.14 12.29 -43.59
N GLY E 203 64.96 11.75 -42.38
CA GLY E 203 65.87 11.98 -41.28
C GLY E 203 66.83 10.84 -41.09
N SER E 204 67.39 10.73 -39.88
CA SER E 204 68.43 9.74 -39.58
C SER E 204 67.89 8.49 -38.90
N LYS E 205 68.56 7.36 -39.17
CA LYS E 205 68.29 6.07 -38.51
CA LYS E 205 68.28 6.10 -38.46
C LYS E 205 66.80 5.72 -38.50
N LYS E 206 66.21 5.76 -39.69
CA LYS E 206 64.79 5.47 -39.87
C LYS E 206 64.58 4.00 -40.18
N GLY E 207 63.42 3.48 -39.79
CA GLY E 207 63.09 2.07 -39.98
C GLY E 207 62.80 1.78 -41.44
N VAL E 208 63.29 0.63 -41.90
CA VAL E 208 63.12 0.17 -43.28
C VAL E 208 62.32 -1.13 -43.28
N ASN E 209 61.32 -1.20 -44.16
CA ASN E 209 60.54 -2.45 -44.32
C ASN E 209 60.64 -2.96 -45.75
N LEU E 210 60.72 -4.29 -45.88
CA LEU E 210 60.77 -4.97 -47.16
C LEU E 210 59.61 -5.98 -47.23
N PRO E 211 58.38 -5.48 -47.43
CA PRO E 211 57.21 -6.37 -47.32
C PRO E 211 57.19 -7.55 -48.29
N GLY E 212 57.84 -7.40 -49.45
CA GLY E 212 57.84 -8.49 -50.43
C GLY E 212 58.92 -9.53 -50.24
N ALA E 213 59.83 -9.29 -49.29
CA ALA E 213 61.05 -10.09 -49.16
C ALA E 213 61.00 -11.06 -47.99
N ALA E 214 61.70 -12.19 -48.14
CA ALA E 214 61.92 -13.10 -47.03
C ALA E 214 63.20 -12.65 -46.33
N VAL E 215 63.04 -11.70 -45.40
CA VAL E 215 64.19 -11.11 -44.68
C VAL E 215 64.86 -12.20 -43.83
N ASP E 216 66.18 -12.36 -43.98
CA ASP E 216 66.88 -13.50 -43.39
C ASP E 216 67.70 -13.17 -42.14
N LEU E 217 67.40 -12.03 -41.53
CA LEU E 217 68.03 -11.67 -40.27
C LEU E 217 67.55 -12.67 -39.21
N PRO E 218 68.38 -12.94 -38.18
CA PRO E 218 67.95 -13.90 -37.18
C PRO E 218 66.77 -13.40 -36.35
N ALA E 219 65.90 -14.31 -35.93
CA ALA E 219 64.82 -13.93 -35.04
C ALA E 219 65.38 -13.39 -33.73
N VAL E 220 66.48 -13.99 -33.30
CA VAL E 220 67.15 -13.58 -32.07
C VAL E 220 68.63 -13.39 -32.39
N SER E 221 69.04 -12.13 -32.51
CA SER E 221 70.42 -11.78 -32.86
C SER E 221 71.32 -11.85 -31.63
N GLU E 222 72.63 -11.71 -31.84
CA GLU E 222 73.56 -11.68 -30.70
CA GLU E 222 73.60 -11.64 -30.74
C GLU E 222 73.23 -10.50 -29.79
N LYS E 223 72.84 -9.36 -30.37
CA LYS E 223 72.43 -8.21 -29.56
C LYS E 223 71.18 -8.56 -28.73
N ASP E 224 70.21 -9.21 -29.36
CA ASP E 224 68.99 -9.61 -28.65
C ASP E 224 69.31 -10.54 -27.50
N ILE E 225 70.24 -11.48 -27.72
CA ILE E 225 70.67 -12.43 -26.68
C ILE E 225 71.26 -11.70 -25.47
N GLN E 226 72.19 -10.77 -25.73
CA GLN E 226 72.73 -9.90 -24.68
C GLN E 226 71.62 -9.14 -23.94
N ASP E 227 70.65 -8.62 -24.69
CA ASP E 227 69.56 -7.85 -24.08
C ASP E 227 68.66 -8.73 -23.21
N LEU E 228 68.32 -9.93 -23.71
CA LEU E 228 67.50 -10.86 -22.96
C LEU E 228 68.19 -11.30 -21.65
N LYS E 229 69.49 -11.59 -21.72
N LYS E 229 69.49 -11.59 -21.73
CA LYS E 229 70.26 -11.98 -20.53
CA LYS E 229 70.26 -11.98 -20.54
C LYS E 229 70.33 -10.83 -19.51
C LYS E 229 70.29 -10.83 -19.52
N PHE E 230 70.45 -9.61 -20.02
CA PHE E 230 70.40 -8.41 -19.19
C PHE E 230 69.02 -8.28 -18.53
N GLY E 231 67.96 -8.58 -19.28
CA GLY E 231 66.59 -8.59 -18.74
C GLY E 231 66.45 -9.58 -17.59
N VAL E 232 67.04 -10.75 -17.75
CA VAL E 232 66.99 -11.75 -16.67
C VAL E 232 67.70 -11.20 -15.43
N GLU E 233 68.89 -10.66 -15.62
CA GLU E 233 69.67 -10.12 -14.50
C GLU E 233 68.94 -8.97 -13.80
N GLN E 234 68.22 -8.16 -14.58
CA GLN E 234 67.50 -7.00 -14.06
C GLN E 234 66.10 -7.35 -13.51
N ASP E 235 65.74 -8.64 -13.55
CA ASP E 235 64.45 -9.11 -12.99
C ASP E 235 63.22 -8.52 -13.67
N VAL E 236 63.28 -8.39 -15.01
CA VAL E 236 62.10 -7.94 -15.75
C VAL E 236 60.95 -8.96 -15.63
N ASP E 237 59.73 -8.47 -15.79
CA ASP E 237 58.53 -9.32 -15.63
C ASP E 237 58.11 -9.99 -16.91
N MET E 238 58.45 -9.37 -18.02
CA MET E 238 57.97 -9.84 -19.33
C MET E 238 58.87 -9.33 -20.45
N VAL E 239 58.87 -10.08 -21.55
CA VAL E 239 59.58 -9.70 -22.77
C VAL E 239 58.53 -9.53 -23.87
N PHE E 240 58.59 -8.40 -24.58
CA PHE E 240 57.81 -8.21 -25.79
C PHE E 240 58.79 -8.50 -26.94
N ALA E 241 58.61 -9.66 -27.58
CA ALA E 241 59.56 -10.16 -28.58
C ALA E 241 59.18 -9.71 -30.00
N SER E 242 60.04 -8.89 -30.60
CA SER E 242 59.76 -8.26 -31.90
C SER E 242 59.84 -9.22 -33.08
N PHE E 243 58.94 -9.01 -34.04
CA PHE E 243 58.94 -9.70 -35.35
C PHE E 243 58.89 -11.23 -35.25
N ILE E 244 58.08 -11.74 -34.33
CA ILE E 244 57.90 -13.20 -34.24
C ILE E 244 57.14 -13.72 -35.46
N ARG E 245 57.75 -14.66 -36.19
CA ARG E 245 57.16 -15.20 -37.42
C ARG E 245 56.63 -16.63 -37.29
N LYS E 246 57.07 -17.35 -36.26
CA LYS E 246 56.76 -18.78 -36.12
C LYS E 246 57.01 -19.25 -34.69
N ALA E 247 56.48 -20.43 -34.34
CA ALA E 247 56.63 -20.95 -32.98
C ALA E 247 58.11 -21.13 -32.62
N ALA E 248 58.92 -21.57 -33.58
CA ALA E 248 60.35 -21.78 -33.35
C ALA E 248 61.05 -20.51 -32.83
N ASP E 249 60.58 -19.34 -33.27
CA ASP E 249 61.14 -18.04 -32.81
C ASP E 249 60.87 -17.85 -31.32
N VAL E 250 59.63 -18.14 -30.91
CA VAL E 250 59.26 -18.07 -29.50
C VAL E 250 60.12 -19.03 -28.68
N HIS E 251 60.31 -20.24 -29.20
CA HIS E 251 61.09 -21.26 -28.49
C HIS E 251 62.52 -20.80 -28.28
N GLU E 252 63.06 -20.07 -29.26
CA GLU E 252 64.40 -19.50 -29.18
CA GLU E 252 64.41 -19.50 -29.17
C GLU E 252 64.51 -18.50 -28.03
N VAL E 253 63.57 -17.56 -27.96
CA VAL E 253 63.52 -16.59 -26.83
C VAL E 253 63.46 -17.33 -25.49
N ARG E 254 62.57 -18.32 -25.40
CA ARG E 254 62.39 -19.12 -24.19
C ARG E 254 63.71 -19.79 -23.75
N LYS E 255 64.42 -20.38 -24.72
CA LYS E 255 65.71 -21.01 -24.48
C LYS E 255 66.76 -20.02 -23.96
N ILE E 256 66.79 -18.81 -24.51
CA ILE E 256 67.73 -17.78 -24.05
C ILE E 256 67.41 -17.36 -22.61
N LEU E 257 66.14 -17.13 -22.31
CA LEU E 257 65.73 -16.77 -20.95
C LEU E 257 66.11 -17.90 -19.99
N GLY E 258 66.01 -19.13 -20.48
CA GLY E 258 66.51 -20.32 -19.77
C GLY E 258 65.83 -20.61 -18.46
N GLU E 259 66.51 -21.40 -17.64
CA GLU E 259 65.99 -21.78 -16.31
C GLU E 259 65.84 -20.55 -15.41
N LYS E 260 66.86 -19.70 -15.36
CA LYS E 260 66.78 -18.51 -14.51
C LYS E 260 65.60 -17.60 -14.87
N GLY E 261 65.25 -17.51 -16.16
CA GLY E 261 64.14 -16.65 -16.61
C GLY E 261 62.87 -17.39 -16.94
N LYS E 262 62.71 -18.60 -16.39
CA LYS E 262 61.58 -19.45 -16.73
C LYS E 262 60.21 -18.86 -16.38
N ASN E 263 60.18 -17.92 -15.43
CA ASN E 263 58.91 -17.31 -15.03
C ASN E 263 58.64 -15.95 -15.67
N ILE E 264 59.54 -15.52 -16.54
CA ILE E 264 59.37 -14.28 -17.29
C ILE E 264 58.40 -14.60 -18.44
N LYS E 265 57.36 -13.78 -18.59
CA LYS E 265 56.34 -14.04 -19.62
C LYS E 265 56.81 -13.55 -20.99
N ILE E 266 56.61 -14.37 -22.02
CA ILE E 266 56.96 -13.97 -23.38
C ILE E 266 55.71 -13.55 -24.14
N ILE E 267 55.67 -12.28 -24.53
CA ILE E 267 54.59 -11.73 -25.34
C ILE E 267 55.11 -11.61 -26.77
N SER E 268 54.58 -12.41 -27.68
CA SER E 268 55.05 -12.35 -29.08
C SER E 268 54.40 -11.18 -29.82
N LYS E 269 55.23 -10.40 -30.48
CA LYS E 269 54.73 -9.26 -31.27
C LYS E 269 54.43 -9.72 -32.69
N ILE E 270 53.17 -9.55 -33.09
CA ILE E 270 52.75 -9.89 -34.46
C ILE E 270 52.84 -8.62 -35.30
N GLU E 271 53.80 -8.60 -36.24
CA GLU E 271 54.01 -7.40 -37.05
C GLU E 271 54.40 -7.65 -38.49
N ASN E 272 54.16 -8.87 -38.97
CA ASN E 272 54.33 -9.15 -40.39
C ASN E 272 53.37 -10.20 -40.88
N HIS E 273 53.33 -10.40 -42.18
CA HIS E 273 52.35 -11.29 -42.75
CA HIS E 273 52.36 -11.30 -42.79
C HIS E 273 52.55 -12.73 -42.25
N GLU E 274 53.79 -13.18 -42.15
CA GLU E 274 54.06 -14.54 -41.69
C GLU E 274 53.54 -14.75 -40.25
N GLY E 275 53.69 -13.73 -39.40
CA GLY E 275 53.18 -13.81 -38.03
C GLY E 275 51.67 -14.00 -37.99
N VAL E 276 50.98 -13.34 -38.91
CA VAL E 276 49.54 -13.49 -38.98
C VAL E 276 49.17 -14.90 -39.51
N ARG E 277 49.86 -15.33 -40.56
CA ARG E 277 49.61 -16.63 -41.16
CA ARG E 277 49.59 -16.64 -41.15
C ARG E 277 49.85 -17.79 -40.18
N ARG E 278 50.91 -17.67 -39.38
CA ARG E 278 51.31 -18.71 -38.43
C ARG E 278 50.84 -18.38 -37.02
N PHE E 279 49.78 -17.56 -36.93
CA PHE E 279 49.37 -17.03 -35.64
C PHE E 279 49.05 -18.13 -34.61
N ASP E 280 48.27 -19.14 -35.02
CA ASP E 280 47.86 -20.16 -34.06
C ASP E 280 49.04 -20.84 -33.35
N GLU E 281 50.07 -21.24 -34.10
CA GLU E 281 51.22 -21.90 -33.45
C GLU E 281 52.01 -20.92 -32.57
N ILE E 282 52.07 -19.65 -32.98
CA ILE E 282 52.72 -18.60 -32.18
C ILE E 282 51.98 -18.42 -30.86
N LEU E 283 50.65 -18.30 -30.92
CA LEU E 283 49.84 -18.18 -29.72
C LEU E 283 50.06 -19.35 -28.76
N GLU E 284 50.07 -20.56 -29.30
CA GLU E 284 50.24 -21.76 -28.48
C GLU E 284 51.55 -21.73 -27.69
N ALA E 285 52.60 -21.24 -28.34
CA ALA E 285 53.95 -21.21 -27.75
C ALA E 285 54.17 -20.04 -26.79
N SER E 286 53.35 -19.00 -26.92
CA SER E 286 53.59 -17.74 -26.22
C SER E 286 52.75 -17.63 -24.95
N ASP E 287 53.14 -16.71 -24.06
CA ASP E 287 52.33 -16.40 -22.89
C ASP E 287 51.27 -15.36 -23.21
N GLY E 288 51.46 -14.62 -24.29
CA GLY E 288 50.52 -13.59 -24.69
C GLY E 288 50.95 -13.01 -26.02
N ILE E 289 50.19 -12.03 -26.49
CA ILE E 289 50.42 -11.45 -27.82
C ILE E 289 50.34 -9.93 -27.80
N MET E 290 51.16 -9.27 -28.63
CA MET E 290 50.93 -7.85 -28.91
C MET E 290 50.60 -7.70 -30.39
N VAL E 291 49.55 -6.93 -30.68
CA VAL E 291 49.23 -6.55 -32.06
C VAL E 291 50.09 -5.32 -32.32
N ALA E 292 51.23 -5.54 -32.98
CA ALA E 292 52.23 -4.49 -33.19
C ALA E 292 51.89 -3.75 -34.47
N ARG E 293 50.95 -2.81 -34.34
CA ARG E 293 50.27 -2.26 -35.52
C ARG E 293 51.15 -1.39 -36.41
N GLY E 294 52.24 -0.87 -35.86
CA GLY E 294 53.16 0.01 -36.59
C GLY E 294 53.77 -0.72 -37.76
N ASP E 295 54.61 -1.70 -37.45
CA ASP E 295 55.20 -2.52 -38.50
C ASP E 295 54.13 -3.32 -39.25
N LEU E 296 53.10 -3.80 -38.55
CA LEU E 296 52.07 -4.59 -39.20
C LEU E 296 51.44 -3.84 -40.38
N GLY E 297 51.15 -2.55 -40.19
CA GLY E 297 50.49 -1.75 -41.23
C GLY E 297 51.40 -1.26 -42.35
N ILE E 298 52.67 -1.62 -42.29
CA ILE E 298 53.62 -1.42 -43.39
C ILE E 298 53.85 -2.75 -44.11
N GLU E 299 53.94 -3.84 -43.35
CA GLU E 299 54.17 -5.17 -43.91
C GLU E 299 52.96 -5.70 -44.67
N ILE E 300 51.76 -5.33 -44.22
CA ILE E 300 50.50 -5.62 -44.94
C ILE E 300 49.79 -4.29 -45.22
N PRO E 301 48.88 -4.28 -46.21
CA PRO E 301 48.14 -3.04 -46.52
C PRO E 301 47.49 -2.46 -45.28
N ALA E 302 47.66 -1.15 -45.09
CA ALA E 302 47.18 -0.49 -43.87
C ALA E 302 45.69 -0.74 -43.63
N GLU E 303 44.93 -0.80 -44.73
CA GLU E 303 43.48 -0.98 -44.62
C GLU E 303 43.08 -2.36 -44.09
N LYS E 304 44.02 -3.29 -44.00
CA LYS E 304 43.73 -4.63 -43.48
C LYS E 304 44.08 -4.83 -42.02
N VAL E 305 44.76 -3.86 -41.42
CA VAL E 305 45.21 -4.00 -40.02
C VAL E 305 44.07 -4.33 -39.03
N PHE E 306 42.91 -3.68 -39.19
CA PHE E 306 41.79 -3.93 -38.26
C PHE E 306 41.32 -5.38 -38.28
N LEU E 307 41.42 -6.04 -39.44
CA LEU E 307 41.06 -7.46 -39.56
C LEU E 307 42.00 -8.30 -38.72
N ALA E 308 43.29 -8.08 -38.85
CA ALA E 308 44.27 -8.79 -38.04
C ALA E 308 44.09 -8.47 -36.55
N GLN E 309 43.84 -7.21 -36.23
CA GLN E 309 43.64 -6.82 -34.82
C GLN E 309 42.49 -7.60 -34.20
N LYS E 310 41.35 -7.61 -34.88
CA LYS E 310 40.14 -8.22 -34.34
C LYS E 310 40.28 -9.74 -34.29
N MET E 311 40.89 -10.31 -35.32
CA MET E 311 41.14 -11.76 -35.34
C MET E 311 42.03 -12.19 -34.16
N ILE E 312 43.14 -11.47 -33.97
CA ILE E 312 44.10 -11.80 -32.92
C ILE E 312 43.47 -11.61 -31.54
N ILE E 313 42.80 -10.48 -31.32
CA ILE E 313 42.17 -10.27 -30.00
C ILE E 313 41.13 -11.35 -29.71
N GLY E 314 40.32 -11.69 -30.72
CA GLY E 314 39.31 -12.75 -30.55
C GLY E 314 39.93 -14.08 -30.18
N ARG E 315 40.99 -14.47 -30.89
CA ARG E 315 41.62 -15.77 -30.67
C ARG E 315 42.35 -15.82 -29.32
N CYS E 316 42.97 -14.69 -28.93
CA CYS E 316 43.57 -14.60 -27.58
C CYS E 316 42.49 -14.68 -26.49
N ASN E 317 41.36 -13.98 -26.69
CA ASN E 317 40.26 -14.05 -25.71
C ASN E 317 39.77 -15.50 -25.54
N ARG E 318 39.65 -16.19 -26.68
CA ARG E 318 39.18 -17.58 -26.72
C ARG E 318 40.14 -18.48 -25.95
N ALA E 319 41.44 -18.19 -26.06
CA ALA E 319 42.46 -19.01 -25.39
C ALA E 319 42.70 -18.61 -23.94
N GLY E 320 42.21 -17.43 -23.55
CA GLY E 320 42.46 -16.90 -22.22
C GLY E 320 43.89 -16.39 -22.05
N LYS E 321 44.54 -16.01 -23.15
CA LYS E 321 45.91 -15.49 -23.08
C LYS E 321 45.90 -13.99 -23.32
N PRO E 322 46.72 -13.23 -22.56
CA PRO E 322 46.75 -11.77 -22.69
C PRO E 322 47.03 -11.28 -24.10
N VAL E 323 46.35 -10.20 -24.47
CA VAL E 323 46.60 -9.53 -25.75
C VAL E 323 46.67 -8.02 -25.54
N ILE E 324 47.69 -7.42 -26.16
CA ILE E 324 47.95 -5.99 -26.08
C ILE E 324 47.68 -5.34 -27.43
N CYS E 325 46.91 -4.24 -27.44
CA CYS E 325 46.79 -3.42 -28.65
C CYS E 325 47.81 -2.28 -28.54
N ALA E 326 48.60 -2.10 -29.59
CA ALA E 326 49.69 -1.12 -29.57
C ALA E 326 49.73 -0.21 -30.77
N THR E 327 50.26 0.99 -30.55
CA THR E 327 50.83 1.89 -31.58
C THR E 327 49.88 2.90 -32.18
N GLN E 328 50.26 4.18 -32.01
CA GLN E 328 49.55 5.34 -32.53
C GLN E 328 48.12 5.50 -31.99
N MET E 329 47.84 4.89 -30.84
CA MET E 329 46.48 4.94 -30.28
C MET E 329 46.06 6.39 -29.96
N LEU E 330 46.99 7.19 -29.44
CA LEU E 330 46.74 8.61 -29.11
C LEU E 330 47.85 9.49 -29.70
N GLU E 331 48.26 9.15 -30.93
CA GLU E 331 49.48 9.72 -31.52
C GLU E 331 49.54 11.25 -31.53
N SER E 332 48.40 11.90 -31.83
CA SER E 332 48.41 13.37 -31.90
C SER E 332 48.78 14.02 -30.56
N MET E 333 48.61 13.26 -29.47
CA MET E 333 48.94 13.77 -28.13
C MET E 333 50.43 13.91 -27.85
N ILE E 334 51.28 13.48 -28.78
CA ILE E 334 52.70 13.80 -28.70
C ILE E 334 52.85 15.32 -28.71
N LYS E 335 51.97 16.01 -29.44
CA LYS E 335 52.06 17.47 -29.64
C LYS E 335 50.89 18.30 -29.09
N LYS E 336 49.74 17.65 -28.88
CA LYS E 336 48.52 18.33 -28.46
C LYS E 336 47.97 17.76 -27.15
N PRO E 337 47.35 18.60 -26.30
CA PRO E 337 46.87 18.15 -24.99
C PRO E 337 45.58 17.33 -25.04
N ARG E 338 44.95 17.28 -26.22
CA ARG E 338 43.72 16.52 -26.40
CA ARG E 338 43.70 16.54 -26.42
C ARG E 338 43.84 15.66 -27.66
N PRO E 339 43.28 14.43 -27.62
CA PRO E 339 43.38 13.56 -28.80
C PRO E 339 42.38 13.90 -29.91
N THR E 340 42.58 13.30 -31.08
CA THR E 340 41.62 13.45 -32.18
C THR E 340 40.42 12.54 -31.93
N ARG E 341 39.38 12.73 -32.72
CA ARG E 341 38.18 11.87 -32.61
C ARG E 341 38.45 10.43 -33.02
N ALA E 342 39.32 10.25 -34.02
CA ALA E 342 39.73 8.91 -34.46
C ALA E 342 40.48 8.17 -33.34
N GLU E 343 41.33 8.90 -32.63
CA GLU E 343 42.10 8.34 -31.52
C GLU E 343 41.22 7.91 -30.35
N GLY E 344 40.27 8.76 -29.96
CA GLY E 344 39.30 8.35 -28.93
C GLY E 344 38.55 7.09 -29.33
N SER E 345 38.13 7.04 -30.60
CA SER E 345 37.45 5.88 -31.16
C SER E 345 38.32 4.62 -31.14
N ASP E 346 39.58 4.77 -31.52
CA ASP E 346 40.51 3.64 -31.60
C ASP E 346 40.70 2.96 -30.24
N VAL E 347 40.91 3.77 -29.21
CA VAL E 347 41.08 3.23 -27.87
C VAL E 347 39.78 2.53 -27.42
N ALA E 348 38.65 3.21 -27.59
CA ALA E 348 37.37 2.58 -27.22
C ALA E 348 37.16 1.24 -27.92
N ASN E 349 37.39 1.23 -29.24
CA ASN E 349 37.15 0.00 -30.00
C ASN E 349 38.14 -1.10 -29.67
N ALA E 350 39.35 -0.76 -29.28
CA ALA E 350 40.30 -1.81 -28.82
C ALA E 350 39.80 -2.51 -27.56
N VAL E 351 39.24 -1.72 -26.65
CA VAL E 351 38.68 -2.26 -25.41
C VAL E 351 37.44 -3.12 -25.74
N LEU E 352 36.57 -2.60 -26.61
CA LEU E 352 35.38 -3.35 -27.02
C LEU E 352 35.73 -4.67 -27.73
N ASP E 353 36.80 -4.64 -28.51
CA ASP E 353 37.31 -5.84 -29.23
C ASP E 353 37.69 -6.90 -28.22
N GLY E 354 38.25 -6.47 -27.08
CA GLY E 354 38.62 -7.36 -25.99
C GLY E 354 40.09 -7.32 -25.57
N ALA E 355 40.80 -6.27 -25.96
CA ALA E 355 42.22 -6.13 -25.57
C ALA E 355 42.37 -6.13 -24.05
N ASP E 356 43.27 -6.96 -23.54
CA ASP E 356 43.55 -6.93 -22.09
C ASP E 356 44.25 -5.64 -21.68
N CYS E 357 45.18 -5.20 -22.52
CA CYS E 357 45.97 -3.99 -22.29
C CYS E 357 46.00 -3.15 -23.54
N ILE E 358 46.19 -1.85 -23.34
CA ILE E 358 46.41 -0.89 -24.41
C ILE E 358 47.74 -0.20 -24.12
N MET E 359 48.36 0.33 -25.16
CA MET E 359 49.72 0.82 -25.04
C MET E 359 49.91 2.25 -25.54
N LEU E 360 50.92 2.90 -24.98
CA LEU E 360 51.38 4.21 -25.42
C LEU E 360 52.86 4.10 -25.71
N SER E 361 53.27 4.72 -26.81
CA SER E 361 54.65 4.69 -27.27
C SER E 361 55.25 6.11 -27.20
N GLY E 362 55.33 6.81 -28.34
CA GLY E 362 55.84 8.17 -28.35
C GLY E 362 55.06 9.11 -27.45
N GLU E 363 53.77 8.83 -27.28
CA GLU E 363 52.92 9.66 -26.41
C GLU E 363 53.49 9.78 -25.00
N THR E 364 54.09 8.70 -24.50
CA THR E 364 54.72 8.76 -23.17
C THR E 364 56.24 8.83 -23.21
N ALA E 365 56.87 8.25 -24.25
CA ALA E 365 58.33 8.23 -24.33
C ALA E 365 58.95 9.59 -24.62
N LYS E 366 58.37 10.36 -25.55
CA LYS E 366 59.00 11.62 -25.98
CA LYS E 366 58.98 11.61 -26.05
C LYS E 366 58.05 12.81 -26.07
N GLY E 367 56.76 12.56 -25.92
CA GLY E 367 55.76 13.62 -26.13
C GLY E 367 55.70 14.71 -25.09
N ASP E 368 54.95 15.76 -25.44
CA ASP E 368 54.83 16.92 -24.58
C ASP E 368 53.78 16.76 -23.48
N TYR E 369 52.98 15.70 -23.59
CA TYR E 369 51.83 15.48 -22.70
C TYR E 369 51.69 14.03 -22.23
N PRO E 370 52.77 13.47 -21.65
CA PRO E 370 52.69 12.05 -21.28
C PRO E 370 51.59 11.77 -20.25
N LEU E 371 51.44 12.63 -19.26
CA LEU E 371 50.43 12.39 -18.21
C LEU E 371 49.02 12.47 -18.76
N GLU E 372 48.77 13.46 -19.61
CA GLU E 372 47.48 13.60 -20.27
C GLU E 372 47.14 12.36 -21.10
N ALA E 373 48.14 11.79 -21.77
CA ALA E 373 47.94 10.61 -22.60
C ALA E 373 47.50 9.43 -21.72
N VAL E 374 48.18 9.23 -20.60
CA VAL E 374 47.81 8.14 -19.68
C VAL E 374 46.41 8.35 -19.14
N ARG E 375 46.12 9.57 -18.70
CA ARG E 375 44.81 9.89 -18.12
C ARG E 375 43.69 9.68 -19.14
N MET E 376 43.97 9.98 -20.40
CA MET E 376 42.95 9.80 -21.45
C MET E 376 42.66 8.33 -21.73
N GLN E 377 43.71 7.52 -21.79
CA GLN E 377 43.49 6.07 -21.93
C GLN E 377 42.63 5.55 -20.78
N HIS E 378 42.95 5.99 -19.56
CA HIS E 378 42.17 5.62 -18.38
C HIS E 378 40.67 5.97 -18.52
N LEU E 379 40.39 7.22 -18.91
CA LEU E 379 39.00 7.66 -19.06
C LEU E 379 38.25 6.87 -20.13
N ILE E 380 38.88 6.71 -21.30
CA ILE E 380 38.21 6.02 -22.41
C ILE E 380 38.01 4.57 -22.05
N ALA E 381 39.02 3.96 -21.44
CA ALA E 381 38.89 2.53 -21.09
C ALA E 381 37.68 2.27 -20.18
N ARG E 382 37.46 3.09 -19.16
CA ARG E 382 36.30 2.87 -18.27
C ARG E 382 34.97 2.99 -18.99
N GLU E 383 34.85 3.97 -19.88
CA GLU E 383 33.61 4.12 -20.66
C GLU E 383 33.38 2.90 -21.55
N ALA E 384 34.43 2.45 -22.24
CA ALA E 384 34.31 1.35 -23.17
C ALA E 384 34.05 0.03 -22.43
N GLU E 385 34.67 -0.12 -21.26
CA GLU E 385 34.46 -1.32 -20.44
C GLU E 385 32.99 -1.53 -20.09
N ALA E 386 32.32 -0.44 -19.73
CA ALA E 386 30.90 -0.51 -19.39
C ALA E 386 30.07 -0.87 -20.60
N ALA E 387 30.49 -0.38 -21.77
CA ALA E 387 29.78 -0.55 -23.05
C ALA E 387 29.95 -1.92 -23.70
N MET E 388 30.77 -2.78 -23.12
CA MET E 388 30.83 -4.17 -23.61
C MET E 388 29.46 -4.83 -23.44
N PHE E 389 29.19 -5.85 -24.25
CA PHE E 389 27.94 -6.61 -24.15
C PHE E 389 28.26 -7.88 -23.36
N HIS E 390 28.42 -7.74 -22.05
CA HIS E 390 28.93 -8.86 -21.22
C HIS E 390 28.11 -10.14 -21.34
N ARG E 391 26.78 -10.04 -21.32
CA ARG E 391 25.94 -11.25 -21.39
CA ARG E 391 25.96 -11.25 -21.38
C ARG E 391 26.28 -12.08 -22.63
N LYS E 392 26.35 -11.40 -23.78
CA LYS E 392 26.63 -12.08 -25.05
C LYS E 392 28.06 -12.59 -25.07
N LEU E 393 28.99 -11.75 -24.62
CA LEU E 393 30.40 -12.12 -24.61
C LEU E 393 30.64 -13.38 -23.77
N PHE E 394 30.09 -13.40 -22.57
CA PHE E 394 30.21 -14.56 -21.69
C PHE E 394 29.63 -15.84 -22.32
N GLU E 395 28.45 -15.73 -22.94
CA GLU E 395 27.86 -16.89 -23.64
C GLU E 395 28.78 -17.43 -24.72
N GLU E 396 29.40 -16.52 -25.47
CA GLU E 396 30.21 -16.89 -26.62
C GLU E 396 31.55 -17.48 -26.19
N LEU E 397 32.13 -16.93 -25.12
CA LEU E 397 33.36 -17.48 -24.56
C LEU E 397 33.11 -18.87 -24.00
N ALA E 398 31.98 -19.01 -23.32
CA ALA E 398 31.57 -20.29 -22.76
C ALA E 398 31.39 -21.32 -23.88
N ARG E 399 30.74 -20.93 -24.98
CA ARG E 399 30.54 -21.85 -26.09
C ARG E 399 31.90 -22.28 -26.67
N ALA E 400 32.80 -21.32 -26.85
CA ALA E 400 34.10 -21.61 -27.47
C ALA E 400 34.94 -22.60 -26.64
N SER E 401 34.79 -22.54 -25.32
CA SER E 401 35.61 -23.36 -24.42
C SER E 401 34.90 -24.62 -23.91
N SER E 402 33.72 -24.89 -24.47
CA SER E 402 32.85 -25.93 -23.92
C SER E 402 33.42 -27.36 -23.93
N GLN E 403 34.41 -27.62 -24.80
CA GLN E 403 35.08 -28.93 -24.78
C GLN E 403 35.89 -29.17 -23.49
N SER E 404 36.30 -28.08 -22.85
CA SER E 404 37.03 -28.17 -21.58
C SER E 404 36.05 -28.33 -20.43
N THR E 405 36.35 -29.27 -19.53
CA THR E 405 35.59 -29.44 -18.29
C THR E 405 36.43 -29.10 -17.05
N ASP E 406 37.46 -28.28 -17.25
CA ASP E 406 38.40 -27.91 -16.20
C ASP E 406 37.72 -27.32 -14.97
N LEU E 407 38.13 -27.76 -13.77
CA LEU E 407 37.46 -27.35 -12.53
C LEU E 407 37.62 -25.88 -12.21
N MET E 408 38.82 -25.33 -12.43
CA MET E 408 39.01 -23.89 -12.20
C MET E 408 38.16 -23.07 -13.19
N GLU E 409 38.12 -23.49 -14.46
CA GLU E 409 37.22 -22.81 -15.41
C GLU E 409 35.78 -22.84 -14.92
N ALA E 410 35.36 -23.97 -14.35
CA ALA E 410 34.00 -24.09 -13.79
C ALA E 410 33.79 -23.11 -12.63
N MET E 411 34.76 -23.00 -11.72
CA MET E 411 34.66 -22.04 -10.63
C MET E 411 34.65 -20.62 -11.16
N ALA E 412 35.46 -20.35 -12.18
CA ALA E 412 35.55 -19.00 -12.74
C ALA E 412 34.23 -18.61 -13.40
N MET E 413 33.68 -19.51 -14.20
CA MET E 413 32.43 -19.27 -14.87
C MET E 413 31.30 -19.09 -13.88
N GLY E 414 31.26 -19.94 -12.84
CA GLY E 414 30.23 -19.83 -11.80
C GLY E 414 30.32 -18.48 -11.09
N SER E 415 31.55 -18.06 -10.79
CA SER E 415 31.77 -16.82 -10.06
C SER E 415 31.42 -15.60 -10.89
N VAL E 416 31.78 -15.62 -12.17
CA VAL E 416 31.45 -14.51 -13.08
C VAL E 416 29.93 -14.42 -13.23
N GLU E 417 29.29 -15.57 -13.44
CA GLU E 417 27.82 -15.62 -13.55
CA GLU E 417 27.84 -15.62 -13.55
C GLU E 417 27.18 -15.04 -12.29
N ALA E 418 27.61 -15.48 -11.12
CA ALA E 418 27.11 -14.93 -9.87
C ALA E 418 27.31 -13.41 -9.79
N SER E 419 28.49 -12.94 -10.23
CA SER E 419 28.79 -11.50 -10.19
C SER E 419 27.85 -10.69 -11.08
N TYR E 420 27.47 -11.26 -12.22
CA TYR E 420 26.50 -10.60 -13.09
C TYR E 420 25.15 -10.53 -12.40
N LYS E 421 24.73 -11.63 -11.78
CA LYS E 421 23.37 -11.72 -11.26
C LYS E 421 23.12 -10.76 -10.10
N CYS E 422 24.07 -10.67 -9.17
CA CYS E 422 23.88 -9.84 -7.99
C CYS E 422 24.53 -8.46 -8.12
N LEU E 423 25.04 -8.14 -9.31
CA LEU E 423 25.75 -6.87 -9.56
C LEU E 423 26.82 -6.65 -8.49
N ALA E 424 27.61 -7.69 -8.28
CA ALA E 424 28.72 -7.64 -7.31
C ALA E 424 29.66 -6.48 -7.65
N ALA E 425 30.20 -5.85 -6.61
CA ALA E 425 31.14 -4.73 -6.79
C ALA E 425 32.56 -5.18 -7.14
N ALA E 426 32.87 -6.44 -6.87
CA ALA E 426 34.20 -6.97 -7.16
C ALA E 426 34.18 -8.48 -7.04
N LEU E 427 35.20 -9.12 -7.61
CA LEU E 427 35.53 -10.49 -7.29
C LEU E 427 36.90 -10.48 -6.60
N ILE E 428 36.96 -11.00 -5.38
CA ILE E 428 38.22 -11.08 -4.63
C ILE E 428 38.77 -12.49 -4.83
N VAL E 429 40.03 -12.60 -5.27
CA VAL E 429 40.63 -13.92 -5.56
C VAL E 429 41.96 -14.05 -4.85
N LEU E 430 42.09 -15.08 -4.01
CA LEU E 430 43.37 -15.35 -3.33
C LEU E 430 44.18 -16.29 -4.21
N THR E 431 45.37 -15.87 -4.63
CA THR E 431 46.13 -16.67 -5.60
C THR E 431 47.62 -16.47 -5.41
N GLU E 432 48.39 -17.56 -5.50
CA GLU E 432 49.84 -17.44 -5.40
C GLU E 432 50.48 -17.40 -6.77
N SER E 433 50.04 -18.27 -7.68
CA SER E 433 50.60 -18.29 -9.03
C SER E 433 49.90 -17.29 -9.97
N GLY E 434 48.73 -16.82 -9.56
CA GLY E 434 47.87 -16.01 -10.43
C GLY E 434 46.84 -16.81 -11.20
N ARG E 435 47.04 -18.12 -11.33
CA ARG E 435 46.23 -18.93 -12.26
C ARG E 435 44.73 -18.81 -12.03
N SER E 436 44.30 -18.83 -10.78
CA SER E 436 42.87 -18.78 -10.50
C SER E 436 42.29 -17.44 -10.94
N ALA E 437 43.03 -16.35 -10.72
CA ALA E 437 42.59 -15.03 -11.13
C ALA E 437 42.58 -14.89 -12.65
N HIS E 438 43.58 -15.49 -13.31
CA HIS E 438 43.64 -15.44 -14.78
C HIS E 438 42.39 -16.08 -15.40
N GLN E 439 41.91 -17.16 -14.79
CA GLN E 439 40.72 -17.84 -15.31
C GLN E 439 39.45 -17.03 -15.09
N VAL E 440 39.37 -16.32 -13.97
CA VAL E 440 38.27 -15.37 -13.75
C VAL E 440 38.30 -14.26 -14.80
N ALA E 441 39.47 -13.69 -15.03
CA ALA E 441 39.63 -12.62 -16.02
C ALA E 441 39.15 -13.03 -17.43
N ARG E 442 39.46 -14.27 -17.80
CA ARG E 442 39.14 -14.82 -19.11
C ARG E 442 37.65 -14.74 -19.42
N TYR E 443 36.84 -14.90 -18.38
CA TYR E 443 35.39 -14.92 -18.55
C TYR E 443 34.71 -13.55 -18.38
N ARG E 444 35.54 -12.51 -18.24
CA ARG E 444 35.11 -11.13 -18.48
C ARG E 444 33.95 -10.64 -17.61
N PRO E 445 34.14 -10.63 -16.29
CA PRO E 445 33.15 -9.97 -15.44
C PRO E 445 33.23 -8.46 -15.68
N ARG E 446 32.16 -7.73 -15.36
CA ARG E 446 32.23 -6.27 -15.43
C ARG E 446 32.88 -5.68 -14.18
N ALA E 447 32.76 -6.39 -13.05
CA ALA E 447 33.37 -5.94 -11.79
C ALA E 447 34.88 -6.21 -11.78
N PRO E 448 35.66 -5.34 -11.06
CA PRO E 448 37.10 -5.57 -10.94
C PRO E 448 37.40 -6.83 -10.17
N ILE E 449 38.54 -7.44 -10.50
CA ILE E 449 39.01 -8.67 -9.88
C ILE E 449 40.16 -8.26 -8.97
N ILE E 450 39.94 -8.25 -7.67
CA ILE E 450 41.02 -7.89 -6.73
C ILE E 450 41.77 -9.18 -6.38
N ALA E 451 43.00 -9.33 -6.89
CA ALA E 451 43.77 -10.57 -6.67
C ALA E 451 44.81 -10.33 -5.62
N VAL E 452 44.62 -10.97 -4.47
CA VAL E 452 45.55 -10.82 -3.35
C VAL E 452 46.58 -11.95 -3.42
N THR E 453 47.86 -11.57 -3.44
CA THR E 453 48.94 -12.53 -3.59
C THR E 453 50.14 -12.17 -2.72
N ARG E 454 50.87 -13.17 -2.22
CA ARG E 454 52.14 -12.92 -1.53
C ARG E 454 53.33 -12.97 -2.49
N ASN E 455 53.05 -13.37 -3.74
CA ASN E 455 54.07 -13.46 -4.77
C ASN E 455 54.14 -12.14 -5.53
N HIS E 456 55.22 -11.40 -5.32
CA HIS E 456 55.34 -10.06 -5.90
C HIS E 456 55.37 -10.09 -7.42
N GLN E 457 56.02 -11.11 -8.00
CA GLN E 457 56.06 -11.23 -9.46
C GLN E 457 54.70 -11.56 -10.05
N THR E 458 53.96 -12.45 -9.38
CA THR E 458 52.57 -12.69 -9.74
C THR E 458 51.78 -11.39 -9.81
N ALA E 459 51.98 -10.52 -8.81
CA ALA E 459 51.27 -9.25 -8.76
C ALA E 459 51.61 -8.37 -9.98
N ARG E 460 52.89 -8.25 -10.29
CA ARG E 460 53.31 -7.41 -11.42
C ARG E 460 52.81 -7.97 -12.75
N GLN E 461 52.90 -9.28 -12.92
CA GLN E 461 52.50 -9.90 -14.16
C GLN E 461 50.98 -9.92 -14.37
N ALA E 462 50.22 -9.78 -13.28
CA ALA E 462 48.76 -9.81 -13.33
C ALA E 462 48.20 -8.69 -14.20
N HIS E 463 49.01 -7.64 -14.40
CA HIS E 463 48.58 -6.50 -15.21
C HIS E 463 48.32 -6.85 -16.67
N LEU E 464 48.82 -8.00 -17.10
CA LEU E 464 48.57 -8.47 -18.46
C LEU E 464 47.12 -8.89 -18.73
N TYR E 465 46.32 -9.07 -17.67
CA TYR E 465 44.97 -9.63 -17.78
C TYR E 465 43.92 -8.59 -17.50
N ARG E 466 42.92 -8.49 -18.38
CA ARG E 466 41.81 -7.55 -18.18
C ARG E 466 41.20 -7.70 -16.81
N GLY E 467 41.12 -6.59 -16.08
CA GLY E 467 40.34 -6.52 -14.86
C GLY E 467 41.03 -6.99 -13.59
N ILE E 468 42.24 -7.55 -13.70
CA ILE E 468 42.95 -7.97 -12.49
C ILE E 468 43.64 -6.78 -11.84
N PHE E 469 43.23 -6.48 -10.61
CA PHE E 469 43.79 -5.39 -9.80
C PHE E 469 44.63 -6.09 -8.74
N PRO E 470 45.94 -6.27 -9.00
CA PRO E 470 46.76 -7.03 -8.05
C PRO E 470 47.03 -6.30 -6.74
N VAL E 471 47.04 -7.07 -5.66
CA VAL E 471 47.32 -6.54 -4.32
C VAL E 471 48.35 -7.44 -3.69
N VAL E 472 49.48 -6.85 -3.28
CA VAL E 472 50.53 -7.60 -2.60
C VAL E 472 50.24 -7.69 -1.11
N CYS E 473 50.21 -8.92 -0.61
CA CYS E 473 50.09 -9.16 0.83
C CYS E 473 51.47 -9.39 1.39
N LYS E 474 51.87 -8.57 2.36
CA LYS E 474 53.20 -8.67 2.95
C LYS E 474 53.16 -9.27 4.36
N ASP E 475 51.94 -9.52 4.85
CA ASP E 475 51.75 -10.12 6.18
C ASP E 475 52.32 -11.53 6.22
N PRO E 476 52.90 -11.93 7.36
CA PRO E 476 53.36 -13.31 7.49
C PRO E 476 52.18 -14.29 7.41
N VAL E 477 52.47 -15.53 7.01
CA VAL E 477 51.46 -16.58 6.94
C VAL E 477 50.97 -16.92 8.36
N GLN E 478 49.65 -16.88 8.56
CA GLN E 478 49.06 -17.22 9.86
C GLN E 478 48.98 -18.73 9.99
N GLU E 479 49.16 -19.22 11.22
CA GLU E 479 49.17 -20.65 11.50
C GLU E 479 47.84 -21.32 11.13
N ALA E 480 46.73 -20.69 11.51
CA ALA E 480 45.42 -21.21 11.14
C ALA E 480 45.05 -20.76 9.74
N TRP E 481 44.78 -21.74 8.87
CA TRP E 481 44.40 -21.43 7.48
C TRP E 481 43.23 -20.47 7.39
N ALA E 482 42.19 -20.71 8.21
CA ALA E 482 41.00 -19.87 8.19
C ALA E 482 41.33 -18.40 8.48
N GLU E 483 42.24 -18.18 9.43
CA GLU E 483 42.68 -16.83 9.78
C GLU E 483 43.53 -16.23 8.67
N ASP E 484 44.33 -17.07 8.01
CA ASP E 484 45.18 -16.55 6.93
C ASP E 484 44.35 -16.12 5.73
N VAL E 485 43.30 -16.88 5.46
CA VAL E 485 42.36 -16.56 4.38
C VAL E 485 41.62 -15.25 4.73
N ASP E 486 41.11 -15.15 5.95
CA ASP E 486 40.37 -13.97 6.39
C ASP E 486 41.24 -12.71 6.33
N LEU E 487 42.50 -12.84 6.75
CA LEU E 487 43.46 -11.75 6.71
CA LEU E 487 43.47 -11.75 6.71
C LEU E 487 43.58 -11.18 5.29
N ARG E 488 43.71 -12.07 4.32
CA ARG E 488 43.89 -11.65 2.93
C ARG E 488 42.61 -11.11 2.31
N VAL E 489 41.47 -11.71 2.66
CA VAL E 489 40.18 -11.20 2.20
C VAL E 489 39.95 -9.79 2.78
N ASN E 490 40.26 -9.59 4.06
CA ASN E 490 40.13 -8.29 4.72
CA ASN E 490 40.11 -8.29 4.69
C ASN E 490 40.98 -7.23 4.03
N LEU E 491 42.19 -7.62 3.62
CA LEU E 491 43.09 -6.72 2.89
C LEU E 491 42.42 -6.25 1.59
N ALA E 492 41.81 -7.17 0.85
CA ALA E 492 41.09 -6.81 -0.37
C ALA E 492 39.91 -5.87 -0.08
N MET E 493 39.17 -6.14 1.00
CA MET E 493 38.07 -5.28 1.41
C MET E 493 38.56 -3.86 1.65
N ASN E 494 39.67 -3.75 2.38
CA ASN E 494 40.26 -2.44 2.70
C ASN E 494 40.75 -1.69 1.46
N VAL E 495 41.38 -2.40 0.54
CA VAL E 495 41.80 -1.85 -0.76
C VAL E 495 40.60 -1.34 -1.55
N GLY E 496 39.58 -2.18 -1.70
CA GLY E 496 38.39 -1.79 -2.44
C GLY E 496 37.70 -0.57 -1.87
N LYS E 497 37.56 -0.51 -0.54
CA LYS E 497 36.98 0.67 0.10
C LYS E 497 37.83 1.93 -0.13
N ALA E 498 39.15 1.79 0.01
CA ALA E 498 40.05 2.94 -0.12
C ALA E 498 40.09 3.51 -1.54
N ARG E 499 39.95 2.62 -2.52
CA ARG E 499 39.96 2.98 -3.95
C ARG E 499 38.58 3.40 -4.46
N GLY E 500 37.56 3.28 -3.60
CA GLY E 500 36.21 3.66 -3.97
C GLY E 500 35.51 2.67 -4.89
N PHE E 501 35.95 1.42 -4.88
CA PHE E 501 35.32 0.37 -5.71
C PHE E 501 34.03 -0.10 -5.08
N PHE E 502 33.98 -0.03 -3.75
CA PHE E 502 32.80 -0.41 -2.99
C PHE E 502 32.81 0.22 -1.60
N LYS E 503 31.68 0.08 -0.91
N LYS E 503 31.68 0.10 -0.91
CA LYS E 503 31.51 0.58 0.45
CA LYS E 503 31.54 0.56 0.46
C LYS E 503 30.81 -0.50 1.28
C LYS E 503 30.83 -0.51 1.28
N LYS E 504 30.80 -0.30 2.60
CA LYS E 504 30.08 -1.18 3.51
C LYS E 504 28.67 -1.44 2.97
N GLY E 505 28.27 -2.70 2.95
CA GLY E 505 26.93 -3.06 2.49
C GLY E 505 26.81 -3.50 1.04
N ASP E 506 27.83 -3.20 0.22
CA ASP E 506 27.89 -3.74 -1.13
C ASP E 506 28.18 -5.24 -1.01
N VAL E 507 28.06 -5.96 -2.13
CA VAL E 507 28.32 -7.39 -2.18
CA VAL E 507 28.39 -7.38 -2.12
C VAL E 507 29.52 -7.69 -3.08
N VAL E 508 30.36 -8.64 -2.69
CA VAL E 508 31.45 -9.09 -3.54
C VAL E 508 31.41 -10.61 -3.63
N ILE E 509 32.03 -11.14 -4.68
CA ILE E 509 32.24 -12.58 -4.81
C ILE E 509 33.65 -12.86 -4.31
N VAL E 510 33.83 -13.88 -3.49
CA VAL E 510 35.14 -14.19 -2.91
C VAL E 510 35.56 -15.63 -3.27
N LEU E 511 36.73 -15.75 -3.90
CA LEU E 511 37.26 -17.05 -4.34
C LEU E 511 38.51 -17.41 -3.54
N THR E 512 38.46 -18.56 -2.88
CA THR E 512 39.53 -18.99 -1.99
C THR E 512 39.70 -20.50 -2.11
N GLY E 513 40.79 -21.02 -1.54
CA GLY E 513 41.01 -22.46 -1.39
C GLY E 513 40.43 -22.96 -0.07
N TRP E 514 39.73 -24.08 -0.12
CA TRP E 514 39.14 -24.65 1.10
C TRP E 514 40.21 -25.01 2.14
N ARG E 515 41.34 -25.51 1.65
CA ARG E 515 42.45 -25.98 2.48
C ARG E 515 43.76 -25.42 1.94
N PRO E 516 44.83 -25.41 2.77
CA PRO E 516 46.13 -24.93 2.28
C PRO E 516 46.58 -25.69 1.04
N GLY E 517 46.21 -26.97 0.93
CA GLY E 517 46.62 -27.82 -0.18
C GLY E 517 45.70 -27.83 -1.39
N SER E 518 44.63 -27.04 -1.35
CA SER E 518 43.73 -26.90 -2.51
C SER E 518 44.55 -26.26 -3.63
N GLY E 519 44.53 -26.87 -4.81
CA GLY E 519 45.41 -26.43 -5.91
C GLY E 519 44.89 -25.28 -6.76
N PHE E 520 43.69 -24.80 -6.43
CA PHE E 520 43.05 -23.69 -7.12
C PHE E 520 41.99 -23.18 -6.17
N THR E 521 41.36 -22.06 -6.51
CA THR E 521 40.26 -21.54 -5.67
C THR E 521 38.98 -22.36 -5.91
N ASN E 522 38.78 -23.36 -5.06
CA ASN E 522 37.64 -24.28 -5.18
C ASN E 522 36.45 -23.85 -4.33
N THR E 523 36.52 -22.65 -3.76
CA THR E 523 35.48 -22.18 -2.83
C THR E 523 35.03 -20.78 -3.25
N MET E 524 33.73 -20.64 -3.53
N MET E 524 33.75 -20.64 -3.56
CA MET E 524 33.14 -19.35 -3.96
CA MET E 524 33.20 -19.32 -3.89
C MET E 524 32.07 -18.87 -2.97
C MET E 524 32.21 -18.92 -2.82
N ARG E 525 32.19 -17.63 -2.49
CA ARG E 525 31.17 -17.08 -1.59
C ARG E 525 30.66 -15.74 -2.09
N VAL E 526 29.39 -15.45 -1.76
CA VAL E 526 28.86 -14.10 -1.87
CA VAL E 526 28.88 -14.09 -1.86
C VAL E 526 28.91 -13.50 -0.45
N VAL E 527 29.60 -12.35 -0.33
CA VAL E 527 29.94 -11.78 0.97
C VAL E 527 29.58 -10.30 0.98
N PRO E 528 28.92 -9.83 2.05
CA PRO E 528 28.72 -8.38 2.12
C PRO E 528 30.01 -7.70 2.53
N VAL E 529 30.25 -6.50 2.00
CA VAL E 529 31.38 -5.69 2.42
C VAL E 529 31.12 -5.18 3.86
N PRO E 530 32.07 -5.44 4.78
CA PRO E 530 31.95 -4.97 6.17
C PRO E 530 32.26 -3.48 6.30
N PHE F 11 32.06 -44.13 -30.24
CA PHE F 11 31.54 -43.84 -28.87
C PHE F 11 30.32 -42.93 -28.94
N ILE F 12 29.26 -43.32 -28.23
CA ILE F 12 28.06 -42.49 -28.10
C ILE F 12 28.03 -41.87 -26.70
N GLN F 13 28.02 -40.54 -26.66
CA GLN F 13 27.94 -39.80 -25.41
C GLN F 13 26.60 -40.12 -24.74
N THR F 14 26.63 -40.32 -23.43
CA THR F 14 25.44 -40.58 -22.66
C THR F 14 24.68 -39.28 -22.48
N GLN F 15 23.46 -39.39 -21.96
CA GLN F 15 22.71 -38.24 -21.46
C GLN F 15 22.43 -37.17 -22.53
N GLN F 16 22.32 -37.60 -23.78
CA GLN F 16 22.09 -36.67 -24.92
C GLN F 16 23.08 -35.51 -24.92
N LEU F 17 24.31 -35.81 -24.51
CA LEU F 17 25.33 -34.76 -24.45
C LEU F 17 25.79 -34.26 -25.84
N HIS F 18 25.64 -35.07 -26.87
CA HIS F 18 25.90 -34.57 -28.22
C HIS F 18 24.86 -33.51 -28.59
N ALA F 19 23.57 -33.82 -28.37
CA ALA F 19 22.51 -32.85 -28.60
C ALA F 19 22.67 -31.61 -27.71
N ALA F 20 23.23 -31.79 -26.51
CA ALA F 20 23.46 -30.68 -25.57
C ALA F 20 24.32 -29.58 -26.15
N MET F 21 25.23 -29.96 -27.04
CA MET F 21 26.21 -29.05 -27.63
C MET F 21 25.75 -28.37 -28.92
N ALA F 22 24.51 -28.60 -29.32
CA ALA F 22 23.97 -27.99 -30.54
C ALA F 22 23.86 -26.47 -30.41
N ASP F 23 23.95 -25.77 -31.53
CA ASP F 23 23.79 -24.32 -31.56
C ASP F 23 22.35 -23.86 -31.67
N THR F 24 21.53 -24.65 -32.36
CA THR F 24 20.13 -24.29 -32.58
C THR F 24 19.21 -25.38 -32.05
N PHE F 25 17.95 -25.02 -31.81
CA PHE F 25 16.94 -25.98 -31.36
CA PHE F 25 16.99 -26.00 -31.35
C PHE F 25 16.78 -27.10 -32.40
N LEU F 26 16.74 -26.72 -33.68
CA LEU F 26 16.64 -27.70 -34.76
C LEU F 26 17.79 -28.72 -34.71
N GLU F 27 19.02 -28.21 -34.58
N GLU F 27 19.03 -28.25 -34.60
CA GLU F 27 20.23 -29.03 -34.47
CA GLU F 27 20.14 -29.20 -34.54
C GLU F 27 20.15 -29.96 -33.25
C GLU F 27 20.04 -30.04 -33.26
N HIS F 28 19.62 -29.43 -32.15
CA HIS F 28 19.43 -30.20 -30.91
C HIS F 28 18.49 -31.39 -31.16
N LYS F 29 17.37 -31.14 -31.82
CA LYS F 29 16.41 -32.21 -32.14
C LYS F 29 17.04 -33.26 -33.04
N CYS F 30 17.74 -32.79 -34.08
CA CYS F 30 18.38 -33.68 -35.04
C CYS F 30 19.41 -34.62 -34.41
N ARG F 31 19.97 -34.21 -33.27
CA ARG F 31 21.00 -35.01 -32.62
C ARG F 31 20.46 -35.95 -31.55
N LEU F 32 19.16 -35.91 -31.28
CA LEU F 32 18.61 -36.80 -30.24
C LEU F 32 18.84 -38.25 -30.64
N ASP F 33 19.31 -39.05 -29.69
CA ASP F 33 19.88 -40.37 -30.01
C ASP F 33 19.30 -41.44 -29.08
N ILE F 34 18.53 -42.37 -29.65
CA ILE F 34 17.98 -43.47 -28.85
C ILE F 34 19.03 -44.39 -28.20
N ASP F 35 20.27 -44.30 -28.68
CA ASP F 35 21.35 -45.10 -28.13
C ASP F 35 22.21 -44.34 -27.11
N SER F 36 21.81 -43.11 -26.77
CA SER F 36 22.48 -42.32 -25.72
C SER F 36 21.75 -42.58 -24.40
N ALA F 37 22.38 -43.35 -23.50
CA ALA F 37 21.69 -43.79 -22.28
C ALA F 37 21.50 -42.62 -21.30
N PRO F 38 20.32 -42.53 -20.67
CA PRO F 38 20.12 -41.47 -19.67
C PRO F 38 20.93 -41.77 -18.40
N ILE F 39 21.00 -40.80 -17.49
CA ILE F 39 21.64 -41.08 -16.20
C ILE F 39 20.68 -41.84 -15.30
N THR F 40 21.19 -42.32 -14.17
CA THR F 40 20.35 -43.06 -13.23
C THR F 40 19.30 -42.19 -12.53
N ALA F 41 19.70 -40.98 -12.14
CA ALA F 41 18.81 -40.06 -11.43
C ALA F 41 17.61 -39.69 -12.28
N ARG F 42 16.45 -39.58 -11.64
CA ARG F 42 15.23 -39.14 -12.31
C ARG F 42 14.73 -37.92 -11.56
N ASN F 43 14.65 -36.79 -12.25
CA ASN F 43 14.43 -35.49 -11.63
C ASN F 43 12.95 -35.07 -11.47
N THR F 44 12.08 -35.56 -12.35
CA THR F 44 10.68 -35.17 -12.33
C THR F 44 9.90 -35.89 -11.24
N GLY F 45 9.24 -35.14 -10.38
CA GLY F 45 8.49 -35.74 -9.27
C GLY F 45 7.30 -36.51 -9.79
N ILE F 46 6.98 -37.64 -9.14
CA ILE F 46 5.83 -38.47 -9.52
C ILE F 46 4.80 -38.45 -8.40
N ILE F 47 3.59 -38.02 -8.76
CA ILE F 47 2.48 -37.88 -7.81
C ILE F 47 1.45 -38.93 -8.18
N CYS F 48 1.06 -39.75 -7.19
CA CYS F 48 0.18 -40.89 -7.46
C CYS F 48 -1.08 -40.77 -6.63
N THR F 49 -2.22 -40.91 -7.30
CA THR F 49 -3.51 -40.89 -6.61
C THR F 49 -3.74 -42.26 -6.01
N ILE F 50 -4.09 -42.27 -4.72
CA ILE F 50 -4.28 -43.53 -4.03
C ILE F 50 -5.76 -43.88 -3.99
N GLY F 51 -6.06 -45.14 -4.20
CA GLY F 51 -7.45 -45.61 -4.15
C GLY F 51 -7.45 -47.11 -3.95
N PRO F 52 -8.57 -47.77 -4.30
CA PRO F 52 -8.68 -49.21 -4.04
C PRO F 52 -7.55 -50.06 -4.62
N ALA F 53 -6.95 -49.65 -5.74
CA ALA F 53 -5.90 -50.46 -6.38
C ALA F 53 -4.57 -50.33 -5.67
N SER F 54 -4.43 -49.28 -4.86
CA SER F 54 -3.11 -48.88 -4.38
C SER F 54 -3.03 -48.58 -2.88
N ARG F 55 -4.11 -48.85 -2.14
CA ARG F 55 -4.12 -48.35 -0.76
C ARG F 55 -3.60 -49.32 0.31
N SER F 56 -3.35 -50.57 -0.07
CA SER F 56 -2.76 -51.52 0.88
C SER F 56 -1.30 -51.12 1.16
N VAL F 57 -0.86 -51.38 2.39
CA VAL F 57 0.52 -51.16 2.78
C VAL F 57 1.48 -51.91 1.83
N GLU F 58 1.14 -53.16 1.49
CA GLU F 58 1.94 -53.98 0.56
C GLU F 58 2.15 -53.24 -0.77
N THR F 59 1.06 -52.79 -1.37
CA THR F 59 1.16 -52.11 -2.67
C THR F 59 1.87 -50.77 -2.54
N LEU F 60 1.60 -50.03 -1.47
CA LEU F 60 2.25 -48.73 -1.27
C LEU F 60 3.78 -48.85 -1.13
N LYS F 61 4.26 -49.89 -0.46
CA LYS F 61 5.71 -50.14 -0.40
C LYS F 61 6.29 -50.29 -1.81
N GLU F 62 5.59 -51.04 -2.66
CA GLU F 62 6.04 -51.24 -4.05
C GLU F 62 5.94 -49.95 -4.85
N MET F 63 4.88 -49.18 -4.59
N MET F 63 4.92 -49.14 -4.58
CA MET F 63 4.71 -47.84 -5.18
CA MET F 63 4.81 -47.84 -5.27
C MET F 63 5.95 -46.99 -4.92
C MET F 63 5.95 -46.90 -4.91
N ILE F 64 6.35 -46.92 -3.64
CA ILE F 64 7.54 -46.15 -3.22
C ILE F 64 8.79 -46.66 -3.93
N LYS F 65 8.99 -47.97 -3.92
CA LYS F 65 10.17 -48.53 -4.61
C LYS F 65 10.16 -48.17 -6.10
N SER F 66 8.96 -48.09 -6.69
CA SER F 66 8.81 -47.86 -8.13
C SER F 66 9.00 -46.38 -8.50
N GLY F 67 8.92 -45.50 -7.50
CA GLY F 67 9.24 -44.09 -7.70
C GLY F 67 8.23 -43.06 -7.24
N MET F 68 7.14 -43.51 -6.61
CA MET F 68 6.14 -42.56 -6.09
C MET F 68 6.76 -41.59 -5.07
N ASN F 69 6.53 -40.30 -5.26
CA ASN F 69 7.09 -39.29 -4.34
C ASN F 69 6.02 -38.60 -3.48
N VAL F 70 4.81 -38.52 -4.04
CA VAL F 70 3.69 -37.84 -3.38
C VAL F 70 2.46 -38.72 -3.55
N ALA F 71 1.74 -38.97 -2.43
CA ALA F 71 0.47 -39.67 -2.46
C ALA F 71 -0.65 -38.63 -2.43
N ARG F 72 -1.53 -38.67 -3.44
CA ARG F 72 -2.67 -37.74 -3.54
C ARG F 72 -3.96 -38.42 -3.10
N MET F 73 -4.68 -37.77 -2.17
CA MET F 73 -5.97 -38.24 -1.68
C MET F 73 -7.01 -37.34 -2.32
N ASN F 74 -7.89 -37.95 -3.11
CA ASN F 74 -8.91 -37.19 -3.82
C ASN F 74 -10.19 -37.09 -3.01
N PHE F 75 -10.44 -35.90 -2.44
CA PHE F 75 -11.60 -35.70 -1.56
C PHE F 75 -12.93 -35.46 -2.30
N SER F 76 -12.92 -35.58 -3.62
CA SER F 76 -14.20 -35.64 -4.37
C SER F 76 -15.05 -36.84 -3.93
N HIS F 77 -14.38 -37.86 -3.39
CA HIS F 77 -15.06 -39.06 -2.90
C HIS F 77 -14.43 -39.50 -1.59
N GLY F 78 -15.16 -40.33 -0.82
CA GLY F 78 -14.61 -40.95 0.39
C GLY F 78 -14.84 -40.14 1.65
N THR F 79 -15.06 -40.85 2.76
CA THR F 79 -15.22 -40.24 4.08
C THR F 79 -13.87 -39.86 4.71
N HIS F 80 -13.90 -39.05 5.77
CA HIS F 80 -12.69 -38.75 6.53
C HIS F 80 -12.05 -40.02 7.09
N GLU F 81 -12.87 -40.95 7.57
CA GLU F 81 -12.34 -42.23 8.08
C GLU F 81 -11.60 -43.01 7.00
N TYR F 82 -12.15 -43.01 5.78
CA TYR F 82 -11.53 -43.67 4.64
CA TYR F 82 -11.53 -43.69 4.66
C TYR F 82 -10.17 -43.06 4.37
N HIS F 83 -10.13 -41.73 4.26
CA HIS F 83 -8.87 -41.05 3.94
C HIS F 83 -7.85 -41.09 5.08
N ALA F 84 -8.34 -41.05 6.33
CA ALA F 84 -7.45 -41.19 7.49
C ALA F 84 -6.71 -42.52 7.40
N GLU F 85 -7.44 -43.58 7.04
CA GLU F 85 -6.83 -44.90 6.89
C GLU F 85 -5.84 -44.95 5.74
N THR F 86 -6.20 -44.36 4.59
CA THR F 86 -5.26 -44.33 3.46
C THR F 86 -3.96 -43.64 3.89
N ILE F 87 -4.09 -42.50 4.56
CA ILE F 87 -2.95 -41.72 5.03
C ILE F 87 -2.09 -42.52 6.01
N LYS F 88 -2.74 -43.21 6.94
CA LYS F 88 -2.03 -44.10 7.85
C LYS F 88 -1.23 -45.14 7.08
N ASN F 89 -1.85 -45.76 6.08
CA ASN F 89 -1.18 -46.80 5.29
C ASN F 89 0.02 -46.24 4.52
N VAL F 90 -0.15 -45.04 3.99
CA VAL F 90 0.96 -44.39 3.28
C VAL F 90 2.13 -44.21 4.24
N ARG F 91 1.84 -43.73 5.45
CA ARG F 91 2.89 -43.51 6.46
C ARG F 91 3.51 -44.82 6.96
N THR F 92 2.69 -45.85 7.11
CA THR F 92 3.21 -47.18 7.48
C THR F 92 4.18 -47.68 6.42
N ALA F 93 3.79 -47.56 5.15
CA ALA F 93 4.66 -48.02 4.06
C ALA F 93 5.94 -47.19 4.02
N THR F 94 5.80 -45.87 4.18
CA THR F 94 6.96 -44.97 4.06
C THR F 94 7.94 -45.26 5.19
N GLU F 95 7.41 -45.39 6.39
CA GLU F 95 8.26 -45.58 7.57
C GLU F 95 8.86 -46.98 7.68
N SER F 96 8.36 -47.92 6.88
CA SER F 96 8.92 -49.29 6.84
C SER F 96 10.38 -49.29 6.35
N PHE F 97 10.77 -48.16 5.72
CA PHE F 97 12.11 -47.98 5.16
C PHE F 97 12.98 -47.05 6.00
N ALA F 98 12.45 -46.56 7.12
CA ALA F 98 13.08 -45.44 7.83
C ALA F 98 14.38 -45.76 8.58
N SER F 99 14.64 -47.03 8.86
CA SER F 99 15.82 -47.45 9.63
CA SER F 99 15.82 -47.36 9.67
C SER F 99 17.13 -47.30 8.88
N ASP F 100 17.05 -47.18 7.54
CA ASP F 100 18.24 -47.01 6.71
C ASP F 100 18.30 -45.58 6.17
N PRO F 101 19.15 -44.73 6.74
CA PRO F 101 19.16 -43.32 6.35
C PRO F 101 19.69 -43.10 4.93
N ILE F 102 20.41 -44.08 4.39
CA ILE F 102 21.00 -43.90 3.07
C ILE F 102 19.93 -44.11 1.98
N LEU F 103 18.98 -45.01 2.23
CA LEU F 103 17.98 -45.35 1.20
C LEU F 103 16.58 -44.80 1.49
N TYR F 104 16.34 -44.32 2.71
CA TYR F 104 14.98 -43.85 3.06
C TYR F 104 14.55 -42.74 2.10
N ARG F 105 13.35 -42.89 1.52
CA ARG F 105 12.74 -41.82 0.71
C ARG F 105 11.55 -41.17 1.43
N PRO F 106 11.64 -39.84 1.66
CA PRO F 106 10.46 -39.18 2.22
C PRO F 106 9.34 -39.28 1.19
N VAL F 107 8.10 -39.32 1.64
CA VAL F 107 6.92 -39.38 0.76
C VAL F 107 5.93 -38.33 1.28
N ALA F 108 5.49 -37.45 0.39
CA ALA F 108 4.58 -36.36 0.80
C ALA F 108 3.14 -36.85 0.69
N VAL F 109 2.26 -36.19 1.47
CA VAL F 109 0.82 -36.47 1.45
C VAL F 109 0.11 -35.20 0.97
N ALA F 110 -0.72 -35.36 -0.07
CA ALA F 110 -1.44 -34.23 -0.67
C ALA F 110 -2.93 -34.46 -0.56
N LEU F 111 -3.65 -33.40 -0.19
CA LEU F 111 -5.11 -33.42 -0.11
C LEU F 111 -5.67 -32.61 -1.30
N ASP F 112 -6.47 -33.26 -2.15
CA ASP F 112 -7.02 -32.62 -3.35
C ASP F 112 -8.51 -32.38 -3.07
N THR F 113 -8.90 -31.12 -3.02
CA THR F 113 -10.25 -30.76 -2.54
C THR F 113 -11.31 -31.13 -3.55
N LYS F 114 -12.53 -31.35 -3.06
CA LYS F 114 -13.67 -31.46 -3.96
C LYS F 114 -13.89 -30.14 -4.71
N GLY F 115 -14.02 -29.05 -3.96
CA GLY F 115 -14.26 -27.75 -4.59
C GLY F 115 -15.67 -27.63 -5.14
N PRO F 116 -15.92 -26.57 -5.92
CA PRO F 116 -17.25 -26.32 -6.47
C PRO F 116 -17.65 -27.26 -7.60
N GLU F 117 -17.73 -28.55 -7.29
CA GLU F 117 -18.21 -29.55 -8.24
C GLU F 117 -19.71 -29.52 -8.42
N ILE F 118 -20.14 -29.84 -9.64
CA ILE F 118 -21.54 -30.16 -9.93
C ILE F 118 -21.60 -31.66 -10.23
N ARG F 119 -22.51 -32.36 -9.57
CA ARG F 119 -22.66 -33.80 -9.80
C ARG F 119 -24.12 -34.19 -9.94
N THR F 120 -24.36 -35.27 -10.68
CA THR F 120 -25.71 -35.81 -10.84
C THR F 120 -26.09 -36.65 -9.62
N GLY F 121 -27.32 -37.19 -9.64
CA GLY F 121 -27.78 -38.05 -8.56
C GLY F 121 -27.58 -39.53 -8.84
N LEU F 122 -28.37 -40.36 -8.16
CA LEU F 122 -28.33 -41.81 -8.34
C LEU F 122 -29.30 -42.27 -9.41
N ILE F 123 -28.84 -43.16 -10.28
CA ILE F 123 -29.68 -43.81 -11.28
C ILE F 123 -30.56 -44.86 -10.57
N LYS F 124 -31.87 -44.74 -10.80
CA LYS F 124 -32.88 -45.70 -10.28
C LYS F 124 -32.31 -47.08 -9.99
N THR F 128 -24.82 -48.19 -8.98
CA THR F 128 -24.32 -49.23 -9.87
C THR F 128 -25.15 -49.36 -11.15
N ALA F 129 -26.38 -48.88 -11.12
CA ALA F 129 -27.28 -48.91 -12.26
C ALA F 129 -26.92 -47.83 -13.29
N GLU F 130 -27.23 -48.10 -14.56
CA GLU F 130 -26.95 -47.16 -15.64
C GLU F 130 -28.14 -46.99 -16.59
N VAL F 131 -28.17 -45.87 -17.29
CA VAL F 131 -29.18 -45.59 -18.31
C VAL F 131 -28.54 -45.07 -19.59
N GLU F 132 -29.12 -45.42 -20.74
CA GLU F 132 -28.61 -44.94 -22.02
C GLU F 132 -29.33 -43.68 -22.47
N LEU F 133 -28.57 -42.59 -22.57
CA LEU F 133 -29.08 -41.37 -23.19
C LEU F 133 -28.73 -41.41 -24.67
N LYS F 134 -29.75 -41.49 -25.51
CA LYS F 134 -29.58 -41.59 -26.95
C LYS F 134 -29.68 -40.21 -27.60
N LYS F 135 -28.80 -39.96 -28.59
CA LYS F 135 -28.77 -38.69 -29.32
C LYS F 135 -30.17 -38.34 -29.86
N GLY F 136 -30.57 -37.08 -29.64
CA GLY F 136 -31.86 -36.59 -30.11
C GLY F 136 -32.96 -36.64 -29.07
N ALA F 137 -32.85 -37.63 -28.16
CA ALA F 137 -33.83 -37.80 -27.09
C ALA F 137 -33.84 -36.60 -26.14
N THR F 138 -34.98 -36.41 -25.48
CA THR F 138 -35.18 -35.32 -24.54
C THR F 138 -34.84 -35.77 -23.11
N LEU F 139 -34.15 -34.91 -22.38
CA LEU F 139 -33.83 -35.18 -20.98
C LEU F 139 -34.15 -33.94 -20.15
N LYS F 140 -34.95 -34.12 -19.12
CA LYS F 140 -35.28 -33.03 -18.20
C LYS F 140 -34.30 -33.01 -17.04
N ILE F 141 -33.72 -31.84 -16.78
CA ILE F 141 -32.87 -31.65 -15.62
C ILE F 141 -33.73 -31.09 -14.49
N THR F 142 -33.75 -31.79 -13.36
CA THR F 142 -34.50 -31.35 -12.18
C THR F 142 -33.59 -30.98 -11.00
N LEU F 143 -34.11 -30.16 -10.09
CA LEU F 143 -33.40 -29.78 -8.87
C LEU F 143 -34.18 -30.21 -7.62
N ASP F 144 -35.37 -30.76 -7.84
CA ASP F 144 -36.24 -31.25 -6.77
C ASP F 144 -35.63 -32.49 -6.13
N ASN F 145 -35.32 -32.38 -4.82
CA ASN F 145 -34.62 -33.45 -4.09
C ASN F 145 -35.35 -34.80 -4.08
N ALA F 146 -36.65 -34.76 -4.42
CA ALA F 146 -37.48 -35.96 -4.52
C ALA F 146 -36.97 -36.92 -5.60
N TYR F 147 -36.04 -36.45 -6.44
CA TYR F 147 -35.55 -37.22 -7.58
C TYR F 147 -34.03 -37.45 -7.56
N MET F 148 -33.39 -37.08 -6.46
CA MET F 148 -31.94 -37.19 -6.32
C MET F 148 -31.41 -38.63 -6.30
N GLU F 149 -32.31 -39.58 -6.03
CA GLU F 149 -31.97 -41.00 -6.08
C GLU F 149 -32.83 -41.75 -7.11
N LYS F 150 -33.50 -40.97 -7.97
CA LYS F 150 -34.43 -41.52 -8.97
C LYS F 150 -34.15 -41.02 -10.39
N CYS F 151 -32.88 -40.82 -10.71
CA CYS F 151 -32.49 -40.37 -12.05
C CYS F 151 -32.67 -41.49 -13.07
N ASP F 152 -33.19 -41.15 -14.25
CA ASP F 152 -33.31 -42.10 -15.36
C ASP F 152 -33.10 -41.44 -16.72
N GLU F 153 -33.55 -42.11 -17.79
CA GLU F 153 -33.38 -41.65 -19.17
C GLU F 153 -34.21 -40.40 -19.46
N ASN F 154 -35.25 -40.18 -18.67
CA ASN F 154 -36.17 -39.08 -18.86
C ASN F 154 -35.86 -37.86 -17.99
N ILE F 155 -35.44 -38.14 -16.76
CA ILE F 155 -35.26 -37.09 -15.74
C ILE F 155 -33.91 -37.23 -15.03
N LEU F 156 -33.16 -36.14 -15.01
CA LEU F 156 -31.84 -36.12 -14.38
C LEU F 156 -31.73 -35.04 -13.29
N TRP F 157 -31.42 -35.46 -12.08
CA TRP F 157 -31.22 -34.52 -10.97
C TRP F 157 -29.74 -34.18 -10.84
N LEU F 158 -29.44 -32.92 -10.56
CA LEU F 158 -28.09 -32.51 -10.20
C LEU F 158 -28.10 -31.56 -9.00
N ASP F 159 -26.95 -31.42 -8.35
CA ASP F 159 -26.88 -30.76 -7.05
C ASP F 159 -26.59 -29.27 -7.05
N TYR F 160 -26.55 -28.67 -8.24
CA TYR F 160 -26.32 -27.22 -8.37
C TYR F 160 -27.63 -26.45 -8.40
N LYS F 161 -28.06 -26.04 -7.20
CA LYS F 161 -29.37 -25.43 -6.98
C LYS F 161 -29.64 -24.17 -7.80
N ASN F 162 -28.57 -23.46 -8.17
CA ASN F 162 -28.69 -22.18 -8.88
C ASN F 162 -28.45 -22.27 -10.39
N ILE F 163 -28.48 -23.49 -10.94
CA ILE F 163 -28.15 -23.72 -12.35
C ILE F 163 -28.97 -22.88 -13.33
N CYS F 164 -30.26 -22.69 -13.02
CA CYS F 164 -31.15 -21.94 -13.90
C CYS F 164 -30.81 -20.45 -14.00
N LYS F 165 -30.10 -19.93 -13.00
CA LYS F 165 -29.73 -18.51 -12.98
C LYS F 165 -28.59 -18.20 -13.95
N VAL F 166 -27.73 -19.18 -14.17
CA VAL F 166 -26.48 -18.97 -14.92
C VAL F 166 -26.47 -19.61 -16.31
N VAL F 167 -27.52 -20.37 -16.62
CA VAL F 167 -27.62 -21.09 -17.89
C VAL F 167 -28.66 -20.41 -18.79
N ASP F 168 -28.53 -20.61 -20.11
CA ASP F 168 -29.42 -20.00 -21.09
C ASP F 168 -30.05 -21.03 -22.00
N VAL F 169 -31.06 -20.60 -22.77
CA VAL F 169 -31.54 -21.38 -23.89
C VAL F 169 -30.42 -21.42 -24.93
N GLY F 170 -30.03 -22.62 -25.33
CA GLY F 170 -28.92 -22.81 -26.27
C GLY F 170 -27.64 -23.28 -25.60
N SER F 171 -27.50 -22.98 -24.30
CA SER F 171 -26.34 -23.41 -23.51
C SER F 171 -26.12 -24.92 -23.59
N LYS F 172 -24.87 -25.33 -23.47
CA LYS F 172 -24.51 -26.75 -23.47
C LYS F 172 -24.14 -27.24 -22.08
N VAL F 173 -24.62 -28.44 -21.75
CA VAL F 173 -24.35 -29.09 -20.49
C VAL F 173 -23.60 -30.38 -20.77
N TYR F 174 -22.44 -30.55 -20.15
CA TYR F 174 -21.65 -31.76 -20.32
C TYR F 174 -21.72 -32.63 -19.08
N VAL F 175 -21.78 -33.94 -19.29
CA VAL F 175 -21.92 -34.90 -18.21
C VAL F 175 -20.91 -36.04 -18.38
N ASP F 176 -20.35 -36.49 -17.25
CA ASP F 176 -19.42 -37.63 -17.20
C ASP F 176 -18.16 -37.39 -18.05
N ASP F 177 -17.25 -36.57 -17.52
CA ASP F 177 -15.99 -36.25 -18.19
C ASP F 177 -16.21 -35.65 -19.59
N GLY F 178 -17.30 -34.91 -19.75
CA GLY F 178 -17.62 -34.23 -21.00
C GLY F 178 -17.95 -35.16 -22.17
N LEU F 179 -18.20 -36.42 -21.87
CA LEU F 179 -18.49 -37.43 -22.89
C LEU F 179 -19.93 -37.37 -23.39
N ILE F 180 -20.84 -36.97 -22.50
CA ILE F 180 -22.25 -36.77 -22.85
C ILE F 180 -22.49 -35.27 -22.93
N SER F 181 -23.17 -34.83 -23.98
CA SER F 181 -23.48 -33.40 -24.11
C SER F 181 -24.96 -33.17 -24.35
N LEU F 182 -25.49 -32.13 -23.70
CA LEU F 182 -26.90 -31.78 -23.77
C LEU F 182 -27.03 -30.30 -24.13
N GLN F 183 -28.09 -29.95 -24.85
CA GLN F 183 -28.38 -28.55 -25.15
C GLN F 183 -29.72 -28.13 -24.55
N VAL F 184 -29.68 -27.05 -23.77
CA VAL F 184 -30.86 -26.51 -23.12
C VAL F 184 -31.81 -25.88 -24.15
N LYS F 185 -33.03 -26.40 -24.21
CA LYS F 185 -34.03 -25.91 -25.18
C LYS F 185 -35.02 -24.94 -24.55
N GLN F 186 -35.43 -25.23 -23.30
CA GLN F 186 -36.29 -24.33 -22.53
C GLN F 186 -35.89 -24.36 -21.06
N LYS F 187 -36.21 -23.28 -20.35
CA LYS F 187 -35.88 -23.15 -18.94
C LYS F 187 -37.14 -23.27 -18.08
N ASP F 190 -37.16 -23.78 -11.97
CA ASP F 190 -36.46 -24.77 -11.17
C ASP F 190 -36.14 -26.05 -11.95
N PHE F 191 -36.25 -25.97 -13.28
CA PHE F 191 -35.96 -27.12 -14.14
C PHE F 191 -35.34 -26.70 -15.48
N LEU F 192 -34.78 -27.70 -16.17
CA LEU F 192 -34.26 -27.51 -17.53
C LEU F 192 -34.71 -28.66 -18.43
N VAL F 193 -35.22 -28.33 -19.60
CA VAL F 193 -35.51 -29.35 -20.61
C VAL F 193 -34.45 -29.28 -21.72
N THR F 194 -33.79 -30.42 -21.96
CA THR F 194 -32.66 -30.48 -22.88
C THR F 194 -32.81 -31.57 -23.93
N GLU F 195 -32.01 -31.48 -24.99
CA GLU F 195 -31.87 -32.55 -25.97
C GLU F 195 -30.46 -33.12 -25.92
N VAL F 196 -30.37 -34.45 -25.93
CA VAL F 196 -29.09 -35.17 -25.92
C VAL F 196 -28.37 -34.99 -27.26
N GLU F 197 -27.23 -34.31 -27.23
CA GLU F 197 -26.38 -34.16 -28.40
C GLU F 197 -25.49 -35.41 -28.58
N ASN F 198 -24.48 -35.52 -27.73
CA ASN F 198 -23.63 -36.72 -27.72
C ASN F 198 -24.16 -37.71 -26.69
N GLY F 199 -24.64 -38.85 -27.17
CA GLY F 199 -25.25 -39.85 -26.31
C GLY F 199 -24.25 -40.77 -25.64
N GLY F 200 -24.76 -41.61 -24.76
CA GLY F 200 -23.93 -42.60 -24.06
C GLY F 200 -24.59 -43.16 -22.82
N PHE F 201 -23.87 -44.05 -22.14
CA PHE F 201 -24.37 -44.65 -20.90
C PHE F 201 -24.01 -43.78 -19.71
N LEU F 202 -24.99 -43.55 -18.84
CA LEU F 202 -24.81 -42.71 -17.67
C LEU F 202 -24.98 -43.47 -16.37
N GLY F 203 -23.94 -43.41 -15.54
CA GLY F 203 -23.98 -43.95 -14.18
C GLY F 203 -24.41 -42.87 -13.19
N SER F 204 -24.15 -43.13 -11.91
CA SER F 204 -24.57 -42.23 -10.83
C SER F 204 -23.47 -41.26 -10.42
N LYS F 205 -23.88 -40.09 -9.92
CA LYS F 205 -22.97 -39.11 -9.33
C LYS F 205 -21.79 -38.77 -10.26
N LYS F 206 -22.13 -38.46 -11.52
CA LYS F 206 -21.14 -38.09 -12.52
C LYS F 206 -20.95 -36.59 -12.57
N GLY F 207 -19.76 -36.16 -12.95
CA GLY F 207 -19.41 -34.74 -12.97
C GLY F 207 -20.08 -33.99 -14.11
N VAL F 208 -20.52 -32.77 -13.82
CA VAL F 208 -21.21 -31.93 -14.80
C VAL F 208 -20.39 -30.66 -15.04
N ASN F 209 -20.23 -30.27 -16.30
CA ASN F 209 -19.56 -29.01 -16.64
C ASN F 209 -20.48 -28.07 -17.42
N LEU F 210 -20.40 -26.79 -17.12
CA LEU F 210 -21.17 -25.75 -17.79
C LEU F 210 -20.23 -24.72 -18.42
N PRO F 211 -19.57 -25.10 -19.54
CA PRO F 211 -18.57 -24.20 -20.13
C PRO F 211 -19.25 -22.91 -20.57
N GLY F 212 -18.58 -21.78 -20.36
CA GLY F 212 -19.14 -20.48 -20.73
C GLY F 212 -20.25 -19.96 -19.84
N ALA F 213 -20.63 -20.71 -18.81
CA ALA F 213 -21.54 -20.20 -17.78
C ALA F 213 -20.72 -19.69 -16.61
N ALA F 214 -21.24 -18.69 -15.90
CA ALA F 214 -20.59 -18.16 -14.70
C ALA F 214 -21.15 -18.88 -13.47
N VAL F 215 -20.58 -20.06 -13.19
CA VAL F 215 -20.97 -20.87 -12.04
C VAL F 215 -20.62 -20.11 -10.76
N ASP F 216 -21.60 -19.97 -9.87
CA ASP F 216 -21.46 -19.13 -8.68
C ASP F 216 -21.33 -19.91 -7.37
N LEU F 217 -20.98 -21.18 -7.47
CA LEU F 217 -20.74 -21.99 -6.28
C LEU F 217 -19.57 -21.41 -5.47
N PRO F 218 -19.57 -21.61 -4.13
CA PRO F 218 -18.47 -21.07 -3.33
C PRO F 218 -17.11 -21.67 -3.71
N ALA F 219 -16.07 -20.84 -3.71
CA ALA F 219 -14.71 -21.33 -3.91
C ALA F 219 -14.37 -22.42 -2.89
N VAL F 220 -14.84 -22.20 -1.66
CA VAL F 220 -14.60 -23.10 -0.54
C VAL F 220 -15.94 -23.35 0.15
N SER F 221 -16.50 -24.54 -0.05
CA SER F 221 -17.81 -24.92 0.54
C SER F 221 -17.66 -25.36 1.99
N GLU F 222 -18.79 -25.59 2.66
CA GLU F 222 -18.80 -26.16 4.01
CA GLU F 222 -18.76 -26.13 4.01
C GLU F 222 -18.03 -27.48 4.05
N LYS F 223 -18.26 -28.31 3.04
CA LYS F 223 -17.55 -29.59 2.95
C LYS F 223 -16.04 -29.32 2.83
N ASP F 224 -15.66 -28.41 1.94
CA ASP F 224 -14.25 -28.09 1.77
C ASP F 224 -13.61 -27.60 3.07
N ILE F 225 -14.34 -26.80 3.87
CA ILE F 225 -13.82 -26.31 5.14
C ILE F 225 -13.49 -27.49 6.06
N GLN F 226 -14.42 -28.43 6.17
CA GLN F 226 -14.26 -29.64 6.97
CA GLN F 226 -14.20 -29.58 7.03
C GLN F 226 -13.04 -30.44 6.52
N ASP F 227 -12.92 -30.57 5.20
CA ASP F 227 -11.82 -31.35 4.59
C ASP F 227 -10.47 -30.68 4.82
N LEU F 228 -10.42 -29.34 4.70
CA LEU F 228 -9.17 -28.62 4.92
C LEU F 228 -8.74 -28.68 6.38
N LYS F 229 -9.68 -28.51 7.29
CA LYS F 229 -9.40 -28.67 8.71
C LYS F 229 -8.91 -30.10 9.02
N PHE F 230 -9.52 -31.10 8.39
CA PHE F 230 -9.05 -32.50 8.47
C PHE F 230 -7.59 -32.59 8.00
N GLY F 231 -7.26 -31.91 6.90
CA GLY F 231 -5.90 -31.90 6.36
C GLY F 231 -4.89 -31.35 7.36
N VAL F 232 -5.27 -30.28 8.04
CA VAL F 232 -4.42 -29.71 9.09
C VAL F 232 -4.18 -30.71 10.22
N GLU F 233 -5.26 -31.36 10.69
CA GLU F 233 -5.15 -32.31 11.78
CA GLU F 233 -5.22 -32.35 11.76
C GLU F 233 -4.33 -33.54 11.40
N GLN F 234 -4.36 -33.89 10.12
CA GLN F 234 -3.65 -35.07 9.60
C GLN F 234 -2.23 -34.72 9.16
N ASP F 235 -1.85 -33.46 9.32
CA ASP F 235 -0.48 -33.01 9.05
C ASP F 235 -0.11 -33.23 7.57
N VAL F 236 -1.05 -32.95 6.66
CA VAL F 236 -0.71 -33.08 5.23
C VAL F 236 0.36 -32.05 4.82
N ASP F 237 1.05 -32.34 3.73
CA ASP F 237 2.14 -31.48 3.25
C ASP F 237 1.68 -30.38 2.31
N MET F 238 0.58 -30.65 1.62
CA MET F 238 0.14 -29.75 0.57
C MET F 238 -1.33 -29.99 0.26
N VAL F 239 -1.97 -28.96 -0.24
CA VAL F 239 -3.34 -29.07 -0.71
CA VAL F 239 -3.36 -28.98 -0.68
C VAL F 239 -3.41 -28.67 -2.18
N PHE F 240 -4.14 -29.47 -2.94
CA PHE F 240 -4.38 -29.20 -4.36
C PHE F 240 -5.79 -28.64 -4.38
N ALA F 241 -5.92 -27.33 -4.57
CA ALA F 241 -7.22 -26.66 -4.43
C ALA F 241 -7.94 -26.61 -5.78
N SER F 242 -9.09 -27.27 -5.83
CA SER F 242 -9.84 -27.42 -7.09
C SER F 242 -10.53 -26.14 -7.56
N PHE F 243 -10.53 -25.94 -8.88
CA PHE F 243 -11.29 -24.85 -9.53
C PHE F 243 -10.95 -23.45 -9.07
N ILE F 244 -9.66 -23.18 -8.82
CA ILE F 244 -9.29 -21.83 -8.42
C ILE F 244 -9.47 -20.86 -9.61
N ARG F 245 -10.18 -19.75 -9.37
CA ARG F 245 -10.51 -18.79 -10.43
CA ARG F 245 -10.54 -18.79 -10.41
C ARG F 245 -9.85 -17.43 -10.28
N LYS F 246 -9.30 -17.15 -9.10
CA LYS F 246 -8.78 -15.83 -8.76
CA LYS F 246 -8.75 -15.83 -8.77
C LYS F 246 -7.96 -15.90 -7.47
N ALA F 247 -7.15 -14.87 -7.21
CA ALA F 247 -6.34 -14.81 -5.99
C ALA F 247 -7.19 -14.94 -4.72
N ALA F 248 -8.35 -14.31 -4.70
CA ALA F 248 -9.21 -14.37 -3.50
C ALA F 248 -9.56 -15.81 -3.13
N ASP F 249 -9.73 -16.67 -4.13
CA ASP F 249 -10.04 -18.08 -3.86
C ASP F 249 -8.90 -18.76 -3.13
N VAL F 250 -7.67 -18.46 -3.54
CA VAL F 250 -6.48 -19.01 -2.87
C VAL F 250 -6.44 -18.53 -1.42
N HIS F 251 -6.71 -17.23 -1.21
CA HIS F 251 -6.67 -16.67 0.14
C HIS F 251 -7.74 -17.26 1.05
N GLU F 252 -8.86 -17.65 0.47
CA GLU F 252 -9.91 -18.31 1.25
C GLU F 252 -9.40 -19.64 1.78
N VAL F 253 -8.72 -20.41 0.92
CA VAL F 253 -8.14 -21.68 1.34
C VAL F 253 -7.08 -21.45 2.42
N ARG F 254 -6.20 -20.47 2.18
CA ARG F 254 -5.13 -20.14 3.13
C ARG F 254 -5.67 -19.79 4.51
N LYS F 255 -6.73 -18.99 4.56
CA LYS F 255 -7.34 -18.60 5.83
C LYS F 255 -7.87 -19.78 6.64
N ILE F 256 -8.50 -20.75 5.96
CA ILE F 256 -9.00 -21.96 6.63
CA ILE F 256 -9.00 -21.97 6.61
C ILE F 256 -7.85 -22.79 7.20
N LEU F 257 -6.79 -22.96 6.40
CA LEU F 257 -5.60 -23.68 6.89
C LEU F 257 -5.04 -22.95 8.12
N GLY F 258 -5.11 -21.62 8.09
CA GLY F 258 -4.82 -20.80 9.26
C GLY F 258 -3.40 -20.85 9.79
N GLU F 259 -3.24 -20.42 11.04
CA GLU F 259 -1.92 -20.39 11.68
C GLU F 259 -1.35 -21.80 11.81
N LYS F 260 -2.18 -22.74 12.27
CA LYS F 260 -1.71 -24.12 12.44
C LYS F 260 -1.23 -24.72 11.11
N GLY F 261 -1.87 -24.35 10.01
CA GLY F 261 -1.54 -24.90 8.71
C GLY F 261 -0.72 -23.99 7.81
N LYS F 262 -0.08 -22.99 8.41
CA LYS F 262 0.64 -21.94 7.67
CA LYS F 262 0.60 -21.95 7.63
C LYS F 262 1.76 -22.48 6.77
N ASN F 263 2.29 -23.64 7.12
CA ASN F 263 3.40 -24.21 6.34
C ASN F 263 2.96 -25.24 5.29
N ILE F 264 1.66 -25.52 5.25
CA ILE F 264 1.10 -26.40 4.21
C ILE F 264 1.12 -25.66 2.87
N LYS F 265 1.62 -26.30 1.82
CA LYS F 265 1.72 -25.62 0.52
C LYS F 265 0.38 -25.67 -0.19
N ILE F 266 -0.02 -24.55 -0.78
CA ILE F 266 -1.26 -24.51 -1.54
C ILE F 266 -0.93 -24.50 -3.03
N ILE F 267 -1.38 -25.56 -3.71
CA ILE F 267 -1.17 -25.72 -5.15
C ILE F 267 -2.53 -25.43 -5.80
N SER F 268 -2.63 -24.34 -6.56
CA SER F 268 -3.91 -24.02 -7.19
C SER F 268 -4.11 -24.81 -8.47
N LYS F 269 -5.27 -25.42 -8.61
CA LYS F 269 -5.63 -26.17 -9.82
C LYS F 269 -6.30 -25.24 -10.81
N ILE F 270 -5.69 -25.16 -12.00
CA ILE F 270 -6.24 -24.36 -13.11
C ILE F 270 -7.03 -25.31 -13.98
N GLU F 271 -8.35 -25.11 -13.97
CA GLU F 271 -9.25 -26.00 -14.72
C GLU F 271 -10.48 -25.31 -15.30
N ASN F 272 -10.42 -24.00 -15.45
CA ASN F 272 -11.48 -23.30 -16.16
C ASN F 272 -10.94 -22.06 -16.86
N HIS F 273 -11.79 -21.44 -17.66
CA HIS F 273 -11.37 -20.31 -18.47
CA HIS F 273 -11.34 -20.31 -18.46
C HIS F 273 -10.88 -19.15 -17.58
N GLU F 274 -11.63 -18.86 -16.52
CA GLU F 274 -11.28 -17.76 -15.63
C GLU F 274 -9.92 -17.97 -14.96
N GLY F 275 -9.64 -19.21 -14.55
CA GLY F 275 -8.34 -19.55 -13.98
C GLY F 275 -7.19 -19.25 -14.94
N VAL F 276 -7.42 -19.49 -16.24
CA VAL F 276 -6.38 -19.22 -17.23
C VAL F 276 -6.24 -17.71 -17.40
N ARG F 277 -7.38 -17.03 -17.50
CA ARG F 277 -7.44 -15.56 -17.68
CA ARG F 277 -7.36 -15.58 -17.72
C ARG F 277 -6.75 -14.83 -16.52
N ARG F 278 -7.01 -15.31 -15.31
CA ARG F 278 -6.49 -14.65 -14.11
C ARG F 278 -5.24 -15.37 -13.58
N PHE F 279 -4.53 -16.05 -14.48
CA PHE F 279 -3.43 -16.89 -14.05
C PHE F 279 -2.36 -16.15 -13.22
N ASP F 280 -1.96 -14.96 -13.65
CA ASP F 280 -0.83 -14.30 -12.98
C ASP F 280 -1.14 -14.00 -11.50
N GLU F 281 -2.36 -13.58 -11.19
CA GLU F 281 -2.70 -13.29 -9.79
C GLU F 281 -2.79 -14.57 -8.97
N ILE F 282 -3.30 -15.64 -9.58
CA ILE F 282 -3.34 -16.95 -8.95
C ILE F 282 -1.93 -17.46 -8.64
N LEU F 283 -1.04 -17.36 -9.63
CA LEU F 283 0.35 -17.77 -9.42
C LEU F 283 0.95 -17.01 -8.24
N GLU F 284 0.76 -15.69 -8.19
CA GLU F 284 1.34 -14.89 -7.14
C GLU F 284 0.84 -15.32 -5.76
N ALA F 285 -0.44 -15.67 -5.67
CA ALA F 285 -1.06 -15.99 -4.38
C ALA F 285 -0.76 -17.41 -3.91
N SER F 286 -0.31 -18.25 -4.84
CA SER F 286 -0.18 -19.69 -4.59
C SER F 286 1.26 -20.11 -4.34
N ASP F 287 1.42 -21.31 -3.79
CA ASP F 287 2.76 -21.88 -3.68
C ASP F 287 3.20 -22.62 -4.94
N GLY F 288 2.24 -23.04 -5.74
CA GLY F 288 2.53 -23.71 -7.01
C GLY F 288 1.21 -23.90 -7.72
N ILE F 289 1.27 -24.61 -8.85
CA ILE F 289 0.10 -24.73 -9.74
C ILE F 289 -0.03 -26.16 -10.26
N MET F 290 -1.27 -26.61 -10.44
CA MET F 290 -1.52 -27.84 -11.21
C MET F 290 -2.29 -27.50 -12.49
N VAL F 291 -1.79 -27.98 -13.62
CA VAL F 291 -2.58 -27.91 -14.87
C VAL F 291 -3.54 -29.09 -14.82
N ALA F 292 -4.77 -28.81 -14.41
CA ALA F 292 -5.77 -29.84 -14.17
C ALA F 292 -6.50 -30.11 -15.47
N ARG F 293 -5.90 -30.94 -16.32
CA ARG F 293 -6.29 -30.99 -17.72
C ARG F 293 -7.66 -31.60 -17.98
N GLY F 294 -8.14 -32.44 -17.07
CA GLY F 294 -9.44 -33.10 -17.24
C GLY F 294 -10.56 -32.08 -17.36
N ASP F 295 -10.78 -31.34 -16.28
CA ASP F 295 -11.82 -30.31 -16.31
C ASP F 295 -11.46 -29.19 -17.30
N LEU F 296 -10.18 -28.86 -17.38
CA LEU F 296 -9.78 -27.77 -18.27
C LEU F 296 -10.22 -28.02 -19.72
N GLY F 297 -10.07 -29.27 -20.19
CA GLY F 297 -10.41 -29.62 -21.58
C GLY F 297 -11.89 -29.84 -21.84
N ILE F 298 -12.72 -29.68 -20.80
CA ILE F 298 -14.18 -29.67 -20.96
C ILE F 298 -14.63 -28.20 -20.93
N GLU F 299 -13.98 -27.44 -20.05
CA GLU F 299 -14.33 -26.04 -19.84
C GLU F 299 -13.91 -25.16 -21.02
N ILE F 300 -12.76 -25.49 -21.62
CA ILE F 300 -12.30 -24.84 -22.84
C ILE F 300 -12.19 -25.90 -23.93
N PRO F 301 -12.21 -25.48 -25.22
CA PRO F 301 -12.05 -26.47 -26.30
C PRO F 301 -10.82 -27.36 -26.08
N ALA F 302 -11.00 -28.68 -26.20
CA ALA F 302 -9.92 -29.61 -25.92
C ALA F 302 -8.66 -29.32 -26.73
N GLU F 303 -8.84 -28.84 -27.96
CA GLU F 303 -7.70 -28.52 -28.84
C GLU F 303 -6.87 -27.33 -28.35
N LYS F 304 -7.36 -26.60 -27.35
CA LYS F 304 -6.60 -25.46 -26.79
C LYS F 304 -5.83 -25.80 -25.52
N VAL F 305 -6.03 -27.02 -24.97
CA VAL F 305 -5.41 -27.36 -23.67
C VAL F 305 -3.89 -27.25 -23.70
N PHE F 306 -3.26 -27.67 -24.79
CA PHE F 306 -1.78 -27.64 -24.85
C PHE F 306 -1.23 -26.23 -24.76
N LEU F 307 -2.01 -25.25 -25.25
CA LEU F 307 -1.59 -23.85 -25.19
C LEU F 307 -1.56 -23.42 -23.73
N ALA F 308 -2.63 -23.74 -23.01
CA ALA F 308 -2.70 -23.42 -21.58
C ALA F 308 -1.60 -24.13 -20.82
N GLN F 309 -1.41 -25.42 -21.10
CA GLN F 309 -0.36 -26.19 -20.46
C GLN F 309 1.03 -25.55 -20.62
N LYS F 310 1.38 -25.23 -21.86
CA LYS F 310 2.71 -24.68 -22.14
C LYS F 310 2.87 -23.27 -21.54
N MET F 311 1.82 -22.45 -21.62
CA MET F 311 1.87 -21.10 -21.04
C MET F 311 2.08 -21.19 -19.51
N ILE F 312 1.32 -22.08 -18.88
CA ILE F 312 1.33 -22.18 -17.43
C ILE F 312 2.68 -22.71 -16.97
N ILE F 313 3.17 -23.78 -17.64
CA ILE F 313 4.45 -24.33 -17.24
C ILE F 313 5.56 -23.29 -17.42
N GLY F 314 5.55 -22.58 -18.55
CA GLY F 314 6.53 -21.53 -18.78
C GLY F 314 6.52 -20.45 -17.72
N ARG F 315 5.32 -19.99 -17.36
CA ARG F 315 5.22 -18.90 -16.38
C ARG F 315 5.64 -19.37 -15.00
N CYS F 316 5.31 -20.63 -14.67
CA CYS F 316 5.73 -21.19 -13.38
C CYS F 316 7.24 -21.34 -13.35
N ASN F 317 7.83 -21.82 -14.45
CA ASN F 317 9.29 -21.94 -14.53
C ASN F 317 9.97 -20.58 -14.34
N ARG F 318 9.43 -19.56 -15.01
CA ARG F 318 9.94 -18.19 -14.89
C ARG F 318 9.95 -17.73 -13.44
N ALA F 319 8.88 -18.05 -12.71
CA ALA F 319 8.68 -17.62 -11.32
C ALA F 319 9.42 -18.46 -10.31
N GLY F 320 9.91 -19.63 -10.73
CA GLY F 320 10.47 -20.64 -9.82
C GLY F 320 9.46 -21.29 -8.88
N LYS F 321 8.20 -21.33 -9.31
CA LYS F 321 7.15 -22.00 -8.51
C LYS F 321 6.81 -23.36 -9.12
N PRO F 322 6.62 -24.38 -8.28
CA PRO F 322 6.29 -25.73 -8.74
C PRO F 322 5.06 -25.78 -9.63
N VAL F 323 5.15 -26.57 -10.71
CA VAL F 323 4.01 -26.81 -11.58
C VAL F 323 3.88 -28.31 -11.85
N ILE F 324 2.65 -28.81 -11.74
CA ILE F 324 2.31 -30.21 -11.91
C ILE F 324 1.49 -30.38 -13.20
N CYS F 325 1.87 -31.31 -14.07
CA CYS F 325 1.02 -31.66 -15.20
C CYS F 325 0.17 -32.86 -14.78
N ALA F 326 -1.13 -32.78 -15.00
CA ALA F 326 -2.02 -33.86 -14.52
C ALA F 326 -3.03 -34.33 -15.55
N THR F 327 -3.45 -35.59 -15.37
CA THR F 327 -4.69 -36.15 -15.91
C THR F 327 -4.58 -36.82 -17.30
N GLN F 328 -4.89 -38.12 -17.28
CA GLN F 328 -4.90 -38.97 -18.48
CA GLN F 328 -4.91 -38.96 -18.47
C GLN F 328 -3.55 -39.14 -19.16
N MET F 329 -2.48 -38.92 -18.40
CA MET F 329 -1.12 -39.00 -19.00
C MET F 329 -0.81 -40.40 -19.51
N LEU F 330 -1.26 -41.40 -18.75
CA LEU F 330 -1.07 -42.81 -19.11
C LEU F 330 -2.39 -43.56 -19.04
N GLU F 331 -3.47 -42.89 -19.47
CA GLU F 331 -4.84 -43.36 -19.21
C GLU F 331 -5.11 -44.83 -19.62
N SER F 332 -4.62 -45.26 -20.77
CA SER F 332 -4.88 -46.62 -21.25
C SER F 332 -4.36 -47.70 -20.29
N MET F 333 -3.39 -47.33 -19.45
CA MET F 333 -2.79 -48.25 -18.50
C MET F 333 -3.72 -48.60 -17.32
N ILE F 334 -4.90 -47.98 -17.28
CA ILE F 334 -5.93 -48.42 -16.33
C ILE F 334 -6.28 -49.89 -16.66
N LYS F 335 -6.23 -50.23 -17.96
CA LYS F 335 -6.63 -51.56 -18.43
C LYS F 335 -5.54 -52.39 -19.11
N LYS F 336 -4.47 -51.73 -19.56
CA LYS F 336 -3.40 -52.39 -20.33
C LYS F 336 -2.04 -52.20 -19.67
N PRO F 337 -1.15 -53.21 -19.77
CA PRO F 337 0.16 -53.12 -19.09
C PRO F 337 1.18 -52.22 -19.77
N ARG F 338 0.84 -51.72 -20.95
CA ARG F 338 1.71 -50.81 -21.68
CA ARG F 338 1.72 -50.82 -21.73
C ARG F 338 0.90 -49.62 -22.19
N PRO F 339 1.53 -48.44 -22.22
CA PRO F 339 0.77 -47.25 -22.66
C PRO F 339 0.68 -47.14 -24.19
N THR F 340 -0.18 -46.24 -24.67
CA THR F 340 -0.22 -45.92 -26.12
C THR F 340 0.96 -45.03 -26.48
N ARG F 341 1.19 -44.86 -27.78
CA ARG F 341 2.27 -44.00 -28.24
C ARG F 341 1.98 -42.52 -27.93
N ALA F 342 0.70 -42.15 -27.93
CA ALA F 342 0.33 -40.77 -27.56
C ALA F 342 0.63 -40.48 -26.09
N GLU F 343 0.43 -41.49 -25.25
CA GLU F 343 0.66 -41.37 -23.81
C GLU F 343 2.15 -41.26 -23.52
N GLY F 344 2.98 -42.08 -24.19
CA GLY F 344 4.44 -41.95 -24.03
C GLY F 344 4.90 -40.53 -24.41
N SER F 345 4.35 -40.05 -25.52
CA SER F 345 4.68 -38.71 -26.02
C SER F 345 4.23 -37.62 -25.06
N ASP F 346 3.03 -37.77 -24.50
CA ASP F 346 2.50 -36.77 -23.59
C ASP F 346 3.39 -36.60 -22.36
N VAL F 347 3.81 -37.72 -21.77
CA VAL F 347 4.69 -37.65 -20.60
C VAL F 347 6.01 -36.99 -20.97
N ALA F 348 6.62 -37.44 -22.05
CA ALA F 348 7.92 -36.86 -22.48
C ALA F 348 7.80 -35.36 -22.68
N ASN F 349 6.73 -34.95 -23.38
CA ASN F 349 6.55 -33.54 -23.72
C ASN F 349 6.24 -32.68 -22.51
N ALA F 350 5.56 -33.24 -21.51
CA ALA F 350 5.35 -32.49 -20.26
C ALA F 350 6.69 -32.20 -19.57
N VAL F 351 7.59 -33.18 -19.57
CA VAL F 351 8.91 -33.01 -18.96
C VAL F 351 9.72 -31.98 -19.79
N LEU F 352 9.68 -32.12 -21.12
CA LEU F 352 10.36 -31.14 -21.98
C LEU F 352 9.81 -29.71 -21.80
N ASP F 353 8.51 -29.59 -21.59
CA ASP F 353 7.86 -28.28 -21.37
C ASP F 353 8.40 -27.63 -20.11
N GLY F 354 8.73 -28.46 -19.12
CA GLY F 354 9.31 -28.00 -17.85
C GLY F 354 8.54 -28.35 -16.59
N ALA F 355 7.59 -29.28 -16.65
CA ALA F 355 6.81 -29.63 -15.47
C ALA F 355 7.71 -30.14 -14.35
N ASP F 356 7.50 -29.64 -13.14
CA ASP F 356 8.26 -30.14 -12.00
C ASP F 356 7.86 -31.55 -11.61
N CYS F 357 6.55 -31.80 -11.68
CA CYS F 357 5.96 -33.10 -11.34
C CYS F 357 4.97 -33.51 -12.42
N ILE F 358 4.82 -34.82 -12.56
CA ILE F 358 3.79 -35.41 -13.41
C ILE F 358 2.92 -36.28 -12.50
N MET F 359 1.66 -36.49 -12.89
CA MET F 359 0.69 -37.13 -12.00
C MET F 359 0.02 -38.33 -12.64
N LEU F 360 -0.42 -39.26 -11.77
CA LEU F 360 -1.29 -40.36 -12.16
C LEU F 360 -2.56 -40.30 -11.32
N SER F 361 -3.68 -40.60 -11.96
CA SER F 361 -5.00 -40.56 -11.32
C SER F 361 -5.58 -41.96 -11.35
N GLY F 362 -6.53 -42.26 -12.25
CA GLY F 362 -7.08 -43.63 -12.34
C GLY F 362 -6.03 -44.71 -12.49
N GLU F 363 -4.93 -44.40 -13.17
CA GLU F 363 -3.85 -45.34 -13.42
C GLU F 363 -3.34 -45.96 -12.15
N THR F 364 -3.31 -45.17 -11.07
CA THR F 364 -2.88 -45.71 -9.76
C THR F 364 -3.99 -45.90 -8.74
N ALA F 365 -5.06 -45.11 -8.83
CA ALA F 365 -6.17 -45.19 -7.87
C ALA F 365 -7.02 -46.44 -8.05
N LYS F 366 -7.30 -46.83 -9.30
CA LYS F 366 -8.27 -47.91 -9.58
C LYS F 366 -7.87 -48.93 -10.64
N GLY F 367 -6.79 -48.64 -11.37
CA GLY F 367 -6.38 -49.45 -12.52
C GLY F 367 -5.80 -50.82 -12.18
N ASP F 368 -5.60 -51.63 -13.22
CA ASP F 368 -5.12 -53.00 -13.06
C ASP F 368 -3.59 -53.07 -13.00
N TYR F 369 -2.92 -51.94 -13.29
CA TYR F 369 -1.46 -51.91 -13.43
C TYR F 369 -0.81 -50.70 -12.77
N PRO F 370 -1.11 -50.45 -11.48
CA PRO F 370 -0.62 -49.22 -10.84
C PRO F 370 0.90 -49.18 -10.80
N LEU F 371 1.56 -50.31 -10.51
CA LEU F 371 3.02 -50.28 -10.43
C LEU F 371 3.66 -50.03 -11.79
N GLU F 372 3.08 -50.66 -12.83
CA GLU F 372 3.59 -50.47 -14.20
C GLU F 372 3.46 -49.01 -14.64
N ALA F 373 2.35 -48.36 -14.26
CA ALA F 373 2.17 -46.92 -14.56
C ALA F 373 3.25 -46.06 -13.91
N VAL F 374 3.50 -46.26 -12.62
CA VAL F 374 4.57 -45.51 -11.93
C VAL F 374 5.94 -45.72 -12.61
N ARG F 375 6.25 -46.99 -12.87
CA ARG F 375 7.52 -47.35 -13.51
C ARG F 375 7.69 -46.72 -14.89
N MET F 376 6.59 -46.60 -15.63
CA MET F 376 6.65 -46.01 -16.96
C MET F 376 6.87 -44.50 -16.89
N GLN F 377 6.20 -43.82 -15.95
CA GLN F 377 6.51 -42.39 -15.75
C GLN F 377 7.98 -42.19 -15.42
N HIS F 378 8.52 -43.02 -14.53
CA HIS F 378 9.92 -42.94 -14.18
C HIS F 378 10.83 -43.09 -15.40
N LEU F 379 10.58 -44.12 -16.21
CA LEU F 379 11.41 -44.36 -17.41
C LEU F 379 11.35 -43.22 -18.41
N ILE F 380 10.15 -42.75 -18.70
CA ILE F 380 9.98 -41.69 -19.68
C ILE F 380 10.61 -40.40 -19.16
N ALA F 381 10.38 -40.10 -17.89
CA ALA F 381 10.93 -38.86 -17.31
C ALA F 381 12.45 -38.80 -17.48
N ARG F 382 13.16 -39.89 -17.18
CA ARG F 382 14.63 -39.84 -17.30
C ARG F 382 15.09 -39.59 -18.72
N GLU F 383 14.41 -40.22 -19.69
CA GLU F 383 14.79 -40.00 -21.09
C GLU F 383 14.56 -38.56 -21.53
N ALA F 384 13.41 -38.02 -21.13
CA ALA F 384 13.05 -36.67 -21.51
C ALA F 384 13.93 -35.63 -20.81
N GLU F 385 14.33 -35.90 -19.57
CA GLU F 385 15.17 -34.98 -18.84
C GLU F 385 16.50 -34.77 -19.54
N ALA F 386 17.06 -35.87 -20.07
CA ALA F 386 18.34 -35.75 -20.79
C ALA F 386 18.17 -34.94 -22.08
N ALA F 387 16.98 -35.05 -22.68
CA ALA F 387 16.67 -34.45 -23.98
C ALA F 387 16.32 -32.96 -23.90
N MET F 388 16.24 -32.42 -22.68
CA MET F 388 16.13 -30.96 -22.55
C MET F 388 17.34 -30.25 -23.17
N PHE F 389 17.14 -29.02 -23.62
CA PHE F 389 18.22 -28.23 -24.20
C PHE F 389 18.70 -27.28 -23.10
N HIS F 390 19.45 -27.82 -22.12
CA HIS F 390 19.75 -27.09 -20.88
C HIS F 390 20.44 -25.77 -21.13
N ARG F 391 21.39 -25.73 -22.08
CA ARG F 391 22.15 -24.50 -22.29
C ARG F 391 21.21 -23.35 -22.64
N LYS F 392 20.27 -23.60 -23.57
CA LYS F 392 19.35 -22.54 -23.97
CA LYS F 392 19.32 -22.57 -23.99
C LYS F 392 18.33 -22.25 -22.87
N LEU F 393 17.84 -23.30 -22.21
CA LEU F 393 16.88 -23.12 -21.12
C LEU F 393 17.47 -22.22 -20.02
N PHE F 394 18.71 -22.51 -19.63
CA PHE F 394 19.36 -21.72 -18.59
C PHE F 394 19.49 -20.25 -19.01
N GLU F 395 19.96 -20.04 -20.24
CA GLU F 395 20.09 -18.69 -20.78
C GLU F 395 18.75 -17.94 -20.72
N GLU F 396 17.68 -18.63 -21.09
CA GLU F 396 16.36 -17.99 -21.16
C GLU F 396 15.77 -17.70 -19.78
N LEU F 397 16.01 -18.62 -18.86
CA LEU F 397 15.58 -18.43 -17.45
C LEU F 397 16.33 -17.27 -16.83
N ALA F 398 17.64 -17.23 -17.06
CA ALA F 398 18.46 -16.11 -16.57
C ALA F 398 17.95 -14.77 -17.10
N ARG F 399 17.64 -14.71 -18.39
CA ARG F 399 17.09 -13.50 -19.01
CA ARG F 399 17.11 -13.49 -18.99
C ARG F 399 15.78 -13.07 -18.33
N ALA F 400 14.90 -14.04 -18.13
CA ALA F 400 13.57 -13.75 -17.60
C ALA F 400 13.61 -13.16 -16.19
N SER F 401 14.60 -13.56 -15.39
CA SER F 401 14.71 -13.16 -13.99
CA SER F 401 14.68 -13.12 -14.01
C SER F 401 15.73 -12.05 -13.76
N SER F 402 16.26 -11.47 -14.84
CA SER F 402 17.37 -10.51 -14.75
C SER F 402 17.08 -9.26 -13.90
N GLN F 403 15.80 -8.96 -13.68
CA GLN F 403 15.40 -7.82 -12.84
CA GLN F 403 15.39 -7.83 -12.85
C GLN F 403 15.73 -8.06 -11.37
N SER F 404 15.83 -9.32 -10.98
CA SER F 404 16.18 -9.71 -9.61
C SER F 404 17.70 -9.79 -9.44
N THR F 405 18.19 -9.24 -8.33
CA THR F 405 19.61 -9.31 -7.98
C THR F 405 19.84 -10.16 -6.72
N ASP F 406 18.87 -11.04 -6.44
CA ASP F 406 18.82 -11.82 -5.20
C ASP F 406 20.08 -12.67 -5.01
N LEU F 407 20.63 -12.65 -3.79
CA LEU F 407 21.93 -13.29 -3.54
C LEU F 407 21.84 -14.81 -3.67
N MET F 408 20.77 -15.40 -3.16
CA MET F 408 20.62 -16.85 -3.35
C MET F 408 20.44 -17.22 -4.82
N GLU F 409 19.68 -16.42 -5.57
CA GLU F 409 19.59 -16.70 -7.02
C GLU F 409 20.97 -16.63 -7.67
N ALA F 410 21.79 -15.67 -7.25
CA ALA F 410 23.16 -15.56 -7.75
C ALA F 410 23.97 -16.82 -7.44
N MET F 411 23.89 -17.30 -6.20
CA MET F 411 24.56 -18.58 -5.83
C MET F 411 24.05 -19.74 -6.65
N ALA F 412 22.74 -19.80 -6.85
CA ALA F 412 22.12 -20.89 -7.62
C ALA F 412 22.57 -20.88 -9.07
N MET F 413 22.56 -19.69 -9.67
CA MET F 413 22.95 -19.56 -11.08
C MET F 413 24.43 -19.89 -11.25
N GLY F 414 25.27 -19.43 -10.32
CA GLY F 414 26.70 -19.73 -10.40
C GLY F 414 26.94 -21.22 -10.25
N SER F 415 26.20 -21.83 -9.33
CA SER F 415 26.34 -23.26 -9.07
C SER F 415 25.88 -24.12 -10.24
N VAL F 416 24.75 -23.75 -10.84
CA VAL F 416 24.22 -24.49 -11.99
C VAL F 416 25.18 -24.32 -13.17
N GLU F 417 25.64 -23.09 -13.39
CA GLU F 417 26.63 -22.85 -14.42
CA GLU F 417 26.65 -22.82 -14.41
C GLU F 417 27.90 -23.70 -14.22
N ALA F 418 28.44 -23.70 -13.01
CA ALA F 418 29.60 -24.55 -12.71
C ALA F 418 29.29 -26.02 -12.99
N SER F 419 28.09 -26.45 -12.62
CA SER F 419 27.70 -27.85 -12.80
C SER F 419 27.68 -28.24 -14.29
N TYR F 420 27.26 -27.32 -15.14
CA TYR F 420 27.29 -27.56 -16.58
C TYR F 420 28.73 -27.66 -17.09
N LYS F 421 29.58 -26.75 -16.63
CA LYS F 421 30.93 -26.65 -17.14
C LYS F 421 31.76 -27.89 -16.86
N CYS F 422 31.73 -28.36 -15.61
CA CYS F 422 32.53 -29.53 -15.24
C CYS F 422 31.75 -30.85 -15.29
N LEU F 423 30.53 -30.82 -15.82
CA LEU F 423 29.68 -32.02 -15.90
C LEU F 423 29.63 -32.73 -14.54
N ALA F 424 29.36 -31.92 -13.51
CA ALA F 424 29.22 -32.39 -12.14
C ALA F 424 28.12 -33.47 -12.07
N ALA F 425 28.32 -34.48 -11.22
CA ALA F 425 27.37 -35.57 -11.09
C ALA F 425 26.15 -35.24 -10.21
N ALA F 426 26.26 -34.19 -9.42
CA ALA F 426 25.19 -33.76 -8.53
C ALA F 426 25.50 -32.38 -7.97
N LEU F 427 24.47 -31.75 -7.43
CA LEU F 427 24.64 -30.58 -6.57
C LEU F 427 24.13 -30.97 -5.19
N ILE F 428 24.97 -30.82 -4.17
CA ILE F 428 24.55 -31.12 -2.81
C ILE F 428 24.22 -29.81 -2.12
N VAL F 429 23.04 -29.73 -1.51
CA VAL F 429 22.59 -28.47 -0.92
C VAL F 429 22.13 -28.75 0.52
N LEU F 430 22.73 -28.07 1.48
CA LEU F 430 22.29 -28.18 2.87
C LEU F 430 21.27 -27.08 3.15
N THR F 431 20.08 -27.48 3.59
CA THR F 431 18.97 -26.52 3.69
C THR F 431 17.98 -26.91 4.77
N GLU F 432 17.48 -25.93 5.51
CA GLU F 432 16.48 -26.22 6.54
C GLU F 432 15.08 -25.91 6.06
N SER F 433 14.92 -24.76 5.41
CA SER F 433 13.62 -24.32 4.91
C SER F 433 13.36 -24.88 3.50
N GLY F 434 14.43 -25.32 2.83
CA GLY F 434 14.33 -25.74 1.44
C GLY F 434 14.70 -24.66 0.45
N ARG F 435 14.66 -23.40 0.89
CA ARG F 435 14.73 -22.27 -0.04
C ARG F 435 15.97 -22.31 -0.94
N SER F 436 17.13 -22.62 -0.37
CA SER F 436 18.37 -22.63 -1.16
C SER F 436 18.27 -23.70 -2.25
N ALA F 437 17.74 -24.87 -1.90
CA ALA F 437 17.56 -25.94 -2.87
C ALA F 437 16.51 -25.57 -3.95
N HIS F 438 15.44 -24.88 -3.54
CA HIS F 438 14.40 -24.47 -4.51
C HIS F 438 14.96 -23.53 -5.59
N GLN F 439 15.85 -22.62 -5.16
CA GLN F 439 16.49 -21.68 -6.06
CA GLN F 439 16.48 -21.68 -6.08
C GLN F 439 17.43 -22.38 -7.04
N VAL F 440 18.11 -23.43 -6.59
CA VAL F 440 18.95 -24.21 -7.52
C VAL F 440 18.05 -24.93 -8.53
N ALA F 441 16.94 -25.53 -8.04
CA ALA F 441 16.04 -26.27 -8.92
C ALA F 441 15.50 -25.38 -10.04
N ARG F 442 15.20 -24.12 -9.73
CA ARG F 442 14.55 -23.28 -10.73
C ARG F 442 15.44 -23.01 -11.92
N TYR F 443 16.76 -23.12 -11.73
CA TYR F 443 17.71 -22.85 -12.82
C TYR F 443 18.10 -24.12 -13.59
N ARG F 444 17.46 -25.23 -13.24
CA ARG F 444 17.42 -26.42 -14.12
C ARG F 444 18.79 -27.05 -14.48
N PRO F 445 19.56 -27.48 -13.45
CA PRO F 445 20.75 -28.25 -13.76
C PRO F 445 20.33 -29.60 -14.38
N ARG F 446 21.22 -30.28 -15.09
CA ARG F 446 20.90 -31.63 -15.52
C ARG F 446 21.18 -32.63 -14.39
N ALA F 447 22.16 -32.33 -13.54
CA ALA F 447 22.50 -33.22 -12.44
C ALA F 447 21.45 -33.15 -11.31
N PRO F 448 21.25 -34.27 -10.57
CA PRO F 448 20.33 -34.25 -9.43
C PRO F 448 20.82 -33.33 -8.32
N ILE F 449 19.87 -32.78 -7.59
CA ILE F 449 20.12 -31.91 -6.44
C ILE F 449 19.83 -32.70 -5.18
N ILE F 450 20.88 -33.13 -4.48
CA ILE F 450 20.66 -33.85 -3.23
C ILE F 450 20.53 -32.83 -2.10
N ALA F 451 19.32 -32.69 -1.56
CA ALA F 451 19.05 -31.62 -0.58
C ALA F 451 18.98 -32.28 0.79
N VAL F 452 19.98 -31.99 1.63
CA VAL F 452 20.04 -32.60 2.97
C VAL F 452 19.42 -31.67 3.97
N THR F 453 18.44 -32.17 4.71
CA THR F 453 17.70 -31.33 5.65
C THR F 453 17.40 -32.06 6.95
N ARG F 454 17.36 -31.33 8.07
CA ARG F 454 16.87 -31.92 9.32
C ARG F 454 15.37 -31.69 9.54
N ASN F 455 14.77 -30.92 8.63
CA ASN F 455 13.35 -30.62 8.70
C ASN F 455 12.58 -31.62 7.84
N HIS F 456 11.82 -32.51 8.48
CA HIS F 456 11.15 -33.60 7.75
C HIS F 456 10.10 -33.07 6.78
N GLN F 457 9.39 -32.02 7.17
CA GLN F 457 8.38 -31.42 6.28
C GLN F 457 9.03 -30.79 5.04
N THR F 458 10.16 -30.10 5.24
CA THR F 458 10.93 -29.57 4.12
C THR F 458 11.25 -30.70 3.12
N ALA F 459 11.69 -31.84 3.66
CA ALA F 459 12.05 -32.97 2.82
C ALA F 459 10.85 -33.46 2.01
N ARG F 460 9.70 -33.60 2.66
CA ARG F 460 8.52 -34.08 1.93
C ARG F 460 8.04 -33.08 0.86
N GLN F 461 8.06 -31.80 1.22
CA GLN F 461 7.60 -30.78 0.27
C GLN F 461 8.57 -30.52 -0.88
N ALA F 462 9.83 -30.91 -0.71
CA ALA F 462 10.85 -30.69 -1.75
C ALA F 462 10.51 -31.43 -3.05
N HIS F 463 9.66 -32.46 -2.95
CA HIS F 463 9.24 -33.24 -4.11
C HIS F 463 8.48 -32.41 -5.15
N LEU F 464 7.99 -31.25 -4.75
CA LEU F 464 7.34 -30.35 -5.69
C LEU F 464 8.27 -29.72 -6.74
N TYR F 465 9.59 -29.84 -6.54
CA TYR F 465 10.58 -29.14 -7.36
C TYR F 465 11.37 -30.10 -8.22
N ARG F 466 11.45 -29.81 -9.52
CA ARG F 466 12.28 -30.62 -10.43
C ARG F 466 13.69 -30.86 -9.87
N GLY F 467 14.11 -32.11 -9.84
CA GLY F 467 15.51 -32.39 -9.54
C GLY F 467 15.90 -32.48 -8.08
N ILE F 468 15.01 -32.07 -7.16
CA ILE F 468 15.42 -32.14 -5.75
C ILE F 468 15.16 -33.55 -5.23
N PHE F 469 16.24 -34.19 -4.76
CA PHE F 469 16.21 -35.51 -4.17
C PHE F 469 16.41 -35.30 -2.67
N PRO F 470 15.32 -35.19 -1.90
CA PRO F 470 15.46 -34.84 -0.48
C PRO F 470 16.02 -35.99 0.35
N VAL F 471 16.87 -35.63 1.31
CA VAL F 471 17.45 -36.60 2.23
C VAL F 471 17.30 -36.04 3.64
N VAL F 472 16.60 -36.79 4.49
CA VAL F 472 16.45 -36.41 5.89
C VAL F 472 17.69 -36.81 6.68
N CYS F 473 18.22 -35.85 7.43
CA CYS F 473 19.32 -36.10 8.35
C CYS F 473 18.73 -36.19 9.77
N LYS F 474 18.96 -37.34 10.41
CA LYS F 474 18.45 -37.50 11.78
C LYS F 474 19.51 -37.36 12.87
N ASP F 475 20.77 -37.17 12.47
CA ASP F 475 21.89 -37.06 13.40
CA ASP F 475 21.86 -37.08 13.41
C ASP F 475 21.75 -35.84 14.29
N PRO F 476 22.20 -35.95 15.56
CA PRO F 476 22.22 -34.75 16.39
C PRO F 476 23.13 -33.68 15.78
N VAL F 477 22.84 -32.42 16.09
CA VAL F 477 23.64 -31.31 15.62
C VAL F 477 25.02 -31.36 16.29
N GLN F 478 26.07 -31.38 15.47
CA GLN F 478 27.43 -31.40 16.00
C GLN F 478 27.81 -30.02 16.49
N GLU F 479 28.61 -30.00 17.55
CA GLU F 479 28.98 -28.79 18.29
C GLU F 479 29.77 -27.83 17.41
N ALA F 480 30.71 -28.37 16.64
CA ALA F 480 31.49 -27.58 15.69
C ALA F 480 30.78 -27.52 14.35
N TRP F 481 30.47 -26.30 13.88
CA TRP F 481 29.78 -26.09 12.59
C TRP F 481 30.42 -26.85 11.45
N ALA F 482 31.74 -26.77 11.33
CA ALA F 482 32.46 -27.43 10.24
C ALA F 482 32.22 -28.94 10.23
N GLU F 483 32.21 -29.54 11.42
CA GLU F 483 31.93 -30.98 11.55
C GLU F 483 30.48 -31.30 11.23
N ASP F 484 29.56 -30.41 11.62
CA ASP F 484 28.15 -30.66 11.32
C ASP F 484 27.87 -30.56 9.82
N VAL F 485 28.53 -29.59 9.18
CA VAL F 485 28.43 -29.44 7.72
C VAL F 485 28.99 -30.69 7.04
N ASP F 486 30.20 -31.08 7.43
CA ASP F 486 30.86 -32.27 6.88
C ASP F 486 30.01 -33.52 7.05
N LEU F 487 29.38 -33.67 8.22
CA LEU F 487 28.49 -34.82 8.47
C LEU F 487 27.38 -34.90 7.42
N ARG F 488 26.74 -33.76 7.14
CA ARG F 488 25.62 -33.73 6.20
C ARG F 488 26.07 -33.90 4.74
N VAL F 489 27.21 -33.30 4.40
CA VAL F 489 27.77 -33.50 3.06
C VAL F 489 28.12 -34.98 2.87
N ASN F 490 28.72 -35.60 3.88
CA ASN F 490 29.06 -37.03 3.80
C ASN F 490 27.82 -37.91 3.62
N LEU F 491 26.73 -37.53 4.29
CA LEU F 491 25.48 -38.26 4.14
C LEU F 491 25.04 -38.20 2.68
N ALA F 492 25.09 -37.02 2.09
CA ALA F 492 24.72 -36.88 0.68
C ALA F 492 25.65 -37.69 -0.23
N MET F 493 26.95 -37.72 0.09
CA MET F 493 27.90 -38.51 -0.70
C MET F 493 27.53 -40.00 -0.64
N ASN F 494 27.17 -40.48 0.55
CA ASN F 494 26.80 -41.88 0.69
C ASN F 494 25.50 -42.21 -0.05
N VAL F 495 24.53 -41.30 0.02
CA VAL F 495 23.26 -41.44 -0.69
C VAL F 495 23.49 -41.50 -2.21
N GLY F 496 24.26 -40.55 -2.74
CA GLY F 496 24.54 -40.51 -4.18
C GLY F 496 25.26 -41.77 -4.66
N LYS F 497 26.21 -42.26 -3.87
CA LYS F 497 26.93 -43.48 -4.26
C LYS F 497 25.97 -44.68 -4.24
N ALA F 498 25.18 -44.81 -3.17
CA ALA F 498 24.27 -45.97 -3.05
C ALA F 498 23.17 -45.98 -4.12
N ARG F 499 22.75 -44.79 -4.55
CA ARG F 499 21.69 -44.65 -5.54
C ARG F 499 22.22 -44.70 -6.98
N GLY F 500 23.54 -44.84 -7.13
CA GLY F 500 24.17 -44.88 -8.44
C GLY F 500 24.22 -43.56 -9.17
N PHE F 501 24.21 -42.46 -8.43
CA PHE F 501 24.30 -41.13 -9.05
C PHE F 501 25.76 -40.80 -9.38
N PHE F 502 26.68 -41.35 -8.59
CA PHE F 502 28.11 -41.08 -8.80
C PHE F 502 28.97 -42.07 -8.06
N LYS F 503 30.29 -41.99 -8.29
CA LYS F 503 31.24 -42.89 -7.67
C LYS F 503 32.47 -42.10 -7.29
N LYS F 504 33.34 -42.71 -6.49
CA LYS F 504 34.59 -42.08 -6.09
C LYS F 504 35.30 -41.47 -7.29
N GLY F 505 35.70 -40.21 -7.15
CA GLY F 505 36.46 -39.53 -8.20
C GLY F 505 35.65 -38.66 -9.14
N ASP F 506 34.32 -38.83 -9.13
CA ASP F 506 33.46 -37.89 -9.85
C ASP F 506 33.52 -36.57 -9.10
N VAL F 507 32.95 -35.52 -9.68
CA VAL F 507 32.91 -34.23 -9.00
CA VAL F 507 32.92 -34.22 -9.01
C VAL F 507 31.48 -33.79 -8.74
N VAL F 508 31.27 -33.13 -7.61
CA VAL F 508 29.95 -32.59 -7.28
C VAL F 508 30.08 -31.14 -6.89
N ILE F 509 28.98 -30.39 -7.01
CA ILE F 509 28.94 -28.99 -6.53
C ILE F 509 28.29 -29.04 -5.15
N VAL F 510 28.87 -28.36 -4.16
CA VAL F 510 28.37 -28.45 -2.79
C VAL F 510 28.07 -27.04 -2.28
N LEU F 511 26.81 -26.85 -1.88
CA LEU F 511 26.30 -25.57 -1.40
C LEU F 511 25.97 -25.61 0.08
N THR F 512 26.64 -24.76 0.85
CA THR F 512 26.52 -24.75 2.31
C THR F 512 26.50 -23.31 2.84
N GLY F 513 26.20 -23.16 4.12
CA GLY F 513 26.34 -21.86 4.78
C GLY F 513 27.71 -21.73 5.40
N TRP F 514 28.34 -20.56 5.25
CA TRP F 514 29.67 -20.32 5.80
C TRP F 514 29.70 -20.46 7.33
N ARG F 515 28.62 -19.98 7.96
CA ARG F 515 28.46 -19.96 9.40
C ARG F 515 27.08 -20.49 9.74
N PRO F 516 26.87 -20.95 10.99
CA PRO F 516 25.55 -21.44 11.36
C PRO F 516 24.47 -20.38 11.14
N GLY F 517 24.84 -19.10 11.26
CA GLY F 517 23.92 -17.99 11.10
C GLY F 517 23.66 -17.52 9.69
N SER F 518 24.37 -18.07 8.71
CA SER F 518 24.13 -17.73 7.31
C SER F 518 22.68 -18.07 6.97
N GLY F 519 21.98 -17.15 6.31
CA GLY F 519 20.54 -17.34 6.03
C GLY F 519 20.21 -18.01 4.70
N PHE F 520 21.26 -18.37 3.96
CA PHE F 520 21.13 -19.12 2.70
C PHE F 520 22.47 -19.79 2.48
N THR F 521 22.56 -20.67 1.48
CA THR F 521 23.83 -21.30 1.16
C THR F 521 24.70 -20.31 0.38
N ASN F 522 25.54 -19.60 1.10
CA ASN F 522 26.38 -18.57 0.52
C ASN F 522 27.76 -19.07 0.13
N THR F 523 27.98 -20.38 0.22
CA THR F 523 29.28 -21.00 -0.06
C THR F 523 29.12 -22.12 -1.06
N MET F 524 29.84 -22.03 -2.18
N MET F 524 29.86 -22.04 -2.18
CA MET F 524 29.82 -23.09 -3.18
CA MET F 524 29.82 -23.05 -3.25
C MET F 524 31.23 -23.64 -3.30
C MET F 524 31.21 -23.63 -3.44
N ARG F 525 31.33 -24.96 -3.43
CA ARG F 525 32.61 -25.62 -3.70
C ARG F 525 32.46 -26.68 -4.78
N VAL F 526 33.51 -26.91 -5.56
N VAL F 526 33.52 -26.88 -5.56
CA VAL F 526 33.60 -28.11 -6.38
CA VAL F 526 33.67 -28.09 -6.37
C VAL F 526 34.48 -29.13 -5.63
C VAL F 526 34.43 -29.10 -5.50
N VAL F 527 33.91 -30.32 -5.41
CA VAL F 527 34.42 -31.31 -4.45
C VAL F 527 34.48 -32.66 -5.14
N PRO F 528 35.62 -33.38 -5.03
CA PRO F 528 35.62 -34.76 -5.56
C PRO F 528 34.86 -35.69 -4.63
N VAL F 529 34.18 -36.68 -5.22
CA VAL F 529 33.48 -37.68 -4.42
C VAL F 529 34.54 -38.59 -3.80
N PRO F 530 34.49 -38.77 -2.46
CA PRO F 530 35.45 -39.63 -1.78
C PRO F 530 35.11 -41.11 -1.98
N PHE G 11 42.56 -23.03 -50.48
CA PHE G 11 41.72 -21.93 -51.06
C PHE G 11 41.09 -21.08 -49.96
N ILE G 12 41.10 -19.76 -50.16
CA ILE G 12 40.52 -18.83 -49.20
C ILE G 12 39.28 -18.20 -49.80
N GLN G 13 38.16 -18.31 -49.07
CA GLN G 13 36.93 -17.68 -49.50
C GLN G 13 37.11 -16.17 -49.50
N THR G 14 36.66 -15.52 -50.56
CA THR G 14 36.69 -14.08 -50.68
C THR G 14 35.67 -13.43 -49.76
N GLN G 15 35.76 -12.12 -49.61
CA GLN G 15 34.67 -11.34 -49.01
C GLN G 15 34.34 -11.79 -47.56
N GLN G 16 35.35 -12.27 -46.84
CA GLN G 16 35.16 -12.80 -45.47
C GLN G 16 33.97 -13.76 -45.36
N LEU G 17 33.78 -14.58 -46.40
CA LEU G 17 32.64 -15.50 -46.40
C LEU G 17 32.78 -16.65 -45.39
N HIS G 18 34.01 -16.99 -45.00
CA HIS G 18 34.18 -17.96 -43.91
C HIS G 18 33.66 -17.35 -42.60
N ALA G 19 34.09 -16.11 -42.31
CA ALA G 19 33.60 -15.41 -41.12
C ALA G 19 32.09 -15.24 -41.17
N ALA G 20 31.55 -15.05 -42.38
CA ALA G 20 30.11 -14.84 -42.56
C ALA G 20 29.27 -15.99 -42.02
N MET G 21 29.85 -17.18 -42.03
CA MET G 21 29.16 -18.42 -41.66
C MET G 21 29.30 -18.77 -40.17
N ALA G 22 29.94 -17.90 -39.40
CA ALA G 22 30.12 -18.15 -37.96
C ALA G 22 28.79 -18.18 -37.23
N ASP G 23 28.77 -18.88 -36.09
CA ASP G 23 27.58 -18.92 -35.26
C ASP G 23 27.51 -17.78 -34.24
N THR G 24 28.67 -17.36 -33.74
CA THR G 24 28.71 -16.32 -32.73
C THR G 24 29.53 -15.13 -33.21
N PHE G 25 29.34 -13.98 -32.57
CA PHE G 25 30.14 -12.79 -32.86
CA PHE G 25 30.14 -12.82 -32.90
C PHE G 25 31.63 -13.06 -32.62
N LEU G 26 31.94 -13.76 -31.53
CA LEU G 26 33.33 -14.11 -31.22
C LEU G 26 33.94 -14.94 -32.35
N GLU G 27 33.23 -15.98 -32.80
CA GLU G 27 33.68 -16.85 -33.90
CA GLU G 27 33.76 -16.83 -33.88
C GLU G 27 33.90 -16.02 -35.17
N HIS G 28 32.96 -15.10 -35.42
CA HIS G 28 33.04 -14.22 -36.61
C HIS G 28 34.35 -13.45 -36.60
N LYS G 29 34.67 -12.85 -35.44
CA LYS G 29 35.93 -12.10 -35.30
CA LYS G 29 35.93 -12.10 -35.27
C LYS G 29 37.14 -13.01 -35.51
N CYS G 30 37.14 -14.19 -34.88
CA CYS G 30 38.26 -15.10 -34.97
C CYS G 30 38.54 -15.57 -36.39
N ARG G 31 37.53 -15.49 -37.25
CA ARG G 31 37.65 -15.96 -38.64
C ARG G 31 38.04 -14.85 -39.62
N LEU G 32 38.10 -13.61 -39.15
CA LEU G 32 38.49 -12.53 -40.07
C LEU G 32 39.89 -12.80 -40.64
N ASP G 33 40.04 -12.60 -41.94
CA ASP G 33 41.20 -13.13 -42.66
C ASP G 33 41.76 -12.06 -43.59
N ILE G 34 42.98 -11.59 -43.32
CA ILE G 34 43.61 -10.56 -44.15
C ILE G 34 43.86 -11.02 -45.58
N ASP G 35 43.78 -12.34 -45.81
CA ASP G 35 44.02 -12.89 -47.14
C ASP G 35 42.72 -13.17 -47.92
N SER G 36 41.59 -12.82 -47.31
CA SER G 36 40.28 -12.94 -47.98
C SER G 36 39.97 -11.62 -48.68
N ALA G 37 40.04 -11.63 -50.02
CA ALA G 37 39.93 -10.38 -50.79
C ALA G 37 38.51 -9.84 -50.78
N PRO G 38 38.36 -8.50 -50.64
CA PRO G 38 37.03 -7.92 -50.73
C PRO G 38 36.53 -7.90 -52.18
N ILE G 39 35.25 -7.62 -52.37
CA ILE G 39 34.72 -7.46 -53.73
C ILE G 39 35.12 -6.09 -54.28
N THR G 40 34.93 -5.91 -55.58
CA THR G 40 35.22 -4.64 -56.22
C THR G 40 34.34 -3.49 -55.73
N ALA G 41 33.04 -3.75 -55.59
CA ALA G 41 32.10 -2.72 -55.15
C ALA G 41 32.41 -2.22 -53.76
N ARG G 42 32.27 -0.91 -53.57
CA ARG G 42 32.44 -0.24 -52.27
C ARG G 42 31.13 0.47 -51.94
N ASN G 43 30.50 0.06 -50.84
CA ASN G 43 29.13 0.46 -50.49
C ASN G 43 28.97 1.77 -49.70
N THR G 44 30.00 2.14 -48.93
CA THR G 44 29.91 3.28 -48.02
C THR G 44 30.16 4.57 -48.79
N GLY G 45 29.20 5.48 -48.72
CA GLY G 45 29.33 6.78 -49.40
C GLY G 45 30.51 7.57 -48.86
N ILE G 46 31.21 8.30 -49.74
CA ILE G 46 32.33 9.17 -49.33
C ILE G 46 31.98 10.62 -49.60
N ILE G 47 31.95 11.41 -48.53
CA ILE G 47 31.63 12.84 -48.58
C ILE G 47 32.91 13.63 -48.39
N CYS G 48 33.20 14.54 -49.32
CA CYS G 48 34.44 15.30 -49.25
C CYS G 48 34.17 16.79 -49.15
N THR G 49 34.82 17.43 -48.19
CA THR G 49 34.73 18.88 -48.06
C THR G 49 35.65 19.53 -49.09
N ILE G 50 35.10 20.49 -49.84
CA ILE G 50 35.88 21.12 -50.89
C ILE G 50 36.41 22.46 -50.40
N GLY G 51 37.67 22.75 -50.72
CA GLY G 51 38.32 24.00 -50.35
C GLY G 51 39.51 24.25 -51.24
N PRO G 52 40.46 25.08 -50.78
CA PRO G 52 41.58 25.49 -51.62
C PRO G 52 42.38 24.32 -52.23
N ALA G 53 42.44 23.19 -51.52
CA ALA G 53 43.21 22.03 -51.98
C ALA G 53 42.51 21.22 -53.07
N SER G 54 41.20 21.36 -53.18
CA SER G 54 40.39 20.42 -53.96
C SER G 54 39.43 21.09 -54.94
N ARG G 55 39.55 22.40 -55.08
CA ARG G 55 38.54 23.26 -55.71
C ARG G 55 38.67 23.37 -57.23
N SER G 56 39.85 23.09 -57.75
CA SER G 56 40.05 23.17 -59.21
C SER G 56 39.27 22.06 -59.92
N VAL G 57 38.90 22.33 -61.18
CA VAL G 57 38.21 21.33 -61.99
C VAL G 57 39.07 20.09 -62.16
N GLU G 58 40.37 20.30 -62.42
CA GLU G 58 41.27 19.18 -62.63
CA GLU G 58 41.35 19.23 -62.61
C GLU G 58 41.43 18.29 -61.39
N THR G 59 41.52 18.89 -60.20
CA THR G 59 41.56 18.08 -58.96
C THR G 59 40.23 17.39 -58.71
N LEU G 60 39.12 18.10 -58.95
CA LEU G 60 37.79 17.52 -58.74
C LEU G 60 37.52 16.29 -59.60
N LYS G 61 38.00 16.31 -60.85
CA LYS G 61 37.91 15.15 -61.72
C LYS G 61 38.63 13.94 -61.09
N GLU G 62 39.82 14.18 -60.54
CA GLU G 62 40.54 13.13 -59.82
C GLU G 62 39.87 12.70 -58.53
N MET G 63 39.19 13.62 -57.86
CA MET G 63 38.43 13.29 -56.64
CA MET G 63 38.46 13.25 -56.65
C MET G 63 37.30 12.32 -56.97
N ILE G 64 36.62 12.61 -58.08
CA ILE G 64 35.54 11.75 -58.55
C ILE G 64 36.06 10.37 -58.91
N LYS G 65 37.16 10.33 -59.66
CA LYS G 65 37.80 9.05 -60.02
C LYS G 65 38.24 8.25 -58.79
N SER G 66 38.67 8.96 -57.75
CA SER G 66 39.15 8.31 -56.51
C SER G 66 38.03 7.86 -55.59
N GLY G 67 36.80 8.34 -55.81
CA GLY G 67 35.64 7.82 -55.06
C GLY G 67 34.70 8.81 -54.43
N MET G 68 34.96 10.11 -54.57
CA MET G 68 34.07 11.10 -53.97
C MET G 68 32.65 10.97 -54.54
N ASN G 69 31.67 10.88 -53.63
CA ASN G 69 30.27 10.79 -54.04
C ASN G 69 29.51 12.07 -53.78
N VAL G 70 29.92 12.81 -52.75
CA VAL G 70 29.24 14.03 -52.32
C VAL G 70 30.28 15.13 -52.06
N ALA G 71 30.03 16.32 -52.62
CA ALA G 71 30.89 17.49 -52.37
C ALA G 71 30.23 18.36 -51.29
N ARG G 72 30.93 18.56 -50.18
CA ARG G 72 30.41 19.38 -49.07
C ARG G 72 31.01 20.79 -49.08
N MET G 73 30.12 21.79 -49.08
CA MET G 73 30.48 23.21 -49.00
C MET G 73 30.24 23.70 -47.60
N ASN G 74 31.30 24.09 -46.90
CA ASN G 74 31.16 24.54 -45.52
C ASN G 74 30.93 26.04 -45.43
N PHE G 75 29.70 26.44 -45.09
CA PHE G 75 29.33 27.86 -45.07
C PHE G 75 29.69 28.58 -43.78
N SER G 76 30.46 27.92 -42.91
CA SER G 76 31.05 28.62 -41.77
C SER G 76 32.00 29.70 -42.26
N HIS G 77 32.54 29.52 -43.46
CA HIS G 77 33.45 30.50 -44.09
C HIS G 77 33.10 30.68 -45.57
N GLY G 78 33.63 31.73 -46.18
CA GLY G 78 33.48 31.96 -47.61
C GLY G 78 32.23 32.74 -48.00
N THR G 79 32.33 33.45 -49.13
CA THR G 79 31.22 34.24 -49.65
C THR G 79 30.35 33.38 -50.57
N HIS G 80 29.14 33.87 -50.87
CA HIS G 80 28.27 33.26 -51.87
C HIS G 80 28.93 33.14 -53.25
N GLU G 81 29.65 34.17 -53.67
CA GLU G 81 30.41 34.15 -54.92
C GLU G 81 31.45 33.02 -54.95
N TYR G 82 32.16 32.84 -53.83
CA TYR G 82 33.15 31.76 -53.67
C TYR G 82 32.51 30.38 -53.80
N HIS G 83 31.44 30.15 -53.03
CA HIS G 83 30.77 28.85 -53.03
C HIS G 83 30.07 28.54 -54.36
N ALA G 84 29.57 29.59 -55.03
CA ALA G 84 29.01 29.44 -56.37
C ALA G 84 30.05 28.89 -57.35
N GLU G 85 31.28 29.44 -57.30
CA GLU G 85 32.36 29.00 -58.17
C GLU G 85 32.77 27.55 -57.85
N THR G 86 32.86 27.22 -56.57
CA THR G 86 33.18 25.85 -56.17
C THR G 86 32.14 24.89 -56.74
N ILE G 87 30.86 25.23 -56.53
CA ILE G 87 29.74 24.41 -57.03
C ILE G 87 29.79 24.27 -58.56
N LYS G 88 30.05 25.38 -59.25
CA LYS G 88 30.25 25.38 -60.70
C LYS G 88 31.35 24.39 -61.10
N ASN G 89 32.49 24.43 -60.40
CA ASN G 89 33.63 23.58 -60.73
C ASN G 89 33.34 22.10 -60.48
N VAL G 90 32.60 21.81 -59.41
CA VAL G 90 32.13 20.44 -59.12
C VAL G 90 31.31 19.92 -60.29
N ARG G 91 30.40 20.74 -60.80
CA ARG G 91 29.53 20.32 -61.89
C ARG G 91 30.27 20.16 -63.22
N THR G 92 31.21 21.07 -63.50
CA THR G 92 32.06 20.92 -64.69
C THR G 92 32.84 19.60 -64.64
N ALA G 93 33.47 19.31 -63.50
CA ALA G 93 34.20 18.05 -63.34
C ALA G 93 33.26 16.85 -63.47
N THR G 94 32.11 16.92 -62.84
CA THR G 94 31.15 15.81 -62.85
C THR G 94 30.66 15.53 -64.27
N GLU G 95 30.28 16.60 -64.97
CA GLU G 95 29.71 16.44 -66.31
C GLU G 95 30.74 16.10 -67.39
N SER G 96 32.02 16.20 -67.06
CA SER G 96 33.08 15.85 -68.00
C SER G 96 33.08 14.35 -68.35
N PHE G 97 32.42 13.56 -67.51
CA PHE G 97 32.30 12.11 -67.69
C PHE G 97 30.94 11.69 -68.27
N ALA G 98 30.08 12.66 -68.55
CA ALA G 98 28.70 12.40 -68.95
C ALA G 98 28.54 11.75 -70.32
N SER G 99 29.57 11.83 -71.16
CA SER G 99 29.51 11.28 -72.53
C SER G 99 29.42 9.74 -72.57
N ASP G 100 29.81 9.09 -71.48
CA ASP G 100 29.68 7.65 -71.36
C ASP G 100 28.71 7.30 -70.22
N PRO G 101 27.43 7.05 -70.57
CA PRO G 101 26.38 6.74 -69.59
C PRO G 101 26.63 5.47 -68.76
N ILE G 102 27.45 4.54 -69.27
CA ILE G 102 27.78 3.32 -68.56
C ILE G 102 28.72 3.60 -67.37
N LEU G 103 29.59 4.60 -67.52
CA LEU G 103 30.61 4.89 -66.51
C LEU G 103 30.37 6.16 -65.68
N TYR G 104 29.50 7.03 -66.18
CA TYR G 104 29.17 8.28 -65.49
C TYR G 104 28.71 8.05 -64.04
N ARG G 105 29.37 8.75 -63.12
CA ARG G 105 28.97 8.75 -61.71
C ARG G 105 28.32 10.06 -61.30
N PRO G 106 27.05 10.01 -60.83
CA PRO G 106 26.43 11.22 -60.30
C PRO G 106 27.20 11.72 -59.07
N VAL G 107 27.22 13.03 -58.87
CA VAL G 107 27.88 13.61 -57.70
C VAL G 107 26.94 14.60 -57.02
N ALA G 108 26.69 14.39 -55.73
CA ALA G 108 25.79 15.25 -54.97
C ALA G 108 26.48 16.49 -54.44
N VAL G 109 25.68 17.55 -54.24
CA VAL G 109 26.17 18.81 -53.66
C VAL G 109 25.47 19.05 -52.33
N ALA G 110 26.29 19.21 -51.28
CA ALA G 110 25.80 19.44 -49.92
C ALA G 110 26.21 20.81 -49.38
N LEU G 111 25.25 21.47 -48.74
CA LEU G 111 25.48 22.76 -48.09
C LEU G 111 25.48 22.57 -46.57
N ASP G 112 26.62 22.85 -45.93
CA ASP G 112 26.75 22.68 -44.48
C ASP G 112 26.66 24.07 -43.82
N THR G 113 25.61 24.28 -43.02
CA THR G 113 25.28 25.63 -42.51
C THR G 113 26.27 26.13 -41.46
N LYS G 114 26.42 27.45 -41.33
CA LYS G 114 27.22 28.01 -40.22
C LYS G 114 26.56 27.66 -38.89
N GLY G 115 25.28 28.01 -38.76
CA GLY G 115 24.53 27.72 -37.53
C GLY G 115 24.93 28.66 -36.41
N PRO G 116 24.46 28.36 -35.17
CA PRO G 116 24.74 29.22 -34.01
C PRO G 116 26.17 29.10 -33.48
N GLU G 117 27.14 29.43 -34.33
CA GLU G 117 28.56 29.47 -33.96
C GLU G 117 28.91 30.67 -33.10
N ILE G 118 29.85 30.45 -32.18
CA ILE G 118 30.50 31.55 -31.45
C ILE G 118 31.95 31.62 -31.92
N ARG G 119 32.39 32.81 -32.31
CA ARG G 119 33.78 33.00 -32.73
C ARG G 119 34.45 34.23 -32.12
N THR G 120 35.77 34.14 -31.97
CA THR G 120 36.58 35.26 -31.46
C THR G 120 36.83 36.27 -32.58
N GLY G 121 37.36 37.44 -32.22
CA GLY G 121 37.71 38.45 -33.22
C GLY G 121 39.07 38.19 -33.85
N LEU G 122 39.64 39.24 -34.46
CA LEU G 122 40.96 39.16 -35.06
C LEU G 122 42.07 39.27 -34.00
N GLU G 130 49.56 35.33 -34.24
CA GLU G 130 48.96 34.60 -33.12
C GLU G 130 49.36 35.16 -31.77
N VAL G 131 48.64 34.76 -30.73
CA VAL G 131 48.90 35.23 -29.36
C VAL G 131 48.80 34.07 -28.35
N GLU G 132 49.84 33.90 -27.55
CA GLU G 132 49.90 32.79 -26.59
C GLU G 132 49.30 33.16 -25.24
N LEU G 133 48.40 32.30 -24.75
CA LEU G 133 47.84 32.45 -23.39
C LEU G 133 48.46 31.40 -22.47
N LYS G 134 49.41 31.82 -21.65
CA LYS G 134 50.08 30.93 -20.71
C LYS G 134 49.15 30.44 -19.60
N LYS G 135 49.39 29.23 -19.12
CA LYS G 135 48.58 28.61 -18.06
C LYS G 135 48.61 29.42 -16.77
N GLY G 136 47.42 29.71 -16.23
CA GLY G 136 47.30 30.44 -14.97
C GLY G 136 47.06 31.93 -15.12
N ALA G 137 47.37 32.45 -16.31
CA ALA G 137 47.23 33.88 -16.60
C ALA G 137 45.78 34.31 -16.69
N THR G 138 45.50 35.54 -16.24
CA THR G 138 44.16 36.12 -16.32
C THR G 138 43.84 36.61 -17.74
N LEU G 139 42.63 36.33 -18.20
CA LEU G 139 42.14 36.79 -19.50
C LEU G 139 40.72 37.32 -19.37
N LYS G 140 40.53 38.59 -19.71
CA LYS G 140 39.22 39.21 -19.72
C LYS G 140 38.55 39.01 -21.07
N ILE G 141 37.29 38.58 -21.04
CA ILE G 141 36.50 38.44 -22.27
C ILE G 141 35.55 39.63 -22.38
N THR G 142 35.65 40.34 -23.51
CA THR G 142 34.84 41.54 -23.73
C THR G 142 33.82 41.36 -24.86
N LEU G 143 32.72 42.11 -24.77
CA LEU G 143 31.70 42.14 -25.82
C LEU G 143 31.69 43.51 -26.49
N ASP G 144 32.60 44.38 -26.03
CA ASP G 144 32.74 45.74 -26.53
C ASP G 144 33.39 45.73 -27.91
N ASN G 145 32.60 46.09 -28.92
CA ASN G 145 32.99 45.99 -30.33
C ASN G 145 34.20 46.79 -30.78
N ALA G 146 34.72 47.63 -29.88
CA ALA G 146 35.96 48.38 -30.13
C ALA G 146 37.18 47.44 -30.17
N TYR G 147 37.07 46.31 -29.49
CA TYR G 147 38.15 45.32 -29.42
C TYR G 147 37.97 44.17 -30.43
N MET G 148 37.06 44.36 -31.38
CA MET G 148 36.70 43.35 -32.38
C MET G 148 37.89 42.85 -33.21
N GLU G 149 38.79 43.76 -33.58
CA GLU G 149 39.94 43.42 -34.40
C GLU G 149 41.28 43.64 -33.69
N LYS G 150 41.22 43.66 -32.36
CA LYS G 150 42.41 43.91 -31.52
C LYS G 150 42.45 43.00 -30.28
N CYS G 151 42.33 41.69 -30.51
CA CYS G 151 42.37 40.71 -29.41
C CYS G 151 43.81 40.43 -28.96
N ASP G 152 44.00 40.31 -27.65
CA ASP G 152 45.32 40.16 -27.04
C ASP G 152 45.36 39.11 -25.93
N GLU G 153 46.44 39.13 -25.15
CA GLU G 153 46.61 38.26 -23.99
C GLU G 153 45.63 38.63 -22.88
N ASN G 154 45.34 39.93 -22.76
CA ASN G 154 44.52 40.45 -21.68
C ASN G 154 43.07 40.71 -22.07
N ILE G 155 42.84 40.91 -23.38
CA ILE G 155 41.53 41.26 -23.90
C ILE G 155 41.14 40.36 -25.08
N LEU G 156 40.01 39.67 -24.95
CA LEU G 156 39.48 38.82 -26.01
C LEU G 156 38.03 39.18 -26.33
N TRP G 157 37.76 39.54 -27.59
CA TRP G 157 36.41 39.83 -28.06
C TRP G 157 35.77 38.59 -28.69
N LEU G 158 34.51 38.33 -28.36
CA LEU G 158 33.72 37.31 -29.06
C LEU G 158 32.34 37.81 -29.51
N ASP G 159 31.73 37.13 -30.47
CA ASP G 159 30.53 37.63 -31.14
C ASP G 159 29.20 37.21 -30.52
N TYR G 160 29.24 36.49 -29.40
CA TYR G 160 28.01 36.06 -28.70
C TYR G 160 27.63 37.09 -27.62
N LYS G 161 26.65 37.91 -27.94
CA LYS G 161 26.28 39.07 -27.11
C LYS G 161 25.62 38.70 -25.77
N ASN G 162 24.91 37.57 -25.77
CA ASN G 162 24.19 37.11 -24.57
C ASN G 162 24.98 36.14 -23.68
N ILE G 163 26.30 36.09 -23.87
CA ILE G 163 27.15 35.13 -23.14
C ILE G 163 27.04 35.28 -21.62
N CYS G 164 27.13 36.52 -21.14
CA CYS G 164 27.08 36.82 -19.71
C CYS G 164 25.74 36.41 -19.08
N LYS G 165 24.71 36.31 -19.90
CA LYS G 165 23.38 35.95 -19.44
C LYS G 165 23.15 34.43 -19.46
N VAL G 166 24.20 33.67 -19.76
CA VAL G 166 24.10 32.22 -19.86
C VAL G 166 25.27 31.45 -19.21
N VAL G 167 26.38 32.13 -18.97
CA VAL G 167 27.51 31.54 -18.24
C VAL G 167 27.49 31.98 -16.78
N ASP G 168 28.15 31.18 -15.93
CA ASP G 168 28.23 31.47 -14.49
C ASP G 168 29.68 31.50 -14.03
N VAL G 169 29.88 31.90 -12.78
CA VAL G 169 31.21 31.90 -12.15
C VAL G 169 31.65 30.44 -11.91
N GLY G 170 32.81 30.08 -12.46
CA GLY G 170 33.32 28.72 -12.34
C GLY G 170 33.06 27.87 -13.58
N SER G 171 32.25 28.40 -14.50
CA SER G 171 31.94 27.70 -15.75
C SER G 171 33.14 27.74 -16.70
N LYS G 172 33.21 26.77 -17.60
CA LYS G 172 34.34 26.65 -18.51
C LYS G 172 34.03 27.15 -19.92
N VAL G 173 35.01 27.83 -20.52
CA VAL G 173 34.89 28.32 -21.89
C VAL G 173 36.07 27.77 -22.70
N TYR G 174 35.73 27.12 -23.82
CA TYR G 174 36.73 26.49 -24.66
C TYR G 174 36.91 27.28 -25.95
N VAL G 175 38.15 27.35 -26.41
CA VAL G 175 38.52 28.17 -27.57
C VAL G 175 39.44 27.40 -28.50
N ASP G 176 39.16 27.53 -29.80
CA ASP G 176 39.94 26.87 -30.87
C ASP G 176 39.94 25.35 -30.77
N ASP G 177 38.85 24.73 -31.21
CA ASP G 177 38.70 23.26 -31.23
C ASP G 177 38.90 22.62 -29.86
N GLY G 178 38.48 23.33 -28.80
CA GLY G 178 38.57 22.86 -27.43
C GLY G 178 39.98 22.71 -26.88
N LEU G 179 40.97 23.21 -27.61
CA LEU G 179 42.38 23.10 -27.23
C LEU G 179 42.77 24.05 -26.10
N ILE G 180 42.18 25.25 -26.10
CA ILE G 180 42.37 26.23 -25.04
C ILE G 180 41.14 26.24 -24.12
N SER G 181 41.38 26.22 -22.81
CA SER G 181 40.31 26.24 -21.82
CA SER G 181 40.31 26.25 -21.83
C SER G 181 40.49 27.39 -20.82
N LEU G 182 39.40 28.10 -20.56
CA LEU G 182 39.38 29.20 -19.60
C LEU G 182 38.26 28.95 -18.60
N GLN G 183 38.39 29.50 -17.40
CA GLN G 183 37.34 29.39 -16.39
C GLN G 183 36.93 30.77 -15.87
N VAL G 184 35.61 31.04 -15.88
CA VAL G 184 35.06 32.30 -15.40
C VAL G 184 35.33 32.49 -13.90
N LYS G 185 36.08 33.54 -13.58
CA LYS G 185 36.42 33.86 -12.20
C LYS G 185 35.64 35.08 -11.70
N GLN G 186 35.39 36.02 -12.59
CA GLN G 186 34.64 37.24 -12.26
C GLN G 186 33.64 37.57 -13.37
N LYS G 187 32.46 38.05 -12.97
CA LYS G 187 31.37 38.36 -13.89
C LYS G 187 31.49 39.78 -14.46
N PHE G 191 31.17 42.05 -19.47
CA PHE G 191 32.47 41.39 -19.60
C PHE G 191 32.63 40.22 -18.63
N LEU G 192 33.57 39.33 -18.94
CA LEU G 192 33.87 38.18 -18.11
C LEU G 192 35.37 38.09 -17.85
N VAL G 193 35.75 38.10 -16.58
CA VAL G 193 37.15 37.92 -16.22
C VAL G 193 37.40 36.43 -15.96
N THR G 194 38.30 35.85 -16.75
CA THR G 194 38.61 34.42 -16.67
C THR G 194 40.10 34.20 -16.41
N GLU G 195 40.48 32.96 -16.13
CA GLU G 195 41.88 32.57 -16.10
C GLU G 195 42.13 31.33 -16.96
N VAL G 196 43.29 31.30 -17.61
CA VAL G 196 43.65 30.24 -18.54
C VAL G 196 43.96 28.92 -17.82
N GLU G 197 43.20 27.88 -18.14
CA GLU G 197 43.45 26.53 -17.63
C GLU G 197 44.43 25.80 -18.53
N ASN G 198 43.99 25.48 -19.75
CA ASN G 198 44.89 24.95 -20.78
C ASN G 198 45.29 26.06 -21.73
N GLY G 199 46.60 26.25 -21.90
CA GLY G 199 47.13 27.32 -22.73
C GLY G 199 47.39 26.92 -24.18
N GLY G 200 48.12 27.79 -24.89
CA GLY G 200 48.48 27.55 -26.28
C GLY G 200 48.35 28.80 -27.13
N PHE G 201 48.79 28.71 -28.38
CA PHE G 201 48.66 29.80 -29.35
C PHE G 201 47.20 30.05 -29.70
N LEU G 202 46.84 31.33 -29.88
CA LEU G 202 45.50 31.71 -30.31
C LEU G 202 45.57 32.60 -31.54
N GLY G 203 44.94 32.14 -32.63
CA GLY G 203 44.84 32.91 -33.86
C GLY G 203 43.59 33.76 -33.87
N SER G 204 43.13 34.09 -35.07
CA SER G 204 41.93 34.91 -35.25
C SER G 204 40.72 34.08 -35.67
N LYS G 205 39.54 34.54 -35.27
CA LYS G 205 38.26 33.95 -35.67
C LYS G 205 38.16 32.46 -35.32
N LYS G 206 38.53 32.12 -34.10
CA LYS G 206 38.52 30.74 -33.64
C LYS G 206 37.20 30.38 -32.99
N GLY G 207 36.84 29.10 -33.06
CA GLY G 207 35.58 28.63 -32.49
C GLY G 207 35.56 28.62 -30.97
N VAL G 208 34.41 28.94 -30.40
CA VAL G 208 34.23 28.96 -28.96
C VAL G 208 33.11 28.00 -28.56
N ASN G 209 33.37 27.17 -27.55
CA ASN G 209 32.34 26.29 -27.00
C ASN G 209 32.04 26.58 -25.54
N LEU G 210 30.75 26.54 -25.19
CA LEU G 210 30.32 26.70 -23.80
C LEU G 210 29.53 25.47 -23.34
N PRO G 211 30.25 24.38 -22.98
CA PRO G 211 29.58 23.16 -22.54
C PRO G 211 28.85 23.39 -21.22
N GLY G 212 27.64 22.86 -21.09
CA GLY G 212 26.85 23.02 -19.87
C GLY G 212 25.97 24.27 -19.86
N ALA G 213 26.38 25.28 -20.63
CA ALA G 213 25.60 26.50 -20.80
C ALA G 213 24.48 26.28 -21.82
N ALA G 214 23.33 26.93 -21.59
CA ALA G 214 22.21 26.84 -22.52
C ALA G 214 22.25 27.99 -23.53
N VAL G 215 23.29 27.99 -24.36
CA VAL G 215 23.51 29.01 -25.40
C VAL G 215 22.23 29.32 -26.15
N ASP G 216 21.81 30.59 -26.11
CA ASP G 216 20.47 30.97 -26.59
C ASP G 216 20.41 31.57 -28.01
N LEU G 217 21.44 31.30 -28.80
CA LEU G 217 21.47 31.74 -30.20
C LEU G 217 20.41 31.00 -31.03
N PRO G 218 19.91 31.65 -32.11
CA PRO G 218 18.90 30.99 -32.93
C PRO G 218 19.46 29.80 -33.72
N ALA G 219 18.65 28.75 -33.86
CA ALA G 219 19.00 27.59 -34.67
C ALA G 219 19.28 28.02 -36.10
N VAL G 220 18.47 28.95 -36.59
CA VAL G 220 18.57 29.47 -37.94
C VAL G 220 18.63 31.00 -37.86
N SER G 221 19.82 31.54 -38.08
CA SER G 221 20.06 32.98 -38.04
C SER G 221 19.68 33.63 -39.35
N GLU G 222 19.72 34.97 -39.41
CA GLU G 222 19.51 35.68 -40.68
C GLU G 222 20.54 35.25 -41.74
N LYS G 223 21.79 35.04 -41.32
CA LYS G 223 22.84 34.55 -42.23
C LYS G 223 22.49 33.16 -42.76
N ASP G 224 22.02 32.28 -41.88
CA ASP G 224 21.62 30.92 -42.27
C ASP G 224 20.47 30.94 -43.29
N ILE G 225 19.49 31.83 -43.07
CA ILE G 225 18.37 31.98 -43.99
C ILE G 225 18.86 32.40 -45.40
N GLN G 226 19.78 33.37 -45.46
CA GLN G 226 20.40 33.78 -46.72
C GLN G 226 21.14 32.62 -47.40
N ASP G 227 21.84 31.81 -46.61
CA ASP G 227 22.60 30.67 -47.12
C ASP G 227 21.69 29.55 -47.63
N LEU G 228 20.58 29.32 -46.92
CA LEU G 228 19.62 28.30 -47.34
C LEU G 228 18.90 28.69 -48.63
N LYS G 229 18.54 29.96 -48.75
CA LYS G 229 17.95 30.48 -49.98
C LYS G 229 18.93 30.32 -51.15
N PHE G 230 20.20 30.63 -50.91
CA PHE G 230 21.27 30.39 -51.89
C PHE G 230 21.34 28.91 -52.30
N GLY G 231 21.21 28.00 -51.34
CA GLY G 231 21.23 26.56 -51.65
C GLY G 231 20.11 26.16 -52.59
N VAL G 232 18.92 26.71 -52.35
CA VAL G 232 17.75 26.47 -53.20
C VAL G 232 18.03 27.00 -54.62
N GLU G 233 18.54 28.23 -54.70
CA GLU G 233 18.92 28.86 -55.97
C GLU G 233 19.97 28.05 -56.73
N GLN G 234 20.86 27.41 -55.97
CA GLN G 234 21.97 26.65 -56.56
C GLN G 234 21.64 25.18 -56.76
N ASP G 235 20.40 24.78 -56.47
CA ASP G 235 19.93 23.42 -56.73
C ASP G 235 20.75 22.37 -55.97
N VAL G 236 21.11 22.67 -54.73
CA VAL G 236 21.83 21.67 -53.89
C VAL G 236 20.93 20.48 -53.55
N ASP G 237 21.55 19.34 -53.27
CA ASP G 237 20.82 18.08 -53.04
C ASP G 237 20.44 17.88 -51.60
N MET G 238 21.21 18.47 -50.70
CA MET G 238 21.04 18.24 -49.27
C MET G 238 21.66 19.37 -48.46
N VAL G 239 21.13 19.56 -47.25
CA VAL G 239 21.64 20.53 -46.31
C VAL G 239 22.09 19.77 -45.07
N PHE G 240 23.28 20.09 -44.57
CA PHE G 240 23.74 19.59 -43.28
C PHE G 240 23.55 20.73 -42.28
N ALA G 241 22.53 20.63 -41.43
CA ALA G 241 22.17 21.73 -40.53
C ALA G 241 22.92 21.63 -39.21
N SER G 242 23.74 22.65 -38.92
CA SER G 242 24.61 22.64 -37.75
C SER G 242 23.87 22.88 -36.44
N PHE G 243 24.33 22.20 -35.38
CA PHE G 243 23.86 22.38 -34.00
C PHE G 243 22.35 22.20 -33.78
N ILE G 244 21.76 21.18 -34.40
CA ILE G 244 20.36 20.85 -34.18
C ILE G 244 20.17 20.34 -32.75
N ARG G 245 19.29 21.00 -31.99
CA ARG G 245 19.07 20.66 -30.57
C ARG G 245 17.71 20.00 -30.29
N LYS G 246 16.76 20.19 -31.21
CA LYS G 246 15.40 19.67 -31.05
C LYS G 246 14.66 19.62 -32.39
N ALA G 247 13.55 18.88 -32.43
CA ALA G 247 12.73 18.76 -33.65
C ALA G 247 12.32 20.12 -34.22
N ALA G 248 12.02 21.07 -33.35
CA ALA G 248 11.60 22.41 -33.77
C ALA G 248 12.66 23.09 -34.65
N ASP G 249 13.93 22.85 -34.36
CA ASP G 249 15.04 23.40 -35.17
C ASP G 249 14.99 22.84 -36.59
N VAL G 250 14.71 21.54 -36.72
CA VAL G 250 14.57 20.91 -38.03
C VAL G 250 13.39 21.51 -38.80
N HIS G 251 12.27 21.66 -38.10
CA HIS G 251 11.08 22.24 -38.72
C HIS G 251 11.32 23.64 -39.26
N GLU G 252 12.15 24.42 -38.57
CA GLU G 252 12.42 25.77 -39.06
C GLU G 252 13.37 25.79 -40.26
N VAL G 253 14.28 24.82 -40.34
CA VAL G 253 15.06 24.63 -41.56
C VAL G 253 14.16 24.24 -42.74
N ARG G 254 13.25 23.28 -42.52
CA ARG G 254 12.33 22.85 -43.58
C ARG G 254 11.40 23.99 -44.05
N LYS G 255 11.03 24.86 -43.12
CA LYS G 255 10.17 26.01 -43.43
C LYS G 255 10.90 27.03 -44.32
N ILE G 256 12.16 27.32 -44.00
CA ILE G 256 12.98 28.25 -44.79
C ILE G 256 13.20 27.72 -46.21
N LEU G 257 13.51 26.42 -46.31
CA LEU G 257 13.63 25.74 -47.60
C LEU G 257 12.33 25.85 -48.42
N GLY G 258 11.20 25.74 -47.74
CA GLY G 258 9.88 26.02 -48.33
C GLY G 258 9.42 25.05 -49.40
N GLU G 259 8.45 25.51 -50.21
CA GLU G 259 7.93 24.72 -51.33
C GLU G 259 9.02 24.43 -52.36
N LYS G 260 9.76 25.46 -52.76
CA LYS G 260 10.79 25.32 -53.79
C LYS G 260 11.90 24.34 -53.38
N GLY G 261 12.22 24.28 -52.09
CA GLY G 261 13.25 23.37 -51.58
C GLY G 261 12.71 22.13 -50.88
N LYS G 262 11.47 21.75 -51.18
CA LYS G 262 10.81 20.63 -50.48
C LYS G 262 11.48 19.28 -50.71
N ASN G 263 12.21 19.14 -51.82
CA ASN G 263 12.88 17.87 -52.13
C ASN G 263 14.35 17.84 -51.70
N ILE G 264 14.84 18.94 -51.14
CA ILE G 264 16.19 19.00 -50.58
C ILE G 264 16.21 18.26 -49.24
N LYS G 265 17.11 17.29 -49.10
CA LYS G 265 17.19 16.47 -47.89
C LYS G 265 17.87 17.21 -46.73
N ILE G 266 17.26 17.14 -45.56
CA ILE G 266 17.81 17.82 -44.38
C ILE G 266 18.48 16.82 -43.48
N ILE G 267 19.79 16.98 -43.32
CA ILE G 267 20.59 16.11 -42.47
C ILE G 267 20.91 16.90 -41.21
N SER G 268 20.42 16.43 -40.07
CA SER G 268 20.62 17.17 -38.82
C SER G 268 21.95 16.79 -38.19
N LYS G 269 22.78 17.79 -37.90
CA LYS G 269 24.07 17.55 -37.25
C LYS G 269 23.89 17.51 -35.73
N ILE G 270 24.30 16.38 -35.14
CA ILE G 270 24.29 16.21 -33.70
C ILE G 270 25.68 16.54 -33.16
N GLU G 271 25.78 17.64 -32.43
CA GLU G 271 27.09 18.10 -31.94
C GLU G 271 27.06 18.74 -30.56
N ASN G 272 25.98 18.50 -29.83
CA ASN G 272 25.90 18.92 -28.44
C ASN G 272 25.08 17.97 -27.57
N HIS G 273 25.11 18.21 -26.27
CA HIS G 273 24.44 17.35 -25.30
CA HIS G 273 24.44 17.35 -25.30
C HIS G 273 22.94 17.29 -25.54
N GLU G 274 22.31 18.45 -25.75
CA GLU G 274 20.88 18.51 -25.97
C GLU G 274 20.43 17.73 -27.22
N GLY G 275 21.24 17.78 -28.28
CA GLY G 275 20.97 17.01 -29.50
C GLY G 275 20.97 15.50 -29.27
N VAL G 276 21.89 15.04 -28.43
CA VAL G 276 21.94 13.63 -28.04
C VAL G 276 20.72 13.26 -27.20
N ARG G 277 20.43 14.07 -26.18
CA ARG G 277 19.27 13.85 -25.30
C ARG G 277 17.94 13.85 -26.05
N ARG G 278 17.79 14.75 -27.03
CA ARG G 278 16.55 14.86 -27.81
C ARG G 278 16.65 14.18 -29.16
N PHE G 279 17.58 13.23 -29.27
CA PHE G 279 17.86 12.59 -30.54
C PHE G 279 16.64 11.99 -31.24
N ASP G 280 15.80 11.27 -30.49
CA ASP G 280 14.68 10.56 -31.15
C ASP G 280 13.75 11.51 -31.89
N GLU G 281 13.43 12.65 -31.30
CA GLU G 281 12.55 13.60 -31.98
C GLU G 281 13.25 14.27 -33.15
N ILE G 282 14.57 14.43 -33.04
CA ILE G 282 15.36 15.01 -34.12
C ILE G 282 15.37 14.05 -35.32
N LEU G 283 15.65 12.77 -35.05
CA LEU G 283 15.64 11.77 -36.10
C LEU G 283 14.30 11.69 -36.83
N GLU G 284 13.19 11.72 -36.08
CA GLU G 284 11.86 11.61 -36.66
C GLU G 284 11.61 12.75 -37.66
N ALA G 285 12.09 13.95 -37.33
CA ALA G 285 11.84 15.15 -38.12
C ALA G 285 12.78 15.30 -39.33
N SER G 286 13.92 14.62 -39.26
CA SER G 286 15.00 14.78 -40.24
C SER G 286 14.99 13.72 -41.33
N ASP G 287 15.66 14.02 -42.44
CA ASP G 287 15.85 13.03 -43.51
C ASP G 287 17.05 12.14 -43.24
N GLY G 288 17.94 12.60 -42.37
CA GLY G 288 19.14 11.85 -41.99
C GLY G 288 19.91 12.60 -40.92
N ILE G 289 21.04 12.04 -40.51
CA ILE G 289 21.78 12.56 -39.37
C ILE G 289 23.27 12.52 -39.65
N MET G 290 23.99 13.50 -39.13
CA MET G 290 25.43 13.47 -39.12
C MET G 290 25.92 13.44 -37.66
N VAL G 291 26.83 12.52 -37.36
CA VAL G 291 27.51 12.56 -36.06
C VAL G 291 28.68 13.54 -36.22
N ALA G 292 28.46 14.77 -35.74
CA ALA G 292 29.42 15.86 -35.92
C ALA G 292 30.42 15.81 -34.79
N ARG G 293 31.41 14.94 -34.92
CA ARG G 293 32.21 14.57 -33.75
C ARG G 293 33.13 15.66 -33.22
N GLY G 294 33.47 16.64 -34.07
CA GLY G 294 34.35 17.74 -33.68
C GLY G 294 33.76 18.52 -32.52
N ASP G 295 32.66 19.22 -32.78
CA ASP G 295 31.95 19.94 -31.72
C ASP G 295 31.42 19.02 -30.62
N LEU G 296 30.94 17.83 -31.00
CA LEU G 296 30.39 16.91 -30.00
C LEU G 296 31.42 16.59 -28.92
N GLY G 297 32.68 16.36 -29.32
CA GLY G 297 33.75 15.98 -28.40
C GLY G 297 34.31 17.12 -27.55
N ILE G 298 33.84 18.35 -27.82
CA ILE G 298 34.16 19.50 -26.97
C ILE G 298 32.97 19.75 -26.02
N GLU G 299 31.75 19.60 -26.55
CA GLU G 299 30.52 19.81 -25.78
C GLU G 299 30.32 18.74 -24.70
N ILE G 300 30.68 17.50 -25.03
CA ILE G 300 30.61 16.41 -24.06
C ILE G 300 32.03 15.86 -23.88
N PRO G 301 32.30 15.15 -22.76
CA PRO G 301 33.64 14.58 -22.58
C PRO G 301 34.04 13.73 -23.80
N ALA G 302 35.26 13.96 -24.28
CA ALA G 302 35.73 13.33 -25.51
C ALA G 302 35.66 11.81 -25.41
N GLU G 303 35.87 11.29 -24.20
CA GLU G 303 35.84 9.84 -23.99
C GLU G 303 34.46 9.21 -24.13
N LYS G 304 33.43 10.04 -24.25
CA LYS G 304 32.06 9.53 -24.43
C LYS G 304 31.56 9.58 -25.87
N VAL G 305 32.34 10.18 -26.77
CA VAL G 305 31.87 10.38 -28.15
C VAL G 305 31.51 9.05 -28.86
N PHE G 306 32.32 8.00 -28.64
CA PHE G 306 32.03 6.71 -29.26
C PHE G 306 30.66 6.15 -28.85
N LEU G 307 30.21 6.48 -27.62
CA LEU G 307 28.90 6.04 -27.15
C LEU G 307 27.79 6.68 -27.97
N ALA G 308 27.90 7.99 -28.14
CA ALA G 308 26.94 8.74 -28.92
C ALA G 308 26.98 8.29 -30.38
N GLN G 309 28.18 8.06 -30.90
CA GLN G 309 28.31 7.62 -32.29
C GLN G 309 27.61 6.27 -32.51
N LYS G 310 27.86 5.31 -31.63
CA LYS G 310 27.29 3.98 -31.82
C LYS G 310 25.78 3.99 -31.60
N MET G 311 25.31 4.75 -30.62
CA MET G 311 23.88 4.89 -30.36
C MET G 311 23.17 5.50 -31.57
N ILE G 312 23.73 6.58 -32.10
CA ILE G 312 23.08 7.31 -33.17
C ILE G 312 23.06 6.46 -34.45
N ILE G 313 24.19 5.83 -34.76
CA ILE G 313 24.25 4.98 -35.95
C ILE G 313 23.26 3.83 -35.82
N GLY G 314 23.23 3.20 -34.65
CA GLY G 314 22.27 2.12 -34.39
C GLY G 314 20.83 2.56 -34.62
N ARG G 315 20.45 3.69 -34.04
CA ARG G 315 19.07 4.17 -34.13
C ARG G 315 18.69 4.59 -35.55
N CYS G 316 19.64 5.19 -36.26
CA CYS G 316 19.44 5.53 -37.67
C CYS G 316 19.27 4.28 -38.51
N ASN G 317 20.10 3.26 -38.24
CA ASN G 317 19.97 2.00 -38.96
C ASN G 317 18.59 1.40 -38.77
N ARG G 318 18.10 1.45 -37.53
CA ARG G 318 16.77 0.91 -37.16
C ARG G 318 15.66 1.58 -37.94
N ALA G 319 15.80 2.89 -38.11
CA ALA G 319 14.81 3.71 -38.80
C ALA G 319 14.94 3.68 -40.33
N GLY G 320 16.09 3.19 -40.80
CA GLY G 320 16.40 3.22 -42.24
C GLY G 320 16.68 4.62 -42.76
N LYS G 321 17.20 5.49 -41.90
CA LYS G 321 17.54 6.86 -42.28
C LYS G 321 19.06 7.01 -42.34
N PRO G 322 19.57 7.69 -43.39
CA PRO G 322 21.02 7.84 -43.58
C PRO G 322 21.71 8.45 -42.38
N VAL G 323 22.89 7.93 -42.08
CA VAL G 323 23.72 8.49 -41.05
C VAL G 323 25.15 8.64 -41.55
N ILE G 324 25.73 9.80 -41.27
CA ILE G 324 27.08 10.13 -41.68
C ILE G 324 27.99 10.19 -40.45
N CYS G 325 29.16 9.54 -40.53
CA CYS G 325 30.18 9.69 -39.48
C CYS G 325 31.18 10.74 -39.98
N ALA G 326 31.40 11.77 -39.16
CA ALA G 326 32.22 12.91 -39.58
C ALA G 326 33.33 13.26 -38.61
N THR G 327 34.41 13.82 -39.18
CA THR G 327 35.41 14.63 -38.48
C THR G 327 36.63 13.90 -37.90
N GLN G 328 37.80 14.30 -38.42
CA GLN G 328 39.12 13.78 -37.99
CA GLN G 328 39.12 13.78 -37.99
C GLN G 328 39.31 12.29 -38.24
N MET G 329 38.55 11.73 -39.18
CA MET G 329 38.67 10.29 -39.47
C MET G 329 40.07 9.93 -39.98
N LEU G 330 40.63 10.80 -40.83
CA LEU G 330 41.97 10.59 -41.38
C LEU G 330 42.84 11.85 -41.17
N GLU G 331 42.69 12.47 -40.01
CA GLU G 331 43.23 13.81 -39.74
C GLU G 331 44.72 14.00 -40.09
N SER G 332 45.54 13.02 -39.73
CA SER G 332 46.99 13.13 -39.94
C SER G 332 47.33 13.26 -41.41
N MET G 333 46.41 12.82 -42.29
CA MET G 333 46.61 12.91 -43.74
C MET G 333 46.53 14.32 -44.32
N ILE G 334 46.22 15.32 -43.47
CA ILE G 334 46.33 16.72 -43.89
C ILE G 334 47.80 17.01 -44.22
N LYS G 335 48.70 16.39 -43.46
CA LYS G 335 50.14 16.62 -43.63
C LYS G 335 50.95 15.40 -44.10
N LYS G 336 50.38 14.20 -43.98
CA LYS G 336 51.10 12.96 -44.29
C LYS G 336 50.36 12.12 -45.32
N PRO G 337 51.11 11.38 -46.18
CA PRO G 337 50.45 10.60 -47.25
C PRO G 337 49.82 9.28 -46.83
N ARG G 338 50.05 8.89 -45.57
CA ARG G 338 49.52 7.65 -45.00
CA ARG G 338 49.49 7.67 -45.01
C ARG G 338 48.88 7.98 -43.65
N PRO G 339 47.76 7.31 -43.30
CA PRO G 339 47.09 7.62 -42.04
C PRO G 339 47.76 6.93 -40.85
N THR G 340 47.36 7.30 -39.63
CA THR G 340 47.84 6.57 -38.45
C THR G 340 47.05 5.28 -38.28
N ARG G 341 47.53 4.41 -37.40
CA ARG G 341 46.82 3.16 -37.15
C ARG G 341 45.45 3.42 -36.50
N ALA G 342 45.35 4.46 -35.68
CA ALA G 342 44.08 4.87 -35.06
C ALA G 342 43.06 5.32 -36.11
N GLU G 343 43.54 6.02 -37.13
CA GLU G 343 42.69 6.53 -38.20
C GLU G 343 42.16 5.38 -39.07
N GLY G 344 43.04 4.43 -39.41
CA GLY G 344 42.59 3.24 -40.12
C GLY G 344 41.49 2.52 -39.34
N SER G 345 41.72 2.35 -38.04
CA SER G 345 40.73 1.70 -37.17
C SER G 345 39.41 2.48 -37.11
N ASP G 346 39.50 3.80 -36.98
CA ASP G 346 38.32 4.65 -36.87
C ASP G 346 37.41 4.49 -38.11
N VAL G 347 38.00 4.57 -39.29
CA VAL G 347 37.20 4.40 -40.51
C VAL G 347 36.56 3.00 -40.58
N ALA G 348 37.35 1.96 -40.31
CA ALA G 348 36.80 0.60 -40.36
C ALA G 348 35.66 0.43 -39.37
N ASN G 349 35.85 0.92 -38.15
CA ASN G 349 34.83 0.76 -37.11
C ASN G 349 33.57 1.58 -37.37
N ALA G 350 33.68 2.74 -38.02
CA ALA G 350 32.48 3.48 -38.42
C ALA G 350 31.67 2.68 -39.43
N VAL G 351 32.35 2.01 -40.35
CA VAL G 351 31.65 1.17 -41.33
C VAL G 351 31.03 -0.06 -40.65
N LEU G 352 31.78 -0.68 -39.74
CA LEU G 352 31.24 -1.82 -38.97
C LEU G 352 30.05 -1.39 -38.10
N ASP G 353 30.10 -0.16 -37.59
CA ASP G 353 29.02 0.36 -36.75
C ASP G 353 27.72 0.45 -37.56
N GLY G 354 27.85 0.76 -38.84
CA GLY G 354 26.74 0.85 -39.78
C GLY G 354 26.57 2.20 -40.48
N ALA G 355 27.59 3.06 -40.44
CA ALA G 355 27.47 4.38 -41.06
C ALA G 355 27.18 4.26 -42.56
N ASP G 356 26.20 5.01 -43.04
CA ASP G 356 25.93 5.02 -44.48
C ASP G 356 27.03 5.69 -45.27
N CYS G 357 27.51 6.81 -44.73
CA CYS G 357 28.59 7.57 -45.32
C CYS G 357 29.64 7.91 -44.29
N ILE G 358 30.86 8.10 -44.79
CA ILE G 358 31.98 8.62 -43.99
C ILE G 358 32.46 9.91 -44.66
N MET G 359 33.10 10.77 -43.87
CA MET G 359 33.35 12.14 -44.35
C MET G 359 34.81 12.52 -44.19
N LEU G 360 35.24 13.44 -45.05
CA LEU G 360 36.55 14.08 -44.95
C LEU G 360 36.32 15.59 -44.91
N SER G 361 37.04 16.26 -44.03
CA SER G 361 36.96 17.71 -43.85
C SER G 361 38.27 18.36 -44.28
N GLY G 362 39.15 18.70 -43.33
CA GLY G 362 40.45 19.31 -43.68
C GLY G 362 41.30 18.45 -44.62
N GLU G 363 41.15 17.13 -44.50
CA GLU G 363 41.87 16.17 -45.33
C GLU G 363 41.72 16.44 -46.82
N THR G 364 40.51 16.84 -47.23
CA THR G 364 40.27 17.19 -48.64
C THR G 364 40.15 18.70 -48.87
N ALA G 365 39.70 19.44 -47.87
CA ALA G 365 39.50 20.89 -48.06
C ALA G 365 40.81 21.66 -48.20
N LYS G 366 41.79 21.35 -47.36
CA LYS G 366 43.00 22.18 -47.26
C LYS G 366 44.30 21.39 -47.24
N GLY G 367 44.19 20.07 -47.04
CA GLY G 367 45.36 19.22 -46.88
C GLY G 367 46.25 19.05 -48.11
N ASP G 368 47.40 18.42 -47.89
CA ASP G 368 48.40 18.19 -48.93
C ASP G 368 48.19 16.91 -49.72
N TYR G 369 47.25 16.07 -49.25
CA TYR G 369 47.02 14.74 -49.81
C TYR G 369 45.53 14.41 -49.97
N PRO G 370 44.77 15.31 -50.64
CA PRO G 370 43.32 15.08 -50.75
C PRO G 370 42.97 13.78 -51.45
N LEU G 371 43.66 13.47 -52.55
CA LEU G 371 43.35 12.27 -53.32
C LEU G 371 43.67 11.00 -52.53
N GLU G 372 44.80 11.03 -51.82
CA GLU G 372 45.21 9.89 -51.01
C GLU G 372 44.20 9.60 -49.90
N ALA G 373 43.65 10.67 -49.31
CA ALA G 373 42.65 10.53 -48.26
C ALA G 373 41.37 9.88 -48.79
N VAL G 374 40.90 10.31 -49.96
CA VAL G 374 39.70 9.71 -50.57
C VAL G 374 39.97 8.24 -50.87
N ARG G 375 41.13 7.97 -51.48
CA ARG G 375 41.50 6.60 -51.85
C ARG G 375 41.58 5.70 -50.63
N MET G 376 42.06 6.25 -49.51
CA MET G 376 42.18 5.45 -48.28
C MET G 376 40.82 5.12 -47.68
N GLN G 377 39.90 6.09 -47.67
CA GLN G 377 38.52 5.81 -47.24
C GLN G 377 37.88 4.72 -48.09
N HIS G 378 38.09 4.79 -49.40
CA HIS G 378 37.61 3.75 -50.32
C HIS G 378 38.16 2.36 -49.97
N LEU G 379 39.47 2.25 -49.80
CA LEU G 379 40.11 0.97 -49.47
C LEU G 379 39.63 0.38 -48.14
N ILE G 380 39.62 1.21 -47.09
CA ILE G 380 39.21 0.72 -45.78
C ILE G 380 37.73 0.32 -45.80
N ALA G 381 36.89 1.16 -46.39
CA ALA G 381 35.44 0.86 -46.45
C ALA G 381 35.19 -0.52 -47.05
N ARG G 382 35.83 -0.82 -48.17
CA ARG G 382 35.60 -2.09 -48.83
C ARG G 382 35.97 -3.28 -47.94
N GLU G 383 37.10 -3.15 -47.23
CA GLU G 383 37.52 -4.22 -46.33
C GLU G 383 36.52 -4.39 -45.18
N ALA G 384 36.10 -3.26 -44.60
CA ALA G 384 35.20 -3.29 -43.45
C ALA G 384 33.80 -3.80 -43.83
N GLU G 385 33.37 -3.47 -45.05
CA GLU G 385 32.05 -3.92 -45.55
C GLU G 385 31.97 -5.44 -45.57
N ALA G 386 33.04 -6.09 -46.03
CA ALA G 386 33.09 -7.55 -46.08
C ALA G 386 33.04 -8.15 -44.67
N ALA G 387 33.64 -7.44 -43.72
CA ALA G 387 33.80 -7.91 -42.35
C ALA G 387 32.57 -7.71 -41.46
N MET G 388 31.53 -7.08 -42.02
CA MET G 388 30.24 -7.02 -41.31
C MET G 388 29.71 -8.43 -41.07
N PHE G 389 28.91 -8.60 -40.03
CA PHE G 389 28.31 -9.89 -39.75
C PHE G 389 26.86 -9.86 -40.28
N HIS G 390 26.72 -9.98 -41.60
CA HIS G 390 25.43 -9.69 -42.25
C HIS G 390 24.29 -10.53 -41.72
N ARG G 391 24.54 -11.82 -41.47
CA ARG G 391 23.44 -12.70 -41.04
C ARG G 391 22.83 -12.17 -39.76
N LYS G 392 23.67 -11.85 -38.76
CA LYS G 392 23.17 -11.31 -37.49
C LYS G 392 22.53 -9.93 -37.65
N LEU G 393 23.20 -9.08 -38.43
CA LEU G 393 22.72 -7.72 -38.65
C LEU G 393 21.30 -7.74 -39.21
N PHE G 394 21.10 -8.55 -40.24
CA PHE G 394 19.79 -8.66 -40.90
C PHE G 394 18.73 -9.13 -39.90
N GLU G 395 19.05 -10.18 -39.14
CA GLU G 395 18.13 -10.73 -38.12
C GLU G 395 17.74 -9.63 -37.14
N GLU G 396 18.72 -8.85 -36.71
CA GLU G 396 18.48 -7.82 -35.70
C GLU G 396 17.69 -6.64 -36.24
N LEU G 397 17.94 -6.28 -37.49
CA LEU G 397 17.19 -5.22 -38.15
C LEU G 397 15.74 -5.64 -38.36
N ALA G 398 15.55 -6.88 -38.80
CA ALA G 398 14.21 -7.48 -38.95
C ALA G 398 13.43 -7.42 -37.64
N ARG G 399 14.06 -7.81 -36.54
CA ARG G 399 13.43 -7.80 -35.23
CA ARG G 399 13.39 -7.79 -35.26
C ARG G 399 13.00 -6.38 -34.84
N ALA G 400 13.90 -5.42 -35.03
CA ALA G 400 13.66 -4.03 -34.63
C ALA G 400 12.46 -3.40 -35.36
N SER G 401 12.26 -3.75 -36.63
CA SER G 401 11.22 -3.15 -37.47
CA SER G 401 11.19 -3.14 -37.42
C SER G 401 9.95 -4.01 -37.55
N SER G 402 9.90 -5.08 -36.77
CA SER G 402 8.81 -6.07 -36.86
C SER G 402 7.38 -5.52 -36.68
N GLN G 403 7.24 -4.36 -36.03
CA GLN G 403 5.93 -3.73 -35.86
C GLN G 403 5.37 -3.21 -37.19
N SER G 404 6.26 -2.95 -38.14
CA SER G 404 5.86 -2.52 -39.48
C SER G 404 5.56 -3.72 -40.36
N THR G 405 4.46 -3.62 -41.11
CA THR G 405 4.08 -4.64 -42.09
C THR G 405 4.07 -4.04 -43.50
N ASP G 406 4.82 -2.95 -43.67
CA ASP G 406 4.93 -2.22 -44.94
C ASP G 406 5.30 -3.12 -46.11
N LEU G 407 4.56 -2.98 -47.22
CA LEU G 407 4.78 -3.85 -48.40
C LEU G 407 6.15 -3.71 -49.04
N MET G 408 6.64 -2.49 -49.20
CA MET G 408 7.99 -2.31 -49.74
C MET G 408 9.08 -2.92 -48.83
N GLU G 409 8.93 -2.74 -47.52
CA GLU G 409 9.84 -3.38 -46.57
C GLU G 409 9.83 -4.90 -46.77
N ALA G 410 8.64 -5.46 -46.98
CA ALA G 410 8.52 -6.90 -47.22
C ALA G 410 9.28 -7.31 -48.48
N MET G 411 9.08 -6.57 -49.57
CA MET G 411 9.85 -6.81 -50.80
C MET G 411 11.35 -6.68 -50.56
N ALA G 412 11.75 -5.65 -49.81
CA ALA G 412 13.16 -5.41 -49.54
C ALA G 412 13.79 -6.55 -48.73
N MET G 413 13.10 -6.98 -47.68
CA MET G 413 13.60 -8.05 -46.83
C MET G 413 13.69 -9.36 -47.60
N GLY G 414 12.65 -9.65 -48.40
CA GLY G 414 12.66 -10.88 -49.22
C GLY G 414 13.82 -10.87 -50.20
N SER G 415 14.05 -9.71 -50.82
CA SER G 415 15.11 -9.56 -51.82
C SER G 415 16.50 -9.67 -51.22
N VAL G 416 16.68 -9.05 -50.05
CA VAL G 416 17.97 -9.11 -49.37
C VAL G 416 18.23 -10.58 -48.92
N GLU G 417 17.20 -11.20 -48.35
CA GLU G 417 17.27 -12.61 -47.96
CA GLU G 417 17.29 -12.61 -47.95
C GLU G 417 17.67 -13.49 -49.16
N ALA G 418 16.99 -13.30 -50.29
CA ALA G 418 17.32 -14.06 -51.49
C ALA G 418 18.77 -13.80 -51.94
N SER G 419 19.21 -12.54 -51.82
CA SER G 419 20.58 -12.17 -52.20
C SER G 419 21.63 -12.87 -51.35
N TYR G 420 21.34 -13.05 -50.07
CA TYR G 420 22.25 -13.81 -49.20
C TYR G 420 22.28 -15.28 -49.61
N LYS G 421 21.11 -15.85 -49.88
CA LYS G 421 21.01 -17.29 -50.11
C LYS G 421 21.78 -17.74 -51.34
N CYS G 422 21.62 -17.00 -52.45
CA CYS G 422 22.22 -17.41 -53.72
C CYS G 422 23.54 -16.66 -54.01
N LEU G 423 24.01 -15.92 -53.01
CA LEU G 423 25.23 -15.11 -53.09
C LEU G 423 25.19 -14.28 -54.37
N ALA G 424 24.07 -13.58 -54.55
CA ALA G 424 23.85 -12.71 -55.72
C ALA G 424 24.94 -11.66 -55.81
N ALA G 425 25.31 -11.28 -57.04
CA ALA G 425 26.40 -10.32 -57.24
C ALA G 425 25.94 -8.86 -57.10
N ALA G 426 24.62 -8.66 -57.14
CA ALA G 426 24.03 -7.33 -57.07
C ALA G 426 22.53 -7.43 -56.90
N LEU G 427 21.93 -6.33 -56.44
CA LEU G 427 20.48 -6.13 -56.54
C LEU G 427 20.22 -4.95 -57.44
N ILE G 428 19.42 -5.15 -58.48
CA ILE G 428 19.11 -4.07 -59.41
C ILE G 428 17.74 -3.53 -59.06
N VAL G 429 17.62 -2.23 -58.89
CA VAL G 429 16.35 -1.66 -58.45
C VAL G 429 15.98 -0.51 -59.37
N LEU G 430 14.79 -0.61 -59.99
CA LEU G 430 14.28 0.47 -60.83
C LEU G 430 13.43 1.38 -59.95
N THR G 431 13.80 2.66 -59.87
CA THR G 431 13.18 3.57 -58.89
C THR G 431 13.19 5.00 -59.39
N GLU G 432 12.08 5.72 -59.21
CA GLU G 432 12.03 7.13 -59.65
C GLU G 432 12.28 8.06 -58.45
N SER G 433 11.66 7.75 -57.31
CA SER G 433 11.82 8.56 -56.11
C SER G 433 13.01 8.12 -55.27
N GLY G 434 13.48 6.89 -55.51
CA GLY G 434 14.54 6.30 -54.70
C GLY G 434 14.00 5.41 -53.60
N ARG G 435 12.72 5.54 -53.27
CA ARG G 435 12.17 4.90 -52.06
C ARG G 435 12.40 3.41 -52.00
N SER G 436 12.15 2.73 -53.12
CA SER G 436 12.31 1.27 -53.17
C SER G 436 13.76 0.86 -52.90
N ALA G 437 14.71 1.60 -53.49
CA ALA G 437 16.13 1.32 -53.26
C ALA G 437 16.55 1.63 -51.83
N HIS G 438 15.98 2.69 -51.25
CA HIS G 438 16.29 3.05 -49.86
C HIS G 438 15.92 1.92 -48.92
N GLN G 439 14.77 1.29 -49.17
CA GLN G 439 14.29 0.20 -48.30
C GLN G 439 15.17 -1.05 -48.43
N VAL G 440 15.67 -1.32 -49.63
CA VAL G 440 16.64 -2.40 -49.81
C VAL G 440 17.93 -2.08 -49.03
N ALA G 441 18.42 -0.85 -49.15
CA ALA G 441 19.66 -0.46 -48.46
C ALA G 441 19.55 -0.64 -46.95
N ARG G 442 18.41 -0.28 -46.40
CA ARG G 442 18.20 -0.36 -44.97
C ARG G 442 18.38 -1.77 -44.39
N TYR G 443 18.13 -2.79 -45.21
CA TYR G 443 18.30 -4.19 -44.78
C TYR G 443 19.67 -4.80 -45.08
N ARG G 444 20.59 -3.95 -45.54
CA ARG G 444 22.03 -4.25 -45.56
C ARG G 444 22.44 -5.56 -46.27
N PRO G 445 22.16 -5.64 -47.57
CA PRO G 445 22.73 -6.75 -48.35
C PRO G 445 24.24 -6.57 -48.41
N ARG G 446 25.00 -7.62 -48.65
CA ARG G 446 26.43 -7.43 -48.91
C ARG G 446 26.69 -6.99 -50.36
N ALA G 447 25.84 -7.42 -51.28
CA ALA G 447 25.99 -7.08 -52.68
C ALA G 447 25.57 -5.63 -52.95
N PRO G 448 26.21 -4.99 -53.95
CA PRO G 448 25.86 -3.62 -54.30
C PRO G 448 24.42 -3.51 -54.84
N ILE G 449 23.78 -2.37 -54.60
CA ILE G 449 22.43 -2.11 -55.10
C ILE G 449 22.55 -1.12 -56.26
N ILE G 450 22.31 -1.59 -57.48
CA ILE G 450 22.39 -0.70 -58.63
C ILE G 450 21.00 -0.13 -58.84
N ALA G 451 20.83 1.15 -58.52
CA ALA G 451 19.53 1.80 -58.62
C ALA G 451 19.49 2.59 -59.90
N VAL G 452 18.64 2.15 -60.83
CA VAL G 452 18.49 2.86 -62.10
C VAL G 452 17.32 3.82 -62.02
N THR G 453 17.58 5.08 -62.35
CA THR G 453 16.57 6.12 -62.24
C THR G 453 16.68 7.11 -63.38
N ARG G 454 15.55 7.67 -63.79
CA ARG G 454 15.56 8.78 -64.76
C ARG G 454 15.53 10.13 -64.05
N ASN G 455 15.41 10.09 -62.72
CA ASN G 455 15.41 11.30 -61.90
C ASN G 455 16.83 11.60 -61.42
N HIS G 456 17.40 12.68 -61.94
CA HIS G 456 18.81 13.02 -61.68
C HIS G 456 19.04 13.36 -60.21
N GLN G 457 18.07 14.01 -59.58
CA GLN G 457 18.18 14.38 -58.18
C GLN G 457 18.10 13.14 -57.29
N THR G 458 17.21 12.21 -57.63
CA THR G 458 17.15 10.92 -56.94
C THR G 458 18.51 10.25 -56.97
N ALA G 459 19.14 10.27 -58.15
CA ALA G 459 20.46 9.67 -58.32
C ALA G 459 21.50 10.30 -57.42
N ARG G 460 21.56 11.63 -57.38
CA ARG G 460 22.54 12.29 -56.50
C ARG G 460 22.28 12.04 -55.01
N GLN G 461 21.01 12.11 -54.59
CA GLN G 461 20.67 11.90 -53.18
C GLN G 461 20.85 10.46 -52.71
N ALA G 462 20.89 9.51 -53.66
CA ALA G 462 21.01 8.09 -53.34
C ALA G 462 22.33 7.80 -52.63
N HIS G 463 23.31 8.68 -52.82
CA HIS G 463 24.62 8.54 -52.18
C HIS G 463 24.57 8.57 -50.66
N LEU G 464 23.46 9.06 -50.10
CA LEU G 464 23.28 9.06 -48.65
C LEU G 464 23.07 7.67 -48.05
N TYR G 465 22.80 6.66 -48.88
CA TYR G 465 22.41 5.33 -48.40
C TYR G 465 23.47 4.29 -48.69
N ARG G 466 23.79 3.48 -47.68
CA ARG G 466 24.81 2.44 -47.84
C ARG G 466 24.47 1.53 -49.01
N GLY G 467 25.43 1.35 -49.91
CA GLY G 467 25.32 0.33 -50.95
C GLY G 467 24.55 0.68 -52.20
N ILE G 468 23.95 1.87 -52.22
CA ILE G 468 23.24 2.27 -53.44
C ILE G 468 24.21 2.92 -54.41
N PHE G 469 24.33 2.30 -55.59
CA PHE G 469 25.17 2.75 -56.67
C PHE G 469 24.21 3.30 -57.73
N PRO G 470 23.94 4.62 -57.69
CA PRO G 470 22.93 5.18 -58.59
C PRO G 470 23.39 5.24 -60.04
N VAL G 471 22.46 4.96 -60.94
CA VAL G 471 22.73 5.02 -62.38
C VAL G 471 21.63 5.85 -63.01
N VAL G 472 22.03 6.92 -63.70
CA VAL G 472 21.07 7.77 -64.40
C VAL G 472 20.76 7.18 -65.76
N CYS G 473 19.48 6.94 -66.01
CA CYS G 473 19.03 6.51 -67.32
C CYS G 473 18.60 7.75 -68.11
N LYS G 474 19.22 7.95 -69.27
CA LYS G 474 18.93 9.10 -70.13
C LYS G 474 18.14 8.74 -71.40
N ASP G 475 17.88 7.44 -71.58
CA ASP G 475 17.11 6.95 -72.71
C ASP G 475 15.67 7.46 -72.61
N PRO G 476 15.05 7.75 -73.78
CA PRO G 476 13.61 8.02 -73.81
C PRO G 476 12.78 6.89 -73.21
N VAL G 477 11.64 7.24 -72.64
CA VAL G 477 10.68 6.26 -72.14
C VAL G 477 10.12 5.46 -73.32
N GLN G 478 10.21 4.14 -73.23
CA GLN G 478 9.67 3.24 -74.26
C GLN G 478 8.16 3.09 -74.13
N GLU G 479 7.52 2.87 -75.27
CA GLU G 479 6.07 2.77 -75.38
C GLU G 479 5.51 1.62 -74.54
N ALA G 480 6.13 0.46 -74.65
CA ALA G 480 5.67 -0.73 -73.93
C ALA G 480 6.38 -0.78 -72.58
N TRP G 481 5.61 -0.94 -71.51
CA TRP G 481 6.18 -0.99 -70.16
C TRP G 481 7.26 -2.06 -70.02
N ALA G 482 6.99 -3.24 -70.56
CA ALA G 482 7.94 -4.35 -70.48
C ALA G 482 9.27 -4.02 -71.15
N GLU G 483 9.21 -3.34 -72.28
CA GLU G 483 10.41 -2.93 -72.99
C GLU G 483 11.18 -1.84 -72.24
N ASP G 484 10.44 -0.92 -71.61
CA ASP G 484 11.08 0.15 -70.84
C ASP G 484 11.78 -0.41 -69.60
N VAL G 485 11.13 -1.37 -68.95
CA VAL G 485 11.73 -2.06 -67.80
C VAL G 485 12.99 -2.81 -68.26
N ASP G 486 12.90 -3.56 -69.36
CA ASP G 486 14.04 -4.33 -69.84
C ASP G 486 15.22 -3.43 -70.18
N LEU G 487 14.94 -2.28 -70.80
CA LEU G 487 15.97 -1.30 -71.18
C LEU G 487 16.77 -0.86 -69.96
N ARG G 488 16.06 -0.56 -68.88
CA ARG G 488 16.71 -0.09 -67.64
C ARG G 488 17.48 -1.18 -66.91
N VAL G 489 16.91 -2.39 -66.87
CA VAL G 489 17.60 -3.55 -66.31
C VAL G 489 18.89 -3.85 -67.12
N ASN G 490 18.80 -3.79 -68.44
CA ASN G 490 19.97 -4.00 -69.30
C ASN G 490 21.06 -2.95 -69.06
N LEU G 491 20.67 -1.70 -68.80
CA LEU G 491 21.61 -0.65 -68.44
C LEU G 491 22.36 -1.01 -67.16
N ALA G 492 21.62 -1.46 -66.16
CA ALA G 492 22.24 -1.91 -64.92
C ALA G 492 23.21 -3.07 -65.17
N MET G 493 22.81 -4.04 -65.99
CA MET G 493 23.67 -5.17 -66.35
C MET G 493 24.97 -4.67 -66.98
N ASN G 494 24.85 -3.75 -67.92
CA ASN G 494 26.03 -3.18 -68.59
C ASN G 494 26.95 -2.41 -67.65
N VAL G 495 26.35 -1.63 -66.75
CA VAL G 495 27.12 -0.91 -65.72
C VAL G 495 27.87 -1.88 -64.81
N GLY G 496 27.17 -2.91 -64.32
CA GLY G 496 27.79 -3.89 -63.43
C GLY G 496 28.96 -4.61 -64.09
N LYS G 497 28.79 -4.99 -65.35
CA LYS G 497 29.86 -5.67 -66.08
C LYS G 497 31.07 -4.77 -66.31
N ALA G 498 30.81 -3.52 -66.66
CA ALA G 498 31.89 -2.56 -66.95
C ALA G 498 32.67 -2.19 -65.69
N ARG G 499 31.96 -2.15 -64.56
CA ARG G 499 32.56 -1.81 -63.27
C ARG G 499 33.18 -3.02 -62.55
N GLY G 500 33.03 -4.20 -63.14
CA GLY G 500 33.57 -5.44 -62.57
C GLY G 500 32.83 -5.95 -61.34
N PHE G 501 31.56 -5.57 -61.21
CA PHE G 501 30.72 -6.07 -60.12
C PHE G 501 30.28 -7.51 -60.39
N PHE G 502 30.13 -7.83 -61.67
CA PHE G 502 29.74 -9.17 -62.08
C PHE G 502 30.09 -9.45 -63.54
N LYS G 503 29.93 -10.72 -63.91
CA LYS G 503 30.17 -11.16 -65.29
C LYS G 503 29.07 -12.13 -65.69
N LYS G 504 29.03 -12.45 -66.99
CA LYS G 504 28.06 -13.39 -67.53
C LYS G 504 28.05 -14.67 -66.69
N GLY G 505 26.85 -15.12 -66.35
CA GLY G 505 26.71 -16.35 -65.58
C GLY G 505 26.58 -16.18 -64.07
N ASP G 506 26.90 -14.99 -63.56
CA ASP G 506 26.58 -14.63 -62.17
C ASP G 506 25.07 -14.44 -62.05
N VAL G 507 24.57 -14.33 -60.84
CA VAL G 507 23.14 -14.12 -60.59
CA VAL G 507 23.14 -14.06 -60.66
C VAL G 507 22.92 -12.76 -59.91
N VAL G 508 21.83 -12.10 -60.27
CA VAL G 508 21.44 -10.85 -59.59
C VAL G 508 19.97 -10.91 -59.19
N ILE G 509 19.60 -10.13 -58.19
CA ILE G 509 18.21 -9.97 -57.79
C ILE G 509 17.72 -8.70 -58.48
N VAL G 510 16.53 -8.76 -59.10
CA VAL G 510 16.02 -7.61 -59.85
C VAL G 510 14.65 -7.19 -59.31
N LEU G 511 14.56 -5.93 -58.90
CA LEU G 511 13.32 -5.36 -58.35
C LEU G 511 12.73 -4.33 -59.31
N THR G 512 11.49 -4.58 -59.73
CA THR G 512 10.80 -3.71 -60.70
C THR G 512 9.34 -3.56 -60.32
N GLY G 513 8.63 -2.66 -60.99
CA GLY G 513 7.18 -2.56 -60.86
C GLY G 513 6.48 -3.41 -61.91
N TRP G 514 5.42 -4.10 -61.50
CA TRP G 514 4.67 -4.97 -62.41
C TRP G 514 4.03 -4.17 -63.54
N ARG G 515 3.49 -3.00 -63.18
CA ARG G 515 2.79 -2.12 -64.12
C ARG G 515 3.33 -0.70 -63.94
N PRO G 516 3.10 0.19 -64.93
CA PRO G 516 3.57 1.57 -64.76
C PRO G 516 2.99 2.25 -63.51
N GLY G 517 1.77 1.88 -63.14
CA GLY G 517 1.09 2.45 -61.97
C GLY G 517 1.48 1.86 -60.62
N SER G 518 2.28 0.79 -60.62
CA SER G 518 2.79 0.22 -59.37
C SER G 518 3.54 1.32 -58.60
N GLY G 519 3.22 1.46 -57.32
CA GLY G 519 3.76 2.55 -56.50
C GLY G 519 5.08 2.26 -55.83
N PHE G 520 5.59 1.06 -56.04
CA PHE G 520 6.88 0.61 -55.50
C PHE G 520 7.30 -0.62 -56.31
N THR G 521 8.50 -1.13 -56.07
CA THR G 521 8.96 -2.34 -56.76
C THR G 521 8.31 -3.57 -56.12
N ASN G 522 7.17 -3.97 -56.68
CA ASN G 522 6.38 -5.10 -56.15
C ASN G 522 6.73 -6.42 -56.81
N THR G 523 7.79 -6.42 -57.62
CA THR G 523 8.18 -7.59 -58.39
C THR G 523 9.66 -7.89 -58.19
N MET G 524 9.97 -9.09 -57.72
N MET G 524 9.97 -9.07 -57.68
CA MET G 524 11.35 -9.55 -57.48
CA MET G 524 11.35 -9.53 -57.54
C MET G 524 11.68 -10.80 -58.31
C MET G 524 11.60 -10.72 -58.46
N ARG G 525 12.80 -10.75 -59.04
CA ARG G 525 13.25 -11.90 -59.81
C ARG G 525 14.70 -12.24 -59.50
N VAL G 526 15.04 -13.52 -59.61
CA VAL G 526 16.44 -13.95 -59.68
CA VAL G 526 16.44 -13.93 -59.68
C VAL G 526 16.78 -14.14 -61.15
N VAL G 527 17.83 -13.46 -61.61
CA VAL G 527 18.14 -13.40 -63.02
C VAL G 527 19.64 -13.66 -63.26
N PRO G 528 19.97 -14.55 -64.22
CA PRO G 528 21.37 -14.69 -64.61
C PRO G 528 21.85 -13.46 -65.39
N VAL G 529 23.11 -13.07 -65.16
CA VAL G 529 23.73 -12.00 -65.93
C VAL G 529 23.99 -12.55 -67.34
N PRO G 530 23.49 -11.85 -68.37
CA PRO G 530 23.69 -12.26 -69.77
C PRO G 530 25.12 -11.99 -70.25
N PHE H 11 -7.96 -5.63 -27.14
CA PHE H 11 -7.67 -6.39 -28.39
C PHE H 11 -6.66 -7.52 -28.13
N ILE H 12 -6.99 -8.71 -28.61
CA ILE H 12 -6.11 -9.87 -28.54
C ILE H 12 -5.70 -10.25 -29.97
N GLN H 13 -4.38 -10.25 -30.21
CA GLN H 13 -3.87 -10.62 -31.53
C GLN H 13 -4.21 -12.08 -31.84
N THR H 14 -4.64 -12.30 -33.07
CA THR H 14 -5.00 -13.62 -33.58
C THR H 14 -3.71 -14.40 -33.85
N GLN H 15 -3.87 -15.70 -34.10
CA GLN H 15 -2.81 -16.55 -34.67
C GLN H 15 -1.52 -16.55 -33.82
N GLN H 16 -1.68 -16.40 -32.50
CA GLN H 16 -0.54 -16.36 -31.58
C GLN H 16 0.52 -15.35 -32.02
N LEU H 17 0.10 -14.23 -32.61
CA LEU H 17 1.07 -13.26 -33.13
C LEU H 17 1.83 -12.53 -32.01
N HIS H 18 1.25 -12.47 -30.81
CA HIS H 18 2.02 -11.89 -29.70
C HIS H 18 3.19 -12.82 -29.35
N ALA H 19 2.90 -14.11 -29.21
CA ALA H 19 3.96 -15.08 -28.97
C ALA H 19 4.98 -15.11 -30.11
N ALA H 20 4.52 -14.84 -31.33
CA ALA H 20 5.39 -14.82 -32.51
C ALA H 20 6.56 -13.83 -32.36
N MET H 21 6.32 -12.75 -31.62
CA MET H 21 7.29 -11.65 -31.50
C MET H 21 8.25 -11.84 -30.33
N ALA H 22 8.19 -12.98 -29.66
CA ALA H 22 9.04 -13.26 -28.50
C ALA H 22 10.50 -13.33 -28.89
N ASP H 23 11.37 -13.00 -27.95
CA ASP H 23 12.81 -13.08 -28.16
C ASP H 23 13.40 -14.45 -27.83
N THR H 24 12.78 -15.15 -26.89
CA THR H 24 13.28 -16.46 -26.46
C THR H 24 12.17 -17.51 -26.54
N PHE H 25 12.54 -18.79 -26.57
CA PHE H 25 11.55 -19.87 -26.58
CA PHE H 25 11.51 -19.81 -26.61
C PHE H 25 10.68 -19.81 -25.33
N LEU H 26 11.31 -19.54 -24.19
CA LEU H 26 10.55 -19.49 -22.92
C LEU H 26 9.49 -18.39 -23.01
N GLU H 27 9.90 -17.22 -23.50
CA GLU H 27 8.98 -16.07 -23.68
CA GLU H 27 8.94 -16.11 -23.62
C GLU H 27 7.84 -16.45 -24.62
N HIS H 28 8.19 -17.15 -25.71
CA HIS H 28 7.20 -17.62 -26.69
C HIS H 28 6.14 -18.47 -26.00
N LYS H 29 6.59 -19.44 -25.19
CA LYS H 29 5.66 -20.31 -24.49
CA LYS H 29 5.70 -20.33 -24.43
C LYS H 29 4.79 -19.52 -23.51
N CYS H 30 5.42 -18.59 -22.77
CA CYS H 30 4.69 -17.78 -21.78
C CYS H 30 3.61 -16.91 -22.40
N ARG H 31 3.76 -16.62 -23.68
CA ARG H 31 2.82 -15.75 -24.38
C ARG H 31 1.68 -16.50 -25.07
N LEU H 32 1.73 -17.84 -25.10
CA LEU H 32 0.65 -18.60 -25.76
C LEU H 32 -0.71 -18.28 -25.12
N ASP H 33 -1.72 -18.07 -25.95
CA ASP H 33 -2.97 -17.47 -25.49
C ASP H 33 -4.17 -18.23 -26.03
N ILE H 34 -4.96 -18.84 -25.13
CA ILE H 34 -6.11 -19.63 -25.57
C ILE H 34 -7.18 -18.77 -26.22
N ASP H 35 -7.08 -17.45 -26.03
CA ASP H 35 -8.04 -16.51 -26.60
C ASP H 35 -7.55 -15.88 -27.91
N SER H 36 -6.41 -16.34 -28.40
CA SER H 36 -5.88 -15.89 -29.69
C SER H 36 -6.34 -16.88 -30.77
N ALA H 37 -7.31 -16.46 -31.59
CA ALA H 37 -7.96 -17.38 -32.54
C ALA H 37 -7.03 -17.80 -33.69
N PRO H 38 -7.01 -19.10 -34.02
CA PRO H 38 -6.23 -19.51 -35.20
C PRO H 38 -6.85 -18.99 -36.50
N ILE H 39 -6.10 -19.11 -37.60
CA ILE H 39 -6.66 -18.76 -38.91
C ILE H 39 -7.53 -19.90 -39.42
N THR H 40 -8.28 -19.63 -40.48
CA THR H 40 -9.14 -20.64 -41.08
C THR H 40 -8.35 -21.78 -41.72
N ALA H 41 -7.27 -21.45 -42.41
CA ALA H 41 -6.44 -22.45 -43.10
C ALA H 41 -5.79 -23.42 -42.11
N ARG H 42 -5.76 -24.69 -42.48
CA ARG H 42 -5.08 -25.75 -41.72
C ARG H 42 -4.02 -26.37 -42.61
N ASN H 43 -2.77 -26.26 -42.18
CA ASN H 43 -1.60 -26.63 -42.99
C ASN H 43 -1.15 -28.08 -42.91
N THR H 44 -1.41 -28.75 -41.80
CA THR H 44 -0.91 -30.12 -41.62
C THR H 44 -1.82 -31.12 -42.36
N GLY H 45 -1.22 -31.91 -43.25
CA GLY H 45 -1.97 -32.95 -44.00
C GLY H 45 -2.55 -34.02 -43.07
N ILE H 46 -3.76 -34.47 -43.37
CA ILE H 46 -4.42 -35.52 -42.58
C ILE H 46 -4.55 -36.78 -43.44
N ILE H 47 -3.92 -37.85 -42.98
CA ILE H 47 -3.93 -39.14 -43.65
C ILE H 47 -4.86 -40.07 -42.89
N CYS H 48 -5.85 -40.64 -43.57
CA CYS H 48 -6.85 -41.50 -42.90
C CYS H 48 -6.83 -42.92 -43.43
N THR H 49 -6.73 -43.89 -42.52
CA THR H 49 -6.78 -45.30 -42.92
C THR H 49 -8.23 -45.68 -43.16
N ILE H 50 -8.49 -46.25 -44.33
CA ILE H 50 -9.87 -46.60 -44.69
C ILE H 50 -10.11 -48.08 -44.36
N GLY H 51 -11.28 -48.34 -43.80
CA GLY H 51 -11.65 -49.68 -43.41
C GLY H 51 -13.16 -49.75 -43.31
N PRO H 52 -13.67 -50.79 -42.64
CA PRO H 52 -15.12 -51.00 -42.53
C PRO H 52 -15.92 -49.79 -42.04
N ALA H 53 -15.34 -48.97 -41.17
CA ALA H 53 -16.03 -47.79 -40.61
C ALA H 53 -16.09 -46.62 -41.57
N SER H 54 -15.25 -46.64 -42.61
CA SER H 54 -15.08 -45.46 -43.45
C SER H 54 -15.10 -45.71 -44.96
N ARG H 55 -15.38 -46.94 -45.36
CA ARG H 55 -15.34 -47.40 -46.77
C ARG H 55 -16.49 -46.92 -47.66
N SER H 56 -17.63 -46.58 -47.07
CA SER H 56 -18.79 -46.21 -47.89
C SER H 56 -18.59 -44.87 -48.55
N VAL H 57 -19.18 -44.69 -49.73
CA VAL H 57 -19.07 -43.43 -50.45
C VAL H 57 -19.64 -42.30 -49.62
N GLU H 58 -20.79 -42.54 -48.98
CA GLU H 58 -21.42 -41.56 -48.10
C GLU H 58 -20.44 -41.07 -47.01
N THR H 59 -19.83 -42.02 -46.30
CA THR H 59 -18.90 -41.66 -45.22
C THR H 59 -17.66 -40.95 -45.76
N LEU H 60 -17.14 -41.44 -46.89
CA LEU H 60 -15.95 -40.81 -47.50
C LEU H 60 -16.19 -39.35 -47.90
N LYS H 61 -17.38 -39.04 -48.41
CA LYS H 61 -17.73 -37.63 -48.69
C LYS H 61 -17.62 -36.78 -47.43
N GLU H 62 -18.14 -37.29 -46.32
CA GLU H 62 -18.03 -36.57 -45.05
C GLU H 62 -16.59 -36.50 -44.54
N MET H 63 -15.84 -37.58 -44.76
N MET H 63 -15.79 -37.54 -44.76
CA MET H 63 -14.40 -37.62 -44.45
CA MET H 63 -14.39 -37.47 -44.36
C MET H 63 -13.64 -36.50 -45.16
C MET H 63 -13.61 -36.44 -45.15
N ILE H 64 -13.94 -36.30 -46.44
CA ILE H 64 -13.32 -35.24 -47.26
C ILE H 64 -13.72 -33.87 -46.73
N LYS H 65 -15.01 -33.68 -46.47
CA LYS H 65 -15.51 -32.42 -45.91
C LYS H 65 -14.87 -32.10 -44.55
N SER H 66 -14.60 -33.15 -43.77
CA SER H 66 -14.03 -33.01 -42.42
C SER H 66 -12.52 -32.75 -42.44
N GLY H 67 -11.88 -33.00 -43.58
CA GLY H 67 -10.47 -32.64 -43.73
C GLY H 67 -9.52 -33.71 -44.22
N MET H 68 -10.03 -34.91 -44.52
CA MET H 68 -9.13 -35.97 -45.02
C MET H 68 -8.44 -35.56 -46.33
N ASN H 69 -7.12 -35.71 -46.38
CA ASN H 69 -6.35 -35.36 -47.60
C ASN H 69 -5.80 -36.58 -48.34
N VAL H 70 -5.51 -37.64 -47.58
CA VAL H 70 -4.92 -38.85 -48.14
C VAL H 70 -5.66 -40.03 -47.55
N ALA H 71 -6.06 -40.97 -48.42
CA ALA H 71 -6.66 -42.23 -48.01
C ALA H 71 -5.61 -43.32 -48.02
N ARG H 72 -5.41 -43.94 -46.86
CA ARG H 72 -4.42 -45.01 -46.70
C ARG H 72 -5.08 -46.40 -46.73
N MET H 73 -4.62 -47.23 -47.66
CA MET H 73 -5.06 -48.62 -47.77
C MET H 73 -3.99 -49.52 -47.17
N ASN H 74 -4.35 -50.24 -46.10
CA ASN H 74 -3.39 -51.05 -45.37
C ASN H 74 -3.38 -52.49 -45.89
N PHE H 75 -2.34 -52.81 -46.65
CA PHE H 75 -2.24 -54.10 -47.31
C PHE H 75 -1.75 -55.24 -46.40
N SER H 76 -1.61 -54.98 -45.09
CA SER H 76 -1.43 -56.10 -44.15
C SER H 76 -2.65 -57.00 -44.10
N HIS H 77 -3.80 -56.47 -44.52
CA HIS H 77 -5.05 -57.25 -44.54
C HIS H 77 -5.78 -56.99 -45.84
N GLY H 78 -6.68 -57.90 -46.20
CA GLY H 78 -7.56 -57.71 -47.35
C GLY H 78 -6.99 -58.16 -48.68
N THR H 79 -7.90 -58.52 -49.59
CA THR H 79 -7.57 -58.92 -50.95
C THR H 79 -7.45 -57.71 -51.88
N HIS H 80 -6.88 -57.95 -53.06
CA HIS H 80 -6.84 -56.92 -54.10
C HIS H 80 -8.24 -56.46 -54.50
N GLU H 81 -9.19 -57.40 -54.57
CA GLU H 81 -10.58 -57.07 -54.86
C GLU H 81 -11.11 -56.04 -53.85
N TYR H 82 -10.84 -56.32 -52.57
CA TYR H 82 -11.28 -55.46 -51.47
CA TYR H 82 -11.29 -55.45 -51.47
C TYR H 82 -10.70 -54.05 -51.58
N HIS H 83 -9.38 -53.97 -51.75
CA HIS H 83 -8.72 -52.67 -51.88
C HIS H 83 -9.10 -51.90 -53.14
N ALA H 84 -9.35 -52.61 -54.24
CA ALA H 84 -9.83 -51.98 -55.48
C ALA H 84 -11.17 -51.28 -55.24
N GLU H 85 -12.06 -51.95 -54.50
CA GLU H 85 -13.38 -51.39 -54.18
C GLU H 85 -13.26 -50.16 -53.28
N THR H 86 -12.40 -50.25 -52.27
CA THR H 86 -12.15 -49.07 -51.42
C THR H 86 -11.65 -47.88 -52.25
N ILE H 87 -10.66 -48.14 -53.11
CA ILE H 87 -10.08 -47.09 -53.97
C ILE H 87 -11.17 -46.48 -54.88
N LYS H 88 -12.01 -47.34 -55.46
CA LYS H 88 -13.14 -46.89 -56.27
C LYS H 88 -14.03 -45.93 -55.46
N ASN H 89 -14.37 -46.35 -54.25
CA ASN H 89 -15.22 -45.53 -53.39
C ASN H 89 -14.59 -44.19 -53.02
N VAL H 90 -13.30 -44.21 -52.71
CA VAL H 90 -12.58 -42.95 -52.43
C VAL H 90 -12.69 -41.99 -53.62
N ARG H 91 -12.46 -42.53 -54.82
CA ARG H 91 -12.51 -41.72 -56.03
C ARG H 91 -13.93 -41.23 -56.36
N THR H 92 -14.93 -42.07 -56.12
CA THR H 92 -16.33 -41.66 -56.32
C THR H 92 -16.69 -40.48 -55.40
N ALA H 93 -16.32 -40.60 -54.13
CA ALA H 93 -16.53 -39.54 -53.16
C ALA H 93 -15.79 -38.28 -53.56
N THR H 94 -14.52 -38.44 -53.95
CA THR H 94 -13.69 -37.31 -54.34
C THR H 94 -14.30 -36.57 -55.53
N GLU H 95 -14.69 -37.33 -56.56
CA GLU H 95 -15.18 -36.72 -57.80
C GLU H 95 -16.59 -36.15 -57.68
N SER H 96 -17.31 -36.54 -56.64
CA SER H 96 -18.64 -35.97 -56.39
C SER H 96 -18.58 -34.45 -56.17
N PHE H 97 -17.38 -33.95 -55.88
CA PHE H 97 -17.15 -32.53 -55.63
C PHE H 97 -16.58 -31.80 -56.83
N ALA H 98 -16.27 -32.54 -57.90
CA ALA H 98 -15.51 -32.01 -59.04
C ALA H 98 -16.24 -30.96 -59.90
N SER H 99 -17.57 -30.90 -59.79
CA SER H 99 -18.37 -29.94 -60.58
C SER H 99 -18.08 -28.47 -60.26
N ASP H 100 -17.60 -28.20 -59.04
CA ASP H 100 -17.20 -26.86 -58.63
C ASP H 100 -15.68 -26.82 -58.44
N PRO H 101 -14.94 -26.34 -59.47
CA PRO H 101 -13.48 -26.28 -59.46
C PRO H 101 -12.88 -25.38 -58.36
N ILE H 102 -13.69 -24.43 -57.88
CA ILE H 102 -13.28 -23.53 -56.80
C ILE H 102 -13.24 -24.25 -55.46
N LEU H 103 -14.14 -25.22 -55.26
CA LEU H 103 -14.23 -25.91 -53.98
C LEU H 103 -13.62 -27.32 -53.99
N TYR H 104 -13.42 -27.89 -55.17
CA TYR H 104 -12.89 -29.26 -55.31
C TYR H 104 -11.58 -29.47 -54.57
N ARG H 105 -11.52 -30.53 -53.77
CA ARG H 105 -10.27 -30.90 -53.06
C ARG H 105 -9.70 -32.20 -53.62
N PRO H 106 -8.45 -32.15 -54.13
CA PRO H 106 -7.80 -33.38 -54.54
C PRO H 106 -7.62 -34.30 -53.33
N VAL H 107 -7.71 -35.61 -53.53
CA VAL H 107 -7.52 -36.59 -52.45
C VAL H 107 -6.55 -37.66 -52.96
N ALA H 108 -5.46 -37.88 -52.21
CA ALA H 108 -4.44 -38.83 -52.62
C ALA H 108 -4.77 -40.23 -52.11
N VAL H 109 -4.20 -41.23 -52.78
CA VAL H 109 -4.38 -42.62 -52.43
C VAL H 109 -3.01 -43.23 -52.11
N ALA H 110 -2.88 -43.81 -50.92
CA ALA H 110 -1.61 -44.38 -50.47
C ALA H 110 -1.74 -45.88 -50.26
N LEU H 111 -0.72 -46.61 -50.69
CA LEU H 111 -0.66 -48.05 -50.45
C LEU H 111 0.36 -48.32 -49.35
N ASP H 112 -0.08 -48.89 -48.23
CA ASP H 112 0.83 -49.22 -47.12
C ASP H 112 1.14 -50.72 -47.17
N THR H 113 2.41 -51.09 -47.41
CA THR H 113 2.74 -52.51 -47.66
C THR H 113 2.64 -53.39 -46.41
N LYS H 114 2.45 -54.70 -46.62
CA LYS H 114 2.56 -55.65 -45.52
C LYS H 114 4.00 -55.68 -45.03
N GLY H 115 4.94 -55.92 -45.94
CA GLY H 115 6.34 -56.00 -45.55
C GLY H 115 6.62 -57.27 -44.77
N PRO H 116 7.82 -57.35 -44.15
CA PRO H 116 8.25 -58.54 -43.42
C PRO H 116 7.57 -58.74 -42.05
N GLU H 117 6.24 -58.88 -42.05
CA GLU H 117 5.48 -59.12 -40.82
C GLU H 117 5.61 -60.56 -40.35
N ILE H 118 5.62 -60.74 -39.04
CA ILE H 118 5.42 -62.06 -38.44
C ILE H 118 4.05 -62.04 -37.76
N ARG H 119 3.25 -63.08 -38.00
CA ARG H 119 1.92 -63.19 -37.39
C ARG H 119 1.63 -64.59 -36.88
N THR H 120 0.78 -64.67 -35.86
CA THR H 120 0.34 -65.94 -35.29
C THR H 120 -0.77 -66.55 -36.16
N GLY H 121 -1.20 -67.76 -35.81
CA GLY H 121 -2.30 -68.41 -36.51
C GLY H 121 -3.64 -68.13 -35.85
N LEU H 122 -4.62 -68.97 -36.17
CA LEU H 122 -5.97 -68.86 -35.60
C LEU H 122 -6.10 -69.66 -34.34
N ILE H 123 -6.75 -69.06 -33.33
CA ILE H 123 -7.12 -69.80 -32.13
C ILE H 123 -8.03 -70.97 -32.52
N LYS H 124 -7.81 -72.13 -31.89
CA LYS H 124 -8.61 -73.31 -32.17
C LYS H 124 -10.10 -73.06 -31.95
N GLY H 125 -10.93 -73.83 -32.66
CA GLY H 125 -12.37 -73.69 -32.58
C GLY H 125 -12.94 -73.92 -31.20
N SER H 126 -12.45 -74.96 -30.52
CA SER H 126 -12.94 -75.36 -29.20
C SER H 126 -12.41 -74.44 -28.08
N GLY H 127 -13.12 -74.45 -26.95
CA GLY H 127 -12.75 -73.60 -25.82
C GLY H 127 -13.02 -72.13 -26.09
N THR H 128 -12.48 -71.26 -25.24
CA THR H 128 -12.74 -69.80 -25.33
C THR H 128 -12.20 -69.18 -26.61
N ALA H 129 -12.80 -68.04 -26.99
CA ALA H 129 -12.45 -67.32 -28.22
C ALA H 129 -11.00 -66.84 -28.18
N GLU H 130 -10.59 -66.35 -27.03
CA GLU H 130 -9.20 -66.01 -26.77
C GLU H 130 -8.67 -66.93 -25.68
N VAL H 131 -7.36 -67.14 -25.72
CA VAL H 131 -6.68 -68.06 -24.85
C VAL H 131 -5.85 -67.23 -23.88
N GLU H 132 -5.83 -67.61 -22.59
CA GLU H 132 -5.04 -66.88 -21.61
C GLU H 132 -3.62 -67.42 -21.49
N LEU H 133 -2.65 -66.55 -21.76
CA LEU H 133 -1.26 -66.86 -21.56
C LEU H 133 -0.90 -66.25 -20.22
N LYS H 134 -0.69 -67.12 -19.23
CA LYS H 134 -0.48 -66.70 -17.85
C LYS H 134 1.01 -66.63 -17.53
N LYS H 135 1.42 -65.57 -16.82
CA LYS H 135 2.83 -65.41 -16.43
C LYS H 135 3.40 -66.71 -15.83
N GLY H 136 4.56 -67.13 -16.35
CA GLY H 136 5.27 -68.30 -15.83
C GLY H 136 4.87 -69.61 -16.49
N ALA H 137 3.79 -69.60 -17.25
CA ALA H 137 3.34 -70.80 -17.97
C ALA H 137 4.25 -71.08 -19.15
N THR H 138 4.28 -72.35 -19.57
CA THR H 138 5.01 -72.71 -20.79
C THR H 138 4.12 -72.47 -22.00
N LEU H 139 4.76 -72.16 -23.13
CA LEU H 139 4.08 -72.08 -24.41
C LEU H 139 5.08 -72.57 -25.45
N LYS H 140 4.67 -73.55 -26.24
CA LYS H 140 5.47 -74.02 -27.35
C LYS H 140 5.11 -73.26 -28.60
N ILE H 141 6.12 -72.72 -29.27
CA ILE H 141 5.93 -72.13 -30.59
C ILE H 141 6.27 -73.18 -31.64
N THR H 142 5.35 -73.38 -32.58
CA THR H 142 5.52 -74.37 -33.64
C THR H 142 5.41 -73.73 -35.02
N LEU H 143 6.05 -74.36 -36.00
CA LEU H 143 5.96 -73.95 -37.41
C LEU H 143 5.18 -75.00 -38.21
N ASP H 144 4.82 -76.09 -37.53
CA ASP H 144 4.03 -77.18 -38.11
C ASP H 144 2.63 -76.69 -38.49
N ASN H 145 2.36 -76.65 -39.79
CA ASN H 145 1.12 -76.11 -40.34
C ASN H 145 -0.16 -76.78 -39.86
N ALA H 146 -0.05 -78.00 -39.33
CA ALA H 146 -1.19 -78.70 -38.75
C ALA H 146 -1.83 -77.91 -37.60
N TYR H 147 -1.07 -76.96 -37.05
CA TYR H 147 -1.53 -76.14 -35.93
C TYR H 147 -1.88 -74.72 -36.34
N MET H 148 -1.80 -74.42 -37.64
CA MET H 148 -1.96 -73.03 -38.06
C MET H 148 -3.34 -72.44 -37.74
N GLU H 149 -4.34 -73.30 -37.59
CA GLU H 149 -5.65 -72.85 -37.17
C GLU H 149 -6.08 -73.53 -35.88
N LYS H 150 -5.09 -73.97 -35.09
CA LYS H 150 -5.35 -74.66 -33.83
C LYS H 150 -4.49 -74.13 -32.70
N CYS H 151 -4.28 -72.81 -32.67
CA CYS H 151 -3.52 -72.19 -31.60
C CYS H 151 -4.28 -72.23 -30.28
N ASP H 152 -3.55 -72.48 -29.19
CA ASP H 152 -4.13 -72.38 -27.84
C ASP H 152 -3.06 -72.01 -26.82
N GLU H 153 -3.40 -72.18 -25.54
CA GLU H 153 -2.48 -71.84 -24.44
C GLU H 153 -1.28 -72.77 -24.33
N ASN H 154 -1.29 -73.88 -25.06
CA ASN H 154 -0.17 -74.82 -25.06
C ASN H 154 0.73 -74.73 -26.29
N ILE H 155 0.15 -74.44 -27.45
CA ILE H 155 0.89 -74.49 -28.71
C ILE H 155 0.48 -73.28 -29.54
N LEU H 156 1.48 -72.53 -30.01
CA LEU H 156 1.24 -71.33 -30.81
C LEU H 156 1.97 -71.42 -32.14
N TRP H 157 1.20 -71.42 -33.24
CA TRP H 157 1.77 -71.39 -34.57
C TRP H 157 2.06 -69.96 -35.00
N LEU H 158 3.17 -69.78 -35.72
CA LEU H 158 3.44 -68.51 -36.40
C LEU H 158 4.04 -68.73 -37.78
N ASP H 159 4.01 -67.69 -38.61
CA ASP H 159 4.26 -67.83 -40.04
C ASP H 159 5.69 -67.51 -40.48
N TYR H 160 6.58 -67.30 -39.52
CA TYR H 160 7.99 -67.03 -39.82
C TYR H 160 8.77 -68.33 -39.76
N LYS H 161 8.95 -68.94 -40.93
CA LYS H 161 9.56 -70.25 -41.07
C LYS H 161 11.00 -70.35 -40.57
N ASN H 162 11.76 -69.26 -40.69
CA ASN H 162 13.16 -69.27 -40.28
C ASN H 162 13.43 -68.74 -38.88
N ILE H 163 12.39 -68.66 -38.04
CA ILE H 163 12.51 -68.07 -36.70
C ILE H 163 13.63 -68.69 -35.82
N CYS H 164 13.72 -70.01 -35.80
CA CYS H 164 14.68 -70.69 -34.92
C CYS H 164 16.14 -70.34 -35.25
N LYS H 165 16.37 -69.85 -36.46
CA LYS H 165 17.72 -69.53 -36.90
C LYS H 165 18.19 -68.14 -36.45
N VAL H 166 17.24 -67.30 -36.03
CA VAL H 166 17.56 -65.91 -35.64
C VAL H 166 17.31 -65.60 -34.16
N VAL H 167 16.74 -66.56 -33.43
CA VAL H 167 16.55 -66.41 -31.97
C VAL H 167 17.44 -67.38 -31.21
N ASP H 168 17.71 -67.05 -29.95
CA ASP H 168 18.52 -67.89 -29.07
C ASP H 168 17.73 -68.14 -27.80
N VAL H 169 18.17 -69.13 -27.02
CA VAL H 169 17.67 -69.28 -25.65
C VAL H 169 17.90 -67.94 -24.93
N GLY H 170 16.86 -67.47 -24.26
CA GLY H 170 16.91 -66.18 -23.58
C GLY H 170 16.24 -65.04 -24.34
N SER H 171 16.11 -65.21 -25.67
CA SER H 171 15.49 -64.22 -26.55
C SER H 171 14.06 -63.91 -26.12
N LYS H 172 13.66 -62.64 -26.25
CA LYS H 172 12.28 -62.25 -26.00
C LYS H 172 11.45 -62.25 -27.28
N VAL H 173 10.23 -62.75 -27.17
CA VAL H 173 9.27 -62.76 -28.27
C VAL H 173 8.05 -61.96 -27.82
N TYR H 174 7.67 -60.94 -28.60
CA TYR H 174 6.51 -60.12 -28.25
C TYR H 174 5.33 -60.45 -29.14
N VAL H 175 4.14 -60.47 -28.55
CA VAL H 175 2.90 -60.83 -29.26
C VAL H 175 1.77 -59.82 -28.97
N ASP H 176 1.02 -59.48 -30.02
CA ASP H 176 -0.14 -58.60 -29.93
C ASP H 176 0.22 -57.16 -29.49
N ASP H 177 0.75 -56.40 -30.45
CA ASP H 177 1.09 -55.00 -30.21
C ASP H 177 2.01 -54.89 -28.98
N GLY H 178 2.86 -55.89 -28.80
CA GLY H 178 3.85 -55.92 -27.72
C GLY H 178 3.29 -56.07 -26.32
N LEU H 179 2.02 -56.47 -26.20
CA LEU H 179 1.34 -56.56 -24.89
C LEU H 179 1.68 -57.86 -24.14
N ILE H 180 1.98 -58.90 -24.89
CA ILE H 180 2.36 -60.21 -24.33
C ILE H 180 3.83 -60.46 -24.64
N SER H 181 4.58 -61.01 -23.68
CA SER H 181 5.99 -61.34 -23.96
C SER H 181 6.35 -62.75 -23.51
N LEU H 182 7.24 -63.38 -24.26
CA LEU H 182 7.70 -64.74 -23.99
C LEU H 182 9.22 -64.73 -23.95
N GLN H 183 9.81 -65.65 -23.19
CA GLN H 183 11.26 -65.85 -23.24
C GLN H 183 11.56 -67.26 -23.72
N VAL H 184 12.44 -67.36 -24.73
CA VAL H 184 12.84 -68.66 -25.27
C VAL H 184 13.65 -69.43 -24.23
N LYS H 185 13.23 -70.66 -23.95
CA LYS H 185 13.87 -71.49 -22.94
C LYS H 185 14.61 -72.68 -23.55
N GLN H 186 14.11 -73.16 -24.70
CA GLN H 186 14.71 -74.29 -25.39
C GLN H 186 14.41 -74.21 -26.90
N LYS H 187 15.42 -74.58 -27.69
CA LYS H 187 15.30 -74.58 -29.15
C LYS H 187 15.28 -76.01 -29.70
N GLY H 188 14.27 -76.29 -30.52
CA GLY H 188 14.20 -77.54 -31.26
C GLY H 188 14.69 -77.34 -32.67
N ASP H 190 13.01 -76.88 -35.27
CA ASP H 190 11.79 -76.38 -35.91
C ASP H 190 10.72 -75.95 -34.90
N PHE H 191 11.07 -75.91 -33.61
CA PHE H 191 10.18 -75.39 -32.58
C PHE H 191 10.93 -74.63 -31.48
N LEU H 192 10.18 -73.83 -30.71
CA LEU H 192 10.71 -73.10 -29.57
C LEU H 192 9.82 -73.37 -28.36
N VAL H 193 10.41 -73.80 -27.26
CA VAL H 193 9.66 -73.81 -26.01
C VAL H 193 10.00 -72.54 -25.24
N THR H 194 8.94 -71.82 -24.86
CA THR H 194 9.07 -70.51 -24.25
C THR H 194 8.37 -70.51 -22.91
N GLU H 195 8.66 -69.49 -22.12
CA GLU H 195 7.98 -69.24 -20.87
C GLU H 195 7.32 -67.87 -20.94
N VAL H 196 6.05 -67.79 -20.52
CA VAL H 196 5.33 -66.52 -20.54
C VAL H 196 5.92 -65.58 -19.51
N GLU H 197 6.31 -64.39 -19.96
CA GLU H 197 6.87 -63.39 -19.05
C GLU H 197 5.84 -62.32 -18.73
N ASN H 198 5.27 -61.70 -19.76
CA ASN H 198 4.16 -60.77 -19.60
C ASN H 198 2.89 -61.42 -20.16
N GLY H 199 1.95 -61.76 -19.28
CA GLY H 199 0.77 -62.51 -19.68
C GLY H 199 -0.34 -61.64 -20.26
N GLY H 200 -1.32 -62.29 -20.86
CA GLY H 200 -2.47 -61.62 -21.48
C GLY H 200 -3.32 -62.61 -22.26
N PHE H 201 -4.45 -62.13 -22.78
CA PHE H 201 -5.34 -62.93 -23.62
C PHE H 201 -4.93 -62.80 -25.07
N LEU H 202 -4.86 -63.94 -25.73
CA LEU H 202 -4.36 -64.04 -27.11
C LEU H 202 -5.50 -64.40 -28.05
N GLY H 203 -5.70 -63.55 -29.05
CA GLY H 203 -6.66 -63.80 -30.13
C GLY H 203 -5.93 -64.33 -31.35
N SER H 204 -6.57 -64.19 -32.51
CA SER H 204 -6.05 -64.76 -33.75
C SER H 204 -5.23 -63.78 -34.59
N LYS H 205 -4.21 -64.30 -35.27
CA LYS H 205 -3.47 -63.53 -36.29
C LYS H 205 -2.92 -62.22 -35.75
N LYS H 206 -2.26 -62.33 -34.62
CA LYS H 206 -1.68 -61.19 -33.94
C LYS H 206 -0.24 -60.98 -34.34
N GLY H 207 0.21 -59.73 -34.29
CA GLY H 207 1.56 -59.38 -34.71
C GLY H 207 2.61 -59.85 -33.71
N VAL H 208 3.75 -60.29 -34.24
CA VAL H 208 4.85 -60.77 -33.40
C VAL H 208 6.08 -59.91 -33.68
N ASN H 209 6.79 -59.53 -32.62
CA ASN H 209 8.05 -58.77 -32.76
C ASN H 209 9.19 -59.49 -32.07
N LEU H 210 10.36 -59.42 -32.71
CA LEU H 210 11.58 -60.05 -32.20
C LEU H 210 12.67 -58.99 -32.06
N PRO H 211 12.54 -58.11 -31.04
CA PRO H 211 13.50 -56.99 -30.92
C PRO H 211 14.90 -57.55 -30.66
N GLY H 212 15.91 -56.96 -31.29
CA GLY H 212 17.27 -57.50 -31.15
C GLY H 212 17.58 -58.84 -31.83
N ALA H 213 16.61 -59.44 -32.52
CA ALA H 213 16.90 -60.53 -33.45
C ALA H 213 17.10 -59.92 -34.83
N ALA H 214 17.97 -60.52 -35.63
CA ALA H 214 18.21 -60.08 -37.00
C ALA H 214 17.28 -60.85 -37.93
N VAL H 215 16.04 -60.38 -38.02
CA VAL H 215 14.99 -61.05 -38.81
C VAL H 215 15.37 -60.99 -40.29
N ASP H 216 15.41 -62.17 -40.92
CA ASP H 216 15.96 -62.31 -42.26
C ASP H 216 14.90 -62.43 -43.35
N LEU H 217 13.66 -62.05 -43.02
CA LEU H 217 12.59 -61.98 -44.02
C LEU H 217 12.95 -60.92 -45.07
N PRO H 218 12.51 -61.12 -46.32
CA PRO H 218 12.83 -60.14 -47.36
C PRO H 218 12.21 -58.78 -47.09
N ALA H 219 12.95 -57.73 -47.45
CA ALA H 219 12.41 -56.38 -47.38
C ALA H 219 11.16 -56.28 -48.26
N VAL H 220 11.22 -56.92 -49.43
CA VAL H 220 10.12 -56.94 -50.39
C VAL H 220 9.83 -58.39 -50.77
N SER H 221 8.75 -58.94 -50.21
CA SER H 221 8.37 -60.34 -50.46
C SER H 221 7.64 -60.49 -51.78
N GLU H 222 7.38 -61.74 -52.16
CA GLU H 222 6.55 -62.02 -53.34
C GLU H 222 5.17 -61.36 -53.22
N LYS H 223 4.56 -61.44 -52.04
CA LYS H 223 3.28 -60.77 -51.80
C LYS H 223 3.41 -59.26 -52.00
N ASP H 224 4.48 -58.68 -51.47
CA ASP H 224 4.72 -57.24 -51.57
C ASP H 224 4.87 -56.83 -53.04
N ILE H 225 5.58 -57.65 -53.82
CA ILE H 225 5.77 -57.39 -55.25
C ILE H 225 4.41 -57.32 -55.96
N GLN H 226 3.57 -58.32 -55.71
N GLN H 226 3.55 -58.30 -55.72
CA GLN H 226 2.21 -58.38 -56.23
CA GLN H 226 2.22 -58.29 -56.32
C GLN H 226 1.43 -57.11 -55.86
C GLN H 226 1.40 -57.07 -55.88
N ASP H 227 1.52 -56.71 -54.60
CA ASP H 227 0.80 -55.55 -54.07
C ASP H 227 1.29 -54.24 -54.68
N LEU H 228 2.61 -54.09 -54.83
CA LEU H 228 3.19 -52.89 -55.45
C LEU H 228 2.78 -52.76 -56.92
N LYS H 229 2.84 -53.88 -57.65
N LYS H 229 2.84 -53.88 -57.66
CA LYS H 229 2.42 -53.91 -59.07
CA LYS H 229 2.42 -53.90 -59.07
C LYS H 229 0.94 -53.57 -59.20
C LYS H 229 0.93 -53.56 -59.20
N PHE H 230 0.13 -54.04 -58.25
CA PHE H 230 -1.29 -53.69 -58.18
C PHE H 230 -1.46 -52.18 -57.92
N GLY H 231 -0.62 -51.62 -57.05
CA GLY H 231 -0.61 -50.18 -56.76
C GLY H 231 -0.33 -49.37 -58.03
N VAL H 232 0.62 -49.84 -58.82
CA VAL H 232 0.92 -49.20 -60.11
C VAL H 232 -0.32 -49.25 -61.02
N GLU H 233 -0.93 -50.44 -61.12
CA GLU H 233 -2.14 -50.66 -61.95
C GLU H 233 -3.26 -49.72 -61.54
N GLN H 234 -3.42 -49.54 -60.22
CA GLN H 234 -4.51 -48.73 -59.66
C GLN H 234 -4.17 -47.24 -59.55
N ASP H 235 -2.99 -46.85 -60.05
CA ASP H 235 -2.58 -45.45 -60.13
C ASP H 235 -2.50 -44.77 -58.75
N VAL H 236 -1.98 -45.50 -57.76
CA VAL H 236 -1.78 -44.90 -56.43
C VAL H 236 -0.75 -43.77 -56.48
N ASP H 237 -0.83 -42.86 -55.51
CA ASP H 237 0.02 -41.67 -55.52
C ASP H 237 1.32 -41.88 -54.77
N MET H 238 1.29 -42.82 -53.83
CA MET H 238 2.42 -43.02 -52.93
C MET H 238 2.34 -44.38 -52.28
N VAL H 239 3.50 -44.86 -51.87
CA VAL H 239 3.62 -46.13 -51.17
C VAL H 239 4.25 -45.85 -49.80
N PHE H 240 3.63 -46.39 -48.74
CA PHE H 240 4.22 -46.39 -47.41
C PHE H 240 4.87 -47.76 -47.22
N ALA H 241 6.20 -47.80 -47.26
CA ALA H 241 6.93 -49.06 -47.31
C ALA H 241 7.30 -49.52 -45.90
N SER H 242 6.72 -50.64 -45.47
CA SER H 242 6.91 -51.15 -44.11
C SER H 242 8.30 -51.72 -43.82
N PHE H 243 8.80 -51.43 -42.60
CA PHE H 243 10.01 -52.03 -42.03
C PHE H 243 11.27 -51.78 -42.84
N ILE H 244 11.41 -50.57 -43.37
CA ILE H 244 12.62 -50.23 -44.14
C ILE H 244 13.79 -50.17 -43.18
N ARG H 245 14.85 -50.93 -43.47
CA ARG H 245 16.02 -51.02 -42.58
C ARG H 245 17.29 -50.35 -43.13
N LYS H 246 17.28 -50.09 -44.43
CA LYS H 246 18.49 -49.61 -45.10
C LYS H 246 18.16 -49.09 -46.49
N ALA H 247 19.08 -48.32 -47.07
CA ALA H 247 18.87 -47.72 -48.38
C ALA H 247 18.55 -48.77 -49.45
N ALA H 248 19.23 -49.92 -49.41
CA ALA H 248 18.99 -51.00 -50.38
C ALA H 248 17.53 -51.47 -50.40
N ASP H 249 16.86 -51.43 -49.25
CA ASP H 249 15.44 -51.79 -49.18
C ASP H 249 14.61 -50.81 -50.01
N VAL H 250 14.92 -49.52 -49.89
CA VAL H 250 14.20 -48.50 -50.65
C VAL H 250 14.42 -48.69 -52.16
N HIS H 251 15.66 -48.98 -52.53
CA HIS H 251 16.00 -49.23 -53.92
C HIS H 251 15.23 -50.42 -54.49
N GLU H 252 15.04 -51.46 -53.69
CA GLU H 252 14.24 -52.62 -54.10
C GLU H 252 12.80 -52.24 -54.44
N VAL H 253 12.19 -51.46 -53.54
CA VAL H 253 10.85 -50.96 -53.78
C VAL H 253 10.80 -50.12 -55.06
N ARG H 254 11.74 -49.19 -55.23
CA ARG H 254 11.77 -48.34 -56.43
C ARG H 254 11.90 -49.16 -57.72
N LYS H 255 12.73 -50.21 -57.69
CA LYS H 255 12.90 -51.10 -58.85
C LYS H 255 11.58 -51.82 -59.22
N ILE H 256 10.86 -52.29 -58.21
CA ILE H 256 9.58 -52.99 -58.43
C ILE H 256 8.55 -52.04 -59.04
N LEU H 257 8.45 -50.82 -58.50
CA LEU H 257 7.56 -49.80 -59.06
C LEU H 257 7.93 -49.48 -60.51
N GLY H 258 9.23 -49.51 -60.79
CA GLY H 258 9.74 -49.50 -62.17
C GLY H 258 9.47 -48.21 -62.92
N GLU H 259 9.54 -48.28 -64.25
CA GLU H 259 9.34 -47.10 -65.07
CA GLU H 259 9.33 -47.11 -65.07
C GLU H 259 7.90 -46.60 -65.03
N LYS H 260 6.93 -47.53 -65.11
CA LYS H 260 5.52 -47.15 -65.04
C LYS H 260 5.23 -46.44 -63.72
N GLY H 261 5.91 -46.87 -62.65
CA GLY H 261 5.69 -46.32 -61.31
C GLY H 261 6.70 -45.29 -60.84
N LYS H 262 7.51 -44.78 -61.77
CA LYS H 262 8.62 -43.86 -61.43
C LYS H 262 8.19 -42.59 -60.68
N ASN H 263 6.95 -42.15 -60.89
CA ASN H 263 6.48 -40.91 -60.24
C ASN H 263 5.69 -41.14 -58.94
N ILE H 264 5.55 -42.40 -58.56
CA ILE H 264 4.90 -42.75 -57.28
C ILE H 264 5.91 -42.46 -56.18
N LYS H 265 5.49 -41.74 -55.15
CA LYS H 265 6.39 -41.37 -54.07
C LYS H 265 6.57 -42.53 -53.08
N ILE H 266 7.82 -42.80 -52.71
CA ILE H 266 8.10 -43.83 -51.71
C ILE H 266 8.37 -43.20 -50.34
N ILE H 267 7.50 -43.50 -49.40
CA ILE H 267 7.64 -43.04 -48.03
C ILE H 267 8.11 -44.22 -47.21
N SER H 268 9.34 -44.15 -46.71
CA SER H 268 9.88 -45.26 -45.94
C SER H 268 9.40 -45.22 -44.50
N LYS H 269 8.90 -46.34 -44.01
CA LYS H 269 8.41 -46.42 -42.63
C LYS H 269 9.54 -46.88 -41.72
N ILE H 270 9.84 -46.03 -40.73
CA ILE H 270 10.89 -46.32 -39.75
C ILE H 270 10.19 -46.93 -38.54
N GLU H 271 10.45 -48.20 -38.31
CA GLU H 271 9.78 -48.90 -37.22
C GLU H 271 10.64 -49.98 -36.58
N ASN H 272 11.96 -49.89 -36.75
CA ASN H 272 12.85 -50.76 -35.99
C ASN H 272 14.16 -50.07 -35.71
N HIS H 273 14.97 -50.70 -34.88
CA HIS H 273 16.21 -50.11 -34.42
C HIS H 273 17.17 -49.86 -35.59
N GLU H 274 17.28 -50.83 -36.51
CA GLU H 274 18.16 -50.67 -37.67
C GLU H 274 17.76 -49.47 -38.55
N GLY H 275 16.45 -49.29 -38.76
CA GLY H 275 15.94 -48.14 -39.50
C GLY H 275 16.33 -46.80 -38.86
N VAL H 276 16.34 -46.76 -37.53
CA VAL H 276 16.80 -45.54 -36.85
C VAL H 276 18.32 -45.36 -37.06
N ARG H 277 19.09 -46.44 -36.85
CA ARG H 277 20.54 -46.39 -36.99
CA ARG H 277 20.54 -46.43 -37.00
C ARG H 277 20.98 -45.97 -38.40
N ARG H 278 20.27 -46.49 -39.41
CA ARG H 278 20.61 -46.21 -40.80
C ARG H 278 19.70 -45.13 -41.39
N PHE H 279 19.16 -44.27 -40.52
CA PHE H 279 18.21 -43.27 -40.98
C PHE H 279 18.70 -42.38 -42.11
N ASP H 280 19.91 -41.84 -41.98
CA ASP H 280 20.38 -40.88 -42.97
C ASP H 280 20.38 -41.45 -44.39
N GLU H 281 20.88 -42.67 -44.57
CA GLU H 281 20.89 -43.28 -45.91
C GLU H 281 19.49 -43.59 -46.42
N ILE H 282 18.57 -43.90 -45.49
CA ILE H 282 17.18 -44.19 -45.83
C ILE H 282 16.52 -42.91 -46.30
N LEU H 283 16.70 -41.80 -45.56
CA LEU H 283 16.16 -40.51 -45.97
C LEU H 283 16.65 -40.12 -47.36
N GLU H 284 17.96 -40.23 -47.58
CA GLU H 284 18.55 -39.87 -48.89
C GLU H 284 17.86 -40.58 -50.06
N ALA H 285 17.54 -41.87 -49.87
CA ALA H 285 17.00 -42.72 -50.92
C ALA H 285 15.49 -42.58 -51.12
N SER H 286 14.82 -42.03 -50.09
CA SER H 286 13.35 -42.01 -50.04
C SER H 286 12.79 -40.66 -50.48
N ASP H 287 11.49 -40.65 -50.81
CA ASP H 287 10.81 -39.39 -51.07
C ASP H 287 10.28 -38.74 -49.80
N GLY H 288 10.18 -39.51 -48.73
CA GLY H 288 9.69 -39.01 -47.44
C GLY H 288 9.75 -40.14 -46.43
N ILE H 289 9.29 -39.85 -45.20
CA ILE H 289 9.41 -40.80 -44.10
C ILE H 289 8.14 -40.84 -43.28
N MET H 290 7.80 -42.02 -42.75
CA MET H 290 6.77 -42.13 -41.73
C MET H 290 7.41 -42.64 -40.44
N VAL H 291 7.14 -41.95 -39.33
CA VAL H 291 7.55 -42.44 -38.01
C VAL H 291 6.45 -43.43 -37.61
N ALA H 292 6.73 -44.72 -37.81
CA ALA H 292 5.72 -45.76 -37.59
C ALA H 292 5.81 -46.21 -36.14
N ARG H 293 5.16 -45.43 -35.28
CA ARG H 293 5.40 -45.52 -33.84
C ARG H 293 4.91 -46.81 -33.18
N GLY H 294 3.94 -47.49 -33.79
CA GLY H 294 3.43 -48.75 -33.24
C GLY H 294 4.52 -49.81 -33.13
N ASP H 295 5.02 -50.25 -34.27
CA ASP H 295 6.09 -51.24 -34.25
C ASP H 295 7.36 -50.63 -33.62
N LEU H 296 7.64 -49.36 -33.88
CA LEU H 296 8.86 -48.75 -33.34
C LEU H 296 8.93 -48.90 -31.82
N GLY H 297 7.81 -48.67 -31.15
CA GLY H 297 7.72 -48.71 -29.68
C GLY H 297 7.66 -50.12 -29.07
N ILE H 298 7.74 -51.13 -29.92
CA ILE H 298 7.90 -52.53 -29.50
C ILE H 298 9.35 -52.94 -29.79
N GLU H 299 9.86 -52.52 -30.94
CA GLU H 299 11.23 -52.82 -31.36
C GLU H 299 12.30 -52.14 -30.49
N ILE H 300 11.99 -50.93 -30.01
CA ILE H 300 12.85 -50.23 -29.05
C ILE H 300 12.01 -49.88 -27.82
N PRO H 301 12.67 -49.59 -26.69
CA PRO H 301 11.90 -49.24 -25.49
C PRO H 301 10.88 -48.13 -25.75
N ALA H 302 9.65 -48.33 -25.30
CA ALA H 302 8.57 -47.37 -25.60
C ALA H 302 8.94 -45.97 -25.14
N GLU H 303 9.69 -45.87 -24.04
CA GLU H 303 10.09 -44.56 -23.49
C GLU H 303 11.06 -43.77 -24.38
N LYS H 304 11.63 -44.42 -25.38
CA LYS H 304 12.58 -43.77 -26.29
C LYS H 304 11.95 -43.30 -27.60
N VAL H 305 10.70 -43.68 -27.86
CA VAL H 305 10.08 -43.36 -29.15
C VAL H 305 10.08 -41.86 -29.45
N PHE H 306 9.80 -41.01 -28.45
CA PHE H 306 9.79 -39.57 -28.70
C PHE H 306 11.14 -39.03 -29.19
N LEU H 307 12.23 -39.66 -28.79
CA LEU H 307 13.57 -39.24 -29.23
C LEU H 307 13.70 -39.50 -30.73
N ALA H 308 13.31 -40.70 -31.15
CA ALA H 308 13.35 -41.05 -32.57
C ALA H 308 12.40 -40.16 -33.36
N GLN H 309 11.19 -39.92 -32.83
CA GLN H 309 10.23 -39.08 -33.52
C GLN H 309 10.79 -37.67 -33.77
N LYS H 310 11.35 -37.07 -32.74
CA LYS H 310 11.83 -35.68 -32.87
C LYS H 310 13.08 -35.62 -33.76
N MET H 311 13.96 -36.60 -33.63
CA MET H 311 15.16 -36.66 -34.47
C MET H 311 14.76 -36.80 -35.95
N ILE H 312 13.82 -37.69 -36.21
CA ILE H 312 13.40 -37.96 -37.58
C ILE H 312 12.71 -36.76 -38.19
N ILE H 313 11.77 -36.17 -37.45
CA ILE H 313 11.10 -34.96 -37.94
C ILE H 313 12.09 -33.83 -38.19
N GLY H 314 12.98 -33.56 -37.23
CA GLY H 314 14.02 -32.54 -37.46
C GLY H 314 14.84 -32.78 -38.72
N ARG H 315 15.30 -34.01 -38.93
CA ARG H 315 16.18 -34.28 -40.06
C ARG H 315 15.40 -34.20 -41.38
N CYS H 316 14.14 -34.63 -41.38
CA CYS H 316 13.31 -34.49 -42.56
C CYS H 316 13.05 -33.02 -42.87
N ASN H 317 12.76 -32.23 -41.85
CA ASN H 317 12.56 -30.77 -42.04
C ASN H 317 13.80 -30.12 -42.64
N ARG H 318 14.96 -30.51 -42.12
CA ARG H 318 16.24 -30.00 -42.59
C ARG H 318 16.45 -30.35 -44.08
N ALA H 319 15.98 -31.52 -44.50
CA ALA H 319 16.13 -32.00 -45.88
C ALA H 319 15.05 -31.49 -46.84
N GLY H 320 13.98 -30.95 -46.28
CA GLY H 320 12.81 -30.57 -47.04
C GLY H 320 12.03 -31.75 -47.60
N LYS H 321 12.14 -32.91 -46.93
CA LYS H 321 11.40 -34.10 -47.34
C LYS H 321 10.23 -34.37 -46.40
N PRO H 322 9.06 -34.75 -46.97
CA PRO H 322 7.87 -34.99 -46.14
C PRO H 322 8.09 -36.02 -45.02
N VAL H 323 7.54 -35.70 -43.87
CA VAL H 323 7.53 -36.65 -42.75
C VAL H 323 6.13 -36.76 -42.14
N ILE H 324 5.71 -38.00 -41.88
CA ILE H 324 4.39 -38.30 -41.34
C ILE H 324 4.52 -38.84 -39.91
N CYS H 325 3.72 -38.32 -38.97
CA CYS H 325 3.70 -38.92 -37.63
C CYS H 325 2.49 -39.85 -37.58
N ALA H 326 2.70 -41.09 -37.14
CA ALA H 326 1.65 -42.10 -37.20
C ALA H 326 1.47 -42.86 -35.89
N THR H 327 0.23 -43.35 -35.72
CA THR H 327 -0.11 -44.45 -34.83
C THR H 327 -0.52 -44.05 -33.40
N GLN H 328 -1.77 -44.36 -33.08
CA GLN H 328 -2.39 -44.15 -31.76
C GLN H 328 -2.50 -42.68 -31.36
N MET H 329 -2.52 -41.79 -32.34
CA MET H 329 -2.58 -40.35 -32.03
C MET H 329 -3.86 -39.95 -31.29
N LEU H 330 -4.98 -40.58 -31.68
CA LEU H 330 -6.27 -40.31 -31.06
C LEU H 330 -6.98 -41.63 -30.70
N GLU H 331 -6.19 -42.58 -30.20
CA GLU H 331 -6.61 -43.98 -30.11
C GLU H 331 -7.92 -44.22 -29.37
N SER H 332 -8.12 -43.51 -28.25
CA SER H 332 -9.33 -43.69 -27.45
C SER H 332 -10.61 -43.36 -28.25
N MET H 333 -10.46 -42.58 -29.32
CA MET H 333 -11.61 -42.22 -30.17
C MET H 333 -12.15 -43.37 -31.01
N ILE H 334 -11.50 -44.54 -30.95
CA ILE H 334 -12.06 -45.74 -31.54
C ILE H 334 -13.40 -46.03 -30.86
N LYS H 335 -13.46 -45.75 -29.55
CA LYS H 335 -14.66 -46.05 -28.75
C LYS H 335 -15.37 -44.83 -28.13
N LYS H 336 -14.70 -43.68 -28.08
CA LYS H 336 -15.25 -42.49 -27.42
C LYS H 336 -15.28 -41.29 -28.37
N PRO H 337 -16.28 -40.40 -28.23
CA PRO H 337 -16.43 -39.29 -29.17
C PRO H 337 -15.47 -38.12 -28.96
N ARG H 338 -14.71 -38.19 -27.85
CA ARG H 338 -13.74 -37.15 -27.48
CA ARG H 338 -13.73 -37.17 -27.53
C ARG H 338 -12.43 -37.85 -27.11
N PRO H 339 -11.28 -37.25 -27.45
CA PRO H 339 -9.99 -37.87 -27.13
C PRO H 339 -9.54 -37.61 -25.70
N THR H 340 -8.52 -38.34 -25.25
CA THR H 340 -7.90 -38.06 -23.95
C THR H 340 -7.01 -36.82 -24.02
N ARG H 341 -6.62 -36.32 -22.85
CA ARG H 341 -5.73 -35.15 -22.79
C ARG H 341 -4.35 -35.47 -23.37
N ALA H 342 -3.89 -36.71 -23.19
CA ALA H 342 -2.60 -37.13 -23.76
C ALA H 342 -2.66 -37.13 -25.28
N GLU H 343 -3.80 -37.55 -25.83
CA GLU H 343 -3.99 -37.59 -27.27
C GLU H 343 -4.02 -36.20 -27.90
N GLY H 344 -4.72 -35.26 -27.26
CA GLY H 344 -4.71 -33.87 -27.74
C GLY H 344 -3.30 -33.31 -27.74
N SER H 345 -2.57 -33.58 -26.67
CA SER H 345 -1.18 -33.17 -26.52
C SER H 345 -0.28 -33.79 -27.61
N ASP H 346 -0.45 -35.09 -27.86
CA ASP H 346 0.35 -35.80 -28.86
C ASP H 346 0.21 -35.17 -30.26
N VAL H 347 -1.02 -34.90 -30.66
CA VAL H 347 -1.25 -34.31 -31.97
C VAL H 347 -0.62 -32.91 -32.03
N ALA H 348 -0.84 -32.10 -31.01
CA ALA H 348 -0.29 -30.74 -31.02
C ALA H 348 1.23 -30.77 -31.07
N ASN H 349 1.83 -31.67 -30.29
CA ASN H 349 3.29 -31.74 -30.25
C ASN H 349 3.92 -32.25 -31.54
N ALA H 350 3.22 -33.15 -32.25
CA ALA H 350 3.69 -33.62 -33.55
C ALA H 350 3.75 -32.45 -34.54
N VAL H 351 2.73 -31.60 -34.49
CA VAL H 351 2.66 -30.42 -35.35
C VAL H 351 3.80 -29.44 -34.97
N LEU H 352 3.94 -29.17 -33.67
CA LEU H 352 5.05 -28.32 -33.20
C LEU H 352 6.42 -28.88 -33.55
N ASP H 353 6.57 -30.21 -33.50
CA ASP H 353 7.82 -30.88 -33.86
C ASP H 353 8.19 -30.58 -35.31
N GLY H 354 7.17 -30.49 -36.16
CA GLY H 354 7.35 -30.20 -37.58
C GLY H 354 6.81 -31.22 -38.55
N ALA H 355 5.93 -32.11 -38.10
CA ALA H 355 5.40 -33.14 -38.99
C ALA H 355 4.62 -32.51 -40.16
N ASP H 356 4.92 -32.93 -41.37
CA ASP H 356 4.12 -32.45 -42.51
C ASP H 356 2.69 -32.96 -42.48
N CYS H 357 2.54 -34.22 -42.06
CA CYS H 357 1.26 -34.90 -42.01
C CYS H 357 1.12 -35.65 -40.71
N ILE H 358 -0.13 -35.81 -40.28
CA ILE H 358 -0.47 -36.66 -39.15
C ILE H 358 -1.48 -37.70 -39.63
N MET H 359 -1.54 -38.84 -38.94
CA MET H 359 -2.27 -40.00 -39.44
C MET H 359 -3.26 -40.57 -38.42
N LEU H 360 -4.29 -41.23 -38.96
CA LEU H 360 -5.27 -41.97 -38.17
C LEU H 360 -5.30 -43.37 -38.75
N SER H 361 -5.37 -44.35 -37.84
CA SER H 361 -5.37 -45.75 -38.21
C SER H 361 -6.71 -46.34 -37.78
N GLY H 362 -6.78 -47.04 -36.66
CA GLY H 362 -8.07 -47.61 -36.20
C GLY H 362 -9.17 -46.59 -35.99
N GLU H 363 -8.78 -45.36 -35.67
CA GLU H 363 -9.73 -44.28 -35.39
C GLU H 363 -10.64 -44.06 -36.59
N THR H 364 -10.07 -44.20 -37.78
CA THR H 364 -10.90 -44.10 -39.00
C THR H 364 -11.21 -45.43 -39.68
N ALA H 365 -10.34 -46.42 -39.52
CA ALA H 365 -10.53 -47.70 -40.20
C ALA H 365 -11.69 -48.51 -39.63
N LYS H 366 -11.82 -48.54 -38.31
CA LYS H 366 -12.76 -49.46 -37.66
CA LYS H 366 -12.77 -49.45 -37.67
C LYS H 366 -13.56 -48.84 -36.52
N GLY H 367 -13.18 -47.65 -36.09
CA GLY H 367 -13.77 -47.00 -34.92
C GLY H 367 -15.21 -46.55 -35.05
N ASP H 368 -15.78 -46.15 -33.91
CA ASP H 368 -17.16 -45.70 -33.83
C ASP H 368 -17.36 -44.23 -34.21
N TYR H 369 -16.26 -43.49 -34.29
CA TYR H 369 -16.31 -42.03 -34.47
C TYR H 369 -15.27 -41.53 -35.49
N PRO H 370 -15.28 -42.08 -36.71
CA PRO H 370 -14.26 -41.70 -37.69
C PRO H 370 -14.29 -40.23 -38.07
N LEU H 371 -15.48 -39.66 -38.26
CA LEU H 371 -15.60 -38.23 -38.60
C LEU H 371 -15.11 -37.35 -37.47
N GLU H 372 -15.48 -37.69 -36.24
CA GLU H 372 -15.02 -36.93 -35.08
C GLU H 372 -13.50 -36.95 -34.96
N ALA H 373 -12.89 -38.09 -35.26
CA ALA H 373 -11.43 -38.18 -35.20
C ALA H 373 -10.75 -37.25 -36.23
N VAL H 374 -11.24 -37.27 -37.47
CA VAL H 374 -10.74 -36.38 -38.50
C VAL H 374 -10.90 -34.92 -38.08
N ARG H 375 -12.11 -34.57 -37.62
CA ARG H 375 -12.39 -33.18 -37.21
C ARG H 375 -11.50 -32.69 -36.08
N MET H 376 -11.18 -33.59 -35.15
CA MET H 376 -10.30 -33.26 -34.03
C MET H 376 -8.87 -33.05 -34.49
N GLN H 377 -8.36 -33.90 -35.39
CA GLN H 377 -7.02 -33.62 -35.96
C GLN H 377 -6.95 -32.25 -36.63
N HIS H 378 -7.98 -31.91 -37.41
CA HIS H 378 -8.09 -30.61 -38.03
C HIS H 378 -8.04 -29.46 -37.00
N LEU H 379 -8.86 -29.57 -35.95
CA LEU H 379 -8.89 -28.52 -34.92
C LEU H 379 -7.55 -28.34 -34.20
N ILE H 380 -6.95 -29.43 -33.77
CA ILE H 380 -5.69 -29.36 -33.01
C ILE H 380 -4.58 -28.85 -33.93
N ALA H 381 -4.53 -29.33 -35.17
CA ALA H 381 -3.49 -28.86 -36.10
C ALA H 381 -3.49 -27.34 -36.26
N ARG H 382 -4.66 -26.73 -36.44
CA ARG H 382 -4.72 -25.27 -36.67
C ARG H 382 -4.20 -24.50 -35.46
N GLU H 383 -4.57 -24.96 -34.27
CA GLU H 383 -4.12 -24.32 -33.03
C GLU H 383 -2.60 -24.44 -32.91
N ALA H 384 -2.07 -25.64 -33.17
CA ALA H 384 -0.63 -25.87 -33.02
C ALA H 384 0.19 -25.16 -34.10
N GLU H 385 -0.37 -25.06 -35.31
CA GLU H 385 0.32 -24.34 -36.39
C GLU H 385 0.57 -22.89 -36.03
N ALA H 386 -0.41 -22.26 -35.37
CA ALA H 386 -0.25 -20.86 -34.96
C ALA H 386 0.82 -20.73 -33.88
N ALA H 387 0.91 -21.75 -33.02
CA ALA H 387 1.81 -21.79 -31.86
C ALA H 387 3.25 -22.14 -32.18
N MET H 388 3.54 -22.47 -33.45
CA MET H 388 4.94 -22.61 -33.85
C MET H 388 5.69 -21.30 -33.65
N PHE H 389 6.99 -21.41 -33.46
CA PHE H 389 7.83 -20.21 -33.32
C PHE H 389 8.51 -19.93 -34.66
N HIS H 390 7.73 -19.42 -35.61
CA HIS H 390 8.17 -19.31 -37.01
C HIS H 390 9.47 -18.56 -37.18
N ARG H 391 9.64 -17.46 -36.44
CA ARG H 391 10.85 -16.65 -36.63
C ARG H 391 12.10 -17.49 -36.36
N LYS H 392 12.08 -18.23 -35.27
CA LYS H 392 13.25 -19.04 -34.86
C LYS H 392 13.39 -20.22 -35.79
N LEU H 393 12.27 -20.86 -36.13
CA LEU H 393 12.29 -22.02 -37.02
C LEU H 393 12.93 -21.66 -38.37
N PHE H 394 12.50 -20.54 -38.94
CA PHE H 394 13.00 -20.10 -40.23
C PHE H 394 14.51 -19.82 -40.16
N GLU H 395 14.93 -19.10 -39.12
CA GLU H 395 16.36 -18.84 -38.90
C GLU H 395 17.16 -20.13 -38.86
N GLU H 396 16.63 -21.13 -38.14
CA GLU H 396 17.38 -22.35 -37.92
C GLU H 396 17.39 -23.23 -39.18
N LEU H 397 16.28 -23.23 -39.93
CA LEU H 397 16.22 -23.94 -41.23
C LEU H 397 17.20 -23.30 -42.21
N ALA H 398 17.19 -21.97 -42.27
CA ALA H 398 18.14 -21.24 -43.13
C ALA H 398 19.59 -21.61 -42.79
N ARG H 399 19.92 -21.62 -41.50
N ARG H 399 19.89 -21.63 -41.50
CA ARG H 399 21.29 -21.98 -41.08
CA ARG H 399 21.21 -21.98 -41.01
C ARG H 399 21.64 -23.38 -41.55
C ARG H 399 21.63 -23.36 -41.47
N ALA H 400 20.73 -24.33 -41.35
CA ALA H 400 21.00 -25.73 -41.68
C ALA H 400 21.30 -25.93 -43.18
N SER H 401 20.65 -25.13 -44.01
CA SER H 401 20.75 -25.30 -45.46
CA SER H 401 20.75 -25.29 -45.46
C SER H 401 21.72 -24.31 -46.11
N SER H 402 22.46 -23.55 -45.30
CA SER H 402 23.26 -22.44 -45.83
C SER H 402 24.37 -22.82 -46.82
N GLN H 403 24.79 -24.08 -46.82
CA GLN H 403 25.77 -24.57 -47.80
C GLN H 403 25.21 -24.56 -49.24
N SER H 404 23.90 -24.63 -49.36
CA SER H 404 23.22 -24.58 -50.65
C SER H 404 22.96 -23.15 -51.08
N THR H 405 23.27 -22.86 -52.35
CA THR H 405 23.00 -21.55 -52.97
C THR H 405 21.95 -21.68 -54.08
N ASP H 406 21.14 -22.73 -53.99
CA ASP H 406 20.11 -23.03 -54.99
C ASP H 406 19.15 -21.85 -55.24
N LEU H 407 18.88 -21.55 -56.52
CA LEU H 407 18.08 -20.37 -56.86
C LEU H 407 16.63 -20.48 -56.42
N MET H 408 16.03 -21.66 -56.54
CA MET H 408 14.66 -21.83 -56.06
C MET H 408 14.58 -21.71 -54.54
N GLU H 409 15.57 -22.25 -53.84
CA GLU H 409 15.60 -22.08 -52.39
C GLU H 409 15.67 -20.58 -52.04
N ALA H 410 16.45 -19.82 -52.81
CA ALA H 410 16.55 -18.38 -52.59
C ALA H 410 15.19 -17.71 -52.79
N MET H 411 14.50 -18.06 -53.88
CA MET H 411 13.15 -17.54 -54.12
C MET H 411 12.18 -17.94 -53.01
N ALA H 412 12.28 -19.19 -52.56
CA ALA H 412 11.42 -19.68 -51.47
C ALA H 412 11.66 -18.91 -50.18
N MET H 413 12.93 -18.75 -49.79
CA MET H 413 13.26 -18.06 -48.56
C MET H 413 12.86 -16.59 -48.63
N GLY H 414 13.07 -15.96 -49.79
CA GLY H 414 12.68 -14.55 -49.95
C GLY H 414 11.18 -14.38 -49.81
N SER H 415 10.45 -15.32 -50.42
CA SER H 415 8.99 -15.31 -50.43
C SER H 415 8.43 -15.53 -49.03
N VAL H 416 8.96 -16.54 -48.33
CA VAL H 416 8.55 -16.79 -46.95
C VAL H 416 8.87 -15.59 -46.05
N GLU H 417 10.08 -15.05 -46.16
CA GLU H 417 10.44 -13.84 -45.42
CA GLU H 417 10.44 -13.85 -45.43
C GLU H 417 9.46 -12.68 -45.68
N ALA H 418 9.16 -12.43 -46.96
CA ALA H 418 8.23 -11.37 -47.32
C ALA H 418 6.85 -11.68 -46.70
N SER H 419 6.46 -12.95 -46.70
CA SER H 419 5.14 -13.33 -46.17
C SER H 419 5.05 -13.06 -44.66
N TYR H 420 6.15 -13.30 -43.95
CA TYR H 420 6.21 -12.96 -42.53
C TYR H 420 6.10 -11.45 -42.33
N LYS H 421 6.84 -10.69 -43.13
CA LYS H 421 6.93 -9.24 -42.90
C LYS H 421 5.59 -8.52 -43.07
N CYS H 422 4.90 -8.83 -44.16
CA CYS H 422 3.62 -8.16 -44.42
C CYS H 422 2.42 -8.93 -43.93
N LEU H 423 2.64 -10.03 -43.20
CA LEU H 423 1.54 -10.89 -42.71
C LEU H 423 0.59 -11.24 -43.85
N ALA H 424 1.19 -11.74 -44.94
CA ALA H 424 0.44 -12.12 -46.13
C ALA H 424 -0.56 -13.21 -45.78
N ALA H 425 -1.69 -13.21 -46.50
CA ALA H 425 -2.75 -14.17 -46.20
C ALA H 425 -2.52 -15.53 -46.85
N ALA H 426 -1.64 -15.57 -47.84
CA ALA H 426 -1.31 -16.80 -48.57
C ALA H 426 -0.09 -16.55 -49.44
N LEU H 427 0.55 -17.66 -49.83
CA LEU H 427 1.50 -17.63 -50.95
C LEU H 427 0.88 -18.43 -52.07
N ILE H 428 0.73 -17.81 -53.23
CA ILE H 428 0.18 -18.50 -54.40
C ILE H 428 1.35 -18.97 -55.27
N VAL H 429 1.41 -20.26 -55.58
CA VAL H 429 2.53 -20.80 -56.36
C VAL H 429 2.03 -21.58 -57.58
N LEU H 430 2.47 -21.14 -58.76
CA LEU H 430 2.15 -21.84 -59.99
C LEU H 430 3.24 -22.87 -60.25
N THR H 431 2.84 -24.15 -60.32
CA THR H 431 3.80 -25.23 -60.41
C THR H 431 3.23 -26.43 -61.16
N GLU H 432 4.05 -27.04 -62.01
CA GLU H 432 3.61 -28.25 -62.72
C GLU H 432 4.12 -29.54 -62.07
N SER H 433 5.38 -29.55 -61.65
CA SER H 433 5.99 -30.70 -60.99
C SER H 433 5.77 -30.65 -59.47
N GLY H 434 5.42 -29.48 -58.96
CA GLY H 434 5.28 -29.27 -57.52
C GLY H 434 6.53 -28.70 -56.89
N ARG H 435 7.68 -28.81 -57.58
CA ARG H 435 8.98 -28.49 -56.95
C ARG H 435 9.07 -27.11 -56.29
N SER H 436 8.60 -26.07 -56.99
CA SER H 436 8.66 -24.71 -56.45
C SER H 436 7.83 -24.60 -55.18
N ALA H 437 6.65 -25.21 -55.17
CA ALA H 437 5.82 -25.20 -53.98
C ALA H 437 6.47 -25.99 -52.83
N HIS H 438 7.09 -27.12 -53.14
CA HIS H 438 7.77 -27.94 -52.12
C HIS H 438 8.86 -27.12 -51.40
N GLN H 439 9.57 -26.28 -52.17
CA GLN H 439 10.65 -25.48 -51.60
C GLN H 439 10.10 -24.36 -50.71
N VAL H 440 8.94 -23.80 -51.08
CA VAL H 440 8.26 -22.86 -50.20
C VAL H 440 7.84 -23.54 -48.89
N ALA H 441 7.20 -24.70 -48.99
CA ALA H 441 6.73 -25.44 -47.80
C ALA H 441 7.87 -25.73 -46.82
N ARG H 442 9.01 -26.09 -47.37
CA ARG H 442 10.21 -26.43 -46.59
C ARG H 442 10.61 -25.31 -45.62
N TYR H 443 10.41 -24.05 -46.03
CA TYR H 443 10.78 -22.91 -45.19
C TYR H 443 9.66 -22.40 -44.27
N ARG H 444 8.57 -23.14 -44.23
CA ARG H 444 7.58 -23.02 -43.14
C ARG H 444 6.95 -21.64 -42.96
N PRO H 445 6.27 -21.12 -44.00
CA PRO H 445 5.51 -19.90 -43.76
C PRO H 445 4.34 -20.23 -42.82
N ARG H 446 3.78 -19.20 -42.18
CA ARG H 446 2.53 -19.42 -41.43
C ARG H 446 1.31 -19.42 -42.35
N ALA H 447 1.36 -18.60 -43.40
CA ALA H 447 0.25 -18.55 -44.36
C ALA H 447 0.15 -19.81 -45.23
N PRO H 448 -1.07 -20.16 -45.67
CA PRO H 448 -1.25 -21.29 -46.59
C PRO H 448 -0.57 -21.06 -47.93
N ILE H 449 -0.10 -22.14 -48.53
CA ILE H 449 0.51 -22.11 -49.87
C ILE H 449 -0.50 -22.69 -50.86
N ILE H 450 -1.14 -21.83 -51.64
CA ILE H 450 -2.09 -22.30 -52.65
CA ILE H 450 -2.09 -22.29 -52.65
C ILE H 450 -1.30 -22.63 -53.91
N ALA H 451 -1.17 -23.93 -54.19
CA ALA H 451 -0.38 -24.36 -55.35
C ALA H 451 -1.31 -24.72 -56.49
N VAL H 452 -1.26 -23.92 -57.56
CA VAL H 452 -2.12 -24.17 -58.73
C VAL H 452 -1.34 -24.97 -59.77
N THR H 453 -1.92 -26.08 -60.18
CA THR H 453 -1.24 -26.99 -61.09
C THR H 453 -2.22 -27.63 -62.08
N ARG H 454 -1.77 -27.86 -63.31
CA ARG H 454 -2.55 -28.62 -64.27
C ARG H 454 -2.27 -30.12 -64.19
N ASN H 455 -1.30 -30.48 -63.35
CA ASN H 455 -0.91 -31.87 -63.17
C ASN H 455 -1.66 -32.46 -61.98
N HIS H 456 -2.61 -33.35 -62.25
CA HIS H 456 -3.49 -33.88 -61.21
C HIS H 456 -2.70 -34.69 -60.17
N GLN H 457 -1.69 -35.44 -60.61
CA GLN H 457 -0.86 -36.23 -59.70
C GLN H 457 -0.03 -35.33 -58.78
N THR H 458 0.54 -34.26 -59.34
CA THR H 458 1.22 -33.24 -58.55
C THR H 458 0.29 -32.73 -57.45
N ALA H 459 -0.97 -32.46 -57.80
CA ALA H 459 -1.95 -31.94 -56.84
C ALA H 459 -2.19 -32.92 -55.69
N ARG H 460 -2.40 -34.19 -56.04
CA ARG H 460 -2.62 -35.22 -55.01
C ARG H 460 -1.39 -35.43 -54.12
N GLN H 461 -0.20 -35.44 -54.71
CA GLN H 461 1.02 -35.68 -53.92
C GLN H 461 1.42 -34.48 -53.07
N ALA H 462 0.95 -33.29 -53.42
CA ALA H 462 1.27 -32.07 -52.67
C ALA H 462 0.81 -32.15 -51.21
N HIS H 463 -0.17 -33.02 -50.92
CA HIS H 463 -0.66 -33.22 -49.55
C HIS H 463 0.42 -33.71 -48.58
N LEU H 464 1.51 -34.24 -49.12
CA LEU H 464 2.62 -34.72 -48.28
C LEU H 464 3.39 -33.56 -47.62
N TYR H 465 3.16 -32.33 -48.07
CA TYR H 465 3.98 -31.19 -47.63
C TYR H 465 3.16 -30.23 -46.78
N ARG H 466 3.73 -29.83 -45.64
CA ARG H 466 3.03 -28.90 -44.75
C ARG H 466 2.62 -27.64 -45.51
N GLY H 467 1.34 -27.30 -45.38
CA GLY H 467 0.82 -26.01 -45.83
C GLY H 467 0.48 -25.89 -47.32
N ILE H 468 0.79 -26.92 -48.11
CA ILE H 468 0.39 -26.84 -49.54
C ILE H 468 -1.08 -27.24 -49.71
N PHE H 469 -1.86 -26.29 -50.22
CA PHE H 469 -3.27 -26.50 -50.51
C PHE H 469 -3.37 -26.58 -52.03
N PRO H 470 -3.34 -27.80 -52.58
CA PRO H 470 -3.31 -27.98 -54.04
C PRO H 470 -4.63 -27.61 -54.71
N VAL H 471 -4.53 -26.95 -55.86
CA VAL H 471 -5.69 -26.58 -56.67
C VAL H 471 -5.42 -27.04 -58.09
N VAL H 472 -6.34 -27.84 -58.62
CA VAL H 472 -6.23 -28.34 -59.99
C VAL H 472 -6.85 -27.33 -60.95
N CYS H 473 -6.05 -26.93 -61.93
CA CYS H 473 -6.52 -26.09 -63.02
C CYS H 473 -6.88 -26.98 -64.19
N LYS H 474 -8.13 -26.91 -64.62
CA LYS H 474 -8.59 -27.69 -65.78
C LYS H 474 -8.81 -26.83 -67.04
N ASP H 475 -8.56 -25.53 -66.93
CA ASP H 475 -8.66 -24.63 -68.07
C ASP H 475 -7.64 -24.98 -69.15
N PRO H 476 -8.02 -24.85 -70.43
CA PRO H 476 -6.99 -25.00 -71.46
C PRO H 476 -5.88 -23.95 -71.33
N VAL H 477 -4.72 -24.27 -71.86
CA VAL H 477 -3.58 -23.36 -71.86
C VAL H 477 -3.89 -22.17 -72.78
N GLN H 478 -3.72 -20.95 -72.25
CA GLN H 478 -3.88 -19.75 -73.06
C GLN H 478 -2.62 -19.51 -73.88
N GLU H 479 -2.79 -19.01 -75.11
CA GLU H 479 -1.67 -18.78 -76.01
C GLU H 479 -0.67 -17.76 -75.45
N ALA H 480 -1.17 -16.65 -74.91
CA ALA H 480 -0.32 -15.64 -74.30
C ALA H 480 0.06 -16.06 -72.88
N TRP H 481 1.35 -16.15 -72.60
CA TRP H 481 1.86 -16.57 -71.28
C TRP H 481 1.31 -15.70 -70.15
N ALA H 482 1.36 -14.38 -70.30
CA ALA H 482 0.83 -13.48 -69.28
C ALA H 482 -0.63 -13.78 -68.93
N GLU H 483 -1.43 -14.06 -69.95
CA GLU H 483 -2.85 -14.38 -69.75
C GLU H 483 -3.04 -15.72 -69.05
N ASP H 484 -2.20 -16.70 -69.41
CA ASP H 484 -2.28 -18.02 -68.80
C ASP H 484 -1.87 -17.99 -67.33
N VAL H 485 -0.86 -17.18 -67.03
CA VAL H 485 -0.42 -16.96 -65.66
C VAL H 485 -1.53 -16.28 -64.87
N ASP H 486 -2.13 -15.23 -65.44
CA ASP H 486 -3.21 -14.49 -64.76
C ASP H 486 -4.43 -15.36 -64.50
N LEU H 487 -4.74 -16.24 -65.44
CA LEU H 487 -5.87 -17.18 -65.30
C LEU H 487 -5.68 -18.05 -64.05
N ARG H 488 -4.47 -18.59 -63.89
CA ARG H 488 -4.17 -19.48 -62.77
C ARG H 488 -4.04 -18.73 -61.44
N VAL H 489 -3.48 -17.52 -61.47
CA VAL H 489 -3.46 -16.69 -60.25
C VAL H 489 -4.89 -16.34 -59.82
N ASN H 490 -5.75 -16.00 -60.78
CA ASN H 490 -7.13 -15.66 -60.47
CA ASN H 490 -7.14 -15.66 -60.50
C ASN H 490 -7.89 -16.82 -59.86
N LEU H 491 -7.61 -18.03 -60.34
CA LEU H 491 -8.21 -19.23 -59.80
C LEU H 491 -7.84 -19.36 -58.32
N ALA H 492 -6.57 -19.15 -58.00
CA ALA H 492 -6.13 -19.19 -56.61
C ALA H 492 -6.84 -18.13 -55.77
N MET H 493 -7.00 -16.92 -56.31
CA MET H 493 -7.70 -15.86 -55.61
CA MET H 493 -7.71 -15.85 -55.62
C MET H 493 -9.13 -16.29 -55.29
N ASN H 494 -9.80 -16.88 -56.29
CA ASN H 494 -11.17 -17.33 -56.11
C ASN H 494 -11.30 -18.44 -55.08
N VAL H 495 -10.37 -19.40 -55.12
CA VAL H 495 -10.31 -20.47 -54.11
C VAL H 495 -10.11 -19.89 -52.71
N GLY H 496 -9.12 -19.02 -52.56
CA GLY H 496 -8.84 -18.41 -51.25
C GLY H 496 -10.02 -17.66 -50.68
N LYS H 497 -10.72 -16.91 -51.52
CA LYS H 497 -11.91 -16.19 -51.07
C LYS H 497 -13.05 -17.13 -50.66
N ALA H 498 -13.28 -18.18 -51.46
CA ALA H 498 -14.36 -19.15 -51.21
C ALA H 498 -14.11 -19.93 -49.93
N ARG H 499 -12.84 -20.19 -49.63
CA ARG H 499 -12.43 -20.96 -48.45
C ARG H 499 -12.29 -20.08 -47.21
N GLY H 500 -12.41 -18.76 -47.39
CA GLY H 500 -12.29 -17.82 -46.29
C GLY H 500 -10.85 -17.65 -45.81
N PHE H 501 -9.89 -17.89 -46.69
CA PHE H 501 -8.47 -17.68 -46.35
C PHE H 501 -8.12 -16.19 -46.41
N PHE H 502 -8.85 -15.47 -47.26
CA PHE H 502 -8.64 -14.04 -47.42
C PHE H 502 -9.82 -13.41 -48.12
N LYS H 503 -9.81 -12.08 -48.17
CA LYS H 503 -10.85 -11.33 -48.82
C LYS H 503 -10.23 -10.14 -49.54
N LYS H 504 -11.03 -9.48 -50.38
CA LYS H 504 -10.58 -8.30 -51.12
C LYS H 504 -9.82 -7.35 -50.20
N GLY H 505 -8.64 -6.91 -50.63
CA GLY H 505 -7.87 -5.94 -49.88
C GLY H 505 -6.77 -6.54 -49.03
N ASP H 506 -6.85 -7.85 -48.78
CA ASP H 506 -5.76 -8.58 -48.13
C ASP H 506 -4.60 -8.64 -49.10
N VAL H 507 -3.44 -9.09 -48.62
CA VAL H 507 -2.24 -9.18 -49.46
CA VAL H 507 -2.28 -9.20 -49.51
C VAL H 507 -1.76 -10.63 -49.54
N VAL H 508 -1.28 -11.02 -50.70
CA VAL H 508 -0.73 -12.35 -50.92
C VAL H 508 0.63 -12.26 -51.62
N ILE H 509 1.46 -13.29 -51.44
CA ILE H 509 2.73 -13.41 -52.16
C ILE H 509 2.45 -14.34 -53.34
N VAL H 510 2.87 -13.94 -54.55
CA VAL H 510 2.61 -14.75 -55.75
C VAL H 510 3.92 -15.15 -56.44
N LEU H 511 4.09 -16.46 -56.64
CA LEU H 511 5.30 -17.00 -57.26
C LEU H 511 4.96 -17.62 -58.62
N THR H 512 5.64 -17.13 -59.65
CA THR H 512 5.37 -17.53 -61.03
C THR H 512 6.67 -17.60 -61.82
N GLY H 513 6.60 -18.22 -63.00
CA GLY H 513 7.72 -18.18 -63.96
C GLY H 513 7.61 -16.96 -64.85
N TRP H 514 8.73 -16.28 -65.07
CA TRP H 514 8.76 -15.08 -65.90
C TRP H 514 8.38 -15.41 -67.33
N ARG H 515 8.87 -16.56 -67.80
CA ARG H 515 8.64 -17.01 -69.17
C ARG H 515 8.15 -18.45 -69.14
N PRO H 516 7.48 -18.91 -70.23
CA PRO H 516 7.04 -20.32 -70.25
C PRO H 516 8.20 -21.30 -70.06
N GLY H 517 9.40 -20.89 -70.44
CA GLY H 517 10.60 -21.72 -70.35
C GLY H 517 11.31 -21.69 -69.01
N SER H 518 10.89 -20.78 -68.12
CA SER H 518 11.46 -20.70 -66.78
C SER H 518 11.32 -22.05 -66.10
N GLY H 519 12.42 -22.55 -65.53
CA GLY H 519 12.46 -23.89 -64.94
C GLY H 519 11.95 -23.97 -63.51
N PHE H 520 11.68 -22.80 -62.93
CA PHE H 520 11.17 -22.70 -61.56
C PHE H 520 10.45 -21.35 -61.42
N THR H 521 9.82 -21.11 -60.27
CA THR H 521 9.18 -19.81 -60.04
C THR H 521 10.24 -18.76 -59.66
N ASN H 522 10.73 -18.07 -60.68
CA ASN H 522 11.80 -17.08 -60.54
C ASN H 522 11.28 -15.67 -60.37
N THR H 523 9.96 -15.53 -60.21
CA THR H 523 9.32 -14.23 -60.09
C THR H 523 8.41 -14.20 -58.86
N MET H 524 8.65 -13.23 -57.96
N MET H 524 8.66 -13.26 -57.95
CA MET H 524 7.89 -13.05 -56.71
CA MET H 524 7.82 -13.09 -56.77
C MET H 524 7.21 -11.69 -56.69
C MET H 524 7.17 -11.71 -56.80
N ARG H 525 5.90 -11.67 -56.42
CA ARG H 525 5.19 -10.41 -56.29
C ARG H 525 4.41 -10.32 -55.00
N VAL H 526 4.26 -9.10 -54.49
CA VAL H 526 3.29 -8.84 -53.45
CA VAL H 526 3.29 -8.81 -53.44
C VAL H 526 2.05 -8.21 -54.11
N VAL H 527 0.90 -8.87 -53.94
CA VAL H 527 -0.31 -8.53 -54.69
C VAL H 527 -1.52 -8.38 -53.77
N PRO H 528 -2.31 -7.31 -53.96
CA PRO H 528 -3.57 -7.24 -53.22
C PRO H 528 -4.61 -8.18 -53.82
N VAL H 529 -5.40 -8.80 -52.94
CA VAL H 529 -6.53 -9.62 -53.35
C VAL H 529 -7.60 -8.73 -54.00
N PRO H 530 -8.02 -9.09 -55.23
CA PRO H 530 -9.04 -8.29 -55.93
C PRO H 530 -10.44 -8.58 -55.40
MN MN I . 11.75 -4.82 39.12
K K J . 15.00 -4.05 44.02
NA NA K . 36.07 -13.53 30.71
NA NA L . -5.09 15.74 60.05
N ALA M . 6.52 16.86 47.75
CA ALA M . 7.23 17.73 46.76
C ALA M . 8.16 18.74 47.45
O ALA M . 8.07 18.95 48.67
CB ALA M . 6.22 18.48 45.89
OXT ALA M . 9.02 19.36 46.80
C PYR N . 11.31 -2.28 37.88
O PYR N . 10.86 -1.33 37.04
OXT PYR N . 11.35 -3.56 37.64
CA PYR N . 11.68 -1.97 39.17
O3 PYR N . 11.99 -3.04 39.87
CB PYR N . 11.55 -0.57 39.74
C1 EDO O . 15.02 15.06 60.66
O1 EDO O . 13.90 15.95 60.60
C2 EDO O . 15.12 14.45 62.05
O2 EDO O . 14.30 13.28 62.10
C1 EDO P . -3.73 -0.72 54.20
O1 EDO P . -4.85 -1.40 54.79
C2 EDO P . -4.03 0.77 54.04
O2 EDO P . -5.34 0.97 53.50
C1 EDO Q . 19.64 15.04 22.65
O1 EDO Q . 18.31 15.57 22.78
C2 EDO Q . 19.57 13.61 22.13
O2 EDO Q . 18.35 13.01 22.57
C1 GOL R . 10.42 -13.18 39.61
O1 GOL R . 10.02 -13.90 40.76
C2 GOL R . 10.08 -14.07 38.43
O2 GOL R . 8.67 -14.11 38.32
C3 GOL R . 10.68 -13.50 37.15
O3 GOL R . 9.93 -14.01 36.05
C1 GOL S . 14.70 -8.44 37.91
O1 GOL S . 15.06 -7.81 39.14
C2 GOL S . 15.06 -9.93 37.85
O2 GOL S . 16.21 -10.25 38.62
C3 GOL S . 13.85 -10.75 38.31
O3 GOL S . 14.10 -12.14 38.24
C1 GOL T . 14.50 24.07 41.85
O1 GOL T . 14.50 25.43 42.24
C2 GOL T . 14.25 23.22 43.08
O2 GOL T . 13.58 23.96 44.08
C3 GOL T . 13.46 21.97 42.71
O3 GOL T . 12.53 21.63 43.73
MN MN U . -48.79 43.14 34.04
K K V . -49.56 46.56 38.75
NA NA W . -22.26 39.57 54.19
N ALA X . -37.38 32.49 52.02
CA ALA X . -38.25 31.32 52.32
C ALA X . -38.64 31.26 53.79
O ALA X . -38.07 31.97 54.64
CB ALA X . -37.55 30.03 51.92
OXT ALA X . -39.55 30.50 54.16
C PYR Y . -48.52 40.48 34.85
O PYR Y . -48.38 39.17 34.83
OXT PYR Y . -48.76 41.19 33.78
CA PYR Y . -48.35 41.23 36.00
O3 PYR Y . -48.55 42.51 35.84
CB PYR Y . -47.88 40.61 37.29
C1 EDO Z . -40.97 16.06 55.67
O1 EDO Z . -41.50 17.05 56.57
C2 EDO Z . -41.78 16.07 54.37
O2 EDO Z . -41.59 14.82 53.70
C1 EDO AA . -38.82 31.95 57.65
O1 EDO AA . -39.57 32.76 56.74
C2 EDO AA . -37.54 32.67 57.99
O2 EDO AA . -37.51 32.71 59.41
C1 EDO BA . -27.82 47.65 40.84
O1 EDO BA . -27.29 48.13 39.59
C2 EDO BA . -27.99 46.15 40.77
O2 EDO BA . -26.81 45.55 40.21
C1 EDO CA . -52.72 40.98 31.94
O1 EDO CA . -52.97 42.19 32.66
C2 EDO CA . -53.36 39.79 32.64
O2 EDO CA . -52.61 39.48 33.82
OH2 ETE DA . -51.52 41.45 38.85
C12 ETE DA . -52.78 41.02 39.40
C22 ETE DA . -52.75 41.17 40.92
OH3 ETE DA . -54.00 40.87 41.54
C13 ETE DA . -54.38 42.79 42.98
C23 ETE DA . -54.79 42.05 41.71
OH4 ETE DA . -55.46 43.58 43.47
C14 ETE DA . -56.96 42.81 45.24
C24 ETE DA . -55.62 43.44 44.87
OH5 ETE DA . -57.94 43.04 44.24
C15 ETE DA . -59.97 42.25 43.21
C25 ETE DA . -58.71 41.87 43.97
OH6 ETE DA . -61.06 42.37 44.11
C26 ETE DA . -62.28 41.90 43.54
C1 GOL EA . -48.62 49.23 28.02
O1 GOL EA . -47.78 50.37 28.09
C2 GOL EA . -48.88 48.93 26.56
O2 GOL EA . -47.65 48.64 25.93
C3 GOL EA . -49.84 47.76 26.44
O3 GOL EA . -49.80 47.28 25.11
C1 GOL FA . -52.56 45.49 32.08
O1 GOL FA . -52.13 45.91 33.36
C2 GOL FA . -53.03 46.65 31.21
O2 GOL FA . -53.69 47.66 31.96
C3 GOL FA . -51.86 47.22 30.42
O3 GOL FA . -52.27 48.23 29.54
C1 GOL GA . -44.85 26.97 55.23
O1 GOL GA . -43.53 27.48 55.16
C2 GOL GA . -45.10 26.30 56.57
O2 GOL GA . -43.90 26.22 57.30
C3 GOL GA . -45.69 24.92 56.34
O3 GOL GA . -45.62 24.15 57.53
MN MN HA . 14.33 19.00 11.78
K K IA . 15.48 17.22 6.33
NA NA JA . -14.83 10.84 -2.90
N ALA KA . -2.76 3.35 6.11
CA ALA KA . -2.30 2.17 6.92
C ALA KA . -2.23 0.89 6.09
O ALA KA . -2.74 0.87 4.97
CB ALA KA . -3.22 1.96 8.12
OXT ALA KA . -1.67 -0.14 6.53
C PYR LA . 12.98 16.94 13.22
O PYR LA . 12.39 16.26 14.20
OXT PYR LA . 13.66 18.04 13.38
CA PYR LA . 12.89 16.55 11.89
O3 PYR LA . 13.52 17.36 11.05
CB PYR LA . 12.03 15.38 11.47
C1 EDO MA . -5.40 -9.80 16.63
O1 EDO MA . -4.53 -10.10 15.53
C2 EDO MA . -4.63 -9.02 17.67
O2 EDO MA . -5.15 -9.33 18.98
C1 EDO NA . 15.07 -1.81 27.26
O1 EDO NA . 14.04 -2.76 26.99
C2 EDO NA . 16.23 -2.52 27.95
O2 EDO NA . 15.78 -3.00 29.23
C1 GOL OA . 18.32 26.97 13.60
O1 GOL OA . 18.18 27.66 14.84
C2 GOL OA . 17.06 27.19 12.76
O2 GOL OA . 16.65 28.53 12.84
C3 GOL OA . 17.32 26.77 11.32
O3 GOL OA . 16.71 27.70 10.44
C1 GOL PA . 19.13 23.02 11.52
O1 GOL PA . 20.02 24.11 11.66
C2 GOL PA . 19.88 21.70 11.67
O2 GOL PA . 20.77 21.52 10.57
C3 GOL PA . 18.87 20.56 11.84
O3 GOL PA . 18.49 19.93 10.62
C1 GOL QA . 2.65 -5.96 0.49
O1 GOL QA . 2.22 -5.43 -0.72
C2 GOL QA . 2.57 -7.48 0.48
O2 GOL QA . 1.53 -7.96 -0.35
C3 GOL QA . 2.48 -7.97 1.91
O3 GOL QA . 1.95 -6.93 2.71
C1 GOL RA . -21.44 4.56 21.07
O1 GOL RA . -21.32 5.73 20.30
C2 GOL RA . -22.90 4.38 21.48
O2 GOL RA . -23.53 5.64 21.60
C3 GOL RA . -23.63 3.54 20.44
O3 GOL RA . -23.95 2.31 21.06
MN MN SA . -59.03 8.21 34.49
K K TA . -62.53 6.08 30.22
NA NA UA . -83.18 17.75 42.38
NA NA VA . -39.80 -1.41 8.35
N ALA WA . -48.15 12.38 13.58
CA ALA WA . -48.33 13.86 13.47
C ALA WA . -48.95 14.22 12.12
O ALA WA . -48.98 13.39 11.19
CB ALA WA . -46.99 14.55 13.62
OXT ALA WA . -49.41 15.35 11.92
C PYR XA . -57.54 10.41 33.43
O PYR XA . -56.68 11.41 33.33
OXT PYR XA . -57.94 9.84 34.53
CA PYR XA . -58.04 9.75 32.30
O3 PYR XA . -58.87 8.77 32.62
CB PYR XA . -57.56 10.08 30.91
C1 EDO YA . -43.60 28.71 11.37
O1 EDO YA . -42.69 29.71 11.86
C2 EDO YA . -43.40 28.55 9.85
O2 EDO YA . -44.57 27.96 9.27
C1 EDO ZA . -62.26 12.76 29.78
O1 EDO ZA . -61.65 11.52 30.17
C2 EDO ZA . -63.11 12.65 28.51
O2 EDO ZA . -63.59 13.96 28.10
C1 EDO AB . -60.94 12.14 37.22
O1 EDO AB . -60.39 13.46 37.21
C2 EDO AB . -61.57 11.82 35.87
O2 EDO AB . -60.70 12.25 34.82
C1 EDO BB . -77.34 13.01 57.29
O1 EDO BB . -76.92 14.28 56.76
C2 EDO BB . -78.43 13.23 58.34
O2 EDO BB . -77.84 13.42 59.63
C1 GOL CB . -60.68 4.51 42.40
O1 GOL CB . -60.01 4.79 43.61
C2 GOL CB . -59.93 3.45 41.60
O2 GOL CB . -59.25 2.55 42.46
C3 GOL CB . -60.88 2.76 40.64
O3 GOL CB . -60.56 1.39 40.44
C1 GOL DB . -62.84 6.19 39.01
O1 GOL DB . -63.52 5.52 40.03
C2 GOL DB . -63.63 7.40 38.53
O2 GOL DB . -64.96 7.07 38.16
C3 GOL DB . -62.82 8.14 37.45
O3 GOL DB . -63.02 7.63 36.13
MN MN EB . 57.55 -2.93 -34.58
K K FB . 61.55 -2.67 -30.18
NA NA GB . 72.50 18.06 -42.72
NA NA HB . 45.75 -20.04 -8.05
N ALA IB . 45.66 -4.15 -13.91
CA ALA IB . 45.02 -2.80 -13.82
C ALA IB . 45.32 -2.12 -12.50
O ALA IB . 45.77 -2.77 -11.53
CB ALA IB . 43.51 -2.92 -14.03
OXT ALA IB . 45.13 -0.89 -12.36
C PYR JB . 55.12 -1.82 -33.67
O PYR JB . 53.86 -1.40 -33.62
OXT PYR JB . 55.79 -2.11 -34.76
CA PYR JB . 55.85 -2.06 -32.50
O3 PYR JB . 57.08 -2.48 -32.74
CB PYR JB . 55.22 -1.96 -31.14
C1 EDO KB . 33.83 7.22 -11.64
O1 EDO KB . 34.22 7.35 -10.27
C2 EDO KB . 32.38 7.64 -11.77
O2 EDO KB . 31.99 7.58 -13.14
C1 EDO LB . 58.40 3.42 -28.80
O1 EDO LB . 58.27 4.83 -28.52
C2 EDO LB . 58.00 3.06 -30.22
O2 EDO LB . 57.84 1.64 -30.39
C1 EDO MB . 57.12 1.14 -37.14
O1 EDO MB . 56.24 2.14 -37.66
C2 EDO MB . 57.36 1.37 -35.65
O2 EDO MB . 56.12 1.72 -35.02
C1 EDO NB . 67.22 11.36 -19.46
O1 EDO NB . 66.26 11.94 -18.58
C2 EDO NB . 66.64 11.28 -20.86
O2 EDO NB . 67.67 10.89 -21.78
C1 EDO OB . 61.85 4.63 -25.78
O1 EDO OB . 62.26 5.93 -25.36
C2 EDO OB . 62.06 4.51 -27.28
O2 EDO OB . 60.79 4.33 -27.87
C1 EDO PB . 53.64 -21.77 -22.85
O1 EDO PB . 53.74 -22.74 -23.89
C2 EDO PB . 52.37 -20.96 -23.04
O2 EDO PB . 51.22 -21.80 -23.09
C1 GOL QB . 61.98 -6.89 -40.35
O1 GOL QB . 62.79 -8.02 -40.10
C2 GOL QB . 61.73 -6.84 -41.85
O2 GOL QB . 60.98 -7.98 -42.21
C3 GOL QB . 60.97 -5.57 -42.24
O3 GOL QB . 60.46 -5.78 -43.53
C1 GOL RB . 60.98 -1.14 -37.39
O1 GOL RB . 61.38 -1.64 -36.12
C2 GOL RB . 62.02 -1.34 -38.49
O2 GOL RB . 63.33 -0.99 -38.04
C3 GOL RB . 61.95 -2.78 -38.98
O3 GOL RB . 62.90 -3.02 -39.99
C1 GOL SB . 65.14 15.63 -23.51
O1 GOL SB . 64.76 15.32 -22.19
C2 GOL SB . 65.62 14.38 -24.26
O2 GOL SB . 65.54 14.63 -25.64
C3 GOL SB . 67.04 14.03 -23.86
O3 GOL SB . 67.30 12.65 -23.92
MN MN TB . -10.84 -31.37 -11.96
K K UB . -10.91 -33.40 -6.45
NA NA VB . 18.07 -22.58 2.84
N ALA WB . 11.92 -35.58 -5.93
CA ALA WB . 12.18 -36.82 -6.71
C ALA WB . 12.75 -37.92 -5.81
O ALA WB . 13.15 -37.63 -4.67
CB ALA WB . 13.11 -36.52 -7.85
OXT ALA WB . 12.80 -39.11 -6.20
C PYR XB . -8.64 -32.47 -13.34
O PYR XB . -7.72 -32.74 -14.29
OXT PYR XB . -9.79 -31.90 -13.55
CA PYR XB . -8.36 -32.69 -12.00
O3 PYR XB . -9.30 -32.29 -11.18
CB PYR XB . -7.01 -33.19 -11.59
C1 EDO YB . 21.15 -45.78 -16.00
O1 EDO YB . 20.55 -46.27 -14.79
C2 EDO YB . 20.06 -45.55 -17.06
O2 EDO YB . 20.69 -45.39 -18.34
C1 EDO ZB . 0.07 -50.66 -27.05
O1 EDO ZB . -0.79 -49.57 -26.69
C2 EDO ZB . 1.42 -50.52 -26.36
O2 EDO ZB . 2.42 -51.33 -27.01
C1 GOL AC . -17.79 -26.12 -11.55
O1 GOL AC . -17.53 -24.99 -10.73
C2 GOL AC . -17.49 -25.82 -13.01
O2 GOL AC . -17.70 -24.44 -13.30
C3 GOL AC . -18.34 -26.74 -13.88
O3 GOL AC . -18.61 -26.15 -15.14
C1 GOL BC . -15.50 -32.40 -12.13
O1 GOL BC . -14.82 -32.58 -10.89
C2 GOL BC . -16.97 -31.96 -11.99
O2 GOL BC . -17.63 -32.63 -10.92
C3 GOL BC . -17.04 -30.45 -11.78
O3 GOL BC . -18.35 -29.97 -11.97
C1 GOL CC . -8.33 -27.10 11.82
O1 GOL CC . -7.66 -28.29 12.22
C2 GOL CC . -7.58 -25.83 12.22
O2 GOL CC . -6.67 -26.10 13.25
C3 GOL CC . -6.89 -25.24 10.99
O3 GOL CC . -5.93 -24.29 11.36
C1 GOL DC . 13.77 -47.01 -9.71
O1 GOL DC . 15.07 -47.46 -9.39
C2 GOL DC . 13.22 -46.19 -8.54
O2 GOL DC . 14.26 -45.74 -7.70
C3 GOL DC . 12.39 -45.02 -9.05
O3 GOL DC . 12.66 -43.84 -8.34
C1 GOL EC . -11.52 -37.91 -22.50
O1 GOL EC . -11.52 -39.21 -21.97
C2 GOL EC . -12.81 -37.21 -22.11
O2 GOL EC . -12.79 -36.97 -20.72
C3 GOL EC . -12.89 -35.91 -22.90
O3 GOL EC . -13.69 -34.95 -22.24
C1 GOL FC . -11.01 -35.12 -14.28
O1 GOL FC . -10.67 -35.97 -13.20
C2 GOL FC . -12.53 -35.09 -14.44
O2 GOL FC . -13.12 -34.54 -13.29
C3 GOL FC . -12.90 -34.24 -15.64
O3 GOL FC . -12.76 -35.01 -16.83
MN MN GC . 30.52 21.39 -35.82
K K HC . 29.49 24.50 -40.73
NA NA IC . 10.37 3.62 -55.82
N ALA JC . 26.95 5.59 -53.32
CA ALA JC . 28.32 5.06 -53.53
C ALA JC . 28.70 5.11 -55.01
O ALA JC . 27.84 5.29 -55.90
CB ALA JC . 28.43 3.63 -52.98
OXT ALA JC . 29.88 4.99 -55.35
C PYR KC . 31.68 18.93 -36.46
O PYR KC . 32.24 17.72 -36.39
OXT PYR KC . 31.46 19.71 -35.43
CA PYR KC . 31.20 19.44 -37.65
O3 PYR KC . 30.70 20.65 -37.58
CB PYR KC . 31.19 18.61 -38.91
C1 EDO LC . 30.60 10.55 -16.09
O1 EDO LC . 29.28 10.18 -16.53
C2 EDO LC . 30.76 10.19 -14.62
O2 EDO LC . 32.09 9.73 -14.37
C1 EDO MC . 37.30 4.56 -56.81
O1 EDO MC . 38.21 3.54 -57.22
C2 EDO MC . 35.91 4.24 -57.35
O2 EDO MC . 34.93 4.49 -56.32
C1 GOL NC . 28.95 26.42 -28.21
O1 GOL NC . 28.95 25.82 -26.93
C2 GOL NC . 27.69 26.01 -28.95
O2 GOL NC . 26.58 26.03 -28.07
C3 GOL NC . 27.44 26.96 -30.12
O3 GOL NC . 26.05 27.00 -30.39
C1 GOL OC . 30.93 26.55 -32.28
O1 GOL OC . 30.76 27.68 -31.44
C2 GOL OC . 32.23 26.67 -33.08
O2 GOL OC . 32.26 27.89 -33.80
C3 GOL OC . 32.40 25.46 -33.99
O3 GOL OC . 31.86 25.63 -35.29
C1 GOL PC . 39.30 -6.20 -57.05
O1 GOL PC . 38.54 -5.10 -57.50
C2 GOL PC . 38.87 -6.56 -55.62
O2 GOL PC . 39.04 -5.44 -54.77
C3 GOL PC . 39.73 -7.72 -55.14
O3 GOL PC . 39.80 -7.66 -53.73
MN MN QC . 4.10 -51.18 -38.39
K K RC . 0.99 -52.38 -43.23
NA NA SC . -12.13 -71.06 -29.54
NA NA TC . 7.96 -25.86 -60.27
N ALA UC . -2.67 -30.25 -47.88
CA ALA UC . -3.76 -29.85 -46.94
C ALA UC . -5.05 -29.50 -47.67
O ALA UC . -5.08 -29.36 -48.90
CB ALA UC . -3.29 -28.68 -46.11
OXT ALA UC . -6.12 -29.38 -47.04
C PYR VC . 3.18 -48.72 -37.29
O PYR VC . 3.04 -47.66 -36.49
OXT PYR VC . 3.83 -49.81 -36.98
CA PYR VC . 2.70 -48.74 -38.59
O3 PYR VC . 2.99 -49.84 -39.26
CB PYR VC . 2.01 -47.53 -39.15
C1 EDO WC . -3.15 -50.11 -38.65
O1 EDO WC . -1.81 -49.80 -39.09
C2 EDO WC . -4.20 -49.63 -39.65
O2 EDO WC . -5.51 -49.59 -39.06
C1 EDO XC . 15.13 -40.09 -54.36
O1 EDO XC . 16.50 -40.33 -54.02
C2 EDO XC . 14.59 -38.91 -53.56
O2 EDO XC . 15.64 -38.00 -53.20
C1 EDO YC . 1.17 -51.38 -35.52
O1 EDO YC . 0.67 -50.66 -34.38
C2 EDO YC . 1.40 -52.85 -35.15
O2 EDO YC . 2.19 -52.92 -33.96
C1 EDO ZC . 3.89 -13.38 -21.07
O1 EDO ZC . 5.25 -12.95 -20.95
C2 EDO ZC . 2.98 -12.40 -20.33
O2 EDO ZC . 3.27 -12.46 -18.92
C1 EDO AD . -24.30 -39.47 -49.43
O1 EDO AD . -24.17 -38.08 -49.76
C2 EDO AD . -24.47 -40.28 -50.72
O2 EDO AD . -23.20 -40.76 -51.15
C1 EDO BD . -19.55 -46.72 -42.78
O1 EDO BD . -20.32 -45.52 -42.77
C2 EDO BD . -18.56 -46.64 -43.93
O2 EDO BD . -18.22 -47.98 -44.34
C1 GOL CD . 9.51 -57.72 -38.63
O1 GOL CD . 10.42 -57.99 -39.68
C2 GOL CD . 10.24 -57.33 -37.35
O2 GOL CD . 11.62 -57.66 -37.37
C3 GOL CD . 9.51 -57.87 -36.13
O3 GOL CD . 10.41 -57.94 -35.04
C1 GOL DD . 5.41 -57.28 -37.29
O1 GOL DD . 5.93 -58.58 -37.19
C2 GOL DD . 3.92 -57.20 -36.93
O2 GOL DD . 3.13 -58.10 -37.70
C3 GOL DD . 3.47 -55.74 -37.04
O3 GOL DD . 2.79 -55.40 -38.25
C1 GOL ED . -16.25 -30.04 -49.70
O1 GOL ED . -16.94 -28.84 -50.01
C2 GOL ED . -14.84 -29.96 -50.25
O2 GOL ED . -14.00 -30.80 -49.46
C3 GOL ED . -14.81 -30.34 -51.73
O3 GOL ED . -13.91 -31.38 -52.03
C1 GOL FD . -13.32 -28.02 -42.08
O1 GOL FD . -14.02 -26.81 -42.27
C2 GOL FD . -12.61 -28.40 -43.38
O2 GOL FD . -12.27 -27.24 -44.11
C3 GOL FD . -11.37 -29.23 -43.06
O3 GOL FD . -10.37 -29.08 -44.05
#